data_5L1F
#
_entry.id   5L1F
#
_cell.length_a   91.740
_cell.length_b   109.345
_cell.length_c   594.835
_cell.angle_alpha   90.00
_cell.angle_beta   90.00
_cell.angle_gamma   90.00
#
_symmetry.space_group_name_H-M   'P 21 21 21'
#
loop_
_entity.id
_entity.type
_entity.pdbx_description
1 polymer 'Glutamate receptor 2'
2 non-polymer 2-acetamido-2-deoxy-beta-D-glucopyranose
3 non-polymer "2-(6'-oxo-1'-phenyl[1',6'-dihydro[2,3'-bipyridine]]-5'-yl)benzonitrile"
#
_entity_poly.entity_id   1
_entity_poly.type   'polypeptide(L)'
_entity_poly.pdbx_seq_one_letter_code
;NSIQIGGLFPRGADQEYSAFRVGMVQFSTSEFRLTPHIDNLEVANSFAVTNAFCSQFSRGVYAIFGFYDKKSVNTITSFC
GTLHVSFITPSFPTDGTHPFVIQMRPDLKGALLSLIEYYQWDKFAYLYDSDRGLSTLQAVLDSAAEKKWQVTAINVGNIN
NDKKDETYRSLFQDLELKKERRVILDCERDKVNDIVDQVITIGKHVKGYHYIIANLGFTDGDLLKIQFGGAEVSGFQIVD
YDDSLVSKFIERWSTLEEKEYPGAHTATIKYTSALTYDAVQVMTEAFRNLRKQRIEISRRGNAGDCLANPAVPWGQGVEI
ERALKQVQVEGLSGNIKFDQNGKRINYTINIMELKTNGPRKIGYWSEVDKMVLTEDDTSGLEQKTVVVTTILESPYVMMK
KNHEMLEGNERYEGYCVDLAAEIAKHCGFKYKLTIVGDGKYGARDADTKIWNGMVGELVYGKADIAIAPLTITLVREEVI
DFSKPFMSLGISIMIKKPQKSKPGVFSFLDPLAYEIWMCIVFAYIGVSVVLFLVSDTDSTNEFGIFNSLWFSLGAFMQQG
ADISPRSLSGRIVGGVWWFFTLIIISSYTANLAAFLTVERMVSPIESAEDLSKQTEIAYGTLDSGSTKEFFRRSKIAVFD
KMWTYMRSAEPSVFVRTTAEGVARVRKSKGKYAYLLESTMNEYIEQRKPCDTMKVGGNLDSKGYGIATPKGSSLGTPVNL
AVLKLSEQGVLDKLKNKWWYDKGECGAKDSGSKEKTSALSLSNVAGVFYILVGGLGLAMLVALIEFCYKSRAEAKRMKGL
VPR
;
_entity_poly.pdbx_strand_id   A,B,C,D
#
# COMPACT_ATOMS: atom_id res chain seq x y z
N ASN A 1 23.50 -54.20 66.53
CA ASN A 1 23.95 -52.82 66.43
C ASN A 1 24.61 -52.54 65.08
N SER A 2 24.83 -53.59 64.31
CA SER A 2 25.46 -53.47 63.00
C SER A 2 24.38 -53.32 61.94
N ILE A 3 24.39 -52.18 61.24
CA ILE A 3 23.44 -51.89 60.17
C ILE A 3 24.21 -51.87 58.87
N GLN A 4 23.97 -52.86 58.01
CA GLN A 4 24.69 -52.99 56.76
C GLN A 4 24.13 -52.04 55.71
N ILE A 5 25.00 -51.22 55.12
CA ILE A 5 24.62 -50.30 54.06
C ILE A 5 25.58 -50.45 52.88
N GLY A 6 25.11 -50.06 51.71
CA GLY A 6 25.88 -50.20 50.48
C GLY A 6 26.46 -48.88 50.02
N GLY A 7 27.70 -48.92 49.54
CA GLY A 7 28.38 -47.73 49.08
C GLY A 7 28.98 -47.85 47.70
N LEU A 8 28.49 -47.05 46.76
CA LEU A 8 28.96 -47.05 45.37
C LEU A 8 29.61 -45.70 45.08
N PHE A 9 30.93 -45.71 44.90
CA PHE A 9 31.65 -44.48 44.67
C PHE A 9 32.44 -44.54 43.36
N PRO A 10 32.41 -43.46 42.56
CA PRO A 10 33.23 -43.44 41.35
C PRO A 10 34.71 -43.45 41.70
N ARG A 11 35.52 -43.93 40.75
CA ARG A 11 36.95 -44.07 41.01
C ARG A 11 37.67 -42.73 41.04
N GLY A 12 37.10 -41.72 40.38
CA GLY A 12 37.70 -40.40 40.36
C GLY A 12 37.11 -39.47 41.41
N ALA A 13 36.44 -40.05 42.41
CA ALA A 13 35.78 -39.28 43.46
C ALA A 13 36.44 -39.64 44.80
N ASP A 14 37.47 -38.87 45.16
CA ASP A 14 38.18 -39.07 46.42
C ASP A 14 37.64 -38.18 47.54
N GLN A 15 37.57 -36.86 47.31
CA GLN A 15 37.01 -35.98 48.33
C GLN A 15 35.57 -36.32 48.63
N GLU A 16 34.82 -36.77 47.62
CA GLU A 16 33.44 -37.19 47.85
C GLU A 16 33.38 -38.41 48.76
N TYR A 17 34.43 -39.23 48.76
CA TYR A 17 34.52 -40.35 49.70
C TYR A 17 35.13 -39.96 51.02
N SER A 18 36.04 -38.98 51.03
CA SER A 18 36.62 -38.52 52.29
C SER A 18 35.56 -37.89 53.17
N ALA A 19 34.64 -37.12 52.58
CA ALA A 19 33.54 -36.55 53.35
C ALA A 19 32.60 -37.63 53.88
N PHE A 20 32.54 -38.79 53.23
CA PHE A 20 31.71 -39.88 53.73
C PHE A 20 32.31 -40.48 55.00
N ARG A 21 33.63 -40.61 55.04
CA ARG A 21 34.28 -41.15 56.23
C ARG A 21 34.19 -40.19 57.41
N VAL A 22 34.21 -38.88 57.13
CA VAL A 22 34.05 -37.90 58.20
C VAL A 22 32.64 -37.94 58.77
N GLY A 23 31.64 -38.12 57.91
CA GLY A 23 30.28 -38.25 58.38
C GLY A 23 30.06 -39.49 59.22
N MET A 24 30.84 -40.54 58.97
CA MET A 24 30.72 -41.76 59.76
C MET A 24 31.26 -41.56 61.18
N VAL A 25 32.22 -40.64 61.35
CA VAL A 25 32.78 -40.39 62.66
C VAL A 25 31.98 -39.34 63.43
N GLN A 26 31.55 -38.29 62.75
CA GLN A 26 30.84 -37.21 63.43
C GLN A 26 29.45 -37.63 63.89
N PHE A 27 28.85 -38.62 63.22
CA PHE A 27 27.49 -39.05 63.54
C PHE A 27 27.44 -40.48 64.06
N SER A 28 28.55 -40.95 64.65
CA SER A 28 28.61 -42.29 65.23
C SER A 28 28.20 -42.22 66.69
N THR A 29 27.04 -42.79 67.01
CA THR A 29 26.51 -42.79 68.37
C THR A 29 26.86 -44.10 69.08
N SER A 30 26.51 -44.15 70.36
CA SER A 30 26.74 -45.33 71.17
C SER A 30 25.59 -46.33 71.11
N GLU A 31 24.44 -45.95 70.55
CA GLU A 31 23.32 -46.88 70.42
C GLU A 31 23.58 -47.90 69.32
N PHE A 32 24.13 -47.46 68.20
CA PHE A 32 24.37 -48.32 67.05
C PHE A 32 25.44 -47.67 66.18
N ARG A 33 25.81 -48.35 65.10
CA ARG A 33 26.76 -47.82 64.14
C ARG A 33 26.53 -48.48 62.80
N LEU A 34 26.80 -47.73 61.73
CA LEU A 34 26.59 -48.21 60.37
C LEU A 34 27.85 -48.90 59.86
N THR A 35 27.66 -49.95 59.08
CA THR A 35 28.77 -50.72 58.51
C THR A 35 28.76 -50.59 57.00
N PRO A 36 29.57 -49.71 56.42
CA PRO A 36 29.53 -49.52 54.96
C PRO A 36 30.32 -50.59 54.22
N HIS A 37 29.80 -50.98 53.06
CA HIS A 37 30.47 -51.90 52.15
C HIS A 37 30.76 -51.14 50.87
N ILE A 38 32.03 -50.80 50.64
CA ILE A 38 32.43 -49.92 49.56
C ILE A 38 32.88 -50.81 48.42
N ASP A 39 32.50 -50.45 47.19
CA ASP A 39 32.97 -51.07 45.96
C ASP A 39 33.17 -49.93 44.97
N ASN A 40 34.43 -49.58 44.72
CA ASN A 40 34.76 -48.52 43.78
C ASN A 40 34.57 -49.06 42.36
N LEU A 41 33.80 -48.34 41.55
CA LEU A 41 33.44 -48.81 40.22
C LEU A 41 33.34 -47.62 39.27
N GLU A 42 33.34 -47.94 37.98
CA GLU A 42 33.12 -46.94 36.94
C GLU A 42 31.64 -46.61 36.89
N VAL A 43 31.29 -45.37 37.21
CA VAL A 43 29.89 -44.99 37.36
C VAL A 43 29.15 -44.95 36.03
N ALA A 44 29.87 -44.80 34.91
CA ALA A 44 29.21 -44.70 33.61
C ALA A 44 28.76 -46.07 33.10
N ASN A 45 29.54 -47.12 33.36
CA ASN A 45 29.20 -48.46 32.91
C ASN A 45 28.02 -48.98 33.74
N SER A 46 26.85 -49.10 33.09
CA SER A 46 25.67 -49.54 33.81
C SER A 46 25.68 -51.02 34.15
N PHE A 47 26.50 -51.82 33.44
CA PHE A 47 26.65 -53.21 33.85
C PHE A 47 27.41 -53.32 35.16
N ALA A 48 28.46 -52.51 35.33
CA ALA A 48 29.19 -52.51 36.59
C ALA A 48 28.31 -52.03 37.73
N VAL A 49 27.44 -51.06 37.46
CA VAL A 49 26.50 -50.60 38.48
C VAL A 49 25.47 -51.69 38.80
N THR A 50 24.96 -52.35 37.76
CA THR A 50 24.03 -53.46 37.99
C THR A 50 24.69 -54.59 38.77
N ASN A 51 25.93 -54.92 38.40
CA ASN A 51 26.65 -55.98 39.10
C ASN A 51 26.98 -55.58 40.52
N ALA A 52 27.27 -54.30 40.76
CA ALA A 52 27.60 -53.84 42.11
C ALA A 52 26.36 -53.66 42.98
N PHE A 53 25.23 -53.25 42.38
CA PHE A 53 24.00 -53.11 43.14
C PHE A 53 23.51 -54.47 43.62
N CYS A 54 23.58 -55.49 42.77
CA CYS A 54 23.21 -56.83 43.18
C CYS A 54 24.22 -57.44 44.15
N SER A 55 25.46 -56.95 44.14
CA SER A 55 26.43 -57.37 45.15
C SER A 55 26.02 -56.90 46.53
N GLN A 56 25.37 -55.73 46.63
CA GLN A 56 24.89 -55.24 47.91
C GLN A 56 23.57 -55.91 48.29
N PHE A 57 22.71 -56.18 47.30
CA PHE A 57 21.42 -56.78 47.59
C PHE A 57 21.58 -58.21 48.09
N SER A 58 22.56 -58.95 47.56
CA SER A 58 22.82 -60.30 48.04
C SER A 58 23.38 -60.29 49.45
N ARG A 59 24.19 -59.29 49.79
CA ARG A 59 24.74 -59.17 51.13
C ARG A 59 23.73 -58.66 52.15
N GLY A 60 22.48 -58.45 51.75
CA GLY A 60 21.43 -58.06 52.68
C GLY A 60 21.64 -56.69 53.30
N VAL A 61 21.78 -55.66 52.47
CA VAL A 61 21.93 -54.31 52.98
C VAL A 61 20.54 -53.72 53.26
N TYR A 62 20.52 -52.68 54.10
CA TYR A 62 19.27 -52.00 54.43
C TYR A 62 19.10 -50.69 53.68
N ALA A 63 20.20 -50.12 53.17
CA ALA A 63 20.15 -48.93 52.35
C ALA A 63 21.44 -48.85 51.54
N ILE A 64 21.41 -48.09 50.46
CA ILE A 64 22.56 -47.94 49.57
C ILE A 64 22.78 -46.47 49.30
N PHE A 65 24.02 -46.01 49.47
CA PHE A 65 24.43 -44.66 49.12
C PHE A 65 25.39 -44.73 47.94
N GLY A 66 25.06 -44.05 46.86
CA GLY A 66 25.89 -44.08 45.68
C GLY A 66 25.64 -42.89 44.79
N PHE A 67 26.18 -42.97 43.57
CA PHE A 67 26.02 -41.96 42.54
C PHE A 67 25.46 -42.63 41.28
N TYR A 68 25.23 -41.81 40.25
CA TYR A 68 24.86 -42.35 38.95
C TYR A 68 25.18 -41.32 37.87
N ASP A 69 25.43 -41.83 36.67
CA ASP A 69 25.61 -41.01 35.48
C ASP A 69 24.32 -41.04 34.66
N LYS A 70 24.32 -40.33 33.53
CA LYS A 70 23.19 -40.45 32.61
C LYS A 70 23.05 -41.87 32.08
N LYS A 71 24.18 -42.56 31.91
CA LYS A 71 24.19 -43.91 31.36
C LYS A 71 23.84 -44.97 32.41
N SER A 72 23.40 -44.57 33.60
CA SER A 72 23.11 -45.55 34.63
C SER A 72 21.93 -45.11 35.49
N VAL A 73 21.68 -43.81 35.65
CA VAL A 73 20.58 -43.36 36.51
C VAL A 73 19.29 -44.18 36.46
N ASN A 74 18.85 -44.55 35.25
CA ASN A 74 17.64 -45.35 35.13
C ASN A 74 17.83 -46.77 35.65
N THR A 75 19.08 -47.26 35.68
CA THR A 75 19.32 -48.59 36.25
C THR A 75 19.09 -48.59 37.75
N ILE A 76 19.58 -47.55 38.44
CA ILE A 76 19.40 -47.48 39.89
C ILE A 76 17.93 -47.29 40.24
N THR A 77 17.25 -46.36 39.55
CA THR A 77 15.89 -46.02 39.94
C THR A 77 14.93 -47.19 39.74
N SER A 78 15.12 -47.97 38.67
CA SER A 78 14.20 -49.07 38.40
C SER A 78 14.46 -50.26 39.32
N PHE A 79 15.73 -50.52 39.64
CA PHE A 79 16.05 -51.59 40.58
C PHE A 79 15.55 -51.28 41.98
N CYS A 80 15.64 -50.01 42.39
CA CYS A 80 15.19 -49.63 43.72
C CYS A 80 13.68 -49.58 43.81
N GLY A 81 13.00 -49.33 42.69
CA GLY A 81 11.54 -49.30 42.72
C GLY A 81 10.93 -50.68 42.82
N THR A 82 11.63 -51.71 42.32
CA THR A 82 11.11 -53.07 42.35
C THR A 82 11.48 -53.79 43.64
N LEU A 83 12.76 -53.79 43.99
CA LEU A 83 13.24 -54.46 45.19
C LEU A 83 12.96 -53.62 46.43
N HIS A 84 12.39 -52.43 46.27
CA HIS A 84 12.07 -51.52 47.38
C HIS A 84 13.30 -51.24 48.26
N VAL A 85 14.47 -51.14 47.62
CA VAL A 85 15.70 -50.82 48.33
C VAL A 85 15.82 -49.31 48.30
N SER A 86 16.15 -48.71 49.44
CA SER A 86 16.32 -47.27 49.51
C SER A 86 17.71 -46.87 48.98
N PHE A 87 17.74 -45.78 48.21
CA PHE A 87 18.96 -45.30 47.59
C PHE A 87 19.10 -43.81 47.84
N ILE A 88 20.21 -43.42 48.47
CA ILE A 88 20.52 -42.02 48.75
C ILE A 88 21.65 -41.62 47.81
N THR A 89 21.51 -40.43 47.19
CA THR A 89 22.50 -39.99 46.22
C THR A 89 22.64 -38.48 46.19
N PRO A 90 23.85 -37.96 46.03
CA PRO A 90 24.05 -36.53 45.81
C PRO A 90 24.11 -36.10 44.36
N SER A 91 23.83 -37.00 43.41
CA SER A 91 23.88 -36.67 42.00
C SER A 91 22.63 -35.88 41.62
N PHE A 92 22.46 -35.62 40.32
CA PHE A 92 21.37 -34.78 39.86
C PHE A 92 20.02 -35.44 40.14
N PRO A 93 18.99 -34.64 40.41
CA PRO A 93 17.67 -35.22 40.68
C PRO A 93 17.12 -35.95 39.46
N THR A 94 16.29 -36.95 39.72
CA THR A 94 15.70 -37.73 38.64
C THR A 94 14.68 -36.91 37.87
N ASP A 95 14.61 -37.14 36.56
CA ASP A 95 13.67 -36.44 35.68
C ASP A 95 12.28 -37.05 35.86
N GLY A 96 11.67 -36.73 36.99
CA GLY A 96 10.35 -37.20 37.33
C GLY A 96 10.31 -37.67 38.76
N THR A 97 9.21 -38.33 39.11
CA THR A 97 8.98 -38.84 40.46
C THR A 97 9.32 -40.32 40.49
N HIS A 98 10.46 -40.66 41.09
CA HIS A 98 10.90 -42.05 41.20
C HIS A 98 10.98 -42.43 42.67
N PRO A 99 10.30 -43.49 43.10
CA PRO A 99 10.30 -43.86 44.51
C PRO A 99 11.60 -44.55 44.91
N PHE A 100 11.80 -44.66 46.22
CA PHE A 100 12.99 -45.29 46.79
C PHE A 100 14.27 -44.63 46.29
N VAL A 101 14.21 -43.31 46.08
CA VAL A 101 15.36 -42.52 45.71
C VAL A 101 15.39 -41.30 46.62
N ILE A 102 16.54 -41.05 47.23
CA ILE A 102 16.72 -39.93 48.16
C ILE A 102 17.77 -39.01 47.54
N GLN A 103 17.30 -38.02 46.77
CA GLN A 103 18.21 -37.13 46.05
C GLN A 103 18.62 -36.00 46.98
N MET A 104 19.88 -36.03 47.43
CA MET A 104 20.39 -34.97 48.30
C MET A 104 20.59 -33.66 47.56
N ARG A 105 20.70 -33.70 46.23
CA ARG A 105 20.91 -32.48 45.47
C ARG A 105 19.58 -31.77 45.24
N PRO A 106 19.45 -30.50 45.61
CA PRO A 106 18.19 -29.79 45.36
C PRO A 106 18.02 -29.47 43.89
N ASP A 107 16.79 -29.13 43.53
CA ASP A 107 16.45 -28.84 42.14
C ASP A 107 16.95 -27.44 41.78
N LEU A 108 17.85 -27.36 40.82
CA LEU A 108 18.42 -26.09 40.38
C LEU A 108 17.59 -25.40 39.32
N LYS A 109 16.64 -26.10 38.70
CA LYS A 109 15.85 -25.51 37.63
C LYS A 109 15.13 -24.24 38.10
N GLY A 110 14.50 -24.31 39.27
CA GLY A 110 13.81 -23.14 39.79
C GLY A 110 14.74 -21.98 40.10
N ALA A 111 15.97 -22.28 40.52
CA ALA A 111 16.94 -21.23 40.81
C ALA A 111 17.35 -20.49 39.54
N LEU A 112 17.64 -21.23 38.47
CA LEU A 112 18.16 -20.62 37.26
C LEU A 112 17.10 -19.80 36.53
N LEU A 113 15.86 -20.28 36.51
CA LEU A 113 14.82 -19.61 35.75
C LEU A 113 14.50 -18.21 36.27
N SER A 114 14.81 -17.92 37.53
CA SER A 114 14.56 -16.59 38.07
C SER A 114 15.80 -15.74 38.17
N LEU A 115 16.99 -16.34 38.26
CA LEU A 115 18.21 -15.55 38.10
C LEU A 115 18.26 -14.94 36.71
N ILE A 116 17.79 -15.69 35.70
CA ILE A 116 17.60 -15.12 34.37
C ILE A 116 16.56 -14.00 34.43
N GLU A 117 15.46 -14.23 35.13
CA GLU A 117 14.43 -13.20 35.28
C GLU A 117 14.90 -12.05 36.16
N TYR A 118 15.87 -12.29 37.04
CA TYR A 118 16.41 -11.21 37.87
C TYR A 118 17.20 -10.21 37.01
N TYR A 119 18.15 -10.70 36.22
CA TYR A 119 18.92 -9.85 35.33
C TYR A 119 18.11 -9.33 34.15
N GLN A 120 16.83 -9.72 34.04
CA GLN A 120 15.95 -9.32 32.94
C GLN A 120 16.55 -9.70 31.59
N TRP A 121 16.83 -11.00 31.45
CA TRP A 121 17.37 -11.53 30.21
C TRP A 121 16.24 -12.00 29.31
N ASP A 122 16.35 -11.67 28.02
CA ASP A 122 15.42 -12.16 27.02
C ASP A 122 16.13 -12.78 25.82
N LYS A 123 17.45 -12.76 25.78
CA LYS A 123 18.22 -13.40 24.71
C LYS A 123 19.58 -13.77 25.27
N PHE A 124 19.86 -15.06 25.35
CA PHE A 124 21.08 -15.54 25.98
C PHE A 124 21.47 -16.88 25.38
N ALA A 125 22.70 -17.30 25.67
CA ALA A 125 23.21 -18.60 25.27
C ALA A 125 23.03 -19.61 26.39
N TYR A 126 23.25 -20.89 26.07
CA TYR A 126 23.02 -21.96 27.03
C TYR A 126 23.88 -23.16 26.60
N LEU A 127 25.10 -23.23 27.13
CA LEU A 127 26.01 -24.32 26.84
C LEU A 127 25.81 -25.42 27.89
N TYR A 128 25.02 -26.42 27.54
CA TYR A 128 24.68 -27.50 28.45
C TYR A 128 25.55 -28.72 28.22
N ASP A 129 25.58 -29.59 29.22
CA ASP A 129 26.27 -30.87 29.16
C ASP A 129 25.27 -31.98 29.49
N SER A 130 25.19 -32.98 28.62
CA SER A 130 24.22 -34.04 28.79
C SER A 130 24.56 -35.01 29.93
N ASP A 131 25.71 -34.83 30.58
CA ASP A 131 26.13 -35.77 31.63
C ASP A 131 25.25 -35.71 32.86
N ARG A 132 24.49 -34.62 33.05
CA ARG A 132 23.63 -34.47 34.23
C ARG A 132 22.17 -34.31 33.83
N GLY A 133 21.76 -34.96 32.74
CA GLY A 133 20.37 -34.94 32.33
C GLY A 133 19.94 -33.65 31.68
N LEU A 134 18.95 -33.73 30.78
CA LEU A 134 18.43 -32.56 30.08
C LEU A 134 17.22 -31.96 30.78
N SER A 135 17.18 -32.00 32.11
CA SER A 135 16.04 -31.46 32.83
C SER A 135 16.05 -29.94 32.82
N THR A 136 17.23 -29.33 33.08
CA THR A 136 17.32 -27.87 33.08
C THR A 136 17.18 -27.30 31.67
N LEU A 137 17.61 -28.05 30.66
CA LEU A 137 17.50 -27.56 29.28
C LEU A 137 16.04 -27.46 28.86
N GLN A 138 15.24 -28.49 29.15
CA GLN A 138 13.82 -28.42 28.85
C GLN A 138 13.15 -27.31 29.64
N ALA A 139 13.64 -27.01 30.84
CA ALA A 139 13.04 -25.97 31.67
C ALA A 139 13.22 -24.60 31.04
N VAL A 140 14.42 -24.30 30.54
CA VAL A 140 14.63 -22.99 29.91
C VAL A 140 14.03 -22.95 28.51
N LEU A 141 13.79 -24.10 27.88
CA LEU A 141 13.14 -24.10 26.58
C LEU A 141 11.63 -23.95 26.70
N ASP A 142 11.04 -24.55 27.73
CA ASP A 142 9.61 -24.36 27.96
C ASP A 142 9.30 -22.92 28.33
N SER A 143 10.08 -22.33 29.22
CA SER A 143 9.92 -20.92 29.55
C SER A 143 10.37 -20.00 28.42
N ALA A 144 11.12 -20.50 27.44
CA ALA A 144 11.49 -19.68 26.30
C ALA A 144 10.27 -19.23 25.50
N ALA A 145 9.25 -20.10 25.41
CA ALA A 145 8.03 -19.71 24.70
C ALA A 145 7.09 -18.89 25.57
N GLU A 146 7.11 -19.11 26.88
CA GLU A 146 6.20 -18.38 27.77
C GLU A 146 6.59 -16.90 27.85
N LYS A 147 7.87 -16.62 28.12
CA LYS A 147 8.36 -15.26 28.23
C LYS A 147 8.96 -14.75 26.93
N LYS A 148 8.83 -15.50 25.84
CA LYS A 148 9.33 -15.12 24.53
C LYS A 148 10.84 -14.83 24.57
N TRP A 149 11.59 -15.79 25.10
CA TRP A 149 13.04 -15.72 25.09
C TRP A 149 13.59 -16.18 23.74
N GLN A 150 14.88 -15.91 23.52
CA GLN A 150 15.59 -16.35 22.32
C GLN A 150 16.84 -17.08 22.78
N VAL A 151 16.67 -18.32 23.21
CA VAL A 151 17.76 -19.11 23.78
C VAL A 151 18.54 -19.78 22.66
N THR A 152 19.86 -19.89 22.87
CA THR A 152 20.77 -20.50 21.91
C THR A 152 21.46 -21.67 22.60
N ALA A 153 20.87 -22.85 22.50
CA ALA A 153 21.34 -24.04 23.21
C ALA A 153 22.38 -24.78 22.38
N ILE A 154 23.50 -25.11 23.00
CA ILE A 154 24.59 -25.82 22.35
C ILE A 154 25.00 -26.99 23.24
N ASN A 155 24.99 -28.19 22.68
CA ASN A 155 25.42 -29.38 23.41
C ASN A 155 26.95 -29.43 23.41
N VAL A 156 27.55 -28.61 24.28
CA VAL A 156 29.00 -28.57 24.40
C VAL A 156 29.60 -29.83 25.03
N GLY A 157 28.80 -30.80 25.49
CA GLY A 157 29.39 -31.97 26.14
C GLY A 157 30.16 -32.87 25.18
N ASN A 158 29.53 -33.25 24.07
CA ASN A 158 30.16 -34.17 23.12
C ASN A 158 31.25 -33.45 22.34
N ILE A 159 32.38 -33.23 23.02
CA ILE A 159 33.57 -32.65 22.41
C ILE A 159 34.78 -33.48 22.83
N ASN A 160 35.72 -33.64 21.90
CA ASN A 160 36.94 -34.36 22.17
C ASN A 160 37.99 -33.42 22.77
N ASN A 161 38.95 -34.01 23.49
CA ASN A 161 39.96 -33.25 24.21
C ASN A 161 41.18 -32.91 23.36
N ASP A 162 41.33 -33.52 22.19
CA ASP A 162 42.45 -33.19 21.31
C ASP A 162 42.13 -32.02 20.39
N LYS A 163 40.94 -31.99 19.81
CA LYS A 163 40.47 -30.86 19.04
C LYS A 163 39.77 -29.81 19.89
N LYS A 164 40.07 -29.77 21.19
CA LYS A 164 39.39 -28.85 22.09
C LYS A 164 39.73 -27.40 21.78
N ASP A 165 40.96 -27.13 21.34
CA ASP A 165 41.32 -25.75 21.01
C ASP A 165 40.65 -25.30 19.73
N GLU A 166 40.47 -26.21 18.77
CA GLU A 166 39.88 -25.83 17.50
C GLU A 166 38.35 -25.78 17.58
N THR A 167 37.75 -26.66 18.38
CA THR A 167 36.30 -26.70 18.47
C THR A 167 35.78 -25.54 19.32
N TYR A 168 36.46 -25.25 20.44
CA TYR A 168 36.03 -24.15 21.30
C TYR A 168 36.14 -22.82 20.58
N ARG A 169 37.25 -22.59 19.87
CA ARG A 169 37.37 -21.37 19.08
C ARG A 169 36.35 -21.34 17.95
N SER A 170 35.96 -22.51 17.44
CA SER A 170 34.89 -22.58 16.46
C SER A 170 33.52 -22.37 17.08
N LEU A 171 33.37 -22.65 18.38
CA LEU A 171 32.09 -22.47 19.04
C LEU A 171 31.78 -20.99 19.23
N PHE A 172 32.76 -20.21 19.70
CA PHE A 172 32.53 -18.79 19.94
C PHE A 172 32.45 -17.98 18.66
N GLN A 173 32.97 -18.50 17.55
CA GLN A 173 32.75 -17.85 16.27
C GLN A 173 31.30 -17.99 15.82
N ASP A 174 30.63 -19.06 16.26
CA ASP A 174 29.19 -19.19 16.02
C ASP A 174 28.39 -18.32 16.97
N LEU A 175 28.85 -18.16 18.22
CA LEU A 175 28.19 -17.29 19.17
C LEU A 175 28.41 -15.82 18.84
N GLU A 176 29.38 -15.50 17.97
CA GLU A 176 29.61 -14.13 17.55
C GLU A 176 28.64 -13.70 16.45
N LEU A 177 27.95 -14.65 15.81
CA LEU A 177 26.96 -14.29 14.80
C LEU A 177 25.81 -13.50 15.42
N LYS A 178 25.41 -13.86 16.63
CA LYS A 178 24.38 -13.13 17.37
C LYS A 178 24.95 -12.05 18.26
N LYS A 179 26.28 -11.88 18.28
CA LYS A 179 26.95 -10.96 19.20
C LYS A 179 26.52 -11.23 20.64
N GLU A 180 26.55 -12.51 21.01
CA GLU A 180 26.04 -12.93 22.31
C GLU A 180 26.97 -12.49 23.42
N ARG A 181 26.42 -11.78 24.40
CA ARG A 181 27.18 -11.34 25.58
C ARG A 181 26.65 -11.95 26.87
N ARG A 182 25.69 -12.87 26.80
CA ARG A 182 25.08 -13.48 27.97
C ARG A 182 25.05 -14.98 27.76
N VAL A 183 25.92 -15.70 28.47
CA VAL A 183 26.09 -17.14 28.32
C VAL A 183 25.84 -17.82 29.65
N ILE A 184 25.20 -18.97 29.61
CA ILE A 184 24.96 -19.80 30.79
C ILE A 184 25.74 -21.10 30.61
N LEU A 185 26.63 -21.39 31.56
CA LEU A 185 27.45 -22.60 31.54
C LEU A 185 26.81 -23.63 32.46
N ASP A 186 26.05 -24.56 31.88
CA ASP A 186 25.39 -25.62 32.65
C ASP A 186 26.21 -26.90 32.61
N CYS A 187 27.50 -26.80 32.86
CA CYS A 187 28.39 -27.96 32.92
C CYS A 187 28.81 -28.21 34.36
N GLU A 188 29.46 -29.35 34.58
CA GLU A 188 30.03 -29.64 35.88
C GLU A 188 31.27 -28.77 36.09
N ARG A 189 31.69 -28.67 37.36
CA ARG A 189 32.83 -27.82 37.71
C ARG A 189 34.10 -28.18 36.95
N ASP A 190 34.18 -29.40 36.40
CA ASP A 190 35.35 -29.78 35.62
C ASP A 190 35.34 -29.12 34.25
N LYS A 191 34.23 -29.27 33.51
CA LYS A 191 34.15 -28.69 32.18
C LYS A 191 34.03 -27.17 32.21
N VAL A 192 33.57 -26.60 33.32
CA VAL A 192 33.50 -25.14 33.41
C VAL A 192 34.89 -24.53 33.37
N ASN A 193 35.82 -25.10 34.13
CA ASN A 193 37.19 -24.60 34.11
C ASN A 193 37.83 -24.79 32.75
N ASP A 194 37.41 -25.81 31.99
CA ASP A 194 37.90 -25.95 30.63
C ASP A 194 37.30 -24.89 29.71
N ILE A 195 36.05 -24.49 29.96
CA ILE A 195 35.45 -23.41 29.18
C ILE A 195 36.02 -22.06 29.63
N VAL A 196 36.20 -21.88 30.93
CA VAL A 196 36.72 -20.61 31.44
C VAL A 196 38.10 -20.32 30.87
N ASP A 197 38.97 -21.34 30.82
CA ASP A 197 40.32 -21.14 30.31
C ASP A 197 40.31 -20.73 28.84
N GLN A 198 39.43 -21.34 28.04
CA GLN A 198 39.34 -20.98 26.63
C GLN A 198 38.68 -19.62 26.42
N VAL A 199 37.86 -19.16 27.37
CA VAL A 199 37.29 -17.83 27.27
C VAL A 199 38.38 -16.77 27.43
N ILE A 200 39.35 -17.03 28.31
CA ILE A 200 40.43 -16.07 28.53
C ILE A 200 41.38 -16.05 27.33
N THR A 201 41.58 -17.20 26.68
CA THR A 201 42.51 -17.26 25.56
C THR A 201 42.03 -16.40 24.38
N ILE A 202 40.73 -16.49 24.06
CA ILE A 202 40.18 -15.68 22.97
C ILE A 202 39.82 -14.27 23.40
N GLY A 203 39.77 -14.01 24.70
CA GLY A 203 39.53 -12.67 25.20
C GLY A 203 38.07 -12.27 25.32
N LYS A 204 37.19 -13.22 25.58
CA LYS A 204 35.76 -12.93 25.75
C LYS A 204 35.38 -12.84 27.22
N HIS A 205 36.17 -12.12 28.01
CA HIS A 205 35.89 -11.96 29.43
C HIS A 205 36.12 -10.52 29.89
N VAL A 206 36.06 -9.56 28.98
CA VAL A 206 36.29 -8.15 29.33
C VAL A 206 34.97 -7.49 29.66
N LYS A 207 34.99 -6.16 29.84
CA LYS A 207 33.80 -5.39 30.18
C LYS A 207 32.73 -5.54 29.10
N GLY A 208 31.69 -6.31 29.38
CA GLY A 208 30.61 -6.51 28.44
C GLY A 208 29.95 -7.87 28.57
N TYR A 209 30.77 -8.92 28.68
CA TYR A 209 30.24 -10.26 28.80
C TYR A 209 29.72 -10.47 30.22
N HIS A 210 28.85 -11.47 30.38
CA HIS A 210 28.26 -11.79 31.66
C HIS A 210 27.92 -13.28 31.63
N TYR A 211 28.51 -14.05 32.53
CA TYR A 211 28.33 -15.49 32.56
C TYR A 211 27.59 -15.91 33.81
N ILE A 212 26.92 -17.06 33.73
CA ILE A 212 26.20 -17.66 34.85
C ILE A 212 26.59 -19.13 34.92
N ILE A 213 27.24 -19.52 36.01
CA ILE A 213 27.67 -20.90 36.22
C ILE A 213 26.50 -21.62 36.89
N ALA A 214 25.75 -22.39 36.10
CA ALA A 214 24.53 -23.02 36.59
C ALA A 214 24.84 -24.38 37.22
N ASN A 215 25.54 -24.31 38.34
CA ASN A 215 25.75 -25.48 39.18
C ASN A 215 25.82 -25.02 40.63
N LEU A 216 25.66 -25.97 41.56
CA LEU A 216 25.63 -25.66 42.98
C LEU A 216 27.02 -25.43 43.56
N GLY A 217 28.06 -25.43 42.75
CA GLY A 217 29.40 -25.19 43.23
C GLY A 217 30.11 -24.03 42.57
N PHE A 218 29.65 -22.81 42.85
CA PHE A 218 30.27 -21.64 42.25
C PHE A 218 31.68 -21.42 42.78
N THR A 219 31.83 -21.42 44.12
CA THR A 219 33.13 -21.22 44.75
C THR A 219 33.99 -22.48 44.76
N ASP A 220 33.51 -23.58 44.20
CA ASP A 220 34.30 -24.80 44.14
C ASP A 220 35.34 -24.74 43.03
N GLY A 221 34.93 -24.33 41.83
CA GLY A 221 35.87 -24.16 40.74
C GLY A 221 36.70 -22.90 40.89
N ASP A 222 37.81 -22.87 40.16
CA ASP A 222 38.71 -21.73 40.20
C ASP A 222 38.06 -20.52 39.54
N LEU A 223 37.97 -19.41 40.28
CA LEU A 223 37.34 -18.19 39.77
C LEU A 223 38.28 -17.01 39.70
N LEU A 224 39.50 -17.11 40.24
CA LEU A 224 40.41 -15.97 40.24
C LEU A 224 40.95 -15.64 38.85
N LYS A 225 40.79 -16.54 37.88
CA LYS A 225 41.30 -16.31 36.54
C LYS A 225 40.41 -15.39 35.72
N ILE A 226 39.13 -15.27 36.06
CA ILE A 226 38.23 -14.33 35.41
C ILE A 226 37.71 -13.29 36.38
N GLN A 227 38.36 -13.15 37.53
CA GLN A 227 37.89 -12.20 38.54
C GLN A 227 38.22 -10.76 38.15
N PHE A 228 39.35 -10.55 37.49
CA PHE A 228 39.79 -9.21 37.11
C PHE A 228 39.64 -8.94 35.63
N GLY A 229 38.95 -9.82 34.89
CA GLY A 229 38.77 -9.59 33.47
C GLY A 229 37.81 -8.46 33.17
N GLY A 230 36.82 -8.25 34.03
CA GLY A 230 35.83 -7.21 33.86
C GLY A 230 34.43 -7.72 33.58
N ALA A 231 34.30 -8.95 33.08
CA ALA A 231 32.99 -9.53 32.80
C ALA A 231 32.33 -10.00 34.09
N GLU A 232 31.04 -9.68 34.23
CA GLU A 232 30.30 -10.13 35.39
C GLU A 232 30.08 -11.64 35.33
N VAL A 233 30.29 -12.32 36.45
CA VAL A 233 30.12 -13.76 36.55
C VAL A 233 29.20 -14.05 37.72
N SER A 234 28.12 -14.78 37.46
CA SER A 234 27.17 -15.19 38.49
C SER A 234 27.26 -16.69 38.69
N GLY A 235 26.62 -17.16 39.76
CA GLY A 235 26.62 -18.58 40.06
C GLY A 235 25.70 -18.91 41.21
N PHE A 236 25.78 -20.17 41.65
CA PHE A 236 24.97 -20.67 42.74
C PHE A 236 25.85 -21.38 43.75
N GLN A 237 25.54 -21.20 45.03
CA GLN A 237 26.28 -21.82 46.12
C GLN A 237 25.32 -22.46 47.10
N ILE A 238 25.54 -23.74 47.41
CA ILE A 238 24.72 -24.45 48.36
C ILE A 238 25.42 -24.65 49.70
N VAL A 239 26.75 -24.61 49.73
CA VAL A 239 27.52 -24.78 50.97
C VAL A 239 27.79 -23.37 51.50
N ASP A 240 26.89 -22.89 52.35
CA ASP A 240 27.00 -21.54 52.90
C ASP A 240 28.06 -21.57 54.01
N TYR A 241 29.27 -21.11 53.68
CA TYR A 241 30.33 -21.04 54.67
C TYR A 241 30.07 -19.99 55.75
N ASP A 242 29.11 -19.10 55.54
CA ASP A 242 28.78 -18.10 56.56
C ASP A 242 28.10 -18.71 57.76
N ASP A 243 27.43 -19.85 57.57
CA ASP A 243 26.74 -20.51 58.66
C ASP A 243 27.73 -21.03 59.70
N SER A 244 27.31 -21.01 60.95
CA SER A 244 28.18 -21.50 62.02
C SER A 244 28.34 -23.01 61.99
N LEU A 245 27.36 -23.73 61.46
CA LEU A 245 27.47 -25.18 61.36
C LEU A 245 28.57 -25.58 60.39
N VAL A 246 28.66 -24.89 59.25
CA VAL A 246 29.73 -25.18 58.30
C VAL A 246 31.07 -24.68 58.84
N SER A 247 31.06 -23.54 59.54
CA SER A 247 32.29 -23.04 60.12
C SER A 247 32.85 -24.00 61.16
N LYS A 248 31.96 -24.64 61.93
CA LYS A 248 32.38 -25.71 62.82
C LYS A 248 32.98 -26.87 62.05
N PHE A 249 32.46 -27.14 60.86
CA PHE A 249 32.93 -28.27 60.06
C PHE A 249 34.25 -27.96 59.37
N ILE A 250 34.43 -26.72 58.90
CA ILE A 250 35.64 -26.38 58.17
C ILE A 250 36.85 -26.37 59.09
N GLU A 251 36.66 -25.99 60.35
CA GLU A 251 37.79 -25.98 61.29
C GLU A 251 38.38 -27.37 61.44
N ARG A 252 37.52 -28.38 61.63
CA ARG A 252 38.01 -29.75 61.71
C ARG A 252 38.46 -30.27 60.35
N TRP A 253 37.83 -29.77 59.28
CA TRP A 253 38.21 -30.21 57.93
C TRP A 253 39.57 -29.68 57.54
N SER A 254 39.88 -28.43 57.89
CA SER A 254 41.13 -27.81 57.48
C SER A 254 42.35 -28.43 58.18
N THR A 255 42.15 -29.16 59.26
CA THR A 255 43.26 -29.70 60.04
C THR A 255 43.49 -31.20 59.80
N LEU A 256 42.63 -31.86 59.03
CA LEU A 256 42.82 -33.29 58.78
C LEU A 256 44.06 -33.53 57.92
N GLU A 257 44.75 -34.63 58.19
CA GLU A 257 45.91 -34.99 57.40
C GLU A 257 45.48 -35.45 56.02
N GLU A 258 46.12 -34.90 54.98
CA GLU A 258 45.68 -35.14 53.61
C GLU A 258 45.96 -36.57 53.15
N LYS A 259 46.93 -37.25 53.77
CA LYS A 259 47.21 -38.63 53.38
C LYS A 259 46.07 -39.56 53.77
N GLU A 260 45.49 -39.35 54.95
CA GLU A 260 44.38 -40.18 55.39
C GLU A 260 43.08 -39.79 54.69
N TYR A 261 42.89 -38.50 54.43
CA TYR A 261 41.71 -38.00 53.73
C TYR A 261 42.16 -37.21 52.51
N PRO A 262 42.20 -37.82 51.33
CA PRO A 262 42.65 -37.09 50.15
C PRO A 262 41.68 -35.96 49.80
N GLY A 263 42.25 -34.82 49.39
CA GLY A 263 41.44 -33.67 49.02
C GLY A 263 40.62 -33.12 50.15
N ALA A 264 41.20 -33.00 51.34
CA ALA A 264 40.49 -32.53 52.51
C ALA A 264 41.21 -31.49 53.36
N HIS A 265 42.46 -31.17 53.04
CA HIS A 265 43.24 -30.24 53.84
C HIS A 265 43.01 -28.79 53.42
N THR A 266 41.96 -28.51 52.67
CA THR A 266 41.67 -27.16 52.19
C THR A 266 40.55 -26.59 53.06
N ALA A 267 40.22 -25.32 52.80
CA ALA A 267 39.16 -24.63 53.53
C ALA A 267 37.82 -24.66 52.82
N THR A 268 37.75 -25.17 51.60
CA THR A 268 36.51 -25.27 50.85
C THR A 268 36.21 -26.74 50.57
N ILE A 269 34.93 -27.04 50.37
CA ILE A 269 34.47 -28.40 50.11
C ILE A 269 33.49 -28.35 48.94
N LYS A 270 33.62 -29.31 48.03
CA LYS A 270 32.74 -29.36 46.87
C LYS A 270 31.31 -29.63 47.30
N TYR A 271 30.35 -29.15 46.50
CA TYR A 271 28.95 -29.37 46.82
C TYR A 271 28.57 -30.84 46.72
N THR A 272 29.29 -31.60 45.89
CA THR A 272 29.06 -33.04 45.83
C THR A 272 29.53 -33.73 47.10
N SER A 273 30.68 -33.30 47.64
CA SER A 273 31.21 -33.86 48.88
C SER A 273 30.42 -33.40 50.09
N ALA A 274 30.03 -32.12 50.12
CA ALA A 274 29.24 -31.62 51.24
C ALA A 274 27.87 -32.30 51.31
N LEU A 275 27.29 -32.65 50.17
CA LEU A 275 26.03 -33.39 50.20
C LEU A 275 26.24 -34.82 50.68
N THR A 276 27.45 -35.36 50.50
CA THR A 276 27.73 -36.70 50.99
C THR A 276 27.78 -36.71 52.51
N TYR A 277 28.48 -35.74 53.12
CA TYR A 277 28.51 -35.63 54.57
C TYR A 277 27.11 -35.47 55.14
N ASP A 278 26.29 -34.61 54.53
CA ASP A 278 24.92 -34.43 54.98
C ASP A 278 24.06 -35.66 54.70
N ALA A 279 24.49 -36.52 53.78
CA ALA A 279 23.74 -37.74 53.53
C ALA A 279 23.90 -38.73 54.68
N VAL A 280 25.08 -38.76 55.30
CA VAL A 280 25.30 -39.64 56.44
C VAL A 280 24.41 -39.23 57.60
N GLN A 281 24.17 -37.92 57.75
CA GLN A 281 23.30 -37.45 58.84
C GLN A 281 21.85 -37.87 58.61
N VAL A 282 21.42 -37.97 57.34
CA VAL A 282 20.05 -38.38 57.05
C VAL A 282 19.88 -39.88 57.30
N MET A 283 20.89 -40.68 56.94
CA MET A 283 20.80 -42.12 57.15
C MET A 283 20.89 -42.47 58.62
N THR A 284 21.73 -41.76 59.37
CA THR A 284 21.84 -42.00 60.80
C THR A 284 20.53 -41.68 61.51
N GLU A 285 19.95 -40.52 61.21
CA GLU A 285 18.70 -40.11 61.83
C GLU A 285 17.50 -40.92 61.34
N ALA A 286 17.65 -41.69 60.26
CA ALA A 286 16.54 -42.51 59.79
C ALA A 286 16.46 -43.83 60.55
N PHE A 287 17.59 -44.53 60.68
CA PHE A 287 17.61 -45.76 61.47
C PHE A 287 17.37 -45.48 62.95
N ARG A 288 17.84 -44.32 63.43
CA ARG A 288 17.61 -43.96 64.82
C ARG A 288 16.12 -43.80 65.11
N ASN A 289 15.39 -43.19 64.18
CA ASN A 289 13.94 -43.06 64.36
C ASN A 289 13.24 -44.40 64.23
N LEU A 290 13.81 -45.32 63.45
CA LEU A 290 13.24 -46.67 63.38
C LEU A 290 13.39 -47.40 64.71
N ARG A 291 14.43 -47.07 65.47
CA ARG A 291 14.57 -47.63 66.82
C ARG A 291 13.48 -47.09 67.74
N LYS A 292 13.34 -45.77 67.79
CA LYS A 292 12.40 -45.15 68.73
C LYS A 292 10.96 -45.49 68.39
N GLN A 293 10.65 -45.69 67.12
CA GLN A 293 9.29 -46.06 66.72
C GLN A 293 9.00 -47.53 66.87
N ARG A 294 9.94 -48.31 67.43
CA ARG A 294 9.78 -49.75 67.61
C ARG A 294 9.43 -50.44 66.30
N ILE A 295 10.37 -50.33 65.35
CA ILE A 295 10.20 -50.90 64.02
C ILE A 295 11.36 -51.84 63.77
N GLU A 296 11.07 -53.14 63.65
CA GLU A 296 12.08 -54.13 63.34
C GLU A 296 12.34 -54.16 61.84
N ILE A 297 13.60 -54.00 61.45
CA ILE A 297 13.95 -53.86 60.04
C ILE A 297 14.92 -54.94 59.57
N SER A 298 15.47 -55.76 60.46
CA SER A 298 16.47 -56.74 60.05
C SER A 298 15.87 -57.78 59.13
N ARG A 299 16.69 -58.26 58.20
CA ARG A 299 16.22 -59.19 57.18
C ARG A 299 15.88 -60.54 57.80
N ARG A 300 14.78 -61.13 57.32
CA ARG A 300 14.37 -62.44 57.81
C ARG A 300 15.23 -63.57 57.23
N GLY A 301 15.73 -63.39 56.02
CA GLY A 301 16.56 -64.40 55.41
C GLY A 301 17.38 -63.83 54.28
N ASN A 302 17.88 -64.72 53.43
CA ASN A 302 18.69 -64.31 52.29
C ASN A 302 17.83 -63.59 51.26
N ALA A 303 18.31 -62.43 50.79
CA ALA A 303 17.64 -61.76 49.69
C ALA A 303 17.79 -62.52 48.38
N GLY A 304 18.75 -63.43 48.29
CA GLY A 304 18.94 -64.24 47.12
C GLY A 304 19.45 -63.44 45.93
N ASP A 305 19.15 -63.96 44.74
CA ASP A 305 19.54 -63.30 43.50
C ASP A 305 18.61 -62.14 43.22
N CYS A 306 19.19 -60.98 42.91
CA CYS A 306 18.38 -59.81 42.56
C CYS A 306 17.51 -60.09 41.35
N LEU A 307 17.93 -61.01 40.49
CA LEU A 307 17.19 -61.32 39.27
C LEU A 307 16.14 -62.39 39.58
N ALA A 308 15.62 -62.39 40.79
CA ALA A 308 14.59 -63.35 41.17
C ALA A 308 13.34 -63.13 40.33
N ASN A 309 12.80 -64.22 39.78
CA ASN A 309 11.60 -64.13 38.96
C ASN A 309 10.52 -65.10 39.46
N PRO A 310 9.39 -64.56 39.94
CA PRO A 310 9.08 -63.13 40.07
C PRO A 310 9.88 -62.41 41.14
N ALA A 311 10.08 -61.10 40.97
CA ALA A 311 10.87 -60.32 41.91
C ALA A 311 10.13 -60.20 43.24
N VAL A 312 10.77 -60.61 44.31
CA VAL A 312 10.20 -60.54 45.65
C VAL A 312 10.81 -59.35 46.38
N PRO A 313 10.02 -58.33 46.75
CA PRO A 313 10.57 -57.23 47.53
C PRO A 313 10.29 -57.38 49.02
N TRP A 314 11.30 -57.13 49.85
CA TRP A 314 11.11 -57.24 51.29
C TRP A 314 10.17 -56.15 51.79
N GLY A 315 9.29 -56.52 52.72
CA GLY A 315 8.25 -55.60 53.16
C GLY A 315 8.81 -54.45 53.99
N GLN A 316 9.81 -54.73 54.83
CA GLN A 316 10.34 -53.70 55.71
C GLN A 316 11.10 -52.61 54.96
N GLY A 317 11.32 -52.77 53.66
CA GLY A 317 11.93 -51.69 52.90
C GLY A 317 11.06 -50.45 52.82
N VAL A 318 9.74 -50.64 52.83
CA VAL A 318 8.83 -49.50 52.79
C VAL A 318 9.01 -48.64 54.04
N GLU A 319 9.23 -49.27 55.18
CA GLU A 319 9.46 -48.51 56.42
C GLU A 319 10.78 -47.77 56.38
N ILE A 320 11.76 -48.27 55.63
CA ILE A 320 13.04 -47.58 55.52
C ILE A 320 12.90 -46.35 54.62
N GLU A 321 12.10 -46.46 53.57
CA GLU A 321 11.85 -45.30 52.71
C GLU A 321 11.09 -44.23 53.47
N ARG A 322 10.04 -44.61 54.20
CA ARG A 322 9.25 -43.65 54.95
C ARG A 322 10.09 -42.95 56.01
N ALA A 323 10.97 -43.70 56.68
CA ALA A 323 11.82 -43.10 57.71
C ALA A 323 12.85 -42.16 57.10
N LEU A 324 13.36 -42.49 55.92
CA LEU A 324 14.32 -41.61 55.25
C LEU A 324 13.65 -40.32 54.77
N LYS A 325 12.46 -40.44 54.18
CA LYS A 325 11.75 -39.29 53.62
C LYS A 325 11.10 -38.42 54.69
N GLN A 326 11.21 -38.78 55.97
CA GLN A 326 10.72 -37.94 57.05
C GLN A 326 11.86 -37.31 57.85
N VAL A 327 13.11 -37.59 57.49
CA VAL A 327 14.25 -36.98 58.16
C VAL A 327 14.27 -35.48 57.88
N GLN A 328 14.54 -34.68 58.91
CA GLN A 328 14.62 -33.23 58.78
C GLN A 328 15.70 -32.73 59.73
N VAL A 329 16.93 -32.62 59.21
CA VAL A 329 18.08 -32.19 60.00
C VAL A 329 18.73 -30.99 59.32
N GLU A 330 19.71 -30.41 60.00
CA GLU A 330 20.47 -29.27 59.50
C GLU A 330 21.90 -29.71 59.25
N GLY A 331 22.43 -29.35 58.07
CA GLY A 331 23.78 -29.72 57.71
C GLY A 331 24.51 -28.66 56.91
N LEU A 332 25.40 -29.09 56.01
CA LEU A 332 26.16 -28.13 55.22
C LEU A 332 25.33 -27.50 54.12
N SER A 333 24.32 -28.22 53.62
CA SER A 333 23.42 -27.70 52.61
C SER A 333 22.24 -26.94 53.20
N GLY A 334 22.40 -26.37 54.39
CA GLY A 334 21.29 -25.68 55.02
C GLY A 334 20.26 -26.68 55.52
N ASN A 335 19.00 -26.28 55.45
CA ASN A 335 17.92 -27.16 55.91
C ASN A 335 17.76 -28.31 54.93
N ILE A 336 17.62 -29.52 55.45
CA ILE A 336 17.45 -30.72 54.65
C ILE A 336 16.07 -31.28 54.94
N LYS A 337 15.29 -31.53 53.89
CA LYS A 337 13.95 -32.06 54.02
C LYS A 337 13.50 -32.60 52.68
N PHE A 338 12.71 -33.68 52.72
CA PHE A 338 12.30 -34.38 51.52
C PHE A 338 10.77 -34.48 51.48
N ASP A 339 10.26 -34.66 50.27
CA ASP A 339 8.84 -34.87 50.03
C ASP A 339 8.57 -36.37 49.93
N GLN A 340 7.41 -36.74 49.36
CA GLN A 340 7.10 -38.15 49.20
C GLN A 340 7.87 -38.80 48.07
N ASN A 341 8.54 -38.02 47.22
CA ASN A 341 9.26 -38.55 46.08
C ASN A 341 10.77 -38.57 46.27
N GLY A 342 11.28 -37.93 47.31
CA GLY A 342 12.71 -37.88 47.56
C GLY A 342 13.40 -36.62 47.10
N LYS A 343 12.65 -35.66 46.56
CA LYS A 343 13.24 -34.40 46.14
C LYS A 343 13.50 -33.50 47.35
N ARG A 344 14.58 -32.74 47.28
CA ARG A 344 14.86 -31.75 48.31
C ARG A 344 13.80 -30.67 48.30
N ILE A 345 13.25 -30.36 49.48
CA ILE A 345 12.28 -29.29 49.64
C ILE A 345 12.73 -28.41 50.80
N ASN A 346 12.19 -27.18 50.81
CA ASN A 346 12.47 -26.19 51.85
C ASN A 346 13.97 -25.92 51.98
N TYR A 347 14.67 -25.95 50.84
CA TYR A 347 16.09 -25.70 50.81
C TYR A 347 16.37 -24.24 50.47
N THR A 348 17.65 -23.87 50.58
CA THR A 348 18.10 -22.52 50.34
C THR A 348 19.35 -22.56 49.47
N ILE A 349 19.28 -21.95 48.29
CA ILE A 349 20.42 -21.86 47.38
C ILE A 349 20.87 -20.40 47.35
N ASN A 350 22.13 -20.17 47.73
CA ASN A 350 22.71 -18.84 47.70
C ASN A 350 23.15 -18.49 46.28
N ILE A 351 22.99 -17.22 45.92
CA ILE A 351 23.38 -16.70 44.61
C ILE A 351 24.58 -15.80 44.80
N MET A 352 25.65 -16.07 44.05
CA MET A 352 26.92 -15.37 44.20
C MET A 352 27.29 -14.66 42.92
N GLU A 353 27.71 -13.41 43.05
CA GLU A 353 28.31 -12.66 41.95
C GLU A 353 29.81 -12.54 42.16
N LEU A 354 30.54 -12.46 41.06
CA LEU A 354 32.01 -12.37 41.10
C LEU A 354 32.40 -10.92 40.87
N LYS A 355 32.73 -10.22 41.95
CA LYS A 355 33.20 -8.84 41.88
C LYS A 355 34.72 -8.83 41.94
N THR A 356 35.30 -7.63 42.13
CA THR A 356 36.74 -7.51 42.20
C THR A 356 37.30 -8.13 43.49
N ASN A 357 36.54 -8.05 44.58
CA ASN A 357 36.96 -8.58 45.87
C ASN A 357 36.56 -10.04 46.08
N GLY A 358 36.32 -10.79 45.00
CA GLY A 358 36.01 -12.19 45.09
C GLY A 358 34.52 -12.47 45.05
N PRO A 359 34.14 -13.73 45.28
CA PRO A 359 32.72 -14.07 45.30
C PRO A 359 32.00 -13.35 46.43
N ARG A 360 30.72 -13.07 46.21
CA ARG A 360 29.96 -12.23 47.13
C ARG A 360 28.52 -12.71 47.17
N LYS A 361 28.03 -13.01 48.37
CA LYS A 361 26.65 -13.45 48.56
C LYS A 361 25.73 -12.27 48.29
N ILE A 362 25.08 -12.27 47.13
CA ILE A 362 24.22 -11.17 46.73
C ILE A 362 22.75 -11.53 46.87
N GLY A 363 22.38 -12.79 46.60
CA GLY A 363 20.99 -13.17 46.60
C GLY A 363 20.80 -14.61 47.03
N TYR A 364 19.53 -15.01 47.09
CA TYR A 364 19.14 -16.38 47.36
C TYR A 364 17.69 -16.54 46.94
N TRP A 365 17.28 -17.80 46.75
CA TRP A 365 15.90 -18.12 46.43
C TRP A 365 15.43 -19.27 47.31
N SER A 366 14.11 -19.48 47.29
CA SER A 366 13.48 -20.60 47.97
C SER A 366 12.32 -21.07 47.10
N GLU A 367 11.91 -22.33 47.31
CA GLU A 367 10.84 -22.89 46.49
C GLU A 367 9.48 -22.26 46.79
N VAL A 368 9.49 -21.26 47.66
CA VAL A 368 8.33 -20.40 47.87
C VAL A 368 8.65 -18.92 47.76
N ASP A 369 9.90 -18.51 47.94
CA ASP A 369 10.31 -17.11 47.87
C ASP A 369 11.42 -16.97 46.83
N LYS A 370 11.23 -16.10 45.85
CA LYS A 370 12.15 -15.97 44.73
C LYS A 370 12.91 -14.65 44.78
N MET A 371 14.25 -14.73 44.84
CA MET A 371 15.11 -13.55 44.81
C MET A 371 14.78 -12.53 45.89
N VAL A 372 15.22 -12.79 47.13
CA VAL A 372 14.76 -12.00 48.26
C VAL A 372 15.85 -11.10 48.84
N LEU A 373 17.11 -11.55 48.77
CA LEU A 373 18.18 -10.86 49.49
C LEU A 373 18.29 -9.41 49.05
N THR A 374 18.14 -8.51 50.01
CA THR A 374 18.22 -7.07 49.75
C THR A 374 18.52 -6.33 51.05
N GLU A 375 19.76 -5.87 51.20
CA GLU A 375 20.79 -6.07 50.19
C GLU A 375 22.10 -6.43 50.88
N ASP A 376 23.21 -6.18 50.21
CA ASP A 376 24.55 -6.45 50.75
C ASP A 376 25.20 -5.19 51.30
N ASP A 377 24.74 -4.76 52.48
CA ASP A 377 25.32 -3.58 53.12
C ASP A 377 26.74 -3.85 53.60
N THR A 378 27.00 -5.07 54.07
CA THR A 378 28.35 -5.44 54.49
C THR A 378 29.22 -5.70 53.27
N SER A 379 30.51 -5.96 53.52
CA SER A 379 31.51 -6.18 52.46
C SER A 379 31.53 -4.93 51.58
N GLY A 380 31.31 -5.04 50.28
CA GLY A 380 31.26 -3.88 49.41
C GLY A 380 32.62 -3.31 49.04
N LEU A 381 32.69 -2.63 47.92
CA LEU A 381 33.92 -2.00 47.46
C LEU A 381 33.75 -0.55 47.06
N GLU A 382 32.60 -0.20 46.45
CA GLU A 382 32.29 1.17 46.05
C GLU A 382 33.36 1.75 45.12
N GLN A 383 33.76 0.95 44.14
CA GLN A 383 34.77 1.34 43.16
C GLN A 383 34.25 1.02 41.76
N LYS A 384 33.88 2.07 41.02
CA LYS A 384 33.34 1.91 39.68
C LYS A 384 33.83 3.06 38.81
N THR A 385 34.52 2.72 37.72
CA THR A 385 34.97 3.70 36.73
C THR A 385 34.09 3.56 35.50
N VAL A 386 33.16 4.51 35.32
CA VAL A 386 32.21 4.44 34.22
C VAL A 386 32.97 4.61 32.90
N VAL A 387 32.68 3.72 31.95
CA VAL A 387 33.31 3.74 30.64
C VAL A 387 32.49 4.64 29.72
N VAL A 388 33.12 5.67 29.16
CA VAL A 388 32.47 6.60 28.25
C VAL A 388 33.14 6.48 26.88
N THR A 389 32.33 6.39 25.84
CA THR A 389 32.83 6.26 24.48
C THR A 389 32.39 7.47 23.65
N THR A 390 33.21 7.81 22.66
CA THR A 390 32.94 8.93 21.77
C THR A 390 33.77 8.74 20.50
N ILE A 391 33.61 9.67 19.57
CA ILE A 391 34.29 9.61 18.28
C ILE A 391 35.15 10.85 18.11
N LEU A 392 36.36 10.66 17.58
CA LEU A 392 37.27 11.77 17.31
C LEU A 392 36.74 12.57 16.13
N GLU A 393 36.06 13.68 16.42
CA GLU A 393 35.51 14.55 15.38
C GLU A 393 35.43 15.96 15.92
N SER A 394 36.14 16.88 15.29
CA SER A 394 36.17 18.27 15.72
C SER A 394 34.80 18.94 15.57
N PRO A 395 34.46 19.85 16.49
CA PRO A 395 35.25 20.23 17.67
C PRO A 395 34.80 19.48 18.92
N TYR A 396 34.06 18.40 18.74
CA TYR A 396 33.48 17.69 19.87
C TYR A 396 34.54 17.00 20.70
N VAL A 397 35.38 16.17 20.06
CA VAL A 397 36.45 15.45 20.75
C VAL A 397 37.69 15.53 19.86
N MET A 398 38.68 16.32 20.28
CA MET A 398 39.93 16.49 19.55
C MET A 398 41.10 16.13 20.45
N MET A 399 42.09 15.46 19.87
CA MET A 399 43.31 15.18 20.60
C MET A 399 44.14 16.47 20.69
N LYS A 400 44.62 16.77 21.91
CA LYS A 400 45.40 17.99 22.10
C LYS A 400 46.68 17.93 21.28
N LYS A 401 47.25 19.11 21.01
CA LYS A 401 48.47 19.20 20.22
C LYS A 401 49.63 18.49 20.89
N ASN A 402 49.58 18.33 22.21
CA ASN A 402 50.60 17.57 22.94
C ASN A 402 49.97 16.35 23.59
N HIS A 403 49.19 15.59 22.82
CA HIS A 403 48.48 14.43 23.37
C HIS A 403 49.42 13.30 23.76
N GLU A 404 50.65 13.29 23.23
CA GLU A 404 51.58 12.22 23.58
C GLU A 404 52.22 12.43 24.94
N MET A 405 52.35 13.67 25.38
CA MET A 405 52.91 13.97 26.69
C MET A 405 51.88 13.92 27.81
N LEU A 406 50.59 13.84 27.47
CA LEU A 406 49.53 13.75 28.46
C LEU A 406 49.02 12.31 28.56
N GLU A 407 48.21 12.07 29.59
CA GLU A 407 47.70 10.73 29.86
C GLU A 407 46.34 10.85 30.55
N GLY A 408 45.47 9.88 30.26
CA GLY A 408 44.16 9.84 30.88
C GLY A 408 43.12 10.62 30.07
N ASN A 409 42.32 11.42 30.77
CA ASN A 409 41.29 12.21 30.11
C ASN A 409 41.82 13.52 29.56
N GLU A 410 43.00 13.97 30.00
CA GLU A 410 43.57 15.21 29.51
C GLU A 410 44.14 15.09 28.11
N ARG A 411 44.23 13.87 27.57
CA ARG A 411 44.75 13.70 26.21
C ARG A 411 43.82 14.31 25.18
N TYR A 412 42.52 14.39 25.47
CA TYR A 412 41.53 14.87 24.53
C TYR A 412 40.90 16.17 25.05
N GLU A 413 40.40 16.97 24.13
CA GLU A 413 39.73 18.22 24.47
C GLU A 413 38.67 18.50 23.42
N GLY A 414 37.62 19.21 23.84
CA GLY A 414 36.55 19.56 22.94
C GLY A 414 35.27 19.83 23.71
N TYR A 415 34.18 19.94 22.94
CA TYR A 415 32.88 20.23 23.53
C TYR A 415 32.41 19.08 24.42
N CYS A 416 32.51 17.85 23.93
CA CYS A 416 32.04 16.71 24.70
C CYS A 416 32.96 16.42 25.89
N VAL A 417 34.24 16.79 25.80
CA VAL A 417 35.15 16.56 26.92
C VAL A 417 34.76 17.43 28.11
N ASP A 418 34.39 18.69 27.86
CA ASP A 418 33.88 19.53 28.93
C ASP A 418 32.48 19.11 29.34
N LEU A 419 31.70 18.54 28.42
CA LEU A 419 30.38 18.05 28.78
C LEU A 419 30.48 16.79 29.64
N ALA A 420 31.51 15.97 29.43
CA ALA A 420 31.68 14.78 30.25
C ALA A 420 31.93 15.15 31.70
N ALA A 421 32.66 16.24 31.94
CA ALA A 421 32.91 16.67 33.32
C ALA A 421 31.66 17.28 33.94
N GLU A 422 30.91 18.08 33.17
CA GLU A 422 29.69 18.69 33.69
C GLU A 422 28.64 17.64 34.00
N ILE A 423 28.61 16.53 33.26
CA ILE A 423 27.68 15.45 33.58
C ILE A 423 28.15 14.68 34.80
N ALA A 424 29.46 14.44 34.91
CA ALA A 424 30.01 13.75 36.07
C ALA A 424 29.98 14.60 37.33
N LYS A 425 29.75 15.90 37.22
CA LYS A 425 29.70 16.76 38.40
C LYS A 425 28.31 16.74 39.04
N HIS A 426 27.26 16.69 38.24
CA HIS A 426 25.89 16.63 38.75
C HIS A 426 25.40 15.21 38.99
N CYS A 427 26.21 14.21 38.69
CA CYS A 427 25.87 12.81 38.96
C CYS A 427 26.87 12.10 39.86
N GLY A 428 28.16 12.46 39.80
CA GLY A 428 29.15 11.88 40.68
C GLY A 428 29.55 10.47 40.31
N PHE A 429 30.43 10.33 39.33
CA PHE A 429 30.95 9.02 38.95
C PHE A 429 32.29 9.21 38.25
N LYS A 430 33.23 8.34 38.56
CA LYS A 430 34.52 8.35 37.88
C LYS A 430 34.35 7.85 36.45
N TYR A 431 34.73 8.66 35.48
CA TYR A 431 34.53 8.35 34.07
C TYR A 431 35.87 8.21 33.37
N LYS A 432 35.89 7.40 32.31
CA LYS A 432 37.07 7.15 31.50
C LYS A 432 36.73 7.42 30.05
N LEU A 433 37.49 8.31 29.41
CA LEU A 433 37.24 8.67 28.02
C LEU A 433 37.87 7.65 27.08
N THR A 434 37.05 6.99 26.28
CA THR A 434 37.51 5.99 25.33
C THR A 434 37.02 6.33 23.93
N ILE A 435 37.83 5.95 22.94
CA ILE A 435 37.53 6.21 21.54
C ILE A 435 36.91 4.97 20.92
N VAL A 436 35.87 5.15 20.12
CA VAL A 436 35.16 4.05 19.49
C VAL A 436 36.03 3.47 18.38
N GLY A 437 35.65 2.30 17.87
CA GLY A 437 36.45 1.65 16.84
C GLY A 437 36.32 2.35 15.51
N ASP A 438 37.47 2.71 14.93
CA ASP A 438 37.59 3.32 13.59
C ASP A 438 36.59 4.47 13.37
N GLY A 439 36.20 5.13 14.45
CA GLY A 439 35.30 6.27 14.36
C GLY A 439 33.98 5.98 13.67
N LYS A 440 33.25 4.99 14.17
CA LYS A 440 31.97 4.62 13.60
C LYS A 440 30.84 5.48 14.17
N TYR A 441 29.62 5.19 13.75
CA TYR A 441 28.44 5.87 14.25
C TYR A 441 27.34 4.85 14.56
N GLY A 442 26.12 5.33 14.78
CA GLY A 442 25.01 4.43 15.09
C GLY A 442 24.30 3.90 13.86
N ALA A 443 24.65 2.69 13.44
CA ALA A 443 24.05 2.08 12.26
C ALA A 443 23.82 0.60 12.54
N ARG A 444 22.84 0.03 11.82
CA ARG A 444 22.48 -1.38 11.95
C ARG A 444 22.46 -2.00 10.56
N ASP A 445 23.24 -3.06 10.38
CA ASP A 445 23.31 -3.73 9.09
C ASP A 445 21.95 -4.31 8.71
N ALA A 446 21.74 -4.48 7.41
CA ALA A 446 20.51 -5.08 6.90
C ALA A 446 20.56 -6.60 6.91
N ASP A 447 21.72 -7.18 6.57
CA ASP A 447 21.85 -8.63 6.56
C ASP A 447 22.06 -9.19 7.97
N THR A 448 23.22 -8.91 8.57
CA THR A 448 23.54 -9.49 9.87
C THR A 448 22.79 -8.82 11.01
N LYS A 449 22.23 -7.63 10.79
CA LYS A 449 21.52 -6.88 11.83
C LYS A 449 22.40 -6.68 13.06
N ILE A 450 23.67 -6.33 12.82
CA ILE A 450 24.65 -6.11 13.88
C ILE A 450 24.86 -4.61 14.03
N TRP A 451 24.67 -4.10 15.24
CA TRP A 451 24.94 -2.70 15.52
C TRP A 451 26.44 -2.46 15.63
N ASN A 452 26.90 -1.33 15.10
CA ASN A 452 28.30 -0.94 15.19
C ASN A 452 28.38 0.46 15.78
N GLY A 453 29.61 0.89 16.07
CA GLY A 453 29.83 2.23 16.55
C GLY A 453 29.54 2.40 18.03
N MET A 454 29.31 3.66 18.40
CA MET A 454 29.08 4.00 19.80
C MET A 454 27.78 3.38 20.31
N VAL A 455 26.77 3.26 19.45
CA VAL A 455 25.54 2.60 19.85
C VAL A 455 25.77 1.10 20.04
N GLY A 456 26.68 0.51 19.27
CA GLY A 456 26.98 -0.89 19.44
C GLY A 456 27.70 -1.19 20.75
N GLU A 457 28.61 -0.30 21.15
CA GLU A 457 29.36 -0.51 22.38
C GLU A 457 28.52 -0.32 23.64
N LEU A 458 27.27 0.13 23.50
CA LEU A 458 26.34 0.24 24.63
C LEU A 458 25.41 -0.96 24.76
N VAL A 459 24.94 -1.50 23.62
CA VAL A 459 24.08 -2.68 23.68
C VAL A 459 24.91 -3.92 23.97
N TYR A 460 26.20 -3.90 23.66
CA TYR A 460 27.07 -5.05 23.84
C TYR A 460 27.91 -4.96 25.11
N GLY A 461 27.65 -3.97 25.96
CA GLY A 461 28.31 -3.88 27.25
C GLY A 461 29.72 -3.34 27.24
N LYS A 462 30.26 -3.02 26.06
CA LYS A 462 31.63 -2.51 25.99
C LYS A 462 31.75 -1.06 26.43
N ALA A 463 30.64 -0.43 26.81
CA ALA A 463 30.67 0.94 27.33
C ALA A 463 29.42 1.16 28.17
N ASP A 464 29.54 2.03 29.17
CA ASP A 464 28.42 2.32 30.05
C ASP A 464 27.59 3.51 29.57
N ILE A 465 28.20 4.46 28.86
CA ILE A 465 27.50 5.64 28.38
C ILE A 465 28.24 6.16 27.16
N ALA A 466 27.52 6.89 26.31
CA ALA A 466 28.08 7.46 25.09
C ALA A 466 27.72 8.94 25.04
N ILE A 467 28.73 9.80 25.19
CA ILE A 467 28.58 11.25 25.11
C ILE A 467 29.30 11.70 23.85
N ALA A 468 28.54 12.05 22.82
CA ALA A 468 29.08 12.43 21.52
C ALA A 468 27.97 13.03 20.66
N PRO A 469 28.31 13.70 19.55
CA PRO A 469 27.26 14.16 18.64
C PRO A 469 26.54 13.00 17.95
N LEU A 470 25.58 12.41 18.64
CA LEU A 470 24.83 11.26 18.14
C LEU A 470 23.44 11.70 17.75
N THR A 471 23.05 11.43 16.50
CA THR A 471 21.76 11.86 16.00
C THR A 471 20.64 11.05 16.66
N ILE A 472 19.68 11.75 17.26
CA ILE A 472 18.55 11.10 17.93
C ILE A 472 17.59 10.65 16.84
N THR A 473 17.58 9.35 16.55
CA THR A 473 16.69 8.78 15.54
C THR A 473 15.81 7.71 16.18
N LEU A 474 14.81 7.27 15.41
CA LEU A 474 13.89 6.27 15.92
C LEU A 474 14.54 4.89 16.01
N VAL A 475 15.34 4.52 15.01
CA VAL A 475 15.96 3.20 15.01
C VAL A 475 16.93 3.05 16.17
N ARG A 476 17.48 4.16 16.66
CA ARG A 476 18.39 4.13 17.80
C ARG A 476 17.65 4.21 19.14
N GLU A 477 16.47 4.81 19.16
CA GLU A 477 15.71 4.90 20.40
C GLU A 477 15.17 3.54 20.82
N GLU A 478 14.98 2.63 19.87
CA GLU A 478 14.43 1.31 20.18
C GLU A 478 15.42 0.42 20.90
N VAL A 479 16.71 0.75 20.86
CA VAL A 479 17.73 -0.09 21.47
C VAL A 479 18.41 0.68 22.59
N ILE A 480 18.60 2.00 22.44
CA ILE A 480 19.04 2.89 23.50
C ILE A 480 18.12 3.87 24.14
N ASP A 481 18.47 4.41 25.30
CA ASP A 481 17.64 5.37 26.02
C ASP A 481 18.39 6.66 25.71
N PHE A 482 17.78 7.52 24.90
CA PHE A 482 18.37 8.79 24.54
C PHE A 482 17.89 9.86 25.51
N SER A 483 18.82 10.70 25.96
CA SER A 483 18.47 11.82 26.81
C SER A 483 17.81 12.94 26.00
N LYS A 484 17.43 14.02 26.70
CA LYS A 484 16.87 15.17 26.00
C LYS A 484 17.96 15.84 25.16
N PRO A 485 17.57 16.49 24.07
CA PRO A 485 18.58 17.08 23.17
C PRO A 485 19.34 18.21 23.85
N PHE A 486 20.66 18.12 23.83
CA PHE A 486 21.52 19.17 24.37
C PHE A 486 21.99 20.14 23.31
N MET A 487 21.56 19.98 22.05
CA MET A 487 22.03 20.84 20.98
C MET A 487 21.11 20.63 19.79
N SER A 488 20.21 21.60 19.55
CA SER A 488 19.31 21.52 18.42
C SER A 488 20.05 21.91 17.14
N LEU A 489 19.66 21.29 16.04
CA LEU A 489 20.29 21.53 14.75
C LEU A 489 19.32 21.14 13.63
N GLY A 490 19.80 21.24 12.40
CA GLY A 490 19.00 20.91 11.25
C GLY A 490 19.82 21.12 10.00
N ILE A 491 19.24 20.73 8.86
CA ILE A 491 19.92 20.86 7.58
C ILE A 491 19.91 22.32 7.16
N SER A 492 21.09 22.84 6.81
CA SER A 492 21.26 24.24 6.43
C SER A 492 22.03 24.30 5.11
N ILE A 493 22.34 25.52 4.69
CA ILE A 493 22.99 25.79 3.42
C ILE A 493 24.35 26.41 3.68
N MET A 494 25.34 26.03 2.87
CA MET A 494 26.69 26.57 2.96
C MET A 494 27.12 27.08 1.59
N ILE A 495 27.54 28.34 1.53
CA ILE A 495 28.00 28.95 0.28
C ILE A 495 29.22 29.81 0.59
N LYS A 496 30.06 30.00 -0.43
CA LYS A 496 31.20 30.91 -0.31
C LYS A 496 30.72 32.33 -0.56
N LYS A 497 30.70 33.15 0.48
CA LYS A 497 30.18 34.51 0.36
C LYS A 497 31.15 35.38 -0.43
N PRO A 498 30.76 35.93 -1.59
CA PRO A 498 31.60 36.86 -2.35
C PRO A 498 31.79 38.18 -1.59
N GLN A 499 32.97 38.81 -1.55
CA GLN A 499 34.22 38.46 -2.25
C GLN A 499 34.05 38.43 -3.77
N LYS A 500 33.51 39.52 -4.31
CA LYS A 500 33.38 39.70 -5.75
C LYS A 500 33.13 41.16 -6.09
N SER A 501 33.19 42.03 -5.07
CA SER A 501 32.99 43.47 -5.26
C SER A 501 34.30 44.12 -5.69
N LYS A 502 34.82 43.64 -6.83
CA LYS A 502 36.09 44.09 -7.36
C LYS A 502 36.03 45.55 -7.77
N PRO A 503 36.75 46.47 -7.11
CA PRO A 503 36.67 47.88 -7.47
C PRO A 503 37.86 48.32 -8.30
N GLY A 504 38.32 49.55 -8.08
CA GLY A 504 39.53 50.05 -8.71
C GLY A 504 39.24 50.96 -9.89
N VAL A 505 40.25 51.77 -10.24
CA VAL A 505 40.15 52.64 -11.41
C VAL A 505 40.33 52.06 -12.81
N PHE A 506 40.88 50.86 -12.93
CA PHE A 506 40.87 50.17 -14.22
C PHE A 506 39.47 49.59 -14.63
N SER A 507 38.49 49.91 -13.78
CA SER A 507 37.10 49.66 -14.11
C SER A 507 36.65 50.94 -14.81
N PHE A 508 37.35 52.05 -14.60
CA PHE A 508 36.95 53.35 -15.14
C PHE A 508 36.49 53.29 -16.61
N LEU A 509 36.84 52.21 -17.30
CA LEU A 509 36.51 51.82 -18.64
C LEU A 509 35.44 50.74 -19.05
N ASP A 510 34.45 50.63 -18.15
CA ASP A 510 33.54 49.49 -18.16
C ASP A 510 32.21 49.55 -18.92
N PRO A 511 31.35 50.57 -18.71
CA PRO A 511 30.09 50.62 -19.48
C PRO A 511 30.37 50.58 -20.97
N LEU A 512 30.85 51.69 -21.52
CA LEU A 512 31.48 51.64 -22.83
C LEU A 512 32.64 50.66 -22.77
N ALA A 513 32.69 49.73 -23.72
CA ALA A 513 33.64 48.64 -23.66
C ALA A 513 35.15 48.63 -23.93
N TYR A 514 35.73 47.45 -24.06
CA TYR A 514 37.15 47.40 -24.38
C TYR A 514 37.70 48.49 -25.30
N GLU A 515 37.07 48.60 -26.47
CA GLU A 515 37.31 49.66 -27.45
C GLU A 515 36.58 50.95 -27.87
N ILE A 516 35.51 51.28 -27.13
CA ILE A 516 34.71 52.46 -27.47
C ILE A 516 35.47 53.63 -26.85
N TRP A 517 36.03 53.43 -25.66
CA TRP A 517 36.84 54.49 -25.04
C TRP A 517 38.04 54.84 -25.91
N MET A 518 38.60 53.87 -26.62
CA MET A 518 39.65 54.11 -27.58
C MET A 518 39.12 54.49 -28.96
N CYS A 519 37.80 54.54 -29.12
CA CYS A 519 37.18 54.94 -30.38
C CYS A 519 36.60 56.35 -30.33
N ILE A 520 36.15 56.81 -29.17
CA ILE A 520 35.65 58.17 -29.03
C ILE A 520 36.76 59.18 -29.29
N VAL A 521 38.00 58.83 -28.94
CA VAL A 521 39.12 59.74 -29.14
C VAL A 521 39.43 59.94 -30.62
N PHE A 522 39.02 59.01 -31.48
CA PHE A 522 39.23 59.19 -32.92
C PHE A 522 38.31 60.26 -33.48
N ALA A 523 37.11 60.41 -32.91
CA ALA A 523 36.20 61.46 -33.35
C ALA A 523 36.51 62.81 -32.71
N TYR A 524 37.17 62.81 -31.56
CA TYR A 524 37.59 64.07 -30.94
C TYR A 524 38.60 64.80 -31.82
N ILE A 525 39.68 64.12 -32.20
CA ILE A 525 40.68 64.73 -33.07
C ILE A 525 40.17 64.85 -34.50
N GLY A 526 39.11 64.12 -34.85
CA GLY A 526 38.58 64.20 -36.19
C GLY A 526 37.70 65.41 -36.43
N VAL A 527 37.09 65.94 -35.38
CA VAL A 527 36.27 67.14 -35.50
C VAL A 527 37.07 68.40 -35.24
N SER A 528 38.03 68.34 -34.31
CA SER A 528 38.88 69.48 -34.05
C SER A 528 39.78 69.82 -35.23
N VAL A 529 40.02 68.86 -36.13
CA VAL A 529 40.78 69.13 -37.34
C VAL A 529 39.92 69.69 -38.46
N VAL A 530 38.60 69.48 -38.41
CA VAL A 530 37.71 70.07 -39.41
C VAL A 530 37.49 71.55 -39.11
N LEU A 531 37.37 71.91 -37.82
CA LEU A 531 37.31 73.32 -37.45
C LEU A 531 38.57 74.06 -37.86
N PHE A 532 39.69 73.36 -38.02
CA PHE A 532 40.91 73.96 -38.57
C PHE A 532 40.76 74.29 -40.05
N LEU A 533 39.86 73.61 -40.76
CA LEU A 533 39.73 73.74 -42.20
C LEU A 533 38.48 74.50 -42.63
N VAL A 534 37.53 74.76 -41.73
CA VAL A 534 36.33 75.52 -42.07
C VAL A 534 36.44 76.99 -41.70
N SER A 535 37.47 77.38 -40.95
CA SER A 535 37.65 78.77 -40.55
C SER A 535 38.84 79.41 -41.29
N ILE A 545 48.78 77.67 -35.64
CA ILE A 545 48.04 76.45 -35.33
C ILE A 545 47.86 76.31 -33.82
N PHE A 546 48.62 77.09 -33.06
CA PHE A 546 48.53 77.02 -31.60
C PHE A 546 47.28 77.71 -31.07
N ASN A 547 46.75 78.69 -31.80
CA ASN A 547 45.53 79.37 -31.38
C ASN A 547 44.27 78.77 -32.00
N SER A 548 44.40 78.06 -33.12
CA SER A 548 43.24 77.40 -33.72
C SER A 548 42.84 76.17 -32.92
N LEU A 549 43.82 75.41 -32.43
CA LEU A 549 43.51 74.28 -31.56
C LEU A 549 42.94 74.74 -30.22
N TRP A 550 43.35 75.92 -29.76
CA TRP A 550 42.74 76.48 -28.56
C TRP A 550 41.30 76.90 -28.80
N PHE A 551 40.96 77.22 -30.06
CA PHE A 551 39.58 77.54 -30.40
C PHE A 551 38.73 76.29 -30.58
N SER A 552 39.27 75.27 -31.26
CA SER A 552 38.53 74.02 -31.44
C SER A 552 38.30 73.33 -30.11
N LEU A 553 39.29 73.36 -29.21
CA LEU A 553 39.08 72.84 -27.86
C LEU A 553 38.11 73.72 -27.07
N GLY A 554 38.14 75.04 -27.30
CA GLY A 554 37.14 75.91 -26.72
C GLY A 554 35.75 75.72 -27.32
N ALA A 555 35.68 75.17 -28.53
CA ALA A 555 34.41 74.79 -29.13
C ALA A 555 34.00 73.36 -28.83
N PHE A 556 34.90 72.56 -28.26
CA PHE A 556 34.57 71.18 -27.90
C PHE A 556 33.87 71.12 -26.55
N MET A 557 34.40 71.84 -25.55
CA MET A 557 33.75 71.89 -24.25
C MET A 557 32.38 72.56 -24.32
N GLN A 558 32.16 73.42 -25.32
CA GLN A 558 30.86 74.04 -25.54
C GLN A 558 30.20 73.41 -26.76
N GLN A 559 29.82 72.14 -26.58
CA GLN A 559 29.19 71.34 -27.62
C GLN A 559 30.15 71.39 -28.80
N GLY A 560 29.67 71.88 -29.94
CA GLY A 560 30.48 71.97 -31.13
C GLY A 560 31.01 73.33 -31.55
N ILE A 563 32.76 78.29 -32.18
CA ILE A 563 31.99 79.43 -31.69
C ILE A 563 32.28 80.66 -32.54
N SER A 564 33.56 80.92 -32.81
CA SER A 564 33.95 82.08 -33.59
C SER A 564 35.02 81.73 -34.63
N PRO A 565 34.68 81.82 -35.93
CA PRO A 565 33.35 82.19 -36.43
C PRO A 565 32.33 81.06 -36.33
N ARG A 566 32.71 79.86 -36.75
CA ARG A 566 31.86 78.67 -36.69
C ARG A 566 30.53 78.92 -37.39
N SER A 567 30.60 79.42 -38.62
CA SER A 567 29.43 79.72 -39.42
C SER A 567 29.53 79.04 -40.78
N LEU A 568 28.39 78.96 -41.45
CA LEU A 568 28.28 78.39 -42.79
C LEU A 568 28.83 76.97 -42.60
N SER A 569 29.98 76.67 -43.22
CA SER A 569 30.56 75.35 -43.08
C SER A 569 30.88 74.83 -41.68
N GLY A 570 31.22 75.72 -40.75
CA GLY A 570 31.52 75.30 -39.39
C GLY A 570 30.32 75.04 -38.50
N ARG A 571 29.12 75.41 -38.96
CA ARG A 571 27.92 75.16 -38.17
C ARG A 571 27.48 73.70 -38.26
N ILE A 572 27.52 73.11 -39.46
CA ILE A 572 27.16 71.72 -39.63
C ILE A 572 28.17 70.79 -38.97
N VAL A 573 29.39 71.26 -38.73
CA VAL A 573 30.38 70.46 -38.01
C VAL A 573 29.95 70.27 -36.56
N GLY A 574 29.61 71.38 -35.88
CA GLY A 574 29.15 71.29 -34.51
C GLY A 574 27.75 70.74 -34.37
N GLY A 575 26.95 70.79 -35.44
CA GLY A 575 25.60 70.27 -35.41
C GLY A 575 25.57 68.75 -35.44
N VAL A 576 26.42 68.14 -36.26
CA VAL A 576 26.49 66.69 -36.35
C VAL A 576 27.30 66.12 -35.18
N TRP A 577 28.35 66.82 -34.77
CA TRP A 577 29.12 66.39 -33.61
C TRP A 577 28.29 66.44 -32.34
N TRP A 578 27.36 67.40 -32.25
CA TRP A 578 26.50 67.49 -31.07
C TRP A 578 25.56 66.30 -30.99
N PHE A 579 25.08 65.81 -32.14
CA PHE A 579 24.22 64.62 -32.14
C PHE A 579 25.02 63.36 -31.86
N PHE A 580 26.28 63.32 -32.29
CA PHE A 580 27.11 62.14 -32.04
C PHE A 580 27.42 61.99 -30.57
N THR A 581 27.95 63.05 -29.94
CA THR A 581 28.24 62.99 -28.51
C THR A 581 26.97 62.89 -27.67
N LEU A 582 25.80 63.18 -28.25
CA LEU A 582 24.55 63.05 -27.51
C LEU A 582 24.19 61.58 -27.31
N ILE A 583 24.46 60.74 -28.32
CA ILE A 583 24.11 59.32 -28.23
C ILE A 583 25.05 58.58 -27.29
N ILE A 584 26.34 58.95 -27.30
CA ILE A 584 27.31 58.26 -26.46
C ILE A 584 27.04 58.53 -24.98
N ILE A 585 26.84 59.80 -24.63
CA ILE A 585 26.51 60.13 -23.24
C ILE A 585 25.14 59.60 -22.86
N SER A 586 24.27 59.34 -23.84
CA SER A 586 22.99 58.70 -23.54
C SER A 586 23.16 57.19 -23.39
N SER A 587 24.02 56.57 -24.21
CA SER A 587 24.29 55.15 -24.07
C SER A 587 25.13 54.85 -22.85
N TYR A 588 25.99 55.79 -22.43
CA TYR A 588 26.79 55.58 -21.23
C TYR A 588 25.90 55.56 -19.99
N THR A 589 25.03 56.57 -19.86
CA THR A 589 24.14 56.63 -18.71
C THR A 589 23.13 55.49 -18.72
N ALA A 590 22.73 55.03 -19.89
CA ALA A 590 21.78 53.93 -19.97
C ALA A 590 22.42 52.61 -19.57
N ASN A 591 23.62 52.33 -20.09
CA ASN A 591 24.28 51.08 -19.77
C ASN A 591 24.76 51.05 -18.32
N LEU A 592 25.14 52.20 -17.77
CA LEU A 592 25.56 52.24 -16.37
C LEU A 592 24.38 52.02 -15.43
N ALA A 593 23.22 52.58 -15.77
CA ALA A 593 22.04 52.41 -14.92
C ALA A 593 21.50 50.99 -14.97
N ALA A 594 21.70 50.30 -16.09
CA ALA A 594 21.19 48.93 -16.22
C ALA A 594 21.91 47.98 -15.29
N PHE A 595 23.20 48.21 -15.04
CA PHE A 595 23.98 47.29 -14.21
C PHE A 595 23.65 47.44 -12.74
N LEU A 596 23.40 48.67 -12.28
CA LEU A 596 23.11 48.87 -10.86
C LEU A 596 21.75 48.29 -10.48
N THR A 597 20.79 48.29 -11.41
CA THR A 597 19.48 47.72 -11.11
C THR A 597 19.54 46.19 -11.08
N VAL A 598 20.49 45.59 -11.79
CA VAL A 598 20.63 44.13 -11.76
C VAL A 598 21.09 43.68 -10.38
N GLU A 599 22.12 44.34 -9.87
CA GLU A 599 22.73 44.01 -8.59
C GLU A 599 21.75 44.20 -7.44
N ARG A 600 20.67 44.92 -7.70
CA ARG A 600 19.73 45.35 -6.66
C ARG A 600 19.05 44.21 -5.89
N MET A 601 18.72 43.10 -6.56
CA MET A 601 17.98 42.05 -5.87
C MET A 601 19.06 41.23 -5.17
N VAL A 602 20.09 40.84 -5.90
CA VAL A 602 19.91 40.07 -7.07
C VAL A 602 19.97 38.57 -6.68
N SER A 603 20.36 38.34 -5.41
CA SER A 603 20.35 37.00 -4.81
C SER A 603 21.64 36.17 -4.95
N PRO A 604 21.64 34.95 -4.39
CA PRO A 604 20.42 34.41 -3.75
C PRO A 604 20.06 35.04 -2.41
N ILE A 605 18.76 35.18 -2.14
CA ILE A 605 18.27 35.56 -0.82
C ILE A 605 18.35 34.34 0.09
N GLU A 606 18.75 34.58 1.35
CA GLU A 606 18.94 33.50 2.32
C GLU A 606 17.58 32.83 2.43
N SER A 607 17.44 31.63 1.87
CA SER A 607 16.22 30.84 1.99
C SER A 607 16.42 29.57 1.17
N ALA A 608 15.66 28.54 1.53
CA ALA A 608 15.77 27.25 0.86
C ALA A 608 15.06 27.23 -0.48
N GLU A 609 13.91 27.91 -0.58
CA GLU A 609 13.18 27.92 -1.84
C GLU A 609 13.90 28.72 -2.91
N ASP A 610 14.53 29.84 -2.53
CA ASP A 610 15.30 30.62 -3.48
C ASP A 610 16.50 29.86 -4.01
N LEU A 611 16.97 28.85 -3.27
CA LEU A 611 18.04 27.98 -3.76
C LEU A 611 17.51 26.96 -4.78
N SER A 612 16.26 26.51 -4.62
CA SER A 612 15.67 25.55 -5.54
C SER A 612 15.06 26.18 -6.78
N LYS A 613 14.75 27.48 -6.74
CA LYS A 613 14.17 28.14 -7.90
C LYS A 613 15.19 28.30 -9.03
N GLN A 614 16.42 28.64 -8.69
CA GLN A 614 17.49 28.78 -9.66
C GLN A 614 18.36 27.54 -9.69
N THR A 615 18.93 27.24 -10.85
CA THR A 615 19.77 26.06 -11.03
C THR A 615 21.19 26.40 -11.45
N GLU A 616 21.55 27.69 -11.49
CA GLU A 616 22.92 28.08 -11.75
C GLU A 616 23.89 27.63 -10.68
N ILE A 617 23.75 28.20 -9.48
CA ILE A 617 24.51 27.77 -8.32
C ILE A 617 23.94 26.43 -7.90
N ALA A 618 24.58 25.35 -8.33
CA ALA A 618 24.08 24.01 -8.06
C ALA A 618 24.17 23.70 -6.56
N TYR A 619 23.52 22.61 -6.17
CA TYR A 619 23.51 22.19 -4.77
C TYR A 619 23.34 20.69 -4.69
N GLY A 620 23.94 20.11 -3.65
CA GLY A 620 23.86 18.68 -3.42
C GLY A 620 24.14 18.35 -1.98
N THR A 621 23.93 17.08 -1.64
CA THR A 621 24.15 16.57 -0.29
C THR A 621 25.17 15.43 -0.32
N LEU A 622 25.29 14.73 0.79
CA LEU A 622 26.16 13.56 0.85
C LEU A 622 25.51 12.39 0.14
N ASP A 623 26.36 11.53 -0.44
CA ASP A 623 25.86 10.42 -1.23
C ASP A 623 25.09 9.41 -0.39
N SER A 624 25.41 9.30 0.90
CA SER A 624 24.73 8.37 1.78
C SER A 624 24.71 8.96 3.18
N GLY A 625 23.51 9.17 3.72
CA GLY A 625 23.37 9.72 5.05
C GLY A 625 21.94 10.15 5.30
N SER A 626 21.72 10.63 6.53
CA SER A 626 20.40 11.09 6.93
C SER A 626 19.96 12.33 6.16
N THR A 627 20.90 13.06 5.56
CA THR A 627 20.55 14.26 4.81
C THR A 627 19.88 13.91 3.49
N LYS A 628 20.45 12.96 2.75
CA LYS A 628 19.88 12.59 1.46
C LYS A 628 18.54 11.89 1.62
N GLU A 629 18.41 11.04 2.64
CA GLU A 629 17.14 10.35 2.89
C GLU A 629 16.03 11.30 3.31
N PHE A 630 16.37 12.48 3.80
CA PHE A 630 15.35 13.46 4.18
C PHE A 630 14.57 13.91 2.96
N PHE A 631 15.28 14.32 1.90
CA PHE A 631 14.62 14.78 0.68
C PHE A 631 13.92 13.65 -0.07
N ARG A 632 14.34 12.40 0.14
CA ARG A 632 13.78 11.26 -0.58
C ARG A 632 12.29 11.11 -0.30
N ARG A 633 11.95 10.72 0.93
CA ARG A 633 10.57 10.51 1.33
C ARG A 633 9.88 11.80 1.79
N SER A 634 10.47 12.96 1.50
CA SER A 634 9.85 14.22 1.89
C SER A 634 8.63 14.49 1.03
N LYS A 635 7.47 14.63 1.68
CA LYS A 635 6.22 14.93 0.99
C LYS A 635 5.84 16.40 1.16
N ILE A 636 6.84 17.28 1.08
CA ILE A 636 6.64 18.73 1.08
C ILE A 636 6.95 19.25 -0.32
N ALA A 637 6.15 20.21 -0.78
CA ALA A 637 6.29 20.70 -2.15
C ALA A 637 7.64 21.36 -2.38
N VAL A 638 8.16 22.07 -1.37
CA VAL A 638 9.42 22.78 -1.54
C VAL A 638 10.60 21.81 -1.57
N PHE A 639 10.53 20.75 -0.76
CA PHE A 639 11.65 19.83 -0.66
C PHE A 639 11.60 18.76 -1.74
N ASP A 640 10.41 18.33 -2.16
CA ASP A 640 10.31 17.37 -3.24
C ASP A 640 10.84 17.95 -4.54
N LYS A 641 10.69 19.25 -4.74
CA LYS A 641 11.30 19.91 -5.90
C LYS A 641 12.82 19.85 -5.83
N MET A 642 13.38 19.92 -4.62
CA MET A 642 14.83 19.84 -4.47
C MET A 642 15.32 18.41 -4.68
N TRP A 643 14.52 17.42 -4.30
CA TRP A 643 14.94 16.03 -4.46
C TRP A 643 14.90 15.61 -5.92
N THR A 644 13.85 15.97 -6.64
CA THR A 644 13.75 15.61 -8.05
C THR A 644 14.87 16.23 -8.88
N TYR A 645 15.42 17.37 -8.43
CA TYR A 645 16.54 17.99 -9.12
C TYR A 645 17.83 17.19 -8.88
N MET A 646 18.19 17.01 -7.60
CA MET A 646 19.44 16.31 -7.28
C MET A 646 19.41 14.86 -7.76
N ARG A 647 18.22 14.25 -7.78
CA ARG A 647 18.11 12.87 -8.26
C ARG A 647 18.48 12.76 -9.73
N SER A 648 18.21 13.80 -10.52
CA SER A 648 18.49 13.79 -11.94
C SER A 648 19.48 14.89 -12.34
N ALA A 649 20.31 15.35 -11.41
CA ALA A 649 21.28 16.39 -11.68
C ALA A 649 22.56 15.76 -12.21
N GLU A 650 22.95 16.12 -13.43
CA GLU A 650 24.17 15.62 -14.04
C GLU A 650 25.12 16.78 -14.36
N PRO A 651 26.40 16.65 -13.98
CA PRO A 651 27.03 15.49 -13.34
C PRO A 651 26.63 15.31 -11.87
N SER A 652 27.15 14.26 -11.24
CA SER A 652 26.77 13.90 -9.88
C SER A 652 27.03 15.03 -8.89
N VAL A 653 25.96 15.63 -8.37
CA VAL A 653 26.08 16.67 -7.36
C VAL A 653 26.38 16.13 -5.97
N PHE A 654 26.45 14.81 -5.82
CA PHE A 654 26.74 14.18 -4.55
C PHE A 654 28.25 13.95 -4.40
N VAL A 655 28.71 13.97 -3.16
CA VAL A 655 30.12 13.81 -2.85
C VAL A 655 30.31 12.52 -2.05
N ARG A 656 31.56 12.05 -2.01
CA ARG A 656 31.87 10.80 -1.31
C ARG A 656 31.80 10.99 0.20
N THR A 657 32.63 11.87 0.73
CA THR A 657 32.68 12.17 2.16
C THR A 657 32.31 13.62 2.40
N THR A 658 32.22 13.99 3.69
CA THR A 658 31.90 15.37 4.04
C THR A 658 33.07 16.30 3.75
N ALA A 659 34.31 15.79 3.82
CA ALA A 659 35.47 16.62 3.53
C ALA A 659 35.50 17.06 2.06
N GLU A 660 34.96 16.24 1.15
CA GLU A 660 34.93 16.60 -0.25
C GLU A 660 33.83 17.61 -0.57
N GLY A 661 32.79 17.69 0.26
CA GLY A 661 31.71 18.63 0.04
C GLY A 661 32.11 20.05 0.37
N VAL A 662 32.89 20.24 1.43
CA VAL A 662 33.34 21.57 1.80
C VAL A 662 34.38 22.08 0.81
N ALA A 663 35.27 21.19 0.36
CA ALA A 663 36.30 21.59 -0.61
C ALA A 663 35.70 21.92 -1.97
N ARG A 664 34.52 21.39 -2.29
CA ARG A 664 33.90 21.68 -3.57
C ARG A 664 33.29 23.08 -3.62
N VAL A 665 32.78 23.57 -2.49
CA VAL A 665 32.22 24.92 -2.47
C VAL A 665 33.32 25.96 -2.54
N ARG A 666 34.49 25.67 -1.99
CA ARG A 666 35.59 26.64 -1.99
C ARG A 666 36.22 26.80 -3.37
N LYS A 667 36.08 25.81 -4.25
CA LYS A 667 36.67 25.87 -5.58
C LYS A 667 35.64 26.06 -6.68
N SER A 668 34.42 26.43 -6.33
CA SER A 668 33.35 26.60 -7.31
C SER A 668 33.04 28.06 -7.61
N LYS A 669 33.83 28.99 -7.05
CA LYS A 669 33.61 30.43 -7.25
C LYS A 669 32.21 30.86 -6.83
N GLY A 670 31.65 30.19 -5.81
CA GLY A 670 30.31 30.50 -5.37
C GLY A 670 29.21 29.97 -6.26
N LYS A 671 29.52 29.03 -7.15
CA LYS A 671 28.54 28.46 -8.05
C LYS A 671 28.10 27.06 -7.63
N TYR A 672 28.29 26.71 -6.37
CA TYR A 672 27.88 25.40 -5.85
C TYR A 672 27.61 25.52 -4.36
N ALA A 673 26.53 24.90 -3.91
CA ALA A 673 26.14 24.89 -2.51
C ALA A 673 26.16 23.47 -1.97
N TYR A 674 26.29 23.36 -0.66
CA TYR A 674 26.30 22.06 0.02
C TYR A 674 25.33 22.11 1.20
N LEU A 675 24.56 21.04 1.35
CA LEU A 675 23.57 20.92 2.42
C LEU A 675 24.07 19.95 3.46
N LEU A 676 24.09 20.38 4.73
CA LEU A 676 24.57 19.56 5.83
C LEU A 676 23.92 20.07 7.12
N GLU A 677 24.28 19.41 8.22
CA GLU A 677 23.74 19.80 9.52
C GLU A 677 24.28 21.17 9.95
N SER A 678 23.48 21.87 10.75
CA SER A 678 23.85 23.23 11.14
C SER A 678 25.05 23.24 12.08
N THR A 679 25.20 22.23 12.92
CA THR A 679 26.34 22.20 13.85
C THR A 679 27.65 22.10 13.09
N MET A 680 27.72 21.22 12.10
CA MET A 680 28.93 21.12 11.28
C MET A 680 29.08 22.33 10.38
N ASN A 681 27.97 22.95 9.97
CA ASN A 681 28.04 24.12 9.10
C ASN A 681 28.52 25.34 9.87
N GLU A 682 28.02 25.53 11.10
CA GLU A 682 28.46 26.67 11.91
C GLU A 682 29.92 26.57 12.33
N TYR A 683 30.48 25.35 12.36
CA TYR A 683 31.86 25.20 12.78
C TYR A 683 32.83 25.48 11.64
N ILE A 684 32.46 25.13 10.41
CA ILE A 684 33.32 25.42 9.27
C ILE A 684 33.36 26.92 9.00
N GLU A 685 32.27 27.63 9.31
CA GLU A 685 32.26 29.08 9.14
C GLU A 685 33.28 29.76 10.03
N GLN A 686 33.63 29.14 11.15
CA GLN A 686 34.56 29.73 12.12
C GLN A 686 35.96 29.13 12.02
N ARG A 687 36.31 28.53 10.89
CA ARG A 687 37.63 27.96 10.66
C ARG A 687 38.19 28.48 9.36
N LYS A 688 39.51 28.70 9.33
CA LYS A 688 40.20 29.27 8.17
C LYS A 688 40.00 28.39 6.93
N PRO A 689 40.00 29.03 5.74
CA PRO A 689 40.24 30.45 5.49
C PRO A 689 38.99 31.34 5.57
N CYS A 690 38.02 30.94 6.40
CA CYS A 690 36.80 31.72 6.63
C CYS A 690 36.08 32.02 5.31
N ASP A 691 35.87 30.98 4.51
CA ASP A 691 35.27 31.13 3.19
C ASP A 691 33.90 30.45 3.08
N THR A 692 33.28 30.12 4.21
CA THR A 692 31.96 29.51 4.23
C THR A 692 31.05 30.33 5.13
N MET A 693 29.74 30.20 4.90
CA MET A 693 28.76 30.99 5.63
C MET A 693 27.43 30.25 5.67
N LYS A 694 26.84 30.13 6.86
CA LYS A 694 25.52 29.56 7.01
C LYS A 694 24.47 30.59 6.62
N VAL A 695 23.69 30.29 5.60
CA VAL A 695 22.65 31.19 5.11
C VAL A 695 21.30 30.53 5.34
N GLY A 696 20.32 31.31 5.80
CA GLY A 696 18.99 30.80 6.05
C GLY A 696 18.90 29.91 7.26
N GLY A 697 17.67 29.61 7.69
CA GLY A 697 17.45 28.75 8.83
C GLY A 697 17.64 27.29 8.50
N ASN A 698 17.20 26.45 9.43
CA ASN A 698 17.30 25.01 9.26
C ASN A 698 16.05 24.46 8.56
N LEU A 699 16.21 23.30 7.94
CA LEU A 699 15.13 22.67 7.20
C LEU A 699 14.30 21.71 8.03
N ASP A 700 14.93 21.00 8.97
CA ASP A 700 14.23 20.03 9.82
C ASP A 700 14.64 20.25 11.26
N SER A 701 13.95 19.54 12.17
CA SER A 701 14.18 19.65 13.60
C SER A 701 14.79 18.34 14.09
N LYS A 702 16.03 18.41 14.57
CA LYS A 702 16.71 17.25 15.12
C LYS A 702 17.62 17.72 16.25
N GLY A 703 18.15 16.75 16.99
CA GLY A 703 19.02 17.06 18.11
C GLY A 703 19.95 15.92 18.46
N TYR A 704 21.05 16.27 19.12
CA TYR A 704 21.99 15.30 19.64
C TYR A 704 21.62 14.95 21.07
N GLY A 705 21.96 13.72 21.48
CA GLY A 705 21.64 13.25 22.81
C GLY A 705 22.74 12.35 23.35
N ILE A 706 22.62 12.06 24.65
CA ILE A 706 23.52 11.14 25.34
C ILE A 706 22.82 9.80 25.45
N ALA A 707 23.48 8.74 25.01
CA ALA A 707 22.89 7.42 24.93
C ALA A 707 23.33 6.56 26.10
N THR A 708 22.37 5.89 26.73
CA THR A 708 22.60 4.96 27.82
C THR A 708 21.87 3.65 27.53
N PRO A 709 22.41 2.52 27.98
CA PRO A 709 21.70 1.25 27.80
C PRO A 709 20.36 1.27 28.51
N LYS A 710 19.41 0.50 27.98
CA LYS A 710 18.08 0.45 28.57
C LYS A 710 18.11 -0.21 29.94
N GLY A 711 17.39 0.37 30.89
CA GLY A 711 17.38 -0.12 32.24
C GLY A 711 18.65 0.15 33.03
N SER A 712 19.55 0.99 32.51
CA SER A 712 20.78 1.29 33.21
C SER A 712 20.51 2.20 34.39
N SER A 713 21.39 2.10 35.40
CA SER A 713 21.22 2.90 36.62
C SER A 713 21.34 4.40 36.37
N LEU A 714 22.24 4.81 35.48
CA LEU A 714 22.44 6.22 35.18
C LEU A 714 21.62 6.68 33.97
N GLY A 715 20.55 5.97 33.65
CA GLY A 715 19.71 6.35 32.52
C GLY A 715 18.97 7.63 32.81
N THR A 716 18.15 7.63 33.85
CA THR A 716 17.37 8.80 34.24
C THR A 716 18.22 9.87 34.92
N PRO A 717 19.16 9.53 35.82
CA PRO A 717 19.99 10.60 36.43
C PRO A 717 20.75 11.44 35.43
N VAL A 718 21.23 10.85 34.33
CA VAL A 718 21.90 11.64 33.31
C VAL A 718 20.90 12.46 32.51
N ASN A 719 19.72 11.88 32.24
CA ASN A 719 18.67 12.62 31.54
C ASN A 719 18.28 13.88 32.30
N LEU A 720 18.09 13.76 33.62
CA LEU A 720 17.75 14.92 34.43
C LEU A 720 18.90 15.93 34.51
N ALA A 721 20.14 15.47 34.31
CA ALA A 721 21.29 16.37 34.40
C ALA A 721 21.46 17.21 33.14
N VAL A 722 20.98 16.73 32.00
CA VAL A 722 21.10 17.49 30.76
C VAL A 722 20.18 18.71 30.80
N LEU A 723 18.95 18.55 31.30
CA LEU A 723 18.04 19.68 31.42
C LEU A 723 18.55 20.72 32.41
N LYS A 724 19.28 20.28 33.44
CA LYS A 724 19.82 21.22 34.40
C LYS A 724 20.92 22.09 33.78
N LEU A 725 21.69 21.54 32.84
CA LEU A 725 22.75 22.31 32.21
C LEU A 725 22.21 23.24 31.13
N SER A 726 21.07 22.92 30.53
CA SER A 726 20.51 23.78 29.50
C SER A 726 19.88 25.03 30.10
N GLU A 727 19.17 24.88 31.22
CA GLU A 727 18.52 26.02 31.85
C GLU A 727 19.50 26.90 32.60
N GLN A 728 20.56 26.31 33.16
CA GLN A 728 21.63 27.10 33.78
C GLN A 728 22.54 27.76 32.75
N GLY A 729 22.26 27.59 31.46
CA GLY A 729 23.09 28.18 30.43
C GLY A 729 24.42 27.51 30.22
N VAL A 730 24.67 26.37 30.85
CA VAL A 730 25.96 25.70 30.71
C VAL A 730 26.12 25.13 29.31
N LEU A 731 25.03 24.60 28.73
CA LEU A 731 25.11 24.02 27.39
C LEU A 731 25.35 25.10 26.34
N ASP A 732 24.63 26.22 26.44
CA ASP A 732 24.85 27.31 25.49
C ASP A 732 26.21 27.98 25.71
N LYS A 733 26.73 27.93 26.93
CA LYS A 733 28.06 28.48 27.19
C LYS A 733 29.14 27.60 26.57
N LEU A 734 29.03 26.28 26.76
CA LEU A 734 29.98 25.38 26.15
C LEU A 734 29.86 25.37 24.63
N LYS A 735 28.65 25.58 24.11
CA LYS A 735 28.48 25.71 22.66
C LYS A 735 29.24 26.91 22.12
N ASN A 736 29.17 28.03 22.85
CA ASN A 736 29.89 29.25 22.44
C ASN A 736 31.39 29.14 22.67
N LYS A 737 31.85 28.14 23.41
CA LYS A 737 33.27 28.03 23.74
C LYS A 737 34.06 27.43 22.58
N TRP A 738 33.68 26.24 22.13
CA TRP A 738 34.42 25.52 21.10
C TRP A 738 33.98 25.87 19.69
N TRP A 739 33.12 26.87 19.52
CA TRP A 739 32.66 27.30 18.21
C TRP A 739 33.11 28.71 17.86
N TYR A 740 32.84 29.69 18.72
CA TYR A 740 33.17 31.08 18.45
C TYR A 740 34.38 31.58 19.22
N ASP A 741 34.54 31.14 20.47
CA ASP A 741 35.67 31.60 21.27
C ASP A 741 36.99 31.04 20.73
N LYS A 742 37.13 29.72 20.74
CA LYS A 742 38.33 29.07 20.23
C LYS A 742 38.32 28.93 18.71
N GLY A 743 37.45 29.65 18.02
CA GLY A 743 37.43 29.60 16.57
C GLY A 743 38.47 30.52 15.95
N GLU A 744 38.89 30.16 14.74
CA GLU A 744 39.90 30.92 14.01
C GLU A 744 39.33 32.06 13.19
N CYS A 745 38.01 32.18 13.10
CA CYS A 745 37.38 33.29 12.39
C CYS A 745 36.42 34.03 13.32
N GLY A 746 36.88 34.34 14.52
CA GLY A 746 36.04 35.08 15.46
C GLY A 746 35.69 36.48 14.97
N ALA A 747 36.58 37.08 14.16
CA ALA A 747 36.30 38.38 13.58
C ALA A 747 35.35 38.30 12.40
N LYS A 748 35.25 37.14 11.76
CA LYS A 748 34.35 36.95 10.62
C LYS A 748 32.91 36.69 11.04
N ASP A 749 32.61 36.74 12.34
CA ASP A 749 31.26 36.52 12.83
C ASP A 749 30.60 37.79 13.35
N SER A 750 31.31 38.91 13.35
CA SER A 750 30.76 40.18 13.84
C SER A 750 30.36 41.13 12.73
N GLY A 751 30.96 41.02 11.56
CA GLY A 751 30.65 41.91 10.46
C GLY A 751 29.40 41.52 9.70
N SER A 752 28.42 42.42 9.63
CA SER A 752 27.18 42.18 8.91
C SER A 752 27.21 42.88 7.56
N LYS A 753 26.88 42.15 6.50
CA LYS A 753 26.88 42.69 5.15
C LYS A 753 25.45 43.09 4.80
N GLU A 754 25.20 44.40 4.81
CA GLU A 754 23.88 44.95 4.49
C GLU A 754 23.94 45.68 3.16
N LYS A 755 22.80 45.73 2.48
CA LYS A 755 22.70 46.39 1.18
C LYS A 755 22.87 47.89 1.36
N THR A 756 24.03 48.41 0.97
CA THR A 756 24.29 49.84 1.09
C THR A 756 23.36 50.62 0.16
N SER A 757 22.66 51.60 0.74
CA SER A 757 21.66 52.34 -0.03
C SER A 757 22.31 53.31 -1.02
N ALA A 758 23.48 53.83 -0.71
CA ALA A 758 24.15 54.82 -1.52
C ALA A 758 25.14 54.18 -2.47
N LEU A 759 25.54 54.93 -3.49
CA LEU A 759 26.52 54.47 -4.45
C LEU A 759 27.92 54.57 -3.87
N SER A 760 28.79 53.65 -4.31
CA SER A 760 30.13 53.56 -3.75
C SER A 760 30.96 54.80 -4.08
N LEU A 761 31.95 55.07 -3.23
CA LEU A 761 32.84 56.21 -3.39
C LEU A 761 34.15 55.85 -4.07
N SER A 762 34.65 54.62 -3.86
CA SER A 762 35.94 54.16 -4.39
C SER A 762 35.98 54.10 -5.91
N ASN A 763 34.97 54.59 -6.62
CA ASN A 763 34.95 54.59 -8.08
C ASN A 763 34.59 55.95 -8.67
N VAL A 764 33.91 56.82 -7.92
CA VAL A 764 33.79 58.21 -8.32
C VAL A 764 35.16 58.87 -8.34
N ALA A 765 36.12 58.34 -7.57
CA ALA A 765 37.49 58.85 -7.61
C ALA A 765 38.11 58.66 -8.99
N GLY A 766 37.66 57.66 -9.75
CA GLY A 766 38.13 57.52 -11.12
C GLY A 766 37.84 58.74 -11.97
N VAL A 767 36.81 59.50 -11.61
CA VAL A 767 36.56 60.76 -12.30
C VAL A 767 37.40 61.88 -11.69
N PHE A 768 37.70 61.81 -10.40
CA PHE A 768 38.50 62.84 -9.76
C PHE A 768 39.98 62.71 -10.10
N TYR A 769 40.47 61.48 -10.31
CA TYR A 769 41.88 61.30 -10.65
C TYR A 769 42.19 61.81 -12.06
N ILE A 770 41.20 61.80 -12.95
CA ILE A 770 41.43 62.29 -14.31
C ILE A 770 41.24 63.80 -14.42
N LEU A 771 40.61 64.43 -13.43
CA LEU A 771 40.44 65.88 -13.42
C LEU A 771 41.65 66.59 -12.82
N VAL A 772 42.12 66.12 -11.65
CA VAL A 772 43.30 66.73 -11.04
C VAL A 772 44.52 66.53 -11.92
N GLY A 773 44.58 65.41 -12.64
CA GLY A 773 45.65 65.20 -13.61
C GLY A 773 45.61 66.18 -14.76
N GLY A 774 44.45 66.79 -15.01
CA GLY A 774 44.33 67.81 -16.04
C GLY A 774 44.60 69.20 -15.50
N LEU A 775 44.29 69.42 -14.23
CA LEU A 775 44.59 70.71 -13.60
C LEU A 775 46.09 70.92 -13.46
N GLY A 776 46.82 69.85 -13.13
CA GLY A 776 48.28 69.96 -13.10
C GLY A 776 48.87 70.12 -14.48
N LEU A 777 48.26 69.46 -15.48
CA LEU A 777 48.67 69.66 -16.87
C LEU A 777 48.34 71.06 -17.38
N ALA A 778 47.35 71.72 -16.78
CA ALA A 778 46.99 73.07 -17.20
C ALA A 778 47.93 74.12 -16.62
N MET A 779 48.47 73.87 -15.42
CA MET A 779 49.39 74.83 -14.81
C MET A 779 50.77 74.81 -15.44
N LEU A 780 51.13 73.73 -16.13
CA LEU A 780 52.41 73.68 -16.84
C LEU A 780 52.37 74.50 -18.12
N VAL A 781 51.23 74.53 -18.81
CA VAL A 781 51.10 75.33 -20.03
C VAL A 781 50.95 76.81 -19.71
N ALA A 782 50.48 77.18 -18.52
CA ALA A 782 50.33 78.58 -18.17
C ALA A 782 51.67 79.30 -18.02
N LEU A 783 52.76 78.56 -17.79
CA LEU A 783 54.07 79.17 -17.64
C LEU A 783 54.81 79.29 -18.96
N ILE A 784 54.60 78.36 -19.89
CA ILE A 784 55.24 78.47 -21.21
C ILE A 784 54.56 79.52 -22.08
N GLU A 785 53.33 79.92 -21.74
CA GLU A 785 52.66 80.99 -22.45
C GLU A 785 53.00 82.37 -21.91
N PHE A 786 53.56 82.45 -20.71
CA PHE A 786 53.97 83.72 -20.12
C PHE A 786 55.37 84.14 -20.53
N CYS A 787 56.15 83.24 -21.12
CA CYS A 787 57.50 83.55 -21.60
C CYS A 787 57.62 83.51 -23.12
N TYR A 788 56.93 82.59 -23.78
CA TYR A 788 56.98 82.49 -25.24
C TYR A 788 55.86 83.29 -25.89
N ASN B 1 20.90 -77.93 12.64
CA ASN B 1 21.79 -76.80 12.89
C ASN B 1 20.99 -75.58 13.32
N SER B 2 20.06 -75.78 14.26
CA SER B 2 19.24 -74.67 14.72
C SER B 2 20.05 -73.70 15.57
N ILE B 3 19.87 -72.41 15.31
CA ILE B 3 20.61 -71.34 15.99
C ILE B 3 19.62 -70.55 16.84
N GLN B 4 19.84 -70.55 18.15
CA GLN B 4 18.93 -69.88 19.07
C GLN B 4 19.28 -68.40 19.19
N ILE B 5 18.25 -67.57 19.35
CA ILE B 5 18.37 -66.13 19.33
C ILE B 5 17.43 -65.54 20.36
N GLY B 6 17.88 -64.50 21.07
CA GLY B 6 17.03 -63.83 22.04
C GLY B 6 16.11 -62.83 21.37
N GLY B 7 14.86 -62.80 21.84
CA GLY B 7 13.87 -61.89 21.29
C GLY B 7 13.13 -61.08 22.35
N LEU B 8 13.42 -59.78 22.42
CA LEU B 8 12.79 -58.88 23.38
C LEU B 8 11.82 -57.97 22.63
N PHE B 9 10.52 -58.16 22.88
CA PHE B 9 9.51 -57.36 22.23
C PHE B 9 8.64 -56.66 23.26
N PRO B 10 8.34 -55.38 23.06
CA PRO B 10 7.39 -54.70 23.96
C PRO B 10 5.97 -55.25 23.94
N ARG B 11 5.19 -54.81 24.93
CA ARG B 11 3.83 -55.33 25.08
C ARG B 11 2.97 -54.98 23.87
N GLY B 12 2.85 -53.68 23.56
CA GLY B 12 2.03 -53.26 22.45
C GLY B 12 2.56 -53.44 21.04
N ALA B 13 3.79 -53.92 20.89
CA ALA B 13 4.41 -54.10 19.58
C ALA B 13 3.89 -55.41 18.98
N ASP B 14 2.74 -55.32 18.32
CA ASP B 14 2.15 -56.49 17.68
C ASP B 14 2.55 -56.63 16.23
N GLN B 15 2.53 -55.53 15.47
CA GLN B 15 2.95 -55.60 14.07
C GLN B 15 4.44 -55.85 13.95
N GLU B 16 5.24 -55.27 14.85
CA GLU B 16 6.69 -55.50 14.82
C GLU B 16 7.01 -56.98 15.03
N TYR B 17 6.29 -57.64 15.95
CA TYR B 17 6.49 -59.06 16.17
C TYR B 17 5.97 -59.88 15.00
N SER B 18 4.92 -59.41 14.33
CA SER B 18 4.41 -60.12 13.16
C SER B 18 5.45 -60.15 12.05
N ALA B 19 6.05 -59.00 11.75
CA ALA B 19 7.09 -58.96 10.73
C ALA B 19 8.31 -59.79 11.13
N PHE B 20 8.57 -59.92 12.44
CA PHE B 20 9.65 -60.78 12.88
C PHE B 20 9.36 -62.24 12.56
N ARG B 21 8.12 -62.67 12.79
CA ARG B 21 7.74 -64.04 12.48
C ARG B 21 7.69 -64.26 10.97
N VAL B 22 7.35 -63.23 10.21
CA VAL B 22 7.40 -63.32 8.75
C VAL B 22 8.84 -63.43 8.28
N GLY B 23 9.74 -62.67 8.90
CA GLY B 23 11.14 -62.68 8.47
C GLY B 23 11.78 -64.05 8.59
N MET B 24 11.43 -64.79 9.65
CA MET B 24 12.00 -66.12 9.80
C MET B 24 11.50 -67.07 8.71
N VAL B 25 10.21 -67.03 8.40
CA VAL B 25 9.66 -67.92 7.39
C VAL B 25 10.29 -67.63 6.03
N GLN B 26 10.45 -66.36 5.69
CA GLN B 26 10.99 -65.99 4.38
C GLN B 26 12.49 -66.22 4.30
N PHE B 27 13.18 -66.36 5.44
CA PHE B 27 14.63 -66.48 5.44
C PHE B 27 15.15 -67.74 6.11
N SER B 28 14.27 -68.60 6.62
CA SER B 28 14.71 -69.88 7.14
C SER B 28 15.25 -70.75 6.01
N THR B 29 16.22 -71.59 6.34
CA THR B 29 16.86 -72.47 5.38
C THR B 29 16.58 -73.92 5.75
N SER B 30 16.83 -74.81 4.78
CA SER B 30 16.74 -76.23 5.04
C SER B 30 17.96 -76.76 5.78
N GLU B 31 19.03 -75.98 5.89
CA GLU B 31 20.23 -76.38 6.60
C GLU B 31 20.33 -75.78 7.99
N PHE B 32 19.82 -74.57 8.19
CA PHE B 32 19.81 -73.96 9.52
C PHE B 32 18.62 -73.02 9.66
N ARG B 33 18.05 -72.98 10.85
CA ARG B 33 16.95 -72.09 11.19
C ARG B 33 17.22 -71.15 12.34
N LEU B 34 16.19 -70.46 12.84
CA LEU B 34 16.34 -69.51 13.94
C LEU B 34 15.37 -70.02 15.00
N THR B 35 15.86 -70.13 16.24
CA THR B 35 15.06 -70.58 17.38
C THR B 35 14.98 -69.45 18.39
N PRO B 36 13.99 -68.56 18.28
CA PRO B 36 13.91 -67.41 19.17
C PRO B 36 13.16 -67.69 20.46
N HIS B 37 13.70 -67.19 21.56
CA HIS B 37 13.01 -67.16 22.85
C HIS B 37 12.46 -65.76 23.01
N ILE B 38 11.14 -65.63 22.97
CA ILE B 38 10.47 -64.32 22.95
C ILE B 38 10.02 -63.99 24.36
N ASP B 39 10.59 -62.93 24.92
CA ASP B 39 10.23 -62.43 26.25
C ASP B 39 9.49 -61.10 26.07
N ASN B 40 8.16 -61.17 26.04
CA ASN B 40 7.36 -59.96 26.01
C ASN B 40 7.46 -59.25 27.35
N LEU B 41 7.97 -58.01 27.34
CA LEU B 41 8.25 -57.29 28.56
C LEU B 41 7.99 -55.81 28.36
N GLU B 42 7.85 -55.09 29.47
CA GLU B 42 7.74 -53.64 29.42
C GLU B 42 9.12 -53.05 29.12
N VAL B 43 9.25 -52.41 27.95
CA VAL B 43 10.56 -51.96 27.49
C VAL B 43 11.12 -50.83 28.36
N ALA B 44 10.26 -50.10 29.08
CA ALA B 44 10.73 -48.94 29.82
C ALA B 44 11.41 -49.31 31.12
N ASN B 45 10.99 -50.40 31.75
CA ASN B 45 11.54 -50.80 33.05
C ASN B 45 12.92 -51.40 32.87
N SER B 46 13.94 -50.73 33.43
CA SER B 46 15.31 -51.18 33.25
C SER B 46 15.56 -52.52 33.92
N PHE B 47 14.95 -52.74 35.08
CA PHE B 47 15.12 -54.02 35.77
C PHE B 47 14.51 -55.15 34.96
N ALA B 48 13.38 -54.91 34.29
CA ALA B 48 12.76 -55.94 33.46
C ALA B 48 13.64 -56.29 32.27
N VAL B 49 14.28 -55.28 31.67
CA VAL B 49 15.20 -55.55 30.57
C VAL B 49 16.44 -56.27 31.08
N THR B 50 16.95 -55.86 32.25
CA THR B 50 18.13 -56.51 32.81
C THR B 50 17.84 -57.97 33.17
N ASN B 51 16.69 -58.23 33.79
CA ASN B 51 16.33 -59.60 34.11
C ASN B 51 16.04 -60.42 32.86
N ALA B 52 15.52 -59.79 31.80
CA ALA B 52 15.24 -60.50 30.57
C ALA B 52 16.50 -60.74 29.75
N PHE B 53 17.44 -59.79 29.77
CA PHE B 53 18.71 -59.99 29.07
C PHE B 53 19.48 -61.15 29.66
N CYS B 54 19.49 -61.26 30.99
CA CYS B 54 20.16 -62.38 31.63
C CYS B 54 19.40 -63.69 31.44
N SER B 55 18.09 -63.61 31.22
CA SER B 55 17.32 -64.82 30.91
C SER B 55 17.74 -65.40 29.56
N GLN B 56 18.14 -64.55 28.61
CA GLN B 56 18.62 -65.03 27.33
C GLN B 56 20.07 -65.51 27.38
N PHE B 57 20.90 -64.86 28.20
CA PHE B 57 22.29 -65.26 28.29
C PHE B 57 22.44 -66.59 29.01
N SER B 58 21.63 -66.82 30.05
CA SER B 58 21.66 -68.11 30.75
C SER B 58 21.17 -69.21 29.81
N ARG B 59 20.25 -68.89 28.90
CA ARG B 59 19.79 -69.85 27.92
C ARG B 59 20.80 -70.10 26.81
N GLY B 60 21.86 -69.30 26.74
CA GLY B 60 22.92 -69.52 25.78
C GLY B 60 22.57 -69.13 24.36
N VAL B 61 22.09 -67.91 24.18
CA VAL B 61 21.76 -67.42 22.85
C VAL B 61 23.03 -66.89 22.17
N TYR B 62 23.03 -66.93 20.83
CA TYR B 62 24.15 -66.42 20.07
C TYR B 62 23.99 -64.98 19.65
N ALA B 63 22.77 -64.46 19.69
CA ALA B 63 22.49 -63.06 19.41
C ALA B 63 21.13 -62.72 20.00
N ILE B 64 20.90 -61.43 20.24
CA ILE B 64 19.65 -60.96 20.82
C ILE B 64 19.10 -59.84 19.94
N PHE B 65 17.83 -59.97 19.56
CA PHE B 65 17.10 -58.93 18.85
C PHE B 65 16.05 -58.34 19.78
N GLY B 66 16.05 -57.03 19.90
CA GLY B 66 15.11 -56.38 20.79
C GLY B 66 14.99 -54.90 20.50
N PHE B 67 14.38 -54.19 21.47
CA PHE B 67 14.19 -52.75 21.42
C PHE B 67 14.73 -52.15 22.72
N TYR B 68 14.65 -50.82 22.82
CA TYR B 68 14.97 -50.15 24.07
C TYR B 68 14.33 -48.77 24.07
N ASP B 69 14.10 -48.26 25.28
CA ASP B 69 13.55 -46.93 25.49
C ASP B 69 14.69 -45.97 25.82
N LYS B 70 14.34 -44.69 26.00
CA LYS B 70 15.32 -43.70 26.43
C LYS B 70 15.95 -44.08 27.77
N LYS B 71 15.20 -44.80 28.62
CA LYS B 71 15.69 -45.11 29.96
C LYS B 71 16.58 -46.34 29.96
N SER B 72 16.20 -47.39 29.24
CA SER B 72 16.90 -48.67 29.29
C SER B 72 17.93 -48.84 28.18
N VAL B 73 18.15 -47.81 27.35
CA VAL B 73 19.08 -47.94 26.23
C VAL B 73 20.50 -48.16 26.74
N ASN B 74 20.89 -47.44 27.80
CA ASN B 74 22.24 -47.57 28.33
C ASN B 74 22.42 -48.89 29.07
N THR B 75 21.35 -49.55 29.47
CA THR B 75 21.47 -50.87 30.09
C THR B 75 21.88 -51.92 29.08
N ILE B 76 21.29 -51.88 27.89
CA ILE B 76 21.61 -52.86 26.86
C ILE B 76 23.04 -52.67 26.36
N THR B 77 23.41 -51.42 26.05
CA THR B 77 24.70 -51.15 25.42
C THR B 77 25.86 -51.59 26.30
N SER B 78 25.80 -51.30 27.61
CA SER B 78 26.90 -51.66 28.49
C SER B 78 26.91 -53.15 28.77
N PHE B 79 25.73 -53.77 28.91
CA PHE B 79 25.67 -55.21 29.14
C PHE B 79 26.25 -55.97 27.95
N CYS B 80 26.01 -55.48 26.74
CA CYS B 80 26.56 -56.14 25.57
C CYS B 80 28.02 -55.79 25.36
N GLY B 81 28.45 -54.63 25.85
CA GLY B 81 29.84 -54.23 25.69
C GLY B 81 30.79 -55.00 26.57
N THR B 82 30.31 -55.56 27.67
CA THR B 82 31.16 -56.33 28.58
C THR B 82 31.03 -57.83 28.39
N LEU B 83 29.86 -58.31 27.98
CA LEU B 83 29.64 -59.73 27.78
C LEU B 83 29.85 -60.16 26.33
N HIS B 84 30.18 -59.23 25.44
CA HIS B 84 30.46 -59.53 24.03
C HIS B 84 29.27 -60.17 23.32
N VAL B 85 28.06 -59.90 23.81
CA VAL B 85 26.84 -60.41 23.18
C VAL B 85 26.39 -59.40 22.14
N SER B 86 26.02 -59.89 20.96
CA SER B 86 25.56 -59.02 19.90
C SER B 86 24.08 -58.69 20.08
N PHE B 87 23.74 -57.41 19.87
CA PHE B 87 22.37 -56.94 20.01
C PHE B 87 21.96 -56.21 18.74
N ILE B 88 20.78 -56.53 18.23
CA ILE B 88 20.26 -55.99 16.98
C ILE B 88 18.91 -55.34 17.26
N THR B 89 18.73 -54.10 16.82
CA THR B 89 17.56 -53.34 17.21
C THR B 89 17.12 -52.36 16.13
N PRO B 90 15.82 -52.14 15.97
CA PRO B 90 15.32 -51.06 15.12
C PRO B 90 15.01 -49.76 15.85
N SER B 91 15.37 -49.64 17.11
CA SER B 91 15.13 -48.41 17.86
C SER B 91 16.11 -47.33 17.41
N PHE B 92 16.01 -46.16 18.04
CA PHE B 92 16.80 -45.01 17.63
C PHE B 92 18.29 -45.28 17.85
N PRO B 93 19.15 -44.69 17.01
CA PRO B 93 20.59 -44.94 17.14
C PRO B 93 21.13 -44.43 18.46
N THR B 94 22.16 -45.10 18.96
CA THR B 94 22.79 -44.71 20.22
C THR B 94 23.51 -43.39 20.06
N ASP B 95 23.31 -42.49 21.02
CA ASP B 95 23.97 -41.18 21.02
C ASP B 95 25.44 -41.38 21.35
N GLY B 96 26.19 -41.84 20.35
CA GLY B 96 27.60 -42.11 20.50
C GLY B 96 27.94 -43.41 19.81
N THR B 97 29.14 -43.91 20.12
CA THR B 97 29.67 -45.13 19.51
C THR B 97 29.72 -46.22 20.58
N HIS B 98 28.83 -47.20 20.46
CA HIS B 98 28.74 -48.30 21.40
C HIS B 98 28.92 -49.62 20.66
N PRO B 99 29.86 -50.46 21.06
CA PRO B 99 30.13 -51.71 20.34
C PRO B 99 29.07 -52.77 20.64
N PHE B 100 29.07 -53.80 19.79
CA PHE B 100 28.14 -54.93 19.89
C PHE B 100 26.68 -54.48 19.82
N VAL B 101 26.42 -53.39 19.09
CA VAL B 101 25.07 -52.90 18.87
C VAL B 101 24.87 -52.76 17.36
N ILE B 102 23.77 -53.32 16.86
CA ILE B 102 23.45 -53.28 15.44
C ILE B 102 22.15 -52.50 15.29
N GLN B 103 22.27 -51.22 14.97
CA GLN B 103 21.12 -50.32 14.90
C GLN B 103 20.57 -50.32 13.48
N MET B 104 19.41 -50.96 13.28
CA MET B 104 18.81 -50.99 11.96
C MET B 104 18.26 -49.65 11.54
N ARG B 105 17.94 -48.77 12.48
CA ARG B 105 17.37 -47.48 12.14
C ARG B 105 18.47 -46.53 11.67
N PRO B 106 18.38 -45.98 10.47
CA PRO B 106 19.39 -45.01 10.02
C PRO B 106 19.27 -43.69 10.75
N ASP B 107 20.34 -42.90 10.67
CA ASP B 107 20.40 -41.62 11.36
C ASP B 107 19.51 -40.61 10.67
N LEU B 108 18.40 -40.24 11.31
CA LEU B 108 17.46 -39.30 10.71
C LEU B 108 17.88 -37.85 10.90
N LYS B 109 18.59 -37.56 12.00
CA LYS B 109 18.96 -36.18 12.31
C LYS B 109 19.76 -35.54 11.18
N GLY B 110 20.62 -36.32 10.52
CA GLY B 110 21.33 -35.80 9.36
C GLY B 110 20.39 -35.45 8.23
N ALA B 111 19.32 -36.22 8.05
CA ALA B 111 18.37 -35.95 6.97
C ALA B 111 17.45 -34.78 7.31
N LEU B 112 17.09 -34.60 8.58
CA LEU B 112 16.21 -33.50 8.94
C LEU B 112 16.94 -32.16 8.82
N LEU B 113 18.22 -32.12 9.18
CA LEU B 113 18.98 -30.88 9.05
C LEU B 113 19.09 -30.45 7.59
N SER B 114 19.12 -31.42 6.66
CA SER B 114 19.20 -31.07 5.25
C SER B 114 17.86 -30.56 4.71
N LEU B 115 16.75 -31.16 5.18
CA LEU B 115 15.44 -30.73 4.68
C LEU B 115 15.11 -29.32 5.14
N ILE B 116 15.55 -28.91 6.33
CA ILE B 116 15.32 -27.55 6.78
C ILE B 116 16.09 -26.57 5.91
N GLU B 117 17.24 -26.99 5.35
CA GLU B 117 18.00 -26.10 4.49
C GLU B 117 17.33 -25.94 3.12
N TYR B 118 16.78 -27.03 2.59
CA TYR B 118 16.17 -26.96 1.26
C TYR B 118 14.98 -26.00 1.25
N TYR B 119 14.15 -26.04 2.29
CA TYR B 119 13.02 -25.14 2.39
C TYR B 119 13.42 -23.73 2.80
N GLN B 120 14.68 -23.52 3.18
CA GLN B 120 15.19 -22.21 3.59
C GLN B 120 14.35 -21.63 4.74
N TRP B 121 14.33 -22.38 5.84
CA TRP B 121 13.59 -21.96 7.03
C TRP B 121 14.51 -21.16 7.95
N ASP B 122 13.97 -20.06 8.48
CA ASP B 122 14.68 -19.20 9.42
C ASP B 122 14.17 -19.32 10.84
N LYS B 123 12.86 -19.26 11.04
CA LYS B 123 12.26 -19.45 12.36
C LYS B 123 11.11 -20.44 12.21
N PHE B 124 11.07 -21.44 13.08
CA PHE B 124 10.05 -22.48 13.00
C PHE B 124 9.84 -23.07 14.38
N ALA B 125 8.74 -23.80 14.51
CA ALA B 125 8.39 -24.49 15.75
C ALA B 125 8.83 -25.95 15.67
N TYR B 126 9.46 -26.43 16.73
CA TYR B 126 9.95 -27.81 16.80
C TYR B 126 9.24 -28.50 17.97
N LEU B 127 8.25 -29.32 17.66
CA LEU B 127 7.54 -30.08 18.68
C LEU B 127 8.22 -31.42 18.89
N TYR B 128 8.44 -31.80 20.15
CA TYR B 128 9.13 -33.03 20.48
C TYR B 128 8.52 -33.62 21.74
N ASP B 129 8.76 -34.91 21.95
CA ASP B 129 8.35 -35.60 23.16
C ASP B 129 9.58 -36.21 23.82
N SER B 130 9.72 -35.98 25.13
CA SER B 130 10.89 -36.47 25.85
C SER B 130 10.91 -37.99 25.97
N ASP B 131 9.76 -38.65 25.76
CA ASP B 131 9.73 -40.10 25.80
C ASP B 131 10.54 -40.78 24.69
N ARG B 132 10.33 -40.36 23.45
CA ARG B 132 11.14 -40.85 22.34
C ARG B 132 12.59 -40.36 22.40
N GLY B 133 12.80 -39.28 23.13
CA GLY B 133 14.09 -38.63 23.31
C GLY B 133 14.22 -37.22 22.78
N LEU B 134 15.46 -36.79 22.61
CA LEU B 134 15.73 -35.46 22.09
C LEU B 134 17.09 -35.38 21.38
N SER B 135 17.61 -36.52 20.94
CA SER B 135 18.84 -36.50 20.14
C SER B 135 18.73 -35.64 18.89
N THR B 136 17.59 -35.71 18.20
CA THR B 136 17.37 -34.85 17.03
C THR B 136 17.10 -33.41 17.46
N LEU B 137 16.45 -33.21 18.60
CA LEU B 137 16.25 -31.86 19.11
C LEU B 137 17.58 -31.19 19.41
N GLN B 138 18.53 -31.93 19.99
CA GLN B 138 19.86 -31.38 20.21
C GLN B 138 20.54 -31.05 18.89
N ALA B 139 20.25 -31.82 17.83
CA ALA B 139 20.89 -31.57 16.54
C ALA B 139 20.41 -30.26 15.92
N VAL B 140 19.10 -30.00 15.96
CA VAL B 140 18.58 -28.74 15.42
C VAL B 140 18.91 -27.57 16.33
N LEU B 141 19.19 -27.82 17.61
CA LEU B 141 19.59 -26.73 18.49
C LEU B 141 21.07 -26.41 18.35
N ASP B 142 21.91 -27.43 18.14
CA ASP B 142 23.33 -27.19 17.92
C ASP B 142 23.56 -26.43 16.63
N SER B 143 22.78 -26.72 15.59
CA SER B 143 22.87 -26.01 14.33
C SER B 143 22.05 -24.73 14.30
N ALA B 144 21.23 -24.48 15.32
CA ALA B 144 20.45 -23.24 15.37
C ALA B 144 21.36 -22.02 15.47
N ALA B 145 22.51 -22.16 16.13
CA ALA B 145 23.46 -21.05 16.21
C ALA B 145 24.33 -20.99 14.97
N GLU B 146 24.76 -22.14 14.45
CA GLU B 146 25.66 -22.17 13.31
C GLU B 146 24.99 -21.64 12.03
N LYS B 147 23.68 -21.84 11.90
CA LYS B 147 22.97 -21.47 10.69
C LYS B 147 21.87 -20.44 10.96
N LYS B 148 21.89 -19.81 12.13
CA LYS B 148 20.97 -18.72 12.46
C LYS B 148 19.51 -19.13 12.34
N TRP B 149 19.00 -19.88 13.32
CA TRP B 149 17.62 -20.31 13.35
C TRP B 149 16.97 -19.88 14.67
N GLN B 150 15.72 -19.43 14.59
CA GLN B 150 14.95 -19.07 15.78
C GLN B 150 13.96 -20.20 16.06
N VAL B 151 14.45 -21.24 16.70
CA VAL B 151 13.65 -22.42 16.99
C VAL B 151 12.82 -22.18 18.23
N THR B 152 11.53 -22.47 18.14
CA THR B 152 10.60 -22.37 19.27
C THR B 152 10.27 -23.79 19.71
N ALA B 153 11.20 -24.40 20.44
CA ALA B 153 11.07 -25.78 20.85
C ALA B 153 10.00 -25.92 21.93
N ILE B 154 9.07 -26.86 21.74
CA ILE B 154 8.00 -27.12 22.68
C ILE B 154 7.99 -28.60 23.00
N ASN B 155 8.04 -28.93 24.30
CA ASN B 155 7.96 -30.31 24.74
C ASN B 155 6.49 -30.71 24.84
N VAL B 156 6.03 -31.53 23.89
CA VAL B 156 4.65 -32.00 23.86
C VAL B 156 4.51 -33.38 24.49
N GLY B 157 5.56 -33.88 25.15
CA GLY B 157 5.56 -35.22 25.70
C GLY B 157 4.64 -35.43 26.88
N ASN B 158 5.03 -34.91 28.05
CA ASN B 158 4.28 -35.13 29.28
C ASN B 158 2.96 -34.37 29.26
N ILE B 159 1.92 -34.98 28.69
CA ILE B 159 0.58 -34.41 28.67
C ILE B 159 -0.42 -35.52 29.00
N ASN B 160 -1.45 -35.17 29.76
CA ASN B 160 -2.46 -36.14 30.14
C ASN B 160 -3.48 -36.32 29.03
N ASN B 161 -4.12 -37.48 29.00
CA ASN B 161 -5.03 -37.84 27.93
C ASN B 161 -6.44 -37.30 28.12
N ASP B 162 -6.80 -36.85 29.32
CA ASP B 162 -8.09 -36.21 29.55
C ASP B 162 -8.04 -34.70 29.34
N LYS B 163 -6.86 -34.14 29.07
CA LYS B 163 -6.69 -32.72 28.80
C LYS B 163 -6.10 -32.46 27.42
N LYS B 164 -6.27 -33.41 26.49
CA LYS B 164 -5.69 -33.25 25.16
C LYS B 164 -6.32 -32.08 24.42
N ASP B 165 -7.64 -31.93 24.50
CA ASP B 165 -8.32 -30.86 23.78
C ASP B 165 -8.02 -29.49 24.40
N GLU B 166 -7.75 -29.45 25.71
CA GLU B 166 -7.47 -28.19 26.39
C GLU B 166 -6.01 -27.77 26.27
N THR B 167 -5.09 -28.72 26.22
CA THR B 167 -3.67 -28.38 26.13
C THR B 167 -3.23 -28.14 24.70
N TYR B 168 -3.73 -28.95 23.76
CA TYR B 168 -3.35 -28.76 22.36
C TYR B 168 -3.87 -27.44 21.80
N ARG B 169 -5.13 -27.10 22.10
CA ARG B 169 -5.65 -25.81 21.67
C ARG B 169 -4.92 -24.67 22.36
N SER B 170 -4.49 -24.85 23.60
CA SER B 170 -3.68 -23.85 24.28
C SER B 170 -2.25 -23.83 23.79
N LEU B 171 -1.79 -24.93 23.17
CA LEU B 171 -0.44 -24.96 22.62
C LEU B 171 -0.30 -24.02 21.43
N PHE B 172 -1.23 -24.12 20.47
CA PHE B 172 -1.17 -23.26 19.29
C PHE B 172 -1.54 -21.82 19.60
N GLN B 173 -2.02 -21.52 20.81
CA GLN B 173 -2.16 -20.13 21.24
C GLN B 173 -0.79 -19.51 21.50
N ASP B 174 0.13 -20.27 22.09
CA ASP B 174 1.49 -19.80 22.27
C ASP B 174 2.26 -19.80 20.96
N LEU B 175 1.89 -20.66 20.01
CA LEU B 175 2.46 -20.66 18.67
C LEU B 175 1.89 -19.55 17.80
N GLU B 176 0.99 -18.73 18.33
CA GLU B 176 0.44 -17.59 17.60
C GLU B 176 1.03 -16.26 18.05
N LEU B 177 1.80 -16.24 19.14
CA LEU B 177 2.43 -15.02 19.59
C LEU B 177 3.43 -14.50 18.56
N LYS B 178 4.22 -15.40 17.97
CA LYS B 178 5.17 -15.05 16.93
C LYS B 178 4.61 -15.31 15.54
N LYS B 179 3.33 -15.68 15.43
CA LYS B 179 2.71 -16.05 14.16
C LYS B 179 3.45 -17.24 13.53
N GLU B 180 3.62 -18.30 14.30
CA GLU B 180 4.28 -19.49 13.80
C GLU B 180 3.47 -20.18 12.71
N ARG B 181 4.10 -20.43 11.57
CA ARG B 181 3.45 -21.07 10.45
C ARG B 181 4.28 -22.26 9.97
N ARG B 182 5.48 -22.44 10.51
CA ARG B 182 6.33 -23.58 10.16
C ARG B 182 6.67 -24.48 11.34
N VAL B 183 6.13 -25.70 11.32
CA VAL B 183 6.21 -26.62 12.45
C VAL B 183 6.81 -27.95 12.04
N ILE B 184 7.72 -28.47 12.87
CA ILE B 184 8.31 -29.79 12.70
C ILE B 184 7.71 -30.71 13.74
N LEU B 185 7.21 -31.87 13.31
CA LEU B 185 6.62 -32.86 14.21
C LEU B 185 7.61 -34.00 14.38
N ASP B 186 8.38 -33.95 15.47
CA ASP B 186 9.34 -35.00 15.79
C ASP B 186 8.76 -35.90 16.88
N CYS B 187 7.77 -36.69 16.48
CA CYS B 187 7.03 -37.53 17.40
C CYS B 187 6.88 -38.92 16.80
N GLU B 188 6.25 -39.81 17.56
CA GLU B 188 5.91 -41.14 17.08
C GLU B 188 4.75 -41.04 16.08
N ARG B 189 4.52 -42.15 15.36
CA ARG B 189 3.41 -42.18 14.41
C ARG B 189 2.07 -41.96 15.11
N ASP B 190 1.86 -42.62 16.25
CA ASP B 190 0.60 -42.49 16.94
C ASP B 190 0.38 -41.07 17.47
N LYS B 191 1.46 -40.41 17.90
CA LYS B 191 1.34 -39.05 18.42
C LYS B 191 1.20 -38.02 17.31
N VAL B 192 1.69 -38.32 16.11
CA VAL B 192 1.50 -37.39 15.00
C VAL B 192 0.03 -37.30 14.64
N ASN B 193 -0.65 -38.44 14.52
CA ASN B 193 -2.08 -38.43 14.23
C ASN B 193 -2.87 -37.67 15.28
N ASP B 194 -2.43 -37.71 16.54
CA ASP B 194 -3.09 -36.92 17.56
C ASP B 194 -2.88 -35.43 17.32
N ILE B 195 -1.66 -35.03 16.95
CA ILE B 195 -1.42 -33.62 16.62
C ILE B 195 -2.13 -33.25 15.33
N VAL B 196 -2.09 -34.14 14.34
CA VAL B 196 -2.74 -33.86 13.05
C VAL B 196 -4.23 -33.58 13.26
N ASP B 197 -4.90 -34.40 14.09
CA ASP B 197 -6.34 -34.25 14.27
C ASP B 197 -6.68 -32.88 14.87
N GLN B 198 -5.93 -32.45 15.88
CA GLN B 198 -6.26 -31.19 16.53
C GLN B 198 -5.86 -30.00 15.67
N VAL B 199 -4.88 -30.18 14.78
CA VAL B 199 -4.56 -29.13 13.82
C VAL B 199 -5.75 -28.86 12.90
N ILE B 200 -6.46 -29.91 12.51
CA ILE B 200 -7.61 -29.76 11.63
C ILE B 200 -8.79 -29.13 12.37
N THR B 201 -8.95 -29.44 13.66
CA THR B 201 -10.07 -28.91 14.41
C THR B 201 -9.96 -27.39 14.57
N ILE B 202 -8.76 -26.89 14.87
CA ILE B 202 -8.58 -25.44 14.99
C ILE B 202 -8.41 -24.76 13.65
N GLY B 203 -8.14 -25.53 12.59
CA GLY B 203 -8.03 -24.97 11.26
C GLY B 203 -6.66 -24.41 10.90
N LYS B 204 -5.60 -24.96 11.46
CA LYS B 204 -4.24 -24.51 11.12
C LYS B 204 -3.59 -25.42 10.09
N HIS B 205 -4.33 -25.71 9.01
CA HIS B 205 -3.82 -26.56 7.95
C HIS B 205 -4.21 -26.04 6.57
N VAL B 206 -4.56 -24.76 6.46
CA VAL B 206 -4.96 -24.18 5.18
C VAL B 206 -3.73 -23.67 4.44
N LYS B 207 -3.95 -22.96 3.34
CA LYS B 207 -2.85 -22.44 2.53
C LYS B 207 -2.04 -21.42 3.31
N GLY B 208 -0.84 -21.81 3.74
CA GLY B 208 0.02 -20.94 4.51
C GLY B 208 0.94 -21.67 5.45
N TYR B 209 0.43 -22.72 6.10
CA TYR B 209 1.22 -23.51 7.03
C TYR B 209 2.02 -24.54 6.25
N HIS B 210 3.01 -25.14 6.94
CA HIS B 210 3.90 -26.11 6.32
C HIS B 210 4.48 -26.94 7.45
N TYR B 211 4.18 -28.25 7.44
CA TYR B 211 4.60 -29.14 8.50
C TYR B 211 5.63 -30.13 7.97
N ILE B 212 6.47 -30.63 8.88
CA ILE B 212 7.48 -31.64 8.56
C ILE B 212 7.35 -32.76 9.60
N ILE B 213 7.00 -33.96 9.13
CA ILE B 213 6.87 -35.12 10.00
C ILE B 213 8.27 -35.74 10.11
N ALA B 214 8.94 -35.52 11.24
CA ALA B 214 10.33 -35.94 11.42
C ALA B 214 10.37 -37.37 11.96
N ASN B 215 9.99 -38.30 11.09
CA ASN B 215 10.16 -39.72 11.37
C ASN B 215 10.34 -40.46 10.05
N LEU B 216 10.87 -41.66 10.14
CA LEU B 216 11.10 -42.46 8.94
C LEU B 216 9.82 -43.10 8.40
N GLY B 217 8.67 -42.82 9.00
CA GLY B 217 7.42 -43.37 8.53
C GLY B 217 6.41 -42.30 8.13
N PHE B 218 6.57 -41.74 6.93
CA PHE B 218 5.65 -40.69 6.48
C PHE B 218 4.35 -41.30 5.96
N THR B 219 4.45 -42.36 5.16
CA THR B 219 3.26 -43.02 4.64
C THR B 219 2.69 -44.06 5.60
N ASP B 220 3.27 -44.20 6.80
CA ASP B 220 2.77 -45.19 7.75
C ASP B 220 1.52 -44.69 8.45
N GLY B 221 1.54 -43.45 8.94
CA GLY B 221 0.38 -42.89 9.58
C GLY B 221 -0.69 -42.44 8.60
N ASP B 222 -1.89 -42.20 9.13
CA ASP B 222 -2.99 -41.72 8.30
C ASP B 222 -2.72 -40.24 8.10
N LEU B 223 -2.69 -39.81 6.84
CA LEU B 223 -2.50 -38.47 6.40
C LEU B 223 -3.33 -37.77 5.18
N LEU B 224 -4.34 -38.57 4.84
CA LEU B 224 -5.30 -38.22 3.81
C LEU B 224 -6.07 -37.13 4.54
N LYS B 225 -5.96 -37.05 5.87
CA LYS B 225 -6.73 -36.08 6.63
C LYS B 225 -6.33 -34.65 6.28
N ILE B 226 -5.03 -34.40 6.14
CA ILE B 226 -4.52 -33.08 5.80
C ILE B 226 -4.06 -33.02 4.34
N GLN B 227 -4.54 -33.95 3.52
CA GLN B 227 -4.10 -34.00 2.13
C GLN B 227 -4.70 -32.88 1.30
N PHE B 228 -5.91 -32.42 1.64
CA PHE B 228 -6.62 -31.40 0.89
C PHE B 228 -6.74 -30.08 1.64
N GLY B 229 -6.11 -29.96 2.80
CA GLY B 229 -6.24 -28.74 3.57
C GLY B 229 -5.60 -27.53 2.90
N GLY B 230 -4.52 -27.76 2.15
CA GLY B 230 -3.79 -26.71 1.47
C GLY B 230 -2.40 -26.47 2.02
N ALA B 231 -2.18 -26.77 3.29
CA ALA B 231 -0.86 -26.61 3.87
C ALA B 231 0.08 -27.69 3.37
N GLU B 232 1.32 -27.32 3.09
CA GLU B 232 2.31 -28.28 2.63
C GLU B 232 2.79 -29.14 3.79
N VAL B 233 2.88 -30.44 3.54
CA VAL B 233 3.32 -31.41 4.54
C VAL B 233 4.45 -32.22 3.94
N SER B 234 5.61 -32.18 4.59
CA SER B 234 6.77 -32.95 4.18
C SER B 234 6.99 -34.10 5.17
N GLY B 235 7.93 -34.96 4.83
CA GLY B 235 8.25 -36.07 5.71
C GLY B 235 9.38 -36.90 5.13
N PHE B 236 9.60 -38.05 5.77
CA PHE B 236 10.66 -38.96 5.36
C PHE B 236 10.11 -40.38 5.28
N GLN B 237 10.58 -41.14 4.30
CA GLN B 237 10.15 -42.52 4.11
C GLN B 237 11.38 -43.39 3.93
N ILE B 238 11.50 -44.43 4.75
CA ILE B 238 12.58 -45.39 4.60
C ILE B 238 12.10 -46.67 3.93
N VAL B 239 10.82 -46.97 4.02
CA VAL B 239 10.22 -48.13 3.35
C VAL B 239 9.63 -47.62 2.05
N ASP B 240 10.44 -47.64 0.99
CA ASP B 240 10.01 -47.14 -0.32
C ASP B 240 9.09 -48.16 -0.97
N TYR B 241 7.79 -47.91 -0.91
CA TYR B 241 6.81 -48.81 -1.52
C TYR B 241 6.93 -48.85 -3.04
N ASP B 242 7.75 -47.98 -3.64
CA ASP B 242 7.95 -47.99 -5.08
C ASP B 242 8.95 -49.05 -5.52
N ASP B 243 9.81 -49.53 -4.62
CA ASP B 243 10.76 -50.57 -4.96
C ASP B 243 10.03 -51.89 -5.21
N SER B 244 10.57 -52.66 -6.17
CA SER B 244 9.93 -53.92 -6.54
C SER B 244 10.02 -54.95 -5.41
N LEU B 245 11.06 -54.89 -4.59
CA LEU B 245 11.21 -55.85 -3.50
C LEU B 245 10.10 -55.66 -2.46
N VAL B 246 9.73 -54.41 -2.18
CA VAL B 246 8.66 -54.15 -1.23
C VAL B 246 7.31 -54.51 -1.82
N SER B 247 7.14 -54.32 -3.13
CA SER B 247 5.87 -54.66 -3.77
C SER B 247 5.60 -56.15 -3.67
N LYS B 248 6.62 -56.98 -3.88
CA LYS B 248 6.46 -58.42 -3.68
C LYS B 248 6.18 -58.75 -2.22
N PHE B 249 6.61 -57.87 -1.31
CA PHE B 249 6.35 -58.09 0.11
C PHE B 249 4.94 -57.66 0.49
N ILE B 250 4.48 -56.51 -0.02
CA ILE B 250 3.16 -56.00 0.33
C ILE B 250 2.08 -56.94 -0.18
N GLU B 251 2.26 -57.49 -1.39
CA GLU B 251 1.25 -58.37 -1.96
C GLU B 251 0.97 -59.56 -1.05
N ARG B 252 2.02 -60.13 -0.46
CA ARG B 252 1.82 -61.21 0.50
C ARG B 252 1.43 -60.67 1.88
N TRP B 253 1.93 -59.49 2.24
CA TRP B 253 1.60 -58.90 3.54
C TRP B 253 0.10 -58.63 3.64
N SER B 254 -0.44 -57.86 2.70
CA SER B 254 -1.87 -57.54 2.69
C SER B 254 -2.75 -58.75 2.44
N THR B 255 -2.16 -59.94 2.26
CA THR B 255 -2.93 -61.17 2.07
C THR B 255 -2.95 -62.05 3.32
N LEU B 256 -2.06 -61.80 4.28
CA LEU B 256 -2.00 -62.62 5.47
C LEU B 256 -3.26 -62.45 6.32
N GLU B 257 -3.62 -63.53 7.02
CA GLU B 257 -4.79 -63.50 7.88
C GLU B 257 -4.53 -62.66 9.12
N GLU B 258 -5.40 -61.70 9.38
CA GLU B 258 -5.19 -60.78 10.49
C GLU B 258 -5.35 -61.46 11.84
N LYS B 259 -6.05 -62.59 11.90
CA LYS B 259 -6.16 -63.32 13.16
C LYS B 259 -4.81 -63.92 13.58
N GLU B 260 -3.99 -64.34 12.62
CA GLU B 260 -2.70 -64.91 12.94
C GLU B 260 -1.66 -63.82 13.23
N TYR B 261 -1.41 -62.94 12.25
CA TYR B 261 -0.48 -61.85 12.42
C TYR B 261 -1.25 -60.57 12.65
N PRO B 262 -1.33 -60.06 13.88
CA PRO B 262 -2.12 -58.85 14.13
C PRO B 262 -1.49 -57.63 13.48
N GLY B 263 -2.35 -56.78 12.92
CA GLY B 263 -1.88 -55.56 12.28
C GLY B 263 -1.02 -55.81 11.06
N ALA B 264 -1.42 -56.76 10.22
CA ALA B 264 -0.62 -57.12 9.05
C ALA B 264 -1.32 -57.27 7.70
N HIS B 265 -2.64 -57.16 7.66
CA HIS B 265 -3.38 -57.35 6.41
C HIS B 265 -3.63 -56.05 5.62
N THR B 266 -2.90 -55.01 5.99
CA THR B 266 -3.05 -53.70 5.37
C THR B 266 -1.98 -53.68 4.28
N ALA B 267 -2.00 -52.63 3.46
CA ALA B 267 -1.04 -52.48 2.37
C ALA B 267 0.18 -51.66 2.77
N THR B 268 0.20 -51.10 3.97
CA THR B 268 1.34 -50.33 4.46
C THR B 268 1.93 -51.00 5.69
N ILE B 269 3.23 -50.85 5.86
CA ILE B 269 3.96 -51.44 6.97
C ILE B 269 4.76 -50.33 7.67
N LYS B 270 4.76 -50.36 8.99
CA LYS B 270 5.48 -49.36 9.76
C LYS B 270 6.98 -49.42 9.46
N TYR B 271 7.66 -48.31 9.70
CA TYR B 271 9.11 -48.30 9.52
C TYR B 271 9.82 -49.05 10.64
N THR B 272 9.20 -49.10 11.83
CA THR B 272 9.74 -49.96 12.89
C THR B 272 9.52 -51.43 12.58
N SER B 273 8.36 -51.76 12.00
CA SER B 273 8.07 -53.14 11.67
C SER B 273 8.90 -53.61 10.48
N ALA B 274 9.11 -52.73 9.50
CA ALA B 274 9.89 -53.11 8.32
C ALA B 274 11.34 -53.37 8.67
N LEU B 275 11.92 -52.53 9.54
CA LEU B 275 13.30 -52.76 9.97
C LEU B 275 13.43 -54.06 10.74
N THR B 276 12.34 -54.51 11.37
CA THR B 276 12.35 -55.82 12.03
C THR B 276 12.50 -56.93 11.02
N TYR B 277 11.76 -56.86 9.92
CA TYR B 277 11.87 -57.87 8.87
C TYR B 277 13.27 -57.87 8.25
N ASP B 278 13.79 -56.67 7.94
CA ASP B 278 15.14 -56.57 7.42
C ASP B 278 16.20 -56.99 8.42
N ALA B 279 15.88 -56.93 9.72
CA ALA B 279 16.84 -57.36 10.73
C ALA B 279 17.08 -58.87 10.65
N VAL B 280 16.01 -59.65 10.44
CA VAL B 280 16.15 -61.09 10.35
C VAL B 280 17.05 -61.49 9.19
N GLN B 281 16.98 -60.73 8.09
CA GLN B 281 17.84 -61.01 6.95
C GLN B 281 19.31 -60.82 7.31
N VAL B 282 19.61 -59.81 8.14
CA VAL B 282 20.99 -59.58 8.56
C VAL B 282 21.46 -60.71 9.46
N MET B 283 20.59 -61.20 10.33
CA MET B 283 20.98 -62.27 11.24
C MET B 283 21.23 -63.58 10.49
N THR B 284 20.35 -63.90 9.53
CA THR B 284 20.54 -65.12 8.77
C THR B 284 21.81 -65.08 7.93
N GLU B 285 22.07 -63.94 7.28
CA GLU B 285 23.27 -63.81 6.46
C GLU B 285 24.55 -63.76 7.30
N ALA B 286 24.45 -63.38 8.57
CA ALA B 286 25.63 -63.36 9.43
C ALA B 286 26.06 -64.78 9.79
N PHE B 287 25.12 -65.58 10.32
CA PHE B 287 25.45 -66.96 10.68
C PHE B 287 25.77 -67.79 9.45
N ARG B 288 25.19 -67.44 8.29
CA ARG B 288 25.52 -68.16 7.07
C ARG B 288 26.95 -67.89 6.64
N ASN B 289 27.41 -66.64 6.78
CA ASN B 289 28.80 -66.32 6.44
C ASN B 289 29.76 -66.94 7.45
N LEU B 290 29.34 -67.09 8.71
CA LEU B 290 30.18 -67.79 9.68
C LEU B 290 30.37 -69.24 9.28
N ARG B 291 29.31 -69.89 8.80
CA ARG B 291 29.45 -71.26 8.30
C ARG B 291 30.24 -71.29 7.00
N LYS B 292 30.26 -70.18 6.27
CA LYS B 292 31.00 -70.12 5.01
C LYS B 292 32.49 -69.86 5.24
N GLN B 293 32.81 -68.94 6.15
CA GLN B 293 34.20 -68.60 6.43
C GLN B 293 34.91 -69.65 7.29
N ARG B 294 34.23 -70.76 7.60
CA ARG B 294 34.86 -71.96 8.17
C ARG B 294 35.42 -71.67 9.56
N ILE B 295 34.52 -71.30 10.48
CA ILE B 295 34.85 -71.15 11.89
C ILE B 295 33.60 -71.51 12.70
N GLU B 296 33.83 -72.01 13.91
CA GLU B 296 32.75 -72.49 14.75
C GLU B 296 32.40 -71.47 15.83
N ILE B 297 31.12 -71.42 16.17
CA ILE B 297 30.59 -70.50 17.18
C ILE B 297 29.84 -71.25 18.27
N SER B 298 29.94 -72.57 18.32
CA SER B 298 29.23 -73.35 19.32
C SER B 298 29.78 -73.08 20.71
N ARG B 299 28.90 -73.17 21.71
CA ARG B 299 29.27 -72.85 23.08
C ARG B 299 29.98 -74.02 23.75
N ARG B 300 30.83 -73.70 24.72
CA ARG B 300 31.54 -74.75 25.46
C ARG B 300 30.60 -75.43 26.46
N GLY B 301 29.81 -74.64 27.19
CA GLY B 301 28.88 -75.18 28.15
C GLY B 301 27.85 -74.15 28.58
N ASN B 302 27.42 -74.22 29.84
CA ASN B 302 26.48 -73.25 30.37
C ASN B 302 27.15 -71.89 30.50
N ALA B 303 26.49 -70.86 29.96
CA ALA B 303 27.01 -69.50 30.10
C ALA B 303 26.99 -69.03 31.54
N GLY B 304 26.17 -69.65 32.39
CA GLY B 304 26.13 -69.29 33.80
C GLY B 304 25.36 -68.00 34.05
N ASP B 305 25.72 -67.33 35.13
CA ASP B 305 25.05 -66.11 35.56
C ASP B 305 25.70 -64.91 34.89
N CYS B 306 24.87 -63.96 34.44
CA CYS B 306 25.40 -62.78 33.78
C CYS B 306 26.25 -61.94 34.71
N LEU B 307 25.98 -62.01 36.02
CA LEU B 307 26.71 -61.20 36.98
C LEU B 307 27.94 -61.97 37.44
N ALA B 308 28.54 -62.73 36.53
CA ALA B 308 29.72 -63.52 36.87
C ALA B 308 30.87 -62.60 37.25
N ASN B 309 31.53 -62.92 38.36
CA ASN B 309 32.67 -62.14 38.83
C ASN B 309 33.93 -63.02 38.89
N PRO B 310 34.96 -62.67 38.09
CA PRO B 310 35.00 -61.53 37.16
C PRO B 310 34.15 -61.74 35.92
N ALA B 311 33.78 -60.65 35.24
CA ALA B 311 32.98 -60.73 34.03
C ALA B 311 33.72 -61.51 32.95
N VAL B 312 33.20 -62.69 32.61
CA VAL B 312 33.84 -63.59 31.65
C VAL B 312 33.12 -63.41 30.30
N PRO B 313 33.73 -62.72 29.34
CA PRO B 313 33.11 -62.63 28.00
C PRO B 313 33.61 -63.71 27.06
N TRP B 314 32.71 -64.41 26.38
CA TRP B 314 33.11 -65.48 25.49
C TRP B 314 33.88 -64.93 24.30
N GLY B 315 34.82 -65.73 23.78
CA GLY B 315 35.70 -65.24 22.74
C GLY B 315 35.04 -65.20 21.38
N GLN B 316 34.21 -66.20 21.08
CA GLN B 316 33.56 -66.27 19.79
C GLN B 316 32.50 -65.20 19.61
N GLY B 317 32.16 -64.44 20.67
CA GLY B 317 31.21 -63.36 20.51
C GLY B 317 31.72 -62.23 19.64
N VAL B 318 33.04 -62.03 19.62
CA VAL B 318 33.61 -60.99 18.78
C VAL B 318 33.60 -61.39 17.31
N GLU B 319 33.54 -62.69 17.01
CA GLU B 319 33.40 -63.13 15.63
C GLU B 319 31.98 -62.90 15.12
N ILE B 320 30.98 -63.02 16.00
CA ILE B 320 29.61 -62.76 15.61
C ILE B 320 29.42 -61.27 15.32
N GLU B 321 30.11 -60.42 16.08
CA GLU B 321 30.02 -58.98 15.82
C GLU B 321 30.64 -58.63 14.48
N ARG B 322 31.78 -59.25 14.14
CA ARG B 322 32.41 -58.97 12.86
C ARG B 322 31.55 -59.46 11.70
N ALA B 323 30.81 -60.56 11.88
CA ALA B 323 29.97 -61.07 10.81
C ALA B 323 28.74 -60.18 10.60
N LEU B 324 28.14 -59.71 11.70
CA LEU B 324 26.93 -58.89 11.59
C LEU B 324 27.22 -57.57 10.89
N LYS B 325 28.32 -56.92 11.25
CA LYS B 325 28.61 -55.59 10.68
C LYS B 325 29.13 -55.67 9.25
N GLN B 326 29.53 -56.86 8.80
CA GLN B 326 29.96 -57.05 7.43
C GLN B 326 28.84 -57.52 6.51
N VAL B 327 27.64 -57.73 7.05
CA VAL B 327 26.50 -58.10 6.22
C VAL B 327 26.08 -56.91 5.38
N GLN B 328 25.90 -57.14 4.07
CA GLN B 328 25.43 -56.11 3.16
C GLN B 328 24.39 -56.74 2.23
N VAL B 329 23.11 -56.58 2.59
CA VAL B 329 22.02 -57.12 1.80
C VAL B 329 21.07 -55.99 1.44
N GLU B 330 20.05 -56.30 0.65
CA GLU B 330 19.02 -55.34 0.25
C GLU B 330 17.69 -55.76 0.86
N GLY B 331 17.01 -54.81 1.49
CA GLY B 331 15.75 -55.09 2.14
C GLY B 331 14.72 -53.99 1.97
N LEU B 332 13.75 -53.94 2.88
CA LEU B 332 12.69 -52.93 2.79
C LEU B 332 13.20 -51.53 3.03
N SER B 333 14.32 -51.37 3.75
CA SER B 333 14.89 -50.07 4.05
C SER B 333 15.93 -49.63 3.02
N GLY B 334 16.00 -50.30 1.87
CA GLY B 334 17.00 -49.97 0.88
C GLY B 334 18.31 -50.69 1.13
N ASN B 335 19.41 -50.10 0.68
CA ASN B 335 20.72 -50.70 0.89
C ASN B 335 21.06 -50.71 2.37
N ILE B 336 21.45 -51.86 2.89
CA ILE B 336 21.71 -52.06 4.31
C ILE B 336 23.17 -52.49 4.45
N LYS B 337 23.98 -51.65 5.07
CA LYS B 337 25.34 -52.02 5.45
C LYS B 337 25.74 -51.21 6.67
N PHE B 338 26.63 -51.79 7.47
CA PHE B 338 27.02 -51.20 8.74
C PHE B 338 28.50 -50.86 8.75
N ASP B 339 28.88 -49.96 9.64
CA ASP B 339 30.27 -49.61 9.88
C ASP B 339 30.79 -50.43 11.07
N GLN B 340 31.95 -50.03 11.60
CA GLN B 340 32.53 -50.77 12.71
C GLN B 340 31.77 -50.57 14.01
N ASN B 341 30.88 -49.58 14.09
CA ASN B 341 30.13 -49.32 15.30
C ASN B 341 28.75 -49.97 15.30
N GLY B 342 28.08 -49.98 14.14
CA GLY B 342 26.76 -50.55 14.05
C GLY B 342 25.71 -49.59 13.54
N LYS B 343 26.15 -48.44 13.04
CA LYS B 343 25.25 -47.44 12.47
C LYS B 343 25.06 -47.69 10.97
N ARG B 344 23.85 -47.41 10.50
CA ARG B 344 23.55 -47.59 9.08
C ARG B 344 24.39 -46.65 8.23
N ILE B 345 24.98 -47.19 7.16
CA ILE B 345 25.74 -46.40 6.20
C ILE B 345 25.29 -46.78 4.81
N ASN B 346 25.62 -45.90 3.85
CA ASN B 346 25.20 -46.08 2.45
C ASN B 346 23.69 -46.26 2.34
N TYR B 347 22.95 -45.67 3.27
CA TYR B 347 21.51 -45.78 3.27
C TYR B 347 20.86 -44.62 2.54
N THR B 348 19.58 -44.76 2.25
CA THR B 348 18.82 -43.80 1.46
C THR B 348 17.52 -43.50 2.17
N ILE B 349 17.30 -42.24 2.50
CA ILE B 349 16.06 -41.79 3.13
C ILE B 349 15.31 -40.96 2.11
N ASN B 350 14.17 -41.48 1.65
CA ASN B 350 13.36 -40.76 0.67
C ASN B 350 12.64 -39.60 1.33
N ILE B 351 12.62 -38.46 0.62
CA ILE B 351 11.99 -37.24 1.10
C ILE B 351 10.71 -37.05 0.30
N MET B 352 9.58 -37.04 0.99
CA MET B 352 8.26 -37.03 0.35
C MET B 352 7.46 -35.83 0.83
N GLU B 353 6.83 -35.13 -0.10
CA GLU B 353 5.86 -34.09 0.20
C GLU B 353 4.45 -34.62 0.02
N LEU B 354 3.49 -33.90 0.62
CA LEU B 354 2.08 -34.26 0.52
C LEU B 354 1.40 -33.29 -0.45
N LYS B 355 0.98 -33.82 -1.60
CA LYS B 355 0.28 -33.06 -2.62
C LYS B 355 -1.19 -33.48 -2.66
N THR B 356 -1.88 -33.08 -3.72
CA THR B 356 -3.30 -33.39 -3.84
C THR B 356 -3.51 -34.88 -4.10
N ASN B 357 -2.71 -35.47 -4.99
CA ASN B 357 -2.86 -36.88 -5.31
C ASN B 357 -2.40 -37.78 -4.16
N GLY B 358 -1.59 -37.27 -3.24
CA GLY B 358 -1.12 -38.05 -2.13
C GLY B 358 0.37 -37.87 -1.89
N PRO B 359 0.97 -38.82 -1.17
CA PRO B 359 2.43 -38.75 -0.95
C PRO B 359 3.19 -38.92 -2.26
N ARG B 360 4.20 -38.08 -2.44
CA ARG B 360 4.93 -38.00 -3.70
C ARG B 360 6.42 -37.85 -3.39
N LYS B 361 7.22 -38.80 -3.85
CA LYS B 361 8.66 -38.72 -3.64
C LYS B 361 9.25 -37.54 -4.39
N ILE B 362 10.00 -36.70 -3.68
CA ILE B 362 10.65 -35.55 -4.27
C ILE B 362 12.16 -35.73 -4.34
N GLY B 363 12.76 -36.32 -3.30
CA GLY B 363 14.18 -36.55 -3.31
C GLY B 363 14.56 -37.63 -2.33
N TYR B 364 15.81 -38.07 -2.43
CA TYR B 364 16.36 -39.06 -1.52
C TYR B 364 17.56 -38.46 -0.81
N TRP B 365 17.74 -38.84 0.45
CA TRP B 365 18.84 -38.35 1.27
C TRP B 365 19.87 -39.45 1.48
N SER B 366 21.14 -39.09 1.44
CA SER B 366 22.24 -40.00 1.71
C SER B 366 23.33 -39.27 2.47
N GLU B 367 24.15 -40.03 3.20
CA GLU B 367 25.23 -39.40 3.96
C GLU B 367 26.32 -38.87 3.04
N VAL B 368 26.48 -39.47 1.86
CA VAL B 368 27.51 -39.00 0.94
C VAL B 368 26.99 -37.91 0.02
N ASP B 369 25.71 -37.97 -0.38
CA ASP B 369 25.16 -37.02 -1.34
C ASP B 369 24.26 -35.96 -0.70
N LYS B 370 23.94 -36.10 0.58
CA LYS B 370 22.98 -35.21 1.26
C LYS B 370 21.64 -35.35 0.52
N MET B 371 20.92 -34.26 0.31
CA MET B 371 19.62 -34.32 -0.35
C MET B 371 19.81 -34.21 -1.86
N VAL B 372 19.35 -35.21 -2.60
CA VAL B 372 19.36 -35.20 -4.06
C VAL B 372 17.91 -35.23 -4.52
N LEU B 373 17.44 -34.11 -5.09
CA LEU B 373 16.07 -34.03 -5.56
C LEU B 373 15.95 -34.64 -6.95
N THR B 374 14.86 -35.38 -7.18
CA THR B 374 14.50 -35.94 -8.47
C THR B 374 13.12 -35.40 -8.82
N GLU B 375 13.10 -34.24 -9.46
CA GLU B 375 11.85 -33.48 -9.61
C GLU B 375 10.75 -34.18 -10.41
N ASP B 376 9.52 -33.75 -10.17
CA ASP B 376 8.33 -34.19 -10.83
C ASP B 376 7.70 -33.24 -11.89
N ASP B 377 7.78 -31.94 -11.59
CA ASP B 377 7.38 -30.90 -12.53
C ASP B 377 8.46 -30.06 -13.21
N THR B 378 8.17 -29.60 -14.43
CA THR B 378 9.12 -28.80 -15.18
C THR B 378 8.89 -27.68 -16.22
N SER B 379 7.69 -27.11 -16.34
CA SER B 379 6.42 -27.58 -15.59
C SER B 379 4.96 -28.02 -16.00
N GLY B 380 4.02 -28.19 -15.06
CA GLY B 380 4.08 -27.71 -13.68
C GLY B 380 2.97 -26.68 -13.65
N LEU B 381 3.37 -25.40 -13.71
CA LEU B 381 2.44 -24.29 -13.93
C LEU B 381 3.22 -23.03 -14.25
N GLU B 382 3.76 -22.95 -15.47
CA GLU B 382 4.61 -21.84 -15.86
C GLU B 382 3.80 -20.60 -16.22
N GLN B 383 2.64 -20.78 -16.86
CA GLN B 383 1.92 -19.71 -17.54
C GLN B 383 2.87 -19.13 -18.57
N LYS B 384 3.22 -17.85 -18.52
CA LYS B 384 4.21 -17.32 -19.46
C LYS B 384 4.73 -15.99 -18.97
N THR B 385 5.99 -15.71 -19.31
CA THR B 385 6.57 -14.39 -19.14
C THR B 385 6.18 -13.54 -20.35
N VAL B 386 5.36 -12.52 -20.14
CA VAL B 386 4.85 -11.72 -21.24
C VAL B 386 6.01 -11.04 -21.94
N VAL B 387 6.16 -11.30 -23.24
CA VAL B 387 7.22 -10.69 -24.03
C VAL B 387 6.78 -9.30 -24.45
N VAL B 388 7.60 -8.30 -24.15
CA VAL B 388 7.32 -6.90 -24.47
C VAL B 388 8.41 -6.41 -25.39
N THR B 389 8.02 -5.72 -26.46
CA THR B 389 8.95 -5.20 -27.44
C THR B 389 8.83 -3.68 -27.52
N THR B 390 9.96 -3.04 -27.83
CA THR B 390 10.03 -1.58 -27.92
C THR B 390 11.26 -1.20 -28.72
N ILE B 391 11.36 0.10 -29.02
CA ILE B 391 12.43 0.66 -29.84
C ILE B 391 13.34 1.51 -28.96
N LEU B 392 14.65 1.39 -29.18
CA LEU B 392 15.66 2.20 -28.49
C LEU B 392 15.61 3.60 -29.08
N GLU B 393 14.70 4.42 -28.56
CA GLU B 393 14.52 5.78 -29.04
C GLU B 393 14.28 6.68 -27.83
N SER B 394 15.19 7.64 -27.64
CA SER B 394 15.10 8.57 -26.52
C SER B 394 13.88 9.48 -26.65
N PRO B 395 13.27 9.84 -25.51
CA PRO B 395 13.62 9.40 -24.15
C PRO B 395 12.80 8.22 -23.69
N TYR B 396 12.05 7.61 -24.62
CA TYR B 396 11.08 6.58 -24.25
C TYR B 396 11.78 5.33 -23.73
N VAL B 397 12.78 4.84 -24.47
CA VAL B 397 13.56 3.68 -24.05
C VAL B 397 15.02 3.99 -24.36
N MET B 398 15.85 4.09 -23.32
CA MET B 398 17.26 4.38 -23.46
C MET B 398 18.05 3.37 -22.65
N MET B 399 19.20 2.95 -23.18
CA MET B 399 20.09 2.08 -22.44
C MET B 399 20.79 2.87 -21.35
N LYS B 400 20.81 2.33 -20.14
CA LYS B 400 21.38 3.04 -19.00
C LYS B 400 22.89 3.22 -19.19
N LYS B 401 23.44 4.19 -18.47
CA LYS B 401 24.86 4.52 -18.63
C LYS B 401 25.76 3.35 -18.25
N ASN B 402 25.29 2.47 -17.37
CA ASN B 402 26.02 1.26 -17.04
C ASN B 402 25.23 0.03 -17.47
N HIS B 403 24.76 0.04 -18.71
CA HIS B 403 23.94 -1.07 -19.21
C HIS B 403 24.71 -2.37 -19.31
N GLU B 404 26.05 -2.32 -19.33
CA GLU B 404 26.83 -3.55 -19.39
C GLU B 404 26.85 -4.24 -18.03
N MET B 405 27.17 -3.50 -16.96
CA MET B 405 27.21 -4.11 -15.63
C MET B 405 25.84 -4.59 -15.18
N LEU B 406 24.78 -3.93 -15.63
CA LEU B 406 23.43 -4.34 -15.29
C LEU B 406 22.93 -5.39 -16.30
N GLU B 407 21.77 -5.99 -15.98
CA GLU B 407 21.22 -7.05 -16.80
C GLU B 407 19.76 -7.24 -16.45
N GLY B 408 19.03 -7.86 -17.37
CA GLY B 408 17.60 -8.11 -17.19
C GLY B 408 16.75 -7.01 -17.80
N ASN B 409 15.82 -6.47 -17.02
CA ASN B 409 15.00 -5.35 -17.46
C ASN B 409 15.53 -4.01 -16.99
N GLU B 410 16.41 -3.99 -15.99
CA GLU B 410 16.96 -2.75 -15.46
C GLU B 410 18.04 -2.15 -16.35
N ARG B 411 18.50 -2.87 -17.38
CA ARG B 411 19.51 -2.33 -18.27
C ARG B 411 18.98 -1.21 -19.16
N TYR B 412 17.67 -0.97 -19.16
CA TYR B 412 17.05 0.09 -19.93
C TYR B 412 16.27 1.02 -19.01
N GLU B 413 16.19 2.29 -19.41
CA GLU B 413 15.43 3.28 -18.66
C GLU B 413 14.79 4.25 -19.64
N GLY B 414 13.69 4.85 -19.21
CA GLY B 414 12.99 5.81 -20.05
C GLY B 414 11.53 5.91 -19.63
N TYR B 415 10.76 6.60 -20.48
CA TYR B 415 9.35 6.79 -20.20
C TYR B 415 8.58 5.47 -20.28
N CYS B 416 8.80 4.71 -21.36
CA CYS B 416 8.09 3.45 -21.52
C CYS B 416 8.57 2.40 -20.53
N VAL B 417 9.80 2.50 -20.06
CA VAL B 417 10.29 1.59 -19.04
C VAL B 417 9.52 1.80 -17.73
N ASP B 418 9.34 3.06 -17.33
CA ASP B 418 8.49 3.35 -16.18
C ASP B 418 7.04 2.99 -16.47
N LEU B 419 6.63 3.08 -17.73
CA LEU B 419 5.27 2.69 -18.09
C LEU B 419 5.10 1.18 -18.10
N ALA B 420 6.20 0.44 -18.29
CA ALA B 420 6.13 -1.01 -18.30
C ALA B 420 5.71 -1.55 -16.94
N ALA B 421 6.33 -1.04 -15.87
CA ALA B 421 6.00 -1.50 -14.53
C ALA B 421 4.59 -1.07 -14.13
N GLU B 422 4.21 0.17 -14.45
CA GLU B 422 2.89 0.65 -14.07
C GLU B 422 1.78 -0.13 -14.76
N ILE B 423 2.03 -0.62 -15.97
CA ILE B 423 1.03 -1.44 -16.64
C ILE B 423 0.98 -2.83 -16.01
N ALA B 424 2.14 -3.41 -15.73
CA ALA B 424 2.18 -4.73 -15.11
C ALA B 424 1.71 -4.70 -13.66
N LYS B 425 1.73 -3.54 -13.01
CA LYS B 425 1.28 -3.47 -11.63
C LYS B 425 -0.23 -3.58 -11.54
N HIS B 426 -0.95 -2.97 -12.47
CA HIS B 426 -2.40 -3.04 -12.49
C HIS B 426 -2.93 -4.24 -13.27
N CYS B 427 -2.05 -5.10 -13.78
CA CYS B 427 -2.44 -6.31 -14.50
C CYS B 427 -1.90 -7.57 -13.86
N GLY B 428 -0.65 -7.57 -13.42
CA GLY B 428 -0.11 -8.67 -12.64
C GLY B 428 0.77 -9.65 -13.38
N PHE B 429 1.25 -9.31 -14.57
CA PHE B 429 2.11 -10.20 -15.33
C PHE B 429 3.57 -9.81 -15.18
N LYS B 430 4.45 -10.73 -15.58
CA LYS B 430 5.88 -10.49 -15.58
C LYS B 430 6.34 -10.18 -17.00
N TYR B 431 6.86 -8.97 -17.19
CA TYR B 431 7.31 -8.53 -18.51
C TYR B 431 8.78 -8.87 -18.73
N LYS B 432 9.12 -9.07 -20.00
CA LYS B 432 10.50 -9.30 -20.42
C LYS B 432 10.82 -8.26 -21.49
N LEU B 433 11.59 -7.25 -21.12
CA LEU B 433 11.92 -6.15 -22.03
C LEU B 433 12.78 -6.67 -23.18
N THR B 434 12.25 -6.56 -24.40
CA THR B 434 12.95 -6.97 -25.60
C THR B 434 12.96 -5.83 -26.61
N ILE B 435 14.06 -5.73 -27.36
CA ILE B 435 14.22 -4.72 -28.38
C ILE B 435 13.89 -5.32 -29.73
N VAL B 436 13.13 -4.59 -30.54
CA VAL B 436 12.77 -5.07 -31.87
C VAL B 436 14.01 -5.24 -32.75
N GLY B 437 15.02 -4.39 -32.55
CA GLY B 437 16.27 -4.50 -33.26
C GLY B 437 16.24 -4.04 -34.71
N ASP B 438 15.08 -3.67 -35.23
CA ASP B 438 14.98 -3.21 -36.62
C ASP B 438 15.61 -1.83 -36.91
N GLY B 439 15.31 -0.77 -36.13
CA GLY B 439 14.46 -0.80 -34.95
C GLY B 439 13.19 0.03 -35.05
N LYS B 440 12.96 0.63 -36.21
CA LYS B 440 11.76 1.43 -36.39
C LYS B 440 10.52 0.54 -36.33
N TYR B 441 9.36 1.18 -36.18
CA TYR B 441 8.08 0.48 -36.09
C TYR B 441 7.35 0.53 -37.43
N GLY B 442 6.73 -0.58 -37.79
CA GLY B 442 6.01 -0.70 -39.05
C GLY B 442 4.80 0.22 -39.16
N ALA B 443 4.40 0.70 -40.35
CA ALA B 443 4.98 0.50 -41.70
C ALA B 443 5.41 -0.58 -42.71
N ARG B 444 4.41 -1.17 -43.36
CA ARG B 444 4.59 -2.26 -44.31
C ARG B 444 4.99 -2.03 -45.76
N ASP B 445 5.57 -3.05 -46.39
CA ASP B 445 6.11 -2.90 -47.73
C ASP B 445 4.97 -2.82 -48.77
N ALA B 446 5.36 -2.50 -50.01
CA ALA B 446 4.39 -2.25 -51.07
C ALA B 446 3.83 -3.54 -51.66
N ASP B 447 4.69 -4.33 -52.31
CA ASP B 447 4.27 -5.61 -52.88
C ASP B 447 4.58 -6.79 -51.97
N THR B 448 5.62 -6.68 -51.12
CA THR B 448 5.88 -7.72 -50.13
C THR B 448 4.77 -7.77 -49.10
N LYS B 449 4.32 -6.61 -48.62
CA LYS B 449 3.20 -6.49 -47.69
C LYS B 449 3.43 -7.34 -46.43
N ILE B 450 4.67 -7.40 -45.99
CA ILE B 450 5.04 -8.05 -44.73
C ILE B 450 5.23 -6.97 -43.68
N TRP B 451 4.55 -7.12 -42.55
CA TRP B 451 4.70 -6.17 -41.45
C TRP B 451 6.09 -6.30 -40.84
N ASN B 452 6.69 -5.15 -40.50
CA ASN B 452 8.00 -5.11 -39.88
C ASN B 452 7.91 -4.33 -38.58
N GLY B 453 9.03 -4.28 -37.87
CA GLY B 453 9.07 -3.49 -36.65
C GLY B 453 8.28 -4.13 -35.52
N MET B 454 7.79 -3.28 -34.62
CA MET B 454 7.10 -3.77 -33.43
C MET B 454 5.74 -4.35 -33.77
N VAL B 455 5.02 -3.72 -34.71
CA VAL B 455 3.70 -4.21 -35.09
C VAL B 455 3.80 -5.60 -35.69
N GLY B 456 4.89 -5.88 -36.40
CA GLY B 456 5.04 -7.19 -37.01
C GLY B 456 5.23 -8.29 -35.97
N GLU B 457 6.00 -8.02 -34.92
CA GLU B 457 6.24 -9.02 -33.89
C GLU B 457 5.00 -9.31 -33.06
N LEU B 458 3.93 -8.54 -33.22
CA LEU B 458 2.67 -8.82 -32.54
C LEU B 458 1.76 -9.72 -33.37
N VAL B 459 1.62 -9.44 -34.66
CA VAL B 459 0.78 -10.27 -35.52
C VAL B 459 1.36 -11.68 -35.63
N TYR B 460 2.66 -11.77 -35.88
CA TYR B 460 3.33 -13.04 -36.14
C TYR B 460 3.62 -13.84 -34.88
N GLY B 461 3.00 -13.48 -33.74
CA GLY B 461 3.11 -14.26 -32.54
C GLY B 461 4.44 -14.23 -31.84
N LYS B 462 5.38 -13.38 -32.29
CA LYS B 462 6.68 -13.33 -31.64
C LYS B 462 6.59 -12.69 -30.26
N ALA B 463 5.96 -11.52 -30.17
CA ALA B 463 5.78 -10.82 -28.92
C ALA B 463 4.30 -10.84 -28.52
N ASP B 464 4.06 -10.59 -27.23
CA ASP B 464 2.71 -10.58 -26.69
C ASP B 464 2.13 -9.18 -26.55
N ILE B 465 2.97 -8.16 -26.44
CA ILE B 465 2.50 -6.78 -26.31
C ILE B 465 3.64 -5.87 -26.74
N ALA B 466 3.30 -4.60 -27.03
CA ALA B 466 4.27 -3.62 -27.49
C ALA B 466 3.91 -2.27 -26.91
N ILE B 467 4.79 -1.70 -26.10
CA ILE B 467 4.61 -0.39 -25.49
C ILE B 467 5.75 0.51 -25.91
N ALA B 468 5.42 1.62 -26.57
CA ALA B 468 6.39 2.54 -27.14
C ALA B 468 5.66 3.73 -27.75
N PRO B 469 6.37 4.79 -28.20
CA PRO B 469 5.71 5.84 -28.96
C PRO B 469 5.24 5.35 -30.32
N LEU B 470 4.15 4.59 -30.34
CA LEU B 470 3.60 4.03 -31.57
C LEU B 470 2.43 4.88 -32.03
N THR B 471 2.57 5.47 -33.22
CA THR B 471 1.56 6.36 -33.74
C THR B 471 0.28 5.59 -34.05
N ILE B 472 -0.83 6.00 -33.45
CA ILE B 472 -2.12 5.35 -33.68
C ILE B 472 -2.64 5.73 -35.05
N THR B 473 -2.50 4.83 -36.02
CA THR B 473 -2.96 5.07 -37.38
C THR B 473 -4.01 4.03 -37.75
N LEU B 474 -4.70 4.29 -38.87
CA LEU B 474 -5.74 3.37 -39.33
C LEU B 474 -5.15 2.09 -39.88
N VAL B 475 -4.02 2.19 -40.59
CA VAL B 475 -3.40 1.00 -41.19
C VAL B 475 -2.93 0.04 -40.11
N ARG B 476 -2.56 0.56 -38.94
CA ARG B 476 -2.15 -0.31 -37.84
C ARG B 476 -3.34 -0.86 -37.07
N GLU B 477 -4.43 -0.11 -37.00
CA GLU B 477 -5.61 -0.54 -36.26
C GLU B 477 -6.26 -1.77 -36.91
N GLU B 478 -6.05 -1.96 -38.21
CA GLU B 478 -6.70 -3.07 -38.90
C GLU B 478 -6.08 -4.41 -38.56
N VAL B 479 -4.83 -4.44 -38.08
CA VAL B 479 -4.15 -5.69 -37.80
C VAL B 479 -3.99 -5.95 -36.30
N ILE B 480 -3.87 -4.90 -35.49
CA ILE B 480 -3.72 -5.05 -34.04
C ILE B 480 -4.75 -4.14 -33.37
N ASP B 481 -4.86 -4.30 -32.05
CA ASP B 481 -5.76 -3.49 -31.24
C ASP B 481 -4.96 -2.41 -30.54
N PHE B 482 -5.43 -1.16 -30.67
CA PHE B 482 -4.78 -0.02 -30.04
C PHE B 482 -5.53 0.38 -28.77
N SER B 483 -4.77 0.76 -27.75
CA SER B 483 -5.35 1.27 -26.52
C SER B 483 -5.67 2.76 -26.67
N LYS B 484 -6.27 3.34 -25.63
CA LYS B 484 -6.52 4.77 -25.64
C LYS B 484 -5.20 5.53 -25.59
N PRO B 485 -5.17 6.76 -26.13
CA PRO B 485 -3.90 7.50 -26.21
C PRO B 485 -3.41 7.90 -24.82
N PHE B 486 -2.19 7.49 -24.50
CA PHE B 486 -1.56 7.87 -23.24
C PHE B 486 -0.73 9.14 -23.36
N MET B 487 -0.69 9.75 -24.55
CA MET B 487 0.12 10.96 -24.75
C MET B 487 -0.34 11.61 -26.04
N SER B 488 -1.07 12.71 -25.93
CA SER B 488 -1.52 13.45 -27.10
C SER B 488 -0.36 14.29 -27.65
N LEU B 489 -0.31 14.41 -28.96
CA LEU B 489 0.75 15.15 -29.62
C LEU B 489 0.28 15.61 -30.99
N GLY B 490 1.20 16.12 -31.79
CA GLY B 490 0.89 16.60 -33.13
C GLY B 490 2.11 17.28 -33.71
N ILE B 491 1.97 17.66 -34.97
CA ILE B 491 3.07 18.32 -35.67
C ILE B 491 3.27 19.71 -35.10
N SER B 492 4.52 20.06 -34.81
CA SER B 492 4.86 21.35 -34.22
C SER B 492 6.11 21.90 -34.88
N ILE B 493 6.51 23.09 -34.47
CA ILE B 493 7.64 23.80 -35.05
C ILE B 493 8.80 23.82 -34.06
N MET B 494 10.01 23.96 -34.60
CA MET B 494 11.22 23.97 -33.80
C MET B 494 12.23 24.95 -34.40
N ILE B 495 12.70 25.90 -33.60
CA ILE B 495 13.67 26.89 -34.06
C ILE B 495 14.68 27.16 -32.95
N LYS B 496 15.50 28.20 -33.12
CA LYS B 496 16.46 28.62 -32.11
C LYS B 496 15.88 29.83 -31.38
N LYS B 497 16.73 30.52 -30.61
CA LYS B 497 16.30 31.74 -29.93
C LYS B 497 16.24 33.03 -30.78
N PRO B 498 17.31 33.33 -31.55
CA PRO B 498 18.68 32.81 -31.61
C PRO B 498 19.67 33.33 -30.53
N GLN B 499 19.84 34.64 -30.25
CA GLN B 499 19.16 35.76 -30.90
C GLN B 499 19.88 36.36 -32.13
N LYS B 500 21.20 36.62 -32.09
CA LYS B 500 22.09 36.44 -30.94
C LYS B 500 22.10 37.70 -30.09
N SER B 501 21.76 38.83 -30.70
CA SER B 501 21.62 40.09 -29.98
C SER B 501 20.39 40.91 -30.41
N LYS B 502 20.17 41.18 -31.72
CA LYS B 502 21.04 40.83 -32.83
C LYS B 502 21.71 42.09 -33.38
N PRO B 503 23.01 42.01 -33.67
CA PRO B 503 23.75 43.20 -34.10
C PRO B 503 23.23 43.73 -35.43
N GLY B 504 23.49 45.01 -35.67
CA GLY B 504 23.09 45.63 -36.92
C GLY B 504 22.77 47.11 -36.79
N VAL B 505 23.25 47.91 -37.75
CA VAL B 505 22.92 49.33 -37.78
C VAL B 505 21.50 49.66 -38.25
N PHE B 506 20.78 48.67 -38.78
CA PHE B 506 19.35 48.87 -39.01
C PHE B 506 18.58 48.92 -37.69
N SER B 507 19.19 48.40 -36.62
CA SER B 507 18.62 48.54 -35.30
C SER B 507 18.90 49.93 -34.75
N PHE B 508 19.78 50.70 -35.41
CA PHE B 508 20.14 52.04 -34.93
C PHE B 508 19.04 53.06 -34.64
N LEU B 509 17.79 52.68 -34.89
CA LEU B 509 16.61 53.46 -34.56
C LEU B 509 15.49 52.60 -33.98
N ASP B 510 15.71 52.10 -32.77
CA ASP B 510 14.82 51.09 -32.19
C ASP B 510 14.22 51.59 -30.89
N PRO B 511 14.96 52.30 -30.00
CA PRO B 511 14.30 52.94 -28.86
C PRO B 511 13.21 53.88 -29.34
N LEU B 512 13.60 55.07 -29.80
CA LEU B 512 12.69 55.85 -30.62
C LEU B 512 12.29 55.02 -31.83
N ALA B 513 10.98 54.87 -32.04
CA ALA B 513 10.49 53.95 -33.05
C ALA B 513 10.72 54.30 -34.52
N TYR B 514 10.23 53.41 -35.39
CA TYR B 514 10.30 53.66 -36.84
C TYR B 514 9.89 55.11 -37.27
N GLU B 515 8.91 55.63 -36.53
CA GLU B 515 8.37 56.95 -36.77
C GLU B 515 8.88 58.21 -36.08
N ILE B 516 9.48 58.09 -34.90
CA ILE B 516 9.93 59.29 -34.19
C ILE B 516 11.22 59.83 -34.81
N TRP B 517 12.10 58.94 -35.28
CA TRP B 517 13.32 59.41 -35.95
C TRP B 517 13.00 60.21 -37.19
N MET B 518 11.90 59.89 -37.88
CA MET B 518 11.43 60.67 -39.02
C MET B 518 10.50 61.80 -38.60
N CYS B 519 10.24 61.96 -37.30
CA CYS B 519 9.42 63.06 -36.81
C CYS B 519 10.23 64.14 -36.09
N ILE B 520 11.40 63.78 -35.55
CA ILE B 520 12.26 64.79 -34.93
C ILE B 520 12.82 65.74 -35.98
N VAL B 521 13.03 65.25 -37.20
CA VAL B 521 13.55 66.10 -38.27
C VAL B 521 12.54 67.14 -38.71
N PHE B 522 11.25 66.90 -38.49
CA PHE B 522 10.25 67.93 -38.79
C PHE B 522 10.34 69.10 -37.84
N ALA B 523 10.68 68.86 -36.57
CA ALA B 523 10.88 69.93 -35.62
C ALA B 523 12.20 70.65 -35.81
N TYR B 524 13.21 69.94 -36.35
CA TYR B 524 14.49 70.56 -36.64
C TYR B 524 14.35 71.67 -37.67
N ILE B 525 13.82 71.34 -38.84
CA ILE B 525 13.61 72.35 -39.88
C ILE B 525 12.47 73.30 -39.52
N GLY B 526 11.60 72.90 -38.58
CA GLY B 526 10.52 73.78 -38.17
C GLY B 526 10.94 74.89 -37.23
N VAL B 527 12.04 74.70 -36.51
CA VAL B 527 12.54 75.74 -35.61
C VAL B 527 13.60 76.60 -36.28
N SER B 528 14.45 75.99 -37.13
CA SER B 528 15.45 76.76 -37.86
C SER B 528 14.80 77.73 -38.86
N VAL B 529 13.55 77.49 -39.23
CA VAL B 529 12.83 78.43 -40.10
C VAL B 529 12.15 79.54 -39.31
N VAL B 530 11.94 79.35 -38.00
CA VAL B 530 11.37 80.40 -37.18
C VAL B 530 12.44 81.42 -36.80
N LEU B 531 13.67 80.95 -36.53
CA LEU B 531 14.79 81.86 -36.33
C LEU B 531 15.04 82.71 -37.56
N PHE B 532 14.61 82.25 -38.73
CA PHE B 532 14.65 83.07 -39.95
C PHE B 532 13.61 84.19 -39.90
N LEU B 533 12.59 84.06 -39.05
CA LEU B 533 11.47 85.00 -39.03
C LEU B 533 11.39 85.80 -37.72
N VAL B 534 12.41 85.72 -36.86
CA VAL B 534 12.39 86.45 -35.60
C VAL B 534 13.57 87.38 -35.43
N SER B 535 14.65 87.21 -36.20
CA SER B 535 15.82 88.09 -36.09
C SER B 535 15.64 89.26 -37.05
N ILE B 545 20.31 84.30 -47.20
CA ILE B 545 19.72 83.21 -46.43
C ILE B 545 20.77 82.18 -46.09
N PHE B 546 21.95 82.31 -46.68
CA PHE B 546 23.02 81.35 -46.41
C PHE B 546 23.64 81.54 -45.04
N ASN B 547 23.70 82.79 -44.57
CA ASN B 547 24.26 83.07 -43.24
C ASN B 547 23.21 82.98 -42.13
N SER B 548 21.92 83.04 -42.48
CA SER B 548 20.87 82.90 -41.47
C SER B 548 20.67 81.43 -41.09
N LEU B 549 20.61 80.55 -42.09
CA LEU B 549 20.57 79.11 -41.79
C LEU B 549 21.85 78.67 -41.09
N TRP B 550 22.97 79.35 -41.36
CA TRP B 550 24.19 79.10 -40.61
C TRP B 550 24.05 79.50 -39.15
N PHE B 551 23.33 80.59 -38.89
CA PHE B 551 23.10 81.02 -37.51
C PHE B 551 22.10 80.12 -36.81
N SER B 552 21.02 79.74 -37.51
CA SER B 552 20.04 78.85 -36.90
C SER B 552 20.59 77.48 -36.52
N LEU B 553 21.44 76.91 -37.36
CA LEU B 553 22.12 75.66 -37.00
C LEU B 553 23.29 75.91 -36.04
N GLY B 554 23.86 77.11 -36.09
CA GLY B 554 24.81 77.51 -35.06
C GLY B 554 24.09 77.72 -33.75
N ALA B 555 22.78 77.97 -33.79
CA ALA B 555 21.96 78.03 -32.60
C ALA B 555 21.29 76.70 -32.27
N PHE B 556 21.35 75.73 -33.19
CA PHE B 556 20.78 74.41 -32.93
C PHE B 556 21.77 73.55 -32.15
N MET B 557 23.04 73.55 -32.56
CA MET B 557 24.06 72.81 -31.83
C MET B 557 24.20 73.35 -30.40
N GLN B 558 24.08 74.66 -30.23
CA GLN B 558 24.05 75.27 -28.90
C GLN B 558 22.63 75.37 -28.37
N GLN B 559 22.01 74.18 -28.23
CA GLN B 559 20.62 74.07 -27.77
C GLN B 559 19.80 74.93 -28.70
N GLY B 560 19.14 75.95 -28.16
CA GLY B 560 18.31 76.83 -28.96
C GLY B 560 18.87 78.18 -29.36
N SER B 567 16.33 89.86 -28.22
CA SER B 567 15.22 89.42 -29.06
C SER B 567 14.26 88.54 -28.28
N LEU B 568 13.15 89.13 -27.84
CA LEU B 568 12.18 88.39 -27.04
C LEU B 568 11.44 87.34 -27.87
N SER B 569 11.11 87.68 -29.11
CA SER B 569 10.44 86.71 -29.98
C SER B 569 11.35 85.53 -30.30
N GLY B 570 12.65 85.80 -30.49
CA GLY B 570 13.60 84.73 -30.74
C GLY B 570 14.05 83.99 -29.49
N ARG B 571 13.82 84.57 -28.31
CA ARG B 571 14.20 83.89 -27.08
C ARG B 571 13.26 82.73 -26.77
N ILE B 572 11.95 82.93 -26.91
CA ILE B 572 10.99 81.88 -26.63
C ILE B 572 11.08 80.75 -27.63
N VAL B 573 11.71 80.97 -28.79
CA VAL B 573 11.89 79.89 -29.75
C VAL B 573 12.94 78.90 -29.24
N GLY B 574 14.09 79.41 -28.80
CA GLY B 574 15.14 78.55 -28.28
C GLY B 574 14.87 77.97 -26.91
N GLY B 575 13.86 78.46 -26.21
CA GLY B 575 13.51 77.94 -24.90
C GLY B 575 12.57 76.77 -24.98
N VAL B 576 11.51 76.88 -25.79
CA VAL B 576 10.58 75.77 -25.96
C VAL B 576 11.24 74.64 -26.73
N TRP B 577 12.08 74.97 -27.72
CA TRP B 577 12.84 73.93 -28.40
C TRP B 577 13.81 73.24 -27.46
N TRP B 578 14.35 73.96 -26.47
CA TRP B 578 15.26 73.36 -25.51
C TRP B 578 14.53 72.37 -24.61
N PHE B 579 13.28 72.67 -24.25
CA PHE B 579 12.49 71.73 -23.46
C PHE B 579 12.01 70.56 -24.31
N PHE B 580 11.73 70.79 -25.59
CA PHE B 580 11.30 69.71 -26.46
C PHE B 580 12.39 68.70 -26.67
N THR B 581 13.60 69.15 -27.01
CA THR B 581 14.72 68.24 -27.18
C THR B 581 15.19 67.64 -25.86
N LEU B 582 14.80 68.25 -24.73
CA LEU B 582 15.18 67.69 -23.44
C LEU B 582 14.40 66.42 -23.14
N ILE B 583 13.13 66.36 -23.55
CA ILE B 583 12.30 65.20 -23.26
C ILE B 583 12.67 64.03 -24.17
N ILE B 584 12.99 64.30 -25.43
CA ILE B 584 13.34 63.23 -26.35
C ILE B 584 14.64 62.55 -25.93
N ILE B 585 15.66 63.35 -25.60
CA ILE B 585 16.92 62.76 -25.14
C ILE B 585 16.77 62.11 -23.77
N SER B 586 15.78 62.53 -22.98
CA SER B 586 15.51 61.86 -21.72
C SER B 586 14.69 60.59 -21.92
N SER B 587 13.81 60.57 -22.92
CA SER B 587 13.06 59.36 -23.24
C SER B 587 13.88 58.38 -24.06
N TYR B 588 14.86 58.88 -24.83
CA TYR B 588 15.75 57.97 -25.54
C TYR B 588 16.69 57.25 -24.59
N THR B 589 17.17 57.94 -23.55
CA THR B 589 18.06 57.32 -22.59
C THR B 589 17.29 56.38 -21.65
N ALA B 590 16.06 56.76 -21.29
CA ALA B 590 15.27 55.93 -20.39
C ALA B 590 14.82 54.65 -21.06
N ASN B 591 14.35 54.74 -22.31
CA ASN B 591 13.90 53.54 -23.01
C ASN B 591 15.08 52.64 -23.38
N LEU B 592 16.26 53.21 -23.58
CA LEU B 592 17.43 52.40 -23.87
C LEU B 592 17.92 51.67 -22.62
N ALA B 593 17.79 52.32 -21.46
CA ALA B 593 18.25 51.73 -20.21
C ALA B 593 17.36 50.59 -19.76
N ALA B 594 16.10 50.55 -20.18
CA ALA B 594 15.20 49.48 -19.75
C ALA B 594 15.46 48.17 -20.48
N PHE B 595 15.97 48.23 -21.71
CA PHE B 595 16.23 47.01 -22.47
C PHE B 595 17.51 46.38 -21.93
N LEU B 596 18.52 47.20 -21.61
CA LEU B 596 19.75 46.67 -21.06
C LEU B 596 19.51 45.83 -19.80
N THR B 597 18.56 46.26 -18.97
CA THR B 597 18.12 45.46 -17.84
C THR B 597 17.41 44.15 -18.18
N VAL B 598 16.25 44.25 -18.84
CA VAL B 598 15.49 43.08 -19.24
C VAL B 598 15.68 42.82 -20.73
N GLU B 599 16.65 41.95 -21.06
CA GLU B 599 16.94 41.60 -22.45
C GLU B 599 15.78 40.80 -23.03
N ARG B 600 15.06 41.40 -23.97
CA ARG B 600 13.90 40.75 -24.56
C ARG B 600 14.32 39.81 -25.68
N MET B 601 13.50 38.79 -25.89
CA MET B 601 13.70 37.86 -26.98
C MET B 601 12.47 37.93 -27.86
N VAL B 602 12.69 38.16 -29.16
CA VAL B 602 11.60 38.23 -30.10
C VAL B 602 11.52 36.93 -30.90
N SER B 603 10.35 36.31 -30.86
CA SER B 603 10.12 35.05 -31.57
C SER B 603 9.65 35.36 -32.98
N PRO B 604 10.42 35.02 -34.02
CA PRO B 604 10.00 35.33 -35.39
C PRO B 604 8.83 34.48 -35.88
N ILE B 605 8.37 33.51 -35.10
CA ILE B 605 7.27 32.64 -35.49
C ILE B 605 6.12 32.89 -34.53
N GLU B 606 5.05 33.53 -35.03
CA GLU B 606 3.86 33.76 -34.22
C GLU B 606 2.99 32.51 -34.14
N SER B 607 2.85 31.80 -35.25
CA SER B 607 2.06 30.57 -35.29
C SER B 607 2.46 29.80 -36.55
N ALA B 608 1.57 28.93 -37.02
CA ALA B 608 1.88 28.13 -38.20
C ALA B 608 1.74 28.94 -39.49
N GLU B 609 0.72 29.80 -39.58
CA GLU B 609 0.50 30.55 -40.81
C GLU B 609 1.55 31.64 -40.97
N ASP B 610 1.97 32.27 -39.88
CA ASP B 610 3.02 33.30 -39.96
C ASP B 610 4.33 32.64 -40.38
N LEU B 611 4.47 31.33 -40.15
CA LEU B 611 5.64 30.63 -40.67
C LEU B 611 5.63 30.57 -42.19
N SER B 612 4.46 30.40 -42.79
CA SER B 612 4.33 30.31 -44.23
C SER B 612 4.19 31.63 -44.98
N LYS B 613 3.91 32.72 -44.28
CA LYS B 613 3.71 34.01 -44.92
C LYS B 613 5.02 34.67 -45.37
N GLN B 614 6.17 34.13 -44.96
CA GLN B 614 7.45 34.71 -45.31
C GLN B 614 8.39 33.61 -45.81
N THR B 615 9.36 34.02 -46.62
CA THR B 615 10.35 33.12 -47.18
C THR B 615 11.76 33.42 -46.71
N GLU B 616 11.93 34.37 -45.78
CA GLU B 616 13.25 34.63 -45.23
C GLU B 616 13.78 33.44 -44.46
N ILE B 617 12.91 32.80 -43.66
CA ILE B 617 13.27 31.63 -42.88
C ILE B 617 12.61 30.41 -43.52
N ALA B 618 13.42 29.44 -43.91
CA ALA B 618 12.92 28.24 -44.58
C ALA B 618 12.43 27.21 -43.55
N TYR B 619 11.73 26.20 -44.05
CA TYR B 619 11.19 25.14 -43.19
C TYR B 619 10.97 23.89 -44.03
N GLY B 620 11.06 22.74 -43.36
CA GLY B 620 10.85 21.47 -44.02
C GLY B 620 10.58 20.38 -42.99
N THR B 621 10.21 19.22 -43.50
CA THR B 621 9.90 18.07 -42.66
C THR B 621 10.84 16.91 -43.02
N LEU B 622 10.53 15.73 -42.50
CA LEU B 622 11.28 14.53 -42.86
C LEU B 622 10.90 14.08 -44.26
N ASP B 623 11.88 13.50 -44.96
CA ASP B 623 11.67 13.09 -46.35
C ASP B 623 10.61 12.01 -46.49
N SER B 624 10.37 11.23 -45.44
CA SER B 624 9.36 10.17 -45.47
C SER B 624 8.86 9.92 -44.06
N GLY B 625 7.57 10.11 -43.85
CA GLY B 625 7.00 9.88 -42.54
C GLY B 625 5.60 10.43 -42.46
N SER B 626 4.99 10.24 -41.28
CA SER B 626 3.64 10.73 -41.06
C SER B 626 3.56 12.25 -41.11
N THR B 627 4.68 12.95 -40.95
CA THR B 627 4.67 14.41 -40.98
C THR B 627 4.52 14.91 -42.40
N LYS B 628 5.29 14.36 -43.34
CA LYS B 628 5.22 14.83 -44.72
C LYS B 628 3.89 14.48 -45.36
N GLU B 629 3.39 13.26 -45.13
CA GLU B 629 2.11 12.84 -45.69
C GLU B 629 0.95 13.66 -45.14
N PHE B 630 1.12 14.34 -44.01
CA PHE B 630 0.05 15.17 -43.46
C PHE B 630 -0.20 16.38 -44.35
N PHE B 631 0.86 17.05 -44.80
CA PHE B 631 0.70 18.23 -45.64
C PHE B 631 0.27 17.88 -47.06
N ARG B 632 0.57 16.66 -47.52
CA ARG B 632 0.23 16.25 -48.87
C ARG B 632 -1.28 16.29 -49.09
N ARG B 633 -2.00 15.40 -48.40
CA ARG B 633 -3.46 15.34 -48.50
C ARG B 633 -4.15 16.23 -47.47
N SER B 634 -3.52 17.35 -47.09
CA SER B 634 -4.07 18.16 -46.01
C SER B 634 -5.41 18.78 -46.40
N LYS B 635 -5.48 19.36 -47.60
CA LYS B 635 -6.69 20.01 -48.11
C LYS B 635 -7.17 21.11 -47.18
N ILE B 636 -6.23 21.80 -46.54
CA ILE B 636 -6.52 22.99 -45.75
C ILE B 636 -5.72 24.15 -46.34
N ALA B 637 -6.34 25.32 -46.42
CA ALA B 637 -5.73 26.44 -47.13
C ALA B 637 -4.39 26.83 -46.52
N VAL B 638 -4.30 26.82 -45.20
CA VAL B 638 -3.05 27.24 -44.54
C VAL B 638 -1.97 26.20 -44.76
N PHE B 639 -2.32 24.91 -44.72
CA PHE B 639 -1.32 23.87 -44.83
C PHE B 639 -0.98 23.54 -46.28
N ASP B 640 -1.94 23.69 -47.19
CA ASP B 640 -1.64 23.49 -48.61
C ASP B 640 -0.62 24.50 -49.11
N LYS B 641 -0.66 25.72 -48.59
CA LYS B 641 0.36 26.71 -48.91
C LYS B 641 1.73 26.26 -48.43
N MET B 642 1.78 25.55 -47.31
CA MET B 642 3.06 25.04 -46.81
C MET B 642 3.55 23.85 -47.62
N TRP B 643 2.63 22.99 -48.07
CA TRP B 643 3.03 21.82 -48.86
C TRP B 643 3.49 22.22 -50.25
N THR B 644 2.80 23.17 -50.88
CA THR B 644 3.20 23.62 -52.21
C THR B 644 4.56 24.31 -52.17
N TYR B 645 4.94 24.88 -51.03
CA TYR B 645 6.26 25.47 -50.90
C TYR B 645 7.34 24.41 -50.80
N MET B 646 7.19 23.49 -49.84
CA MET B 646 8.20 22.46 -49.62
C MET B 646 8.32 21.50 -50.80
N ARG B 647 7.25 21.37 -51.60
CA ARG B 647 7.32 20.47 -52.76
C ARG B 647 8.20 21.04 -53.86
N SER B 648 8.31 22.37 -53.94
CA SER B 648 9.11 23.02 -54.98
C SER B 648 10.15 23.96 -54.39
N ALA B 649 10.70 23.61 -53.23
CA ALA B 649 11.69 24.43 -52.55
C ALA B 649 13.09 23.94 -52.90
N GLU B 650 13.93 24.83 -53.41
CA GLU B 650 15.30 24.49 -53.76
C GLU B 650 16.27 25.41 -53.02
N PRO B 651 17.31 24.83 -52.39
CA PRO B 651 17.65 23.40 -52.38
C PRO B 651 16.73 22.54 -51.51
N SER B 652 17.00 21.25 -51.45
CA SER B 652 16.12 20.31 -50.78
C SER B 652 15.96 20.67 -49.30
N VAL B 653 14.72 20.96 -48.90
CA VAL B 653 14.43 21.28 -47.51
C VAL B 653 14.15 20.04 -46.67
N PHE B 654 14.13 18.86 -47.26
CA PHE B 654 13.90 17.62 -46.54
C PHE B 654 15.23 17.01 -46.11
N VAL B 655 15.19 16.32 -44.97
CA VAL B 655 16.38 15.71 -44.40
C VAL B 655 16.25 14.19 -44.48
N ARG B 656 17.39 13.51 -44.35
CA ARG B 656 17.41 12.05 -44.44
C ARG B 656 16.76 11.43 -43.20
N THR B 657 17.33 11.67 -42.03
CA THR B 657 16.83 11.15 -40.77
C THR B 657 16.39 12.31 -39.88
N THR B 658 15.83 11.97 -38.73
CA THR B 658 15.42 13.00 -37.77
C THR B 658 16.63 13.69 -37.15
N ALA B 659 17.73 12.96 -36.97
CA ALA B 659 18.92 13.55 -36.37
C ALA B 659 19.53 14.63 -37.25
N GLU B 660 19.41 14.51 -38.57
CA GLU B 660 19.91 15.54 -39.46
C GLU B 660 19.03 16.78 -39.44
N GLY B 661 17.72 16.60 -39.25
CA GLY B 661 16.82 17.75 -39.20
C GLY B 661 17.08 18.63 -38.00
N VAL B 662 17.38 18.04 -36.85
CA VAL B 662 17.71 18.83 -35.67
C VAL B 662 19.08 19.49 -35.84
N ALA B 663 20.04 18.78 -36.41
CA ALA B 663 21.37 19.33 -36.64
C ALA B 663 21.35 20.45 -37.68
N ARG B 664 20.38 20.46 -38.59
CA ARG B 664 20.31 21.51 -39.60
C ARG B 664 19.82 22.83 -39.04
N VAL B 665 18.89 22.80 -38.08
CA VAL B 665 18.41 24.03 -37.46
C VAL B 665 19.51 24.68 -36.64
N ARG B 666 20.38 23.87 -36.02
CA ARG B 666 21.42 24.42 -35.15
C ARG B 666 22.53 25.12 -35.91
N LYS B 667 22.64 24.89 -37.22
CA LYS B 667 23.69 25.50 -38.02
C LYS B 667 23.16 26.51 -39.02
N SER B 668 21.92 26.97 -38.84
CA SER B 668 21.29 27.90 -39.77
C SER B 668 21.24 29.32 -39.22
N LYS B 669 21.75 29.56 -38.02
CA LYS B 669 21.77 30.89 -37.41
C LYS B 669 20.37 31.47 -37.27
N GLY B 670 19.36 30.61 -37.17
CA GLY B 670 17.99 31.07 -37.04
C GLY B 670 17.28 31.36 -38.33
N LYS B 671 17.65 30.67 -39.43
CA LYS B 671 17.03 30.89 -40.73
C LYS B 671 16.48 29.61 -41.32
N TYR B 672 16.18 28.61 -40.48
CA TYR B 672 15.63 27.34 -40.94
C TYR B 672 14.85 26.70 -39.81
N ALA B 673 13.70 26.13 -40.14
CA ALA B 673 12.83 25.48 -39.17
C ALA B 673 12.59 24.02 -39.56
N TYR B 674 12.15 23.23 -38.59
CA TYR B 674 11.88 21.82 -38.80
C TYR B 674 10.54 21.48 -38.15
N LEU B 675 9.74 20.68 -38.85
CA LEU B 675 8.42 20.29 -38.40
C LEU B 675 8.45 18.81 -38.02
N LEU B 676 8.05 18.51 -36.78
CA LEU B 676 8.03 17.15 -36.27
C LEU B 676 6.95 17.05 -35.19
N GLU B 677 6.80 15.84 -34.65
CA GLU B 677 5.81 15.63 -33.60
C GLU B 677 6.19 16.43 -32.35
N SER B 678 5.18 16.74 -31.55
CA SER B 678 5.39 17.60 -30.39
C SER B 678 6.18 16.89 -29.30
N THR B 679 5.96 15.59 -29.12
CA THR B 679 6.65 14.86 -28.07
C THR B 679 8.17 14.85 -28.31
N MET B 680 8.57 14.53 -29.55
CA MET B 680 9.99 14.58 -29.87
C MET B 680 10.51 16.02 -29.87
N ASN B 681 9.67 16.98 -30.22
CA ASN B 681 10.09 18.38 -30.20
C ASN B 681 10.25 18.88 -28.76
N GLU B 682 9.32 18.50 -27.87
CA GLU B 682 9.42 18.93 -26.48
C GLU B 682 10.62 18.30 -25.78
N TYR B 683 11.08 17.15 -26.25
CA TYR B 683 12.21 16.49 -25.60
C TYR B 683 13.53 17.13 -26.01
N ILE B 684 13.67 17.51 -27.29
CA ILE B 684 14.90 18.15 -27.72
C ILE B 684 15.06 19.51 -27.05
N GLU B 685 13.95 20.16 -26.69
CA GLU B 685 14.01 21.45 -26.01
C GLU B 685 14.64 21.32 -24.62
N GLN B 686 14.52 20.16 -23.99
CA GLN B 686 15.01 19.93 -22.64
C GLN B 686 16.34 19.19 -22.61
N ARG B 687 17.12 19.27 -23.69
CA ARG B 687 18.44 18.64 -23.75
C ARG B 687 19.45 19.64 -24.29
N LYS B 688 20.66 19.57 -23.74
CA LYS B 688 21.74 20.49 -24.11
C LYS B 688 22.06 20.40 -25.61
N PRO B 689 22.55 21.51 -26.20
CA PRO B 689 22.87 22.80 -25.57
C PRO B 689 21.69 23.76 -25.43
N CYS B 690 20.46 23.22 -25.35
CA CYS B 690 19.26 24.00 -25.11
C CYS B 690 19.10 25.12 -26.15
N ASP B 691 19.19 24.74 -27.41
CA ASP B 691 19.09 25.70 -28.51
C ASP B 691 17.85 25.50 -29.37
N THR B 692 16.93 24.63 -28.96
CA THR B 692 15.68 24.40 -29.68
C THR B 692 14.51 24.83 -28.81
N MET B 693 13.39 25.15 -29.46
CA MET B 693 12.21 25.63 -28.75
C MET B 693 10.97 25.28 -29.54
N LYS B 694 9.95 24.78 -28.84
CA LYS B 694 8.65 24.49 -29.43
C LYS B 694 7.81 25.76 -29.43
N VAL B 695 7.45 26.26 -30.61
CA VAL B 695 6.65 27.47 -30.76
C VAL B 695 5.32 27.09 -31.38
N GLY B 696 4.25 27.69 -30.87
CA GLY B 696 2.92 27.41 -31.37
C GLY B 696 2.38 26.06 -30.98
N GLY B 697 1.07 25.87 -31.11
CA GLY B 697 0.43 24.62 -30.78
C GLY B 697 0.71 23.54 -31.81
N ASN B 698 0.00 22.43 -31.66
CA ASN B 698 0.12 21.33 -32.59
C ASN B 698 -0.76 21.55 -33.81
N LEU B 699 -0.37 20.91 -34.92
CA LEU B 699 -1.11 21.05 -36.16
C LEU B 699 -2.18 19.99 -36.34
N ASP B 700 -2.05 18.84 -35.68
CA ASP B 700 -3.02 17.76 -35.80
C ASP B 700 -3.20 17.11 -34.43
N SER B 701 -4.23 16.26 -34.34
CA SER B 701 -4.61 15.59 -33.09
C SER B 701 -4.34 14.09 -33.24
N LYS B 702 -3.12 13.69 -32.90
CA LYS B 702 -2.73 12.28 -32.91
C LYS B 702 -2.30 11.87 -31.51
N GLY B 703 -2.08 10.57 -31.34
CA GLY B 703 -1.69 10.04 -30.04
C GLY B 703 -0.94 8.74 -30.17
N TYR B 704 -0.17 8.43 -29.14
CA TYR B 704 0.52 7.16 -29.01
C TYR B 704 -0.34 6.17 -28.26
N GLY B 705 -0.16 4.88 -28.56
CA GLY B 705 -0.98 3.85 -27.96
C GLY B 705 -0.17 2.61 -27.66
N ILE B 706 -0.83 1.68 -26.97
CA ILE B 706 -0.27 0.37 -26.63
C ILE B 706 -0.93 -0.68 -27.51
N ALA B 707 -0.12 -1.44 -28.22
CA ALA B 707 -0.62 -2.37 -29.24
C ALA B 707 -0.58 -3.79 -28.71
N THR B 708 -1.67 -4.52 -28.93
CA THR B 708 -1.82 -5.92 -28.58
C THR B 708 -2.39 -6.68 -29.76
N PRO B 709 -2.04 -7.96 -29.92
CA PRO B 709 -2.63 -8.75 -31.00
C PRO B 709 -4.14 -8.88 -30.83
N LYS B 710 -4.83 -9.05 -31.96
CA LYS B 710 -6.28 -9.15 -31.93
C LYS B 710 -6.71 -10.46 -31.29
N GLY B 711 -7.71 -10.37 -30.41
CA GLY B 711 -8.17 -11.52 -29.66
C GLY B 711 -7.27 -11.96 -28.53
N SER B 712 -6.27 -11.15 -28.19
CA SER B 712 -5.35 -11.51 -27.12
C SER B 712 -5.99 -11.29 -25.75
N SER B 713 -5.50 -12.05 -24.76
CA SER B 713 -6.03 -11.91 -23.41
C SER B 713 -5.62 -10.58 -22.78
N LEU B 714 -4.49 -10.01 -23.21
CA LEU B 714 -4.02 -8.75 -22.67
C LEU B 714 -4.71 -7.54 -23.28
N GLY B 715 -5.56 -7.74 -24.28
CA GLY B 715 -6.15 -6.63 -25.02
C GLY B 715 -6.95 -5.67 -24.18
N THR B 716 -8.10 -6.13 -23.68
CA THR B 716 -9.01 -5.27 -22.91
C THR B 716 -8.42 -4.81 -21.58
N PRO B 717 -7.79 -5.67 -20.78
CA PRO B 717 -7.26 -5.19 -19.49
C PRO B 717 -6.25 -4.07 -19.63
N VAL B 718 -5.36 -4.13 -20.62
CA VAL B 718 -4.35 -3.09 -20.78
C VAL B 718 -5.01 -1.77 -21.17
N ASN B 719 -6.01 -1.82 -22.04
CA ASN B 719 -6.72 -0.61 -22.44
C ASN B 719 -7.39 0.05 -21.24
N LEU B 720 -8.00 -0.76 -20.36
CA LEU B 720 -8.59 -0.21 -19.15
C LEU B 720 -7.53 0.31 -18.19
N ALA B 721 -6.32 -0.25 -18.26
CA ALA B 721 -5.24 0.17 -17.36
C ALA B 721 -4.68 1.53 -17.76
N VAL B 722 -4.73 1.89 -19.04
CA VAL B 722 -4.18 3.16 -19.48
C VAL B 722 -5.04 4.32 -18.99
N LEU B 723 -6.37 4.15 -19.03
CA LEU B 723 -7.25 5.20 -18.53
C LEU B 723 -7.10 5.40 -17.03
N LYS B 724 -6.80 4.34 -16.29
CA LYS B 724 -6.60 4.48 -14.86
C LYS B 724 -5.35 5.29 -14.53
N LEU B 725 -4.31 5.17 -15.35
CA LEU B 725 -3.08 5.92 -15.11
C LEU B 725 -3.21 7.37 -15.53
N SER B 726 -4.06 7.67 -16.52
CA SER B 726 -4.24 9.05 -16.95
C SER B 726 -5.04 9.83 -15.92
N GLU B 727 -6.04 9.20 -15.31
CA GLU B 727 -6.88 9.89 -14.33
C GLU B 727 -6.22 9.97 -12.96
N GLN B 728 -5.37 9.01 -12.61
CA GLN B 728 -4.59 9.09 -11.38
C GLN B 728 -3.37 9.98 -11.51
N GLY B 729 -3.19 10.65 -12.65
CA GLY B 729 -2.06 11.52 -12.85
C GLY B 729 -0.73 10.82 -13.01
N VAL B 730 -0.73 9.50 -13.24
CA VAL B 730 0.53 8.78 -13.38
C VAL B 730 1.18 9.08 -14.73
N LEU B 731 0.38 9.12 -15.79
CA LEU B 731 0.93 9.39 -17.12
C LEU B 731 1.52 10.78 -17.19
N ASP B 732 0.79 11.78 -16.69
CA ASP B 732 1.32 13.14 -16.67
C ASP B 732 2.52 13.25 -15.74
N LYS B 733 2.54 12.48 -14.67
CA LYS B 733 3.70 12.49 -13.77
C LYS B 733 4.91 11.86 -14.44
N LEU B 734 4.72 10.72 -15.11
CA LEU B 734 5.84 10.06 -15.77
C LEU B 734 6.38 10.90 -16.92
N LYS B 735 5.50 11.54 -17.68
CA LYS B 735 5.97 12.45 -18.73
C LYS B 735 6.74 13.61 -18.12
N ASN B 736 6.25 14.16 -17.01
CA ASN B 736 6.96 15.23 -16.33
C ASN B 736 8.28 14.75 -15.73
N LYS B 737 8.40 13.46 -15.43
CA LYS B 737 9.61 12.96 -14.78
C LYS B 737 10.71 12.65 -15.80
N TRP B 738 10.35 12.35 -17.04
CA TRP B 738 11.34 12.02 -18.07
C TRP B 738 11.53 13.11 -19.11
N TRP B 739 10.65 14.11 -19.18
CA TRP B 739 10.83 15.24 -20.07
C TRP B 739 11.41 16.46 -19.37
N TYR B 740 11.08 16.66 -18.10
CA TYR B 740 11.49 17.86 -17.38
C TYR B 740 12.35 17.58 -16.16
N ASP B 741 12.01 16.56 -15.35
CA ASP B 741 12.85 16.21 -14.22
C ASP B 741 14.21 15.70 -14.68
N LYS B 742 14.21 14.64 -15.49
CA LYS B 742 15.45 14.11 -16.05
C LYS B 742 16.07 15.04 -17.08
N GLY B 743 15.36 16.08 -17.51
CA GLY B 743 15.91 16.98 -18.50
C GLY B 743 17.09 17.78 -17.96
N GLU B 744 18.04 18.05 -18.84
CA GLU B 744 19.23 18.81 -18.47
C GLU B 744 18.95 20.30 -18.41
N CYS B 745 18.30 20.85 -19.43
CA CYS B 745 17.78 22.22 -19.39
C CYS B 745 16.49 22.18 -18.59
N GLY B 746 16.61 22.41 -17.28
CA GLY B 746 15.48 22.25 -16.39
C GLY B 746 14.33 23.18 -16.73
N ALA B 747 13.14 22.82 -16.24
CA ALA B 747 11.97 23.67 -16.43
C ALA B 747 12.13 25.01 -15.72
N LYS B 748 13.02 25.10 -14.74
CA LYS B 748 13.36 26.35 -14.08
C LYS B 748 14.50 27.08 -14.78
N ASP B 749 15.10 26.49 -15.82
CA ASP B 749 16.13 27.17 -16.59
C ASP B 749 15.53 28.20 -17.54
N SER B 750 14.33 27.93 -18.07
CA SER B 750 13.63 28.92 -18.88
C SER B 750 13.07 30.06 -18.06
N GLY B 751 13.07 29.95 -16.74
CA GLY B 751 12.59 31.02 -15.88
C GLY B 751 13.71 31.63 -15.05
N SER B 752 13.93 32.94 -15.21
CA SER B 752 14.95 33.70 -14.50
C SER B 752 16.35 33.28 -14.90
N LYS B 753 17.17 34.25 -15.32
CA LYS B 753 18.55 33.98 -15.73
C LYS B 753 19.49 34.65 -14.73
N GLU B 754 20.72 34.93 -15.17
CA GLU B 754 21.72 35.53 -14.28
C GLU B 754 21.96 36.83 -15.04
N LYS B 755 23.08 37.50 -14.73
CA LYS B 755 23.40 38.77 -15.35
C LYS B 755 24.44 38.86 -16.45
N THR B 756 24.34 39.90 -17.28
CA THR B 756 25.28 40.12 -18.37
C THR B 756 25.13 41.56 -18.84
N SER B 757 26.14 42.38 -18.60
CA SER B 757 26.06 43.81 -18.93
C SER B 757 27.44 44.33 -19.30
N ALA B 758 27.60 44.72 -20.56
CA ALA B 758 28.81 45.36 -21.05
C ALA B 758 28.56 45.92 -22.45
N LEU B 759 28.39 47.24 -22.55
CA LEU B 759 28.02 47.88 -23.82
C LEU B 759 29.05 47.57 -24.89
N SER B 760 28.70 46.68 -25.81
CA SER B 760 29.62 46.20 -26.82
C SER B 760 29.87 47.26 -27.90
N LEU B 761 30.83 46.96 -28.77
CA LEU B 761 31.18 47.83 -29.88
C LEU B 761 30.33 47.59 -31.12
N SER B 762 29.62 46.46 -31.18
CA SER B 762 28.92 46.05 -32.39
C SER B 762 27.79 46.99 -32.79
N ASN B 763 27.43 47.96 -31.94
CA ASN B 763 26.39 48.92 -32.29
C ASN B 763 26.84 50.38 -32.18
N VAL B 764 27.90 50.66 -31.40
CA VAL B 764 28.37 52.03 -31.27
C VAL B 764 28.91 52.56 -32.59
N ALA B 765 29.33 51.68 -33.49
CA ALA B 765 29.77 52.12 -34.81
C ALA B 765 28.67 52.80 -35.59
N GLY B 766 27.39 52.54 -35.27
CA GLY B 766 26.32 53.25 -35.93
C GLY B 766 26.32 54.73 -35.62
N VAL B 767 26.90 55.11 -34.49
CA VAL B 767 27.00 56.53 -34.17
C VAL B 767 28.24 57.14 -34.83
N PHE B 768 29.29 56.34 -35.04
CA PHE B 768 30.49 56.86 -35.67
C PHE B 768 30.35 57.00 -37.18
N TYR B 769 29.53 56.15 -37.81
CA TYR B 769 29.37 56.22 -39.25
C TYR B 769 28.50 57.40 -39.68
N ILE B 770 27.75 58.00 -38.74
CA ILE B 770 26.94 59.17 -39.06
C ILE B 770 27.68 60.48 -38.81
N LEU B 771 28.81 60.44 -38.11
CA LEU B 771 29.64 61.62 -37.88
C LEU B 771 30.75 61.77 -38.91
N VAL B 772 31.35 60.67 -39.35
CA VAL B 772 32.41 60.76 -40.36
C VAL B 772 31.81 61.15 -41.71
N GLY B 773 30.61 60.66 -42.01
CA GLY B 773 29.91 61.13 -43.18
C GLY B 773 29.57 62.62 -43.09
N GLY B 774 29.34 63.11 -41.88
CA GLY B 774 29.15 64.53 -41.69
C GLY B 774 30.45 65.31 -41.79
N LEU B 775 31.57 64.72 -41.36
CA LEU B 775 32.87 65.35 -41.55
C LEU B 775 33.26 65.36 -43.02
N GLY B 776 32.95 64.28 -43.74
CA GLY B 776 33.17 64.27 -45.18
C GLY B 776 32.25 65.22 -45.92
N LEU B 777 31.02 65.41 -45.39
CA LEU B 777 30.13 66.39 -45.98
C LEU B 777 30.55 67.81 -45.65
N ALA B 778 31.11 68.03 -44.47
CA ALA B 778 31.59 69.36 -44.10
C ALA B 778 32.81 69.76 -44.91
N MET B 779 33.66 68.79 -45.26
CA MET B 779 34.83 69.10 -46.08
C MET B 779 34.46 69.34 -47.54
N LEU B 780 33.35 68.77 -48.01
CA LEU B 780 32.88 69.01 -49.36
C LEU B 780 32.31 70.41 -49.53
N VAL B 781 31.94 71.07 -48.43
CA VAL B 781 31.39 72.42 -48.46
C VAL B 781 32.46 73.42 -48.06
N ALA B 782 33.42 72.96 -47.26
CA ALA B 782 34.50 73.85 -46.83
C ALA B 782 35.45 74.22 -47.96
N LEU B 783 35.46 73.46 -49.06
CA LEU B 783 36.33 73.75 -50.18
C LEU B 783 35.67 74.63 -51.23
N ILE B 784 34.34 74.66 -51.30
CA ILE B 784 33.65 75.51 -52.27
C ILE B 784 33.45 76.93 -51.77
N GLU B 785 33.74 77.21 -50.50
CA GLU B 785 33.66 78.55 -49.97
C GLU B 785 34.96 79.33 -50.10
N PHE B 786 36.08 78.63 -50.29
CA PHE B 786 37.38 79.27 -50.44
C PHE B 786 37.71 79.60 -51.88
N CYS B 787 36.77 79.40 -52.80
CA CYS B 787 36.98 79.70 -54.22
C CYS B 787 35.96 80.65 -54.81
N TYR B 788 34.72 80.62 -54.33
CA TYR B 788 33.68 81.51 -54.84
C TYR B 788 33.73 82.86 -54.15
N ASN C 1 -56.53 -58.92 -35.40
CA ASN C 1 -55.34 -58.13 -35.11
C ASN C 1 -55.70 -56.77 -34.51
N SER C 2 -56.46 -56.81 -33.42
CA SER C 2 -56.86 -55.59 -32.71
C SER C 2 -55.85 -55.32 -31.59
N ILE C 3 -55.20 -54.16 -31.67
CA ILE C 3 -54.20 -53.75 -30.69
C ILE C 3 -54.82 -52.63 -29.87
N GLN C 4 -55.33 -52.97 -28.69
CA GLN C 4 -55.97 -51.98 -27.83
C GLN C 4 -54.92 -51.15 -27.10
N ILE C 5 -55.08 -49.84 -27.12
CA ILE C 5 -54.16 -48.92 -26.45
C ILE C 5 -54.97 -47.99 -25.55
N GLY C 6 -54.27 -47.38 -24.60
CA GLY C 6 -54.89 -46.47 -23.64
C GLY C 6 -54.70 -45.02 -24.04
N GLY C 7 -55.75 -44.24 -23.87
CA GLY C 7 -55.72 -42.83 -24.21
C GLY C 7 -56.19 -41.92 -23.10
N LEU C 8 -55.27 -41.12 -22.55
CA LEU C 8 -55.58 -40.17 -21.48
C LEU C 8 -55.39 -38.77 -22.01
N PHE C 9 -56.49 -38.03 -22.16
CA PHE C 9 -56.46 -36.67 -22.67
C PHE C 9 -57.10 -35.73 -21.66
N PRO C 10 -56.47 -34.60 -21.36
CA PRO C 10 -57.09 -33.64 -20.43
C PRO C 10 -58.28 -32.95 -21.09
N ARG C 11 -59.22 -32.53 -20.24
CA ARG C 11 -60.36 -31.76 -20.73
C ARG C 11 -59.90 -30.35 -21.10
N GLY C 12 -60.31 -29.90 -22.28
CA GLY C 12 -59.83 -28.67 -22.86
C GLY C 12 -58.71 -28.87 -23.87
N ALA C 13 -58.09 -30.05 -23.88
CA ALA C 13 -57.07 -30.38 -24.88
C ALA C 13 -57.77 -30.90 -26.14
N ASP C 14 -58.48 -29.99 -26.81
CA ASP C 14 -59.26 -30.37 -27.99
C ASP C 14 -58.36 -30.62 -29.19
N GLN C 15 -57.47 -29.67 -29.50
CA GLN C 15 -56.59 -29.84 -30.65
C GLN C 15 -55.62 -30.99 -30.45
N GLU C 16 -55.20 -31.25 -29.21
CA GLU C 16 -54.31 -32.38 -28.94
C GLU C 16 -54.98 -33.71 -29.24
N TYR C 17 -56.30 -33.80 -29.02
CA TYR C 17 -57.02 -35.03 -29.33
C TYR C 17 -57.40 -35.12 -30.80
N SER C 18 -57.59 -33.97 -31.46
CA SER C 18 -57.91 -33.98 -32.88
C SER C 18 -56.74 -34.51 -33.70
N ALA C 19 -55.51 -34.08 -33.38
CA ALA C 19 -54.34 -34.60 -34.07
C ALA C 19 -54.11 -36.08 -33.79
N PHE C 20 -54.64 -36.60 -32.68
CA PHE C 20 -54.51 -38.02 -32.40
C PHE C 20 -55.35 -38.86 -33.36
N ARG C 21 -56.54 -38.37 -33.71
CA ARG C 21 -57.39 -39.09 -34.65
C ARG C 21 -56.85 -38.99 -36.07
N VAL C 22 -56.22 -37.87 -36.41
CA VAL C 22 -55.62 -37.72 -37.74
C VAL C 22 -54.49 -38.73 -37.92
N GLY C 23 -53.68 -38.92 -36.87
CA GLY C 23 -52.63 -39.93 -36.94
C GLY C 23 -53.17 -41.33 -36.99
N MET C 24 -54.36 -41.57 -36.42
CA MET C 24 -54.98 -42.88 -36.48
C MET C 24 -55.47 -43.22 -37.88
N VAL C 25 -55.68 -42.22 -38.73
CA VAL C 25 -56.14 -42.44 -40.09
C VAL C 25 -54.98 -42.46 -41.08
N GLN C 26 -54.00 -41.57 -40.89
CA GLN C 26 -52.87 -41.49 -41.81
C GLN C 26 -51.92 -42.67 -41.68
N PHE C 27 -51.90 -43.35 -40.53
CA PHE C 27 -50.96 -44.43 -40.27
C PHE C 27 -51.69 -45.75 -40.00
N SER C 28 -52.88 -45.93 -40.56
CA SER C 28 -53.63 -47.16 -40.39
C SER C 28 -53.33 -48.13 -41.53
N THR C 29 -53.15 -49.40 -41.19
CA THR C 29 -52.82 -50.43 -42.16
C THR C 29 -53.76 -51.61 -41.99
N SER C 30 -53.67 -52.55 -42.94
CA SER C 30 -54.48 -53.76 -42.92
C SER C 30 -53.85 -54.88 -42.11
N GLU C 31 -52.58 -54.76 -41.75
CA GLU C 31 -51.94 -55.79 -40.93
C GLU C 31 -52.51 -55.82 -39.53
N PHE C 32 -52.68 -54.64 -38.92
CA PHE C 32 -53.25 -54.53 -37.58
C PHE C 32 -53.96 -53.19 -37.48
N ARG C 33 -54.78 -53.07 -36.43
CA ARG C 33 -55.58 -51.86 -36.22
C ARG C 33 -55.53 -51.49 -34.75
N LEU C 34 -55.10 -50.27 -34.46
CA LEU C 34 -55.02 -49.80 -33.08
C LEU C 34 -56.40 -49.39 -32.58
N THR C 35 -56.71 -49.80 -31.35
CA THR C 35 -58.01 -49.53 -30.74
C THR C 35 -57.80 -48.66 -29.51
N PRO C 36 -57.88 -47.33 -29.66
CA PRO C 36 -57.70 -46.45 -28.50
C PRO C 36 -58.90 -46.50 -27.57
N HIS C 37 -58.62 -46.47 -26.28
CA HIS C 37 -59.65 -46.39 -25.24
C HIS C 37 -59.47 -45.06 -24.54
N ILE C 38 -60.30 -44.08 -24.89
CA ILE C 38 -60.14 -42.70 -24.45
C ILE C 38 -60.81 -42.52 -23.10
N ASP C 39 -60.13 -41.81 -22.20
CA ASP C 39 -60.65 -41.46 -20.88
C ASP C 39 -60.35 -39.98 -20.63
N ASN C 40 -61.29 -39.11 -20.98
CA ASN C 40 -61.15 -37.69 -20.70
C ASN C 40 -61.19 -37.47 -19.20
N LEU C 41 -60.13 -36.86 -18.66
CA LEU C 41 -59.99 -36.69 -17.22
C LEU C 41 -59.23 -35.42 -16.93
N GLU C 42 -59.34 -34.96 -15.69
CA GLU C 42 -58.59 -33.80 -15.23
C GLU C 42 -57.15 -34.22 -14.98
N VAL C 43 -56.21 -33.61 -15.71
CA VAL C 43 -54.81 -34.01 -15.63
C VAL C 43 -54.13 -33.52 -14.36
N ALA C 44 -54.74 -32.59 -13.63
CA ALA C 44 -54.15 -32.06 -12.40
C ALA C 44 -54.54 -32.82 -11.15
N ASN C 45 -55.37 -33.86 -11.28
CA ASN C 45 -55.79 -34.68 -10.14
C ASN C 45 -55.08 -36.02 -10.24
N SER C 46 -54.30 -36.37 -9.22
CA SER C 46 -53.53 -37.61 -9.26
C SER C 46 -54.41 -38.84 -9.07
N PHE C 47 -55.48 -38.72 -8.29
CA PHE C 47 -56.36 -39.86 -8.09
C PHE C 47 -57.09 -40.22 -9.37
N ALA C 48 -57.49 -39.22 -10.16
CA ALA C 48 -58.16 -39.49 -11.43
C ALA C 48 -57.23 -40.17 -12.42
N VAL C 49 -55.95 -39.77 -12.43
CA VAL C 49 -54.99 -40.41 -13.32
C VAL C 49 -54.72 -41.84 -12.88
N THR C 50 -54.60 -42.06 -11.57
CA THR C 50 -54.38 -43.42 -11.05
C THR C 50 -55.58 -44.30 -11.35
N ASN C 51 -56.79 -43.77 -11.19
CA ASN C 51 -57.98 -44.56 -11.48
C ASN C 51 -58.15 -44.80 -12.98
N ALA C 52 -57.74 -43.84 -13.81
CA ALA C 52 -57.83 -44.01 -15.25
C ALA C 52 -56.73 -44.92 -15.78
N PHE C 53 -55.54 -44.86 -15.19
CA PHE C 53 -54.46 -45.77 -15.60
C PHE C 53 -54.83 -47.21 -15.27
N CYS C 54 -55.35 -47.46 -14.07
CA CYS C 54 -55.84 -48.79 -13.72
C CYS C 54 -57.07 -49.19 -14.54
N SER C 55 -57.83 -48.22 -15.04
CA SER C 55 -58.93 -48.54 -15.95
C SER C 55 -58.40 -49.09 -17.28
N GLN C 56 -57.27 -48.56 -17.76
CA GLN C 56 -56.66 -49.09 -18.97
C GLN C 56 -55.97 -50.41 -18.70
N PHE C 57 -55.35 -50.56 -17.53
CA PHE C 57 -54.64 -51.79 -17.21
C PHE C 57 -55.60 -52.95 -17.01
N SER C 58 -56.76 -52.68 -16.40
CA SER C 58 -57.75 -53.74 -16.18
C SER C 58 -58.44 -54.18 -17.47
N ARG C 59 -58.43 -53.34 -18.49
CA ARG C 59 -59.05 -53.67 -19.78
C ARG C 59 -58.06 -54.21 -20.78
N GLY C 60 -56.82 -54.49 -20.37
CA GLY C 60 -55.84 -55.10 -21.24
C GLY C 60 -55.39 -54.23 -22.38
N VAL C 61 -54.46 -53.32 -22.12
CA VAL C 61 -53.88 -52.47 -23.15
C VAL C 61 -52.41 -52.81 -23.30
N TYR C 62 -51.90 -52.63 -24.51
CA TYR C 62 -50.49 -52.89 -24.81
C TYR C 62 -49.62 -51.66 -24.72
N ALA C 63 -50.22 -50.46 -24.78
CA ALA C 63 -49.49 -49.21 -24.62
C ALA C 63 -50.51 -48.13 -24.25
N ILE C 64 -50.02 -47.06 -23.64
CA ILE C 64 -50.85 -45.96 -23.20
C ILE C 64 -50.24 -44.65 -23.69
N PHE C 65 -51.06 -43.82 -24.33
CA PHE C 65 -50.66 -42.47 -24.73
C PHE C 65 -51.46 -41.47 -23.91
N GLY C 66 -50.75 -40.53 -23.28
CA GLY C 66 -51.40 -39.56 -22.44
C GLY C 66 -50.50 -38.38 -22.13
N PHE C 67 -50.95 -37.56 -21.17
CA PHE C 67 -50.23 -36.38 -20.72
C PHE C 67 -50.03 -36.48 -19.21
N TYR C 68 -49.40 -35.45 -18.64
CA TYR C 68 -49.28 -35.33 -17.19
C TYR C 68 -48.92 -33.90 -16.85
N ASP C 69 -48.99 -33.60 -15.55
CA ASP C 69 -48.66 -32.30 -15.00
C ASP C 69 -47.51 -32.45 -14.00
N LYS C 70 -47.09 -31.35 -13.41
CA LYS C 70 -46.03 -31.39 -12.41
C LYS C 70 -46.40 -32.27 -11.23
N LYS C 71 -47.69 -32.33 -10.88
CA LYS C 71 -48.12 -33.11 -9.74
C LYS C 71 -48.31 -34.59 -10.10
N SER C 72 -48.80 -34.87 -11.32
CA SER C 72 -49.14 -36.22 -11.73
C SER C 72 -48.04 -36.92 -12.51
N VAL C 73 -46.90 -36.26 -12.73
CA VAL C 73 -45.84 -36.87 -13.53
C VAL C 73 -45.23 -38.05 -12.79
N ASN C 74 -45.01 -37.92 -11.48
CA ASN C 74 -44.40 -39.00 -10.72
C ASN C 74 -45.32 -40.21 -10.59
N THR C 75 -46.63 -40.01 -10.73
CA THR C 75 -47.55 -41.14 -10.66
C THR C 75 -47.44 -42.02 -11.90
N ILE C 76 -47.26 -41.41 -13.07
CA ILE C 76 -47.19 -42.18 -14.31
C ILE C 76 -45.87 -42.95 -14.39
N THR C 77 -44.76 -42.27 -14.10
CA THR C 77 -43.45 -42.89 -14.27
C THR C 77 -43.27 -44.09 -13.34
N SER C 78 -43.76 -44.00 -12.11
CA SER C 78 -43.58 -45.09 -11.16
C SER C 78 -44.54 -46.25 -11.44
N PHE C 79 -45.78 -45.94 -11.82
CA PHE C 79 -46.71 -47.00 -12.19
C PHE C 79 -46.25 -47.75 -13.43
N CYS C 80 -45.71 -47.02 -14.41
CA CYS C 80 -45.22 -47.67 -15.62
C CYS C 80 -43.94 -48.44 -15.36
N GLY C 81 -43.10 -47.96 -14.45
CA GLY C 81 -41.87 -48.66 -14.13
C GLY C 81 -42.08 -49.94 -13.35
N THR C 82 -43.25 -50.11 -12.73
CA THR C 82 -43.55 -51.29 -11.95
C THR C 82 -44.33 -52.34 -12.74
N LEU C 83 -45.33 -51.93 -13.52
CA LEU C 83 -46.17 -52.84 -14.27
C LEU C 83 -45.66 -53.12 -15.68
N HIS C 84 -44.51 -52.54 -16.05
CA HIS C 84 -43.90 -52.77 -17.36
C HIS C 84 -44.84 -52.35 -18.50
N VAL C 85 -45.58 -51.27 -18.29
CA VAL C 85 -46.48 -50.71 -19.28
C VAL C 85 -45.81 -49.50 -19.92
N SER C 86 -45.79 -49.46 -21.24
CA SER C 86 -45.17 -48.35 -21.95
C SER C 86 -46.10 -47.14 -21.99
N PHE C 87 -45.50 -45.95 -21.88
CA PHE C 87 -46.25 -44.70 -21.82
C PHE C 87 -45.65 -43.72 -22.81
N ILE C 88 -46.46 -43.24 -23.75
CA ILE C 88 -46.05 -42.26 -24.75
C ILE C 88 -46.67 -40.92 -24.37
N THR C 89 -45.85 -39.87 -24.34
CA THR C 89 -46.33 -38.56 -23.90
C THR C 89 -45.62 -37.43 -24.61
N PRO C 90 -46.34 -36.38 -25.00
CA PRO C 90 -45.70 -35.16 -25.52
C PRO C 90 -45.43 -34.09 -24.48
N SER C 91 -45.66 -34.36 -23.20
CA SER C 91 -45.42 -33.38 -22.16
C SER C 91 -43.92 -33.21 -21.94
N PHE C 92 -43.58 -32.37 -20.95
CA PHE C 92 -42.18 -32.05 -20.71
C PHE C 92 -41.42 -33.30 -20.24
N PRO C 93 -40.15 -33.42 -20.60
CA PRO C 93 -39.38 -34.61 -20.21
C PRO C 93 -39.24 -34.72 -18.70
N THR C 94 -39.11 -35.96 -18.23
CA THR C 94 -38.97 -36.21 -16.81
C THR C 94 -37.62 -35.71 -16.30
N ASP C 95 -37.62 -35.29 -15.03
CA ASP C 95 -36.41 -34.77 -14.38
C ASP C 95 -35.58 -35.94 -13.89
N GLY C 96 -34.89 -36.56 -14.83
CA GLY C 96 -34.00 -37.66 -14.57
C GLY C 96 -34.15 -38.70 -15.65
N THR C 97 -33.87 -39.96 -15.29
CA THR C 97 -33.95 -41.11 -16.19
C THR C 97 -34.99 -42.08 -15.65
N HIS C 98 -36.15 -42.14 -16.28
CA HIS C 98 -37.23 -43.00 -15.87
C HIS C 98 -37.57 -43.98 -16.99
N PRO C 99 -37.60 -45.28 -16.72
CA PRO C 99 -37.87 -46.26 -17.78
C PRO C 99 -39.35 -46.32 -18.13
N PHE C 100 -39.63 -46.95 -19.27
CA PHE C 100 -40.99 -47.13 -19.78
C PHE C 100 -41.70 -45.79 -19.98
N VAL C 101 -40.95 -44.75 -20.35
CA VAL C 101 -41.51 -43.43 -20.61
C VAL C 101 -40.98 -42.97 -21.97
N ILE C 102 -41.90 -42.67 -22.89
CA ILE C 102 -41.52 -42.21 -24.22
C ILE C 102 -42.14 -40.81 -24.32
N GLN C 103 -41.41 -39.80 -23.88
CA GLN C 103 -41.92 -38.42 -23.99
C GLN C 103 -41.40 -37.82 -25.31
N MET C 104 -42.34 -37.34 -26.13
CA MET C 104 -42.00 -36.92 -27.48
C MET C 104 -41.42 -35.51 -27.51
N ARG C 105 -41.45 -34.80 -26.39
CA ARG C 105 -40.94 -33.43 -26.36
C ARG C 105 -39.43 -33.45 -26.17
N PRO C 106 -38.66 -32.81 -27.04
CA PRO C 106 -37.21 -32.75 -26.85
C PRO C 106 -36.83 -31.85 -25.68
N ASP C 107 -35.58 -31.99 -25.24
CA ASP C 107 -35.08 -31.22 -24.11
C ASP C 107 -34.75 -29.80 -24.56
N LEU C 108 -35.40 -28.83 -23.93
CA LEU C 108 -35.20 -27.41 -24.26
C LEU C 108 -34.09 -26.77 -23.44
N LYS C 109 -33.61 -27.43 -22.39
CA LYS C 109 -32.58 -26.84 -21.54
C LYS C 109 -31.33 -26.51 -22.33
N GLY C 110 -30.82 -27.47 -23.10
CA GLY C 110 -29.63 -27.22 -23.89
C GLY C 110 -29.82 -26.14 -24.94
N ALA C 111 -31.04 -26.01 -25.47
CA ALA C 111 -31.29 -25.00 -26.50
C ALA C 111 -31.35 -23.61 -25.90
N LEU C 112 -31.98 -23.46 -24.73
CA LEU C 112 -32.04 -22.15 -24.10
C LEU C 112 -30.68 -21.72 -23.57
N LEU C 113 -29.91 -22.64 -23.00
CA LEU C 113 -28.57 -22.31 -22.54
C LEU C 113 -27.68 -21.89 -23.69
N SER C 114 -27.92 -22.42 -24.90
CA SER C 114 -27.16 -22.01 -26.06
C SER C 114 -27.64 -20.67 -26.62
N LEU C 115 -28.94 -20.38 -26.50
CA LEU C 115 -29.45 -19.11 -26.99
C LEU C 115 -29.02 -17.95 -26.12
N ILE C 116 -28.98 -18.15 -24.80
CA ILE C 116 -28.46 -17.13 -23.90
C ILE C 116 -27.01 -16.85 -24.22
N GLU C 117 -26.23 -17.90 -24.49
CA GLU C 117 -24.83 -17.73 -24.86
C GLU C 117 -24.67 -17.08 -26.23
N TYR C 118 -25.68 -17.19 -27.10
CA TYR C 118 -25.60 -16.57 -28.41
C TYR C 118 -25.67 -15.05 -28.31
N TYR C 119 -26.69 -14.53 -27.62
CA TYR C 119 -26.83 -13.09 -27.45
C TYR C 119 -25.82 -12.50 -26.48
N GLN C 120 -24.98 -13.33 -25.85
CA GLN C 120 -23.99 -12.89 -24.88
C GLN C 120 -24.67 -12.13 -23.73
N TRP C 121 -25.55 -12.84 -23.03
CA TRP C 121 -26.29 -12.28 -21.90
C TRP C 121 -25.56 -12.63 -20.61
N ASP C 122 -25.09 -11.61 -19.90
CA ASP C 122 -24.47 -11.79 -18.60
C ASP C 122 -25.40 -11.42 -17.44
N LYS C 123 -26.50 -10.72 -17.72
CA LYS C 123 -27.46 -10.33 -16.69
C LYS C 123 -28.83 -10.24 -17.33
N PHE C 124 -29.77 -11.05 -16.86
CA PHE C 124 -31.10 -11.09 -17.44
C PHE C 124 -32.10 -11.58 -16.40
N ALA C 125 -33.38 -11.42 -16.72
CA ALA C 125 -34.47 -11.90 -15.89
C ALA C 125 -35.01 -13.21 -16.44
N TYR C 126 -35.42 -14.10 -15.55
CA TYR C 126 -35.92 -15.43 -15.89
C TYR C 126 -37.29 -15.59 -15.25
N LEU C 127 -38.34 -15.28 -16.00
CA LEU C 127 -39.72 -15.42 -15.51
C LEU C 127 -40.18 -16.85 -15.77
N TYR C 128 -40.28 -17.64 -14.71
CA TYR C 128 -40.68 -19.04 -14.80
C TYR C 128 -41.99 -19.27 -14.07
N ASP C 129 -42.66 -20.35 -14.43
CA ASP C 129 -43.85 -20.81 -13.74
C ASP C 129 -43.65 -22.25 -13.30
N SER C 130 -44.05 -22.54 -12.06
CA SER C 130 -43.87 -23.89 -11.51
C SER C 130 -44.91 -24.85 -12.07
N ASP C 131 -45.01 -24.94 -13.39
CA ASP C 131 -45.98 -25.79 -14.06
C ASP C 131 -45.32 -26.93 -14.82
N ARG C 132 -44.39 -26.63 -15.72
CA ARG C 132 -43.68 -27.64 -16.48
C ARG C 132 -42.41 -28.12 -15.76
N GLY C 133 -42.35 -27.96 -14.44
CA GLY C 133 -41.18 -28.37 -13.70
C GLY C 133 -40.08 -27.32 -13.73
N LEU C 134 -39.23 -27.31 -12.70
CA LEU C 134 -38.12 -26.36 -12.61
C LEU C 134 -36.83 -26.92 -13.19
N SER C 135 -36.92 -27.73 -14.26
CA SER C 135 -35.73 -28.32 -14.85
C SER C 135 -34.93 -27.28 -15.63
N THR C 136 -35.60 -26.43 -16.40
CA THR C 136 -34.90 -25.37 -17.12
C THR C 136 -34.40 -24.29 -16.18
N LEU C 137 -35.10 -24.08 -15.05
CA LEU C 137 -34.66 -23.07 -14.09
C LEU C 137 -33.36 -23.50 -13.40
N GLN C 138 -33.26 -24.78 -13.02
CA GLN C 138 -32.01 -25.27 -12.46
C GLN C 138 -30.89 -25.26 -13.49
N ALA C 139 -31.24 -25.43 -14.77
CA ALA C 139 -30.22 -25.43 -15.82
C ALA C 139 -29.57 -24.06 -15.98
N VAL C 140 -30.37 -23.00 -15.95
CA VAL C 140 -29.82 -21.65 -16.06
C VAL C 140 -29.21 -21.17 -14.74
N LEU C 141 -29.60 -21.78 -13.62
CA LEU C 141 -29.00 -21.41 -12.34
C LEU C 141 -27.68 -22.14 -12.10
N ASP C 142 -27.59 -23.41 -12.54
CA ASP C 142 -26.32 -24.12 -12.46
C ASP C 142 -25.28 -23.47 -13.35
N SER C 143 -25.69 -23.01 -14.53
CA SER C 143 -24.80 -22.25 -15.41
C SER C 143 -24.65 -20.80 -14.98
N ALA C 144 -25.48 -20.33 -14.05
CA ALA C 144 -25.36 -18.95 -13.58
C ALA C 144 -24.05 -18.73 -12.83
N ALA C 145 -23.52 -19.76 -12.18
CA ALA C 145 -22.23 -19.67 -11.51
C ALA C 145 -21.09 -20.19 -12.37
N GLU C 146 -21.36 -21.18 -13.22
CA GLU C 146 -20.31 -21.69 -14.12
C GLU C 146 -19.91 -20.64 -15.14
N LYS C 147 -20.89 -19.92 -15.71
CA LYS C 147 -20.62 -18.89 -16.68
C LYS C 147 -20.73 -17.48 -16.10
N LYS C 148 -20.95 -17.37 -14.79
CA LYS C 148 -20.98 -16.09 -14.08
C LYS C 148 -22.02 -15.14 -14.67
N TRP C 149 -23.27 -15.53 -14.50
CA TRP C 149 -24.42 -14.70 -14.81
C TRP C 149 -24.99 -14.08 -13.54
N GLN C 150 -25.90 -13.13 -13.72
CA GLN C 150 -26.65 -12.53 -12.62
C GLN C 150 -28.14 -12.65 -12.97
N VAL C 151 -28.67 -13.87 -12.87
CA VAL C 151 -30.05 -14.12 -13.24
C VAL C 151 -30.98 -13.55 -12.17
N THR C 152 -32.06 -12.93 -12.62
CA THR C 152 -33.10 -12.40 -11.73
C THR C 152 -34.34 -13.25 -11.96
N ALA C 153 -34.35 -14.44 -11.35
CA ALA C 153 -35.44 -15.38 -11.51
C ALA C 153 -36.62 -15.00 -10.63
N ILE C 154 -37.80 -14.94 -11.21
CA ILE C 154 -39.03 -14.60 -10.50
C ILE C 154 -40.07 -15.68 -10.79
N ASN C 155 -40.71 -16.18 -9.74
CA ASN C 155 -41.78 -17.16 -9.88
C ASN C 155 -43.08 -16.40 -10.18
N VAL C 156 -43.55 -16.50 -11.43
CA VAL C 156 -44.77 -15.82 -11.84
C VAL C 156 -45.97 -16.75 -11.87
N GLY C 157 -45.79 -18.03 -11.54
CA GLY C 157 -46.90 -18.96 -11.60
C GLY C 157 -47.94 -18.72 -10.52
N ASN C 158 -47.49 -18.32 -9.33
CA ASN C 158 -48.39 -18.11 -8.19
C ASN C 158 -48.94 -16.68 -8.21
N ILE C 159 -49.84 -16.45 -9.18
CA ILE C 159 -50.54 -15.17 -9.29
C ILE C 159 -52.01 -15.45 -9.56
N ASN C 160 -52.86 -14.59 -9.02
CA ASN C 160 -54.30 -14.68 -9.24
C ASN C 160 -54.72 -13.86 -10.45
N ASN C 161 -55.85 -14.24 -11.02
CA ASN C 161 -56.31 -13.59 -12.26
C ASN C 161 -57.08 -12.30 -12.00
N ASP C 162 -57.65 -12.12 -10.81
CA ASP C 162 -58.35 -10.88 -10.53
C ASP C 162 -57.38 -9.74 -10.24
N LYS C 163 -56.32 -10.02 -9.48
CA LYS C 163 -55.24 -9.05 -9.25
C LYS C 163 -54.14 -9.16 -10.31
N LYS C 164 -54.45 -9.73 -11.47
CA LYS C 164 -53.45 -9.90 -12.51
C LYS C 164 -53.01 -8.55 -13.06
N ASP C 165 -53.93 -7.58 -13.15
CA ASP C 165 -53.57 -6.25 -13.63
C ASP C 165 -52.77 -5.47 -12.60
N GLU C 166 -52.87 -5.83 -11.33
CA GLU C 166 -52.18 -5.11 -10.25
C GLU C 166 -50.87 -5.78 -9.84
N THR C 167 -50.78 -7.10 -9.90
CA THR C 167 -49.55 -7.78 -9.52
C THR C 167 -48.54 -7.81 -10.65
N TYR C 168 -49.01 -7.86 -11.90
CA TYR C 168 -48.09 -7.81 -13.04
C TYR C 168 -47.38 -6.46 -13.12
N ARG C 169 -48.14 -5.37 -12.97
CA ARG C 169 -47.52 -4.06 -12.90
C ARG C 169 -46.62 -3.94 -11.67
N SER C 170 -46.94 -4.69 -10.61
CA SER C 170 -46.06 -4.74 -9.45
C SER C 170 -44.80 -5.57 -9.73
N LEU C 171 -44.85 -6.48 -10.70
CA LEU C 171 -43.67 -7.28 -11.02
C LEU C 171 -42.62 -6.46 -11.75
N PHE C 172 -43.03 -5.72 -12.78
CA PHE C 172 -42.08 -4.95 -13.58
C PHE C 172 -41.52 -3.75 -12.83
N GLN C 173 -42.14 -3.34 -11.72
CA GLN C 173 -41.56 -2.31 -10.87
C GLN C 173 -40.41 -2.84 -10.03
N ASP C 174 -40.33 -4.15 -9.82
CA ASP C 174 -39.15 -4.74 -9.20
C ASP C 174 -38.07 -5.03 -10.22
N LEU C 175 -38.45 -5.36 -11.46
CA LEU C 175 -37.48 -5.57 -12.51
C LEU C 175 -36.84 -4.26 -12.95
N GLU C 176 -37.46 -3.12 -12.65
CA GLU C 176 -36.89 -1.83 -12.97
C GLU C 176 -35.81 -1.40 -11.97
N LEU C 177 -35.71 -2.08 -10.82
CA LEU C 177 -34.62 -1.80 -9.89
C LEU C 177 -33.27 -2.11 -10.51
N LYS C 178 -33.19 -3.18 -11.30
CA LYS C 178 -31.99 -3.56 -12.03
C LYS C 178 -31.93 -2.95 -13.42
N LYS C 179 -32.95 -2.18 -13.82
CA LYS C 179 -33.07 -1.67 -15.18
C LYS C 179 -32.97 -2.80 -16.20
N GLU C 180 -33.67 -3.90 -15.91
CA GLU C 180 -33.56 -5.11 -16.70
C GLU C 180 -34.20 -4.90 -18.08
N ARG C 181 -33.41 -5.12 -19.13
CA ARG C 181 -33.90 -5.05 -20.50
C ARG C 181 -33.89 -6.40 -21.19
N ARG C 182 -33.51 -7.47 -20.50
CA ARG C 182 -33.42 -8.81 -21.07
C ARG C 182 -34.19 -9.76 -20.18
N VAL C 183 -35.32 -10.26 -20.67
CA VAL C 183 -36.20 -11.13 -19.91
C VAL C 183 -36.47 -12.40 -20.70
N ILE C 184 -36.41 -13.54 -20.02
CA ILE C 184 -36.73 -14.83 -20.61
C ILE C 184 -38.09 -15.26 -20.08
N LEU C 185 -39.00 -15.61 -20.98
CA LEU C 185 -40.34 -16.06 -20.62
C LEU C 185 -40.39 -17.58 -20.76
N ASP C 186 -40.09 -18.27 -19.66
CA ASP C 186 -40.17 -19.72 -19.62
C ASP C 186 -41.51 -20.14 -19.02
N CYS C 187 -42.57 -19.87 -19.78
CA CYS C 187 -43.93 -20.12 -19.35
C CYS C 187 -44.71 -20.83 -20.45
N GLU C 188 -45.92 -21.23 -20.12
CA GLU C 188 -46.83 -21.84 -21.09
C GLU C 188 -47.23 -20.81 -22.14
N ARG C 189 -47.63 -21.31 -23.31
CA ARG C 189 -48.06 -20.41 -24.38
C ARG C 189 -49.28 -19.59 -23.98
N ASP C 190 -50.11 -20.12 -23.08
CA ASP C 190 -51.25 -19.35 -22.58
C ASP C 190 -50.81 -18.28 -21.60
N LYS C 191 -49.81 -18.58 -20.76
CA LYS C 191 -49.32 -17.60 -19.79
C LYS C 191 -48.41 -16.56 -20.44
N VAL C 192 -47.80 -16.87 -21.58
CA VAL C 192 -46.99 -15.88 -22.28
C VAL C 192 -47.86 -14.73 -22.77
N ASN C 193 -49.01 -15.06 -23.37
CA ASN C 193 -49.91 -14.02 -23.88
C ASN C 193 -50.43 -13.12 -22.76
N ASP C 194 -50.62 -13.67 -21.56
CA ASP C 194 -51.00 -12.84 -20.42
C ASP C 194 -49.86 -11.92 -20.02
N ILE C 195 -48.61 -12.40 -20.13
CA ILE C 195 -47.46 -11.55 -19.86
C ILE C 195 -47.27 -10.54 -20.99
N VAL C 196 -47.44 -10.99 -22.23
CA VAL C 196 -47.25 -10.11 -23.38
C VAL C 196 -48.25 -8.96 -23.34
N ASP C 197 -49.51 -9.25 -23.02
CA ASP C 197 -50.53 -8.20 -23.00
C ASP C 197 -50.22 -7.15 -21.94
N GLN C 198 -49.67 -7.56 -20.80
CA GLN C 198 -49.32 -6.60 -19.76
C GLN C 198 -48.03 -5.86 -20.06
N VAL C 199 -47.16 -6.43 -20.89
CA VAL C 199 -45.97 -5.69 -21.33
C VAL C 199 -46.36 -4.52 -22.21
N ILE C 200 -47.35 -4.72 -23.08
CA ILE C 200 -47.79 -3.65 -23.97
C ILE C 200 -48.51 -2.55 -23.19
N THR C 201 -49.27 -2.94 -22.15
CA THR C 201 -50.03 -1.96 -21.38
C THR C 201 -49.11 -0.98 -20.67
N ILE C 202 -48.01 -1.48 -20.09
CA ILE C 202 -47.07 -0.60 -19.40
C ILE C 202 -46.07 0.04 -20.35
N GLY C 203 -45.92 -0.49 -21.56
CA GLY C 203 -45.04 0.11 -22.55
C GLY C 203 -43.61 -0.35 -22.50
N LYS C 204 -43.34 -1.57 -22.05
CA LYS C 204 -41.99 -2.13 -22.00
C LYS C 204 -41.68 -3.00 -23.21
N HIS C 205 -42.05 -2.55 -24.41
CA HIS C 205 -41.78 -3.31 -25.63
C HIS C 205 -41.23 -2.42 -26.73
N VAL C 206 -40.63 -1.27 -26.38
CA VAL C 206 -40.08 -0.35 -27.36
C VAL C 206 -38.64 -0.72 -27.66
N LYS C 207 -37.94 0.14 -28.40
CA LYS C 207 -36.55 -0.11 -28.76
C LYS C 207 -35.67 -0.13 -27.52
N GLY C 208 -35.16 -1.31 -27.17
CA GLY C 208 -34.32 -1.46 -25.99
C GLY C 208 -34.50 -2.79 -25.29
N TYR C 209 -35.75 -3.21 -25.13
CA TYR C 209 -36.03 -4.48 -24.46
C TYR C 209 -35.77 -5.61 -25.44
N HIS C 210 -35.68 -6.82 -24.89
CA HIS C 210 -35.45 -8.02 -25.67
C HIS C 210 -35.97 -9.19 -24.85
N TYR C 211 -36.78 -10.04 -25.48
CA TYR C 211 -37.42 -11.15 -24.78
C TYR C 211 -37.10 -12.46 -25.49
N ILE C 212 -37.11 -13.54 -24.71
CA ILE C 212 -36.91 -14.89 -25.21
C ILE C 212 -38.05 -15.75 -24.69
N ILE C 213 -38.86 -16.29 -25.59
CA ILE C 213 -39.96 -17.17 -25.22
C ILE C 213 -39.39 -18.59 -25.18
N ALA C 214 -39.26 -19.13 -23.96
CA ALA C 214 -38.60 -20.42 -23.75
C ALA C 214 -39.63 -21.55 -23.78
N ASN C 215 -40.09 -21.84 -25.00
CA ASN C 215 -40.97 -22.98 -25.24
C ASN C 215 -40.88 -23.33 -26.72
N LEU C 216 -41.30 -24.55 -27.05
CA LEU C 216 -41.19 -25.08 -28.41
C LEU C 216 -42.27 -24.55 -29.35
N GLY C 217 -43.12 -23.64 -28.88
CA GLY C 217 -44.17 -23.10 -29.72
C GLY C 217 -44.14 -21.60 -29.83
N PHE C 218 -43.10 -21.08 -30.49
CA PHE C 218 -42.99 -19.62 -30.66
C PHE C 218 -44.09 -19.08 -31.55
N THR C 219 -44.28 -19.69 -32.72
CA THR C 219 -45.29 -19.25 -33.66
C THR C 219 -46.70 -19.67 -33.28
N ASP C 220 -46.87 -20.45 -32.20
CA ASP C 220 -48.19 -20.87 -31.78
C ASP C 220 -48.94 -19.72 -31.11
N GLY C 221 -48.28 -19.01 -30.20
CA GLY C 221 -48.91 -17.88 -29.55
C GLY C 221 -49.00 -16.65 -30.43
N ASP C 222 -49.87 -15.73 -30.05
CA ASP C 222 -50.05 -14.49 -30.80
C ASP C 222 -48.80 -13.62 -30.67
N LEU C 223 -48.20 -13.26 -31.81
CA LEU C 223 -46.98 -12.48 -31.83
C LEU C 223 -47.12 -11.13 -32.52
N LEU C 224 -48.23 -10.88 -33.21
CA LEU C 224 -48.39 -9.63 -33.96
C LEU C 224 -48.61 -8.42 -33.05
N LYS C 225 -48.87 -8.63 -31.76
CA LYS C 225 -49.12 -7.52 -30.86
C LYS C 225 -47.82 -6.88 -30.34
N ILE C 226 -46.70 -7.59 -30.39
CA ILE C 226 -45.40 -7.04 -30.04
C ILE C 226 -44.45 -7.05 -31.24
N GLN C 227 -44.98 -7.23 -32.45
CA GLN C 227 -44.13 -7.32 -33.63
C GLN C 227 -43.61 -5.97 -34.06
N PHE C 228 -44.39 -4.90 -33.83
CA PHE C 228 -44.02 -3.56 -34.24
C PHE C 228 -43.69 -2.65 -33.07
N GLY C 229 -43.49 -3.21 -31.88
CA GLY C 229 -43.19 -2.38 -30.72
C GLY C 229 -41.78 -1.81 -30.76
N GLY C 230 -40.82 -2.61 -31.25
CA GLY C 230 -39.42 -2.21 -31.34
C GLY C 230 -38.49 -3.14 -30.59
N ALA C 231 -38.98 -3.82 -29.56
CA ALA C 231 -38.16 -4.74 -28.79
C ALA C 231 -37.97 -6.05 -29.55
N GLU C 232 -36.77 -6.61 -29.43
CA GLU C 232 -36.47 -7.88 -30.07
C GLU C 232 -37.07 -9.03 -29.27
N VAL C 233 -37.66 -9.99 -29.99
CA VAL C 233 -38.32 -11.14 -29.38
C VAL C 233 -37.75 -12.40 -30.01
N SER C 234 -37.32 -13.35 -29.17
CA SER C 234 -36.76 -14.60 -29.63
C SER C 234 -37.58 -15.77 -29.08
N GLY C 235 -37.37 -16.94 -29.68
CA GLY C 235 -38.09 -18.12 -29.24
C GLY C 235 -37.57 -19.36 -29.91
N PHE C 236 -38.35 -20.44 -29.77
CA PHE C 236 -37.98 -21.74 -30.32
C PHE C 236 -39.18 -22.33 -31.04
N GLN C 237 -38.88 -23.05 -32.13
CA GLN C 237 -39.90 -23.69 -32.92
C GLN C 237 -39.47 -25.12 -33.25
N ILE C 238 -40.35 -26.08 -32.98
CA ILE C 238 -40.09 -27.47 -33.30
C ILE C 238 -40.81 -27.92 -34.57
N VAL C 239 -41.93 -27.29 -34.93
CA VAL C 239 -42.69 -27.67 -36.13
C VAL C 239 -42.19 -26.80 -37.28
N ASP C 240 -41.31 -27.36 -38.11
CA ASP C 240 -40.72 -26.61 -39.22
C ASP C 240 -41.69 -26.64 -40.39
N TYR C 241 -42.36 -25.51 -40.64
CA TYR C 241 -43.32 -25.44 -41.73
C TYR C 241 -42.66 -25.37 -43.10
N ASP C 242 -41.35 -25.14 -43.15
CA ASP C 242 -40.63 -25.16 -44.42
C ASP C 242 -40.35 -26.58 -44.91
N ASP C 243 -40.56 -27.59 -44.07
CA ASP C 243 -40.35 -28.97 -44.48
C ASP C 243 -41.48 -29.42 -45.39
N SER C 244 -41.13 -30.27 -46.37
CA SER C 244 -42.12 -30.77 -47.31
C SER C 244 -43.10 -31.74 -46.64
N LEU C 245 -42.65 -32.45 -45.60
CA LEU C 245 -43.54 -33.36 -44.89
C LEU C 245 -44.62 -32.58 -44.14
N VAL C 246 -44.25 -31.45 -43.54
CA VAL C 246 -45.23 -30.63 -42.82
C VAL C 246 -46.13 -29.89 -43.80
N SER C 247 -45.56 -29.46 -44.94
CA SER C 247 -46.36 -28.75 -45.93
C SER C 247 -47.47 -29.64 -46.49
N LYS C 248 -47.16 -30.92 -46.72
CA LYS C 248 -48.20 -31.86 -47.15
C LYS C 248 -49.20 -32.14 -46.03
N PHE C 249 -48.78 -31.97 -44.78
CA PHE C 249 -49.70 -32.14 -43.66
C PHE C 249 -50.62 -30.93 -43.49
N ILE C 250 -50.09 -29.73 -43.72
CA ILE C 250 -50.90 -28.52 -43.58
C ILE C 250 -51.91 -28.42 -44.71
N GLU C 251 -51.57 -28.92 -45.90
CA GLU C 251 -52.52 -28.90 -47.02
C GLU C 251 -53.77 -29.69 -46.69
N ARG C 252 -53.67 -30.71 -45.85
CA ARG C 252 -54.83 -31.47 -45.44
C ARG C 252 -55.38 -30.99 -44.10
N TRP C 253 -54.54 -30.42 -43.25
CA TRP C 253 -54.99 -29.99 -41.93
C TRP C 253 -55.90 -28.77 -42.04
N SER C 254 -55.52 -27.79 -42.86
CA SER C 254 -56.29 -26.55 -43.00
C SER C 254 -57.58 -26.74 -43.78
N THR C 255 -57.83 -27.92 -44.34
CA THR C 255 -59.06 -28.18 -45.10
C THR C 255 -60.04 -29.06 -44.33
N LEU C 256 -59.86 -29.23 -43.03
CA LEU C 256 -60.72 -30.06 -42.22
C LEU C 256 -61.88 -29.25 -41.64
N GLU C 257 -63.01 -29.93 -41.43
CA GLU C 257 -64.18 -29.27 -40.87
C GLU C 257 -63.98 -29.05 -39.38
N GLU C 258 -64.26 -27.81 -38.93
CA GLU C 258 -64.01 -27.46 -37.54
C GLU C 258 -65.10 -27.99 -36.60
N LYS C 259 -66.24 -28.43 -37.13
CA LYS C 259 -67.28 -28.98 -36.27
C LYS C 259 -66.88 -30.35 -35.71
N GLU C 260 -66.13 -31.13 -36.48
CA GLU C 260 -65.70 -32.46 -36.03
C GLU C 260 -64.36 -32.41 -35.31
N TYR C 261 -63.38 -31.72 -35.89
CA TYR C 261 -62.06 -31.57 -35.27
C TYR C 261 -61.95 -30.17 -34.70
N PRO C 262 -62.15 -29.97 -33.38
CA PRO C 262 -62.07 -28.61 -32.82
C PRO C 262 -60.64 -28.09 -32.85
N GLY C 263 -60.50 -26.83 -33.28
CA GLY C 263 -59.21 -26.19 -33.35
C GLY C 263 -58.28 -26.80 -34.38
N ALA C 264 -58.80 -27.04 -35.59
CA ALA C 264 -58.02 -27.65 -36.64
C ALA C 264 -58.15 -27.06 -38.04
N HIS C 265 -59.00 -26.05 -38.24
CA HIS C 265 -59.22 -25.46 -39.56
C HIS C 265 -58.32 -24.23 -39.76
N THR C 266 -57.06 -24.33 -39.35
CA THR C 266 -56.08 -23.25 -39.48
C THR C 266 -54.88 -23.86 -40.18
N ALA C 267 -53.93 -23.00 -40.54
CA ALA C 267 -52.71 -23.43 -41.20
C ALA C 267 -51.57 -23.71 -40.24
N THR C 268 -51.75 -23.43 -38.95
CA THR C 268 -50.74 -23.65 -37.94
C THR C 268 -51.21 -24.69 -36.94
N ILE C 269 -50.26 -25.39 -36.33
CA ILE C 269 -50.53 -26.44 -35.36
C ILE C 269 -49.60 -26.26 -34.18
N LYS C 270 -50.14 -26.40 -32.96
CA LYS C 270 -49.34 -26.23 -31.76
C LYS C 270 -48.34 -27.38 -31.62
N TYR C 271 -47.27 -27.10 -30.87
CA TYR C 271 -46.22 -28.11 -30.71
C TYR C 271 -46.69 -29.29 -29.87
N THR C 272 -47.65 -29.07 -28.97
CA THR C 272 -48.20 -30.17 -28.19
C THR C 272 -49.05 -31.09 -29.06
N SER C 273 -49.65 -30.55 -30.12
CA SER C 273 -50.48 -31.35 -31.02
C SER C 273 -49.67 -32.05 -32.11
N ALA C 274 -48.64 -31.39 -32.63
CA ALA C 274 -47.81 -32.01 -33.64
C ALA C 274 -47.06 -33.21 -33.08
N LEU C 275 -46.64 -33.13 -31.81
CA LEU C 275 -46.00 -34.28 -31.17
C LEU C 275 -47.00 -35.41 -30.93
N THR C 276 -48.28 -35.08 -30.79
CA THR C 276 -49.30 -36.11 -30.68
C THR C 276 -49.46 -36.86 -32.01
N TYR C 277 -49.49 -36.12 -33.12
CA TYR C 277 -49.56 -36.77 -34.43
C TYR C 277 -48.33 -37.61 -34.70
N ASP C 278 -47.15 -37.11 -34.33
CA ASP C 278 -45.93 -37.89 -34.50
C ASP C 278 -45.86 -39.07 -33.53
N ALA C 279 -46.59 -39.02 -32.42
CA ALA C 279 -46.58 -40.12 -31.47
C ALA C 279 -47.31 -41.34 -32.03
N VAL C 280 -48.35 -41.12 -32.83
CA VAL C 280 -49.07 -42.24 -33.42
C VAL C 280 -48.19 -42.97 -34.43
N GLN C 281 -47.33 -42.24 -35.13
CA GLN C 281 -46.42 -42.87 -36.09
C GLN C 281 -45.40 -43.74 -35.37
N VAL C 282 -45.00 -43.37 -34.16
CA VAL C 282 -44.03 -44.17 -33.42
C VAL C 282 -44.70 -45.43 -32.87
N MET C 283 -45.92 -45.30 -32.36
CA MET C 283 -46.64 -46.47 -31.86
C MET C 283 -46.99 -47.44 -32.97
N THR C 284 -47.29 -46.93 -34.17
CA THR C 284 -47.63 -47.81 -35.29
C THR C 284 -46.40 -48.58 -35.77
N GLU C 285 -45.27 -47.89 -35.92
CA GLU C 285 -44.04 -48.55 -36.34
C GLU C 285 -43.48 -49.49 -35.29
N ALA C 286 -43.92 -49.36 -34.04
CA ALA C 286 -43.44 -50.24 -32.98
C ALA C 286 -44.11 -51.61 -33.05
N PHE C 287 -45.45 -51.63 -33.10
CA PHE C 287 -46.16 -52.89 -33.20
C PHE C 287 -45.93 -53.55 -34.56
N ARG C 288 -45.61 -52.76 -35.59
CA ARG C 288 -45.33 -53.33 -36.90
C ARG C 288 -44.01 -54.08 -36.90
N ASN C 289 -43.00 -53.55 -36.21
CA ASN C 289 -41.72 -54.24 -36.12
C ASN C 289 -41.81 -55.48 -35.25
N LEU C 290 -42.72 -55.50 -34.29
CA LEU C 290 -42.92 -56.71 -33.48
C LEU C 290 -43.50 -57.84 -34.32
N ARG C 291 -44.29 -57.52 -35.35
CA ARG C 291 -44.81 -58.56 -36.24
C ARG C 291 -43.70 -59.15 -37.09
N LYS C 292 -42.80 -58.30 -37.61
CA LYS C 292 -41.75 -58.79 -38.51
C LYS C 292 -40.62 -59.46 -37.76
N GLN C 293 -40.36 -59.06 -36.52
CA GLN C 293 -39.35 -59.72 -35.70
C GLN C 293 -39.87 -60.99 -35.03
N ARG C 294 -41.12 -61.38 -35.31
CA ARG C 294 -41.74 -62.57 -34.74
C ARG C 294 -41.72 -62.52 -33.21
N ILE C 295 -42.39 -61.52 -32.67
CA ILE C 295 -42.52 -61.31 -31.23
C ILE C 295 -44.00 -61.24 -30.91
N GLU C 296 -44.52 -62.28 -30.28
CA GLU C 296 -45.93 -62.32 -29.89
C GLU C 296 -46.14 -61.52 -28.62
N ILE C 297 -47.08 -60.59 -28.65
CA ILE C 297 -47.33 -59.67 -27.55
C ILE C 297 -48.76 -59.81 -27.01
N SER C 298 -49.49 -60.84 -27.42
CA SER C 298 -50.85 -61.02 -26.95
C SER C 298 -50.86 -61.30 -25.45
N ARG C 299 -51.85 -60.75 -24.76
CA ARG C 299 -51.94 -60.90 -23.32
C ARG C 299 -52.37 -62.32 -22.95
N ARG C 300 -51.80 -62.83 -21.86
CA ARG C 300 -52.16 -64.18 -21.41
C ARG C 300 -53.60 -64.23 -20.91
N GLY C 301 -54.00 -63.25 -20.12
CA GLY C 301 -55.35 -63.19 -19.61
C GLY C 301 -55.70 -61.83 -19.03
N ASN C 302 -56.64 -61.79 -18.08
CA ASN C 302 -56.98 -60.55 -17.42
C ASN C 302 -55.81 -60.07 -16.57
N ALA C 303 -55.44 -58.80 -16.75
CA ALA C 303 -54.38 -58.22 -15.92
C ALA C 303 -54.81 -58.07 -14.47
N GLY C 304 -56.11 -58.15 -14.18
CA GLY C 304 -56.59 -58.08 -12.82
C GLY C 304 -56.53 -56.67 -12.26
N ASP C 305 -56.32 -56.58 -10.95
CA ASP C 305 -56.26 -55.30 -10.26
C ASP C 305 -54.82 -54.78 -10.31
N CYS C 306 -54.69 -53.49 -10.66
CA CYS C 306 -53.36 -52.87 -10.68
C CYS C 306 -52.71 -52.90 -9.31
N LEU C 307 -53.51 -52.94 -8.25
CA LEU C 307 -52.98 -52.92 -6.89
C LEU C 307 -52.70 -54.33 -6.42
N ALA C 308 -52.32 -55.21 -7.34
CA ALA C 308 -52.02 -56.58 -6.97
C ALA C 308 -50.81 -56.62 -6.06
N ASN C 309 -50.93 -57.36 -4.95
CA ASN C 309 -49.85 -57.48 -3.98
C ASN C 309 -49.44 -58.94 -3.79
N PRO C 310 -48.21 -59.30 -4.19
CA PRO C 310 -47.20 -58.43 -4.80
C PRO C 310 -47.52 -58.07 -6.25
N ALA C 311 -46.92 -56.98 -6.73
CA ALA C 311 -47.17 -56.51 -8.10
C ALA C 311 -46.48 -57.41 -9.10
N VAL C 312 -47.25 -57.96 -10.03
CA VAL C 312 -46.75 -58.88 -11.05
C VAL C 312 -46.71 -58.12 -12.37
N PRO C 313 -45.53 -57.94 -12.98
CA PRO C 313 -45.48 -57.30 -14.31
C PRO C 313 -45.41 -58.32 -15.44
N TRP C 314 -46.14 -58.06 -16.51
CA TRP C 314 -46.11 -58.97 -17.65
C TRP C 314 -44.74 -58.92 -18.33
N GLY C 315 -44.33 -60.09 -18.84
CA GLY C 315 -43.03 -60.24 -19.47
C GLY C 315 -42.90 -59.56 -20.82
N GLN C 316 -43.93 -59.67 -21.66
CA GLN C 316 -43.89 -59.08 -23.00
C GLN C 316 -43.93 -57.56 -22.98
N GLY C 317 -44.10 -56.93 -21.81
CA GLY C 317 -44.06 -55.48 -21.75
C GLY C 317 -42.68 -54.91 -22.00
N VAL C 318 -41.63 -55.67 -21.65
CA VAL C 318 -40.27 -55.20 -21.90
C VAL C 318 -39.91 -55.27 -23.38
N GLU C 319 -40.60 -56.13 -24.14
CA GLU C 319 -40.39 -56.16 -25.59
C GLU C 319 -41.06 -54.97 -26.26
N ILE C 320 -42.14 -54.46 -25.68
CA ILE C 320 -42.82 -53.29 -26.25
C ILE C 320 -41.99 -52.04 -26.00
N GLU C 321 -41.32 -51.96 -24.84
CA GLU C 321 -40.44 -50.83 -24.57
C GLU C 321 -39.25 -50.81 -25.52
N ARG C 322 -38.67 -51.98 -25.79
CA ARG C 322 -37.53 -52.05 -26.70
C ARG C 322 -37.91 -51.68 -28.12
N ALA C 323 -39.13 -52.05 -28.54
CA ALA C 323 -39.58 -51.72 -29.88
C ALA C 323 -39.89 -50.23 -30.04
N LEU C 324 -40.40 -49.60 -28.98
CA LEU C 324 -40.75 -48.19 -29.06
C LEU C 324 -39.49 -47.32 -29.14
N LYS C 325 -38.48 -47.63 -28.33
CA LYS C 325 -37.28 -46.81 -28.27
C LYS C 325 -36.35 -47.01 -29.46
N GLN C 326 -36.56 -48.05 -30.28
CA GLN C 326 -35.78 -48.28 -31.48
C GLN C 326 -36.43 -47.70 -32.73
N VAL C 327 -37.60 -47.08 -32.60
CA VAL C 327 -38.27 -46.49 -33.75
C VAL C 327 -37.53 -45.22 -34.17
N GLN C 328 -37.30 -45.09 -35.48
CA GLN C 328 -36.68 -43.90 -36.05
C GLN C 328 -37.43 -43.55 -37.33
N VAL C 329 -38.31 -42.56 -37.25
CA VAL C 329 -39.10 -42.11 -38.38
C VAL C 329 -38.99 -40.59 -38.47
N GLU C 330 -39.55 -40.05 -39.55
CA GLU C 330 -39.58 -38.61 -39.79
C GLU C 330 -41.00 -38.09 -39.62
N GLY C 331 -41.15 -37.02 -38.85
CA GLY C 331 -42.47 -36.46 -38.60
C GLY C 331 -42.51 -34.94 -38.65
N LEU C 332 -43.48 -34.35 -37.95
CA LEU C 332 -43.59 -32.89 -37.93
C LEU C 332 -42.49 -32.25 -37.10
N SER C 333 -41.95 -32.97 -36.11
CA SER C 333 -40.89 -32.48 -35.26
C SER C 333 -39.50 -32.78 -35.83
N GLY C 334 -39.41 -33.09 -37.11
CA GLY C 334 -38.14 -33.43 -37.73
C GLY C 334 -37.73 -34.87 -37.47
N ASN C 335 -36.43 -35.08 -37.28
CA ASN C 335 -35.91 -36.42 -37.00
C ASN C 335 -36.33 -36.86 -35.61
N ILE C 336 -37.00 -37.99 -35.51
CA ILE C 336 -37.51 -38.53 -34.26
C ILE C 336 -36.71 -39.78 -33.91
N LYS C 337 -35.96 -39.73 -32.81
CA LYS C 337 -35.17 -40.86 -32.36
C LYS C 337 -35.03 -40.77 -30.85
N PHE C 338 -35.01 -41.93 -30.20
CA PHE C 338 -34.98 -42.01 -28.75
C PHE C 338 -33.74 -42.77 -28.28
N ASP C 339 -33.39 -42.54 -27.02
CA ASP C 339 -32.30 -43.24 -26.35
C ASP C 339 -32.87 -44.33 -25.45
N GLN C 340 -32.03 -44.87 -24.56
CA GLN C 340 -32.47 -45.93 -23.68
C GLN C 340 -33.42 -45.43 -22.61
N ASN C 341 -33.46 -44.12 -22.36
CA ASN C 341 -34.32 -43.55 -21.33
C ASN C 341 -35.60 -42.94 -21.88
N GLY C 342 -35.73 -42.82 -23.21
CA GLY C 342 -36.89 -42.23 -23.82
C GLY C 342 -36.74 -40.78 -24.22
N LYS C 343 -35.61 -40.15 -23.90
CA LYS C 343 -35.39 -38.76 -24.28
C LYS C 343 -35.24 -38.64 -25.80
N ARG C 344 -35.68 -37.51 -26.33
CA ARG C 344 -35.49 -37.23 -27.75
C ARG C 344 -34.02 -36.96 -28.03
N ILE C 345 -33.48 -37.61 -29.07
CA ILE C 345 -32.11 -37.42 -29.49
C ILE C 345 -32.09 -37.20 -30.99
N ASN C 346 -30.99 -36.60 -31.47
CA ASN C 346 -30.81 -36.31 -32.89
C ASN C 346 -31.95 -35.46 -33.45
N TYR C 347 -32.51 -34.57 -32.61
CA TYR C 347 -33.61 -33.73 -33.02
C TYR C 347 -33.09 -32.38 -33.53
N THR C 348 -34.02 -31.49 -33.86
CA THR C 348 -33.68 -30.19 -34.42
C THR C 348 -34.67 -29.15 -33.90
N ILE C 349 -34.15 -28.16 -33.17
CA ILE C 349 -34.96 -27.09 -32.62
C ILE C 349 -34.60 -25.80 -33.37
N ASN C 350 -35.50 -25.35 -34.23
CA ASN C 350 -35.29 -24.08 -34.93
C ASN C 350 -35.48 -22.92 -33.97
N ILE C 351 -34.61 -21.92 -34.10
CA ILE C 351 -34.65 -20.72 -33.26
C ILE C 351 -35.17 -19.57 -34.11
N MET C 352 -36.20 -18.89 -33.60
CA MET C 352 -36.89 -17.86 -34.36
C MET C 352 -36.69 -16.50 -33.69
N GLU C 353 -36.64 -15.46 -34.52
CA GLU C 353 -36.64 -14.08 -34.08
C GLU C 353 -37.85 -13.36 -34.67
N LEU C 354 -38.32 -12.34 -33.97
CA LEU C 354 -39.48 -11.56 -34.37
C LEU C 354 -39.00 -10.19 -34.85
N LYS C 355 -38.98 -10.01 -36.17
CA LYS C 355 -38.60 -8.73 -36.76
C LYS C 355 -39.89 -8.06 -37.22
N THR C 356 -39.77 -7.08 -38.13
CA THR C 356 -40.94 -6.40 -38.66
C THR C 356 -41.86 -7.20 -39.58
N ASN C 357 -41.31 -8.08 -40.41
CA ASN C 357 -42.09 -8.88 -41.34
C ASN C 357 -42.68 -10.13 -40.70
N GLY C 358 -42.35 -10.42 -39.44
CA GLY C 358 -42.89 -11.56 -38.74
C GLY C 358 -41.83 -12.52 -38.24
N PRO C 359 -42.24 -13.73 -37.86
CA PRO C 359 -41.28 -14.72 -37.39
C PRO C 359 -40.39 -15.21 -38.54
N ARG C 360 -39.09 -15.30 -38.26
CA ARG C 360 -38.11 -15.65 -39.27
C ARG C 360 -37.18 -16.73 -38.74
N LYS C 361 -36.95 -17.77 -39.56
CA LYS C 361 -36.07 -18.87 -39.18
C LYS C 361 -34.63 -18.37 -39.16
N ILE C 362 -34.09 -18.15 -37.96
CA ILE C 362 -32.73 -17.65 -37.80
C ILE C 362 -31.80 -18.66 -37.14
N GLY C 363 -32.35 -19.72 -36.53
CA GLY C 363 -31.53 -20.64 -35.76
C GLY C 363 -31.83 -22.09 -36.10
N TYR C 364 -31.02 -22.97 -35.52
CA TYR C 364 -31.06 -24.41 -35.75
C TYR C 364 -30.17 -25.07 -34.70
N TRP C 365 -30.78 -25.68 -33.69
CA TRP C 365 -30.05 -26.23 -32.56
C TRP C 365 -30.10 -27.76 -32.60
N SER C 366 -28.97 -28.38 -32.27
CA SER C 366 -28.87 -29.82 -32.19
C SER C 366 -28.15 -30.20 -30.89
N GLU C 367 -28.27 -31.47 -30.51
CA GLU C 367 -27.59 -31.95 -29.32
C GLU C 367 -26.10 -32.12 -29.54
N VAL C 368 -25.66 -32.16 -30.79
CA VAL C 368 -24.24 -32.21 -31.11
C VAL C 368 -23.73 -30.88 -31.65
N ASP C 369 -24.58 -30.06 -32.28
CA ASP C 369 -24.20 -28.77 -32.82
C ASP C 369 -25.08 -27.70 -32.20
N LYS C 370 -24.46 -26.69 -31.60
CA LYS C 370 -25.16 -25.61 -30.93
C LYS C 370 -25.09 -24.35 -31.78
N MET C 371 -26.24 -23.89 -32.25
CA MET C 371 -26.38 -22.61 -32.94
C MET C 371 -25.75 -22.31 -34.29
N VAL C 372 -26.26 -22.94 -35.36
CA VAL C 372 -25.83 -22.67 -36.73
C VAL C 372 -26.97 -22.49 -37.71
N LEU C 373 -26.97 -21.38 -38.45
CA LEU C 373 -27.86 -21.13 -39.55
C LEU C 373 -27.39 -20.71 -40.91
N THR C 374 -27.95 -21.30 -41.97
CA THR C 374 -27.60 -20.91 -43.33
C THR C 374 -28.11 -19.47 -43.40
N GLU C 375 -27.19 -18.51 -43.39
CA GLU C 375 -27.54 -17.09 -43.33
C GLU C 375 -28.29 -16.59 -44.56
N ASP C 376 -28.53 -17.45 -45.55
CA ASP C 376 -29.32 -17.04 -46.71
C ASP C 376 -30.79 -16.78 -46.37
N ASP C 377 -31.26 -17.23 -45.20
CA ASP C 377 -32.62 -16.98 -44.76
C ASP C 377 -32.78 -15.62 -44.09
N THR C 378 -31.71 -15.10 -43.47
CA THR C 378 -31.77 -13.80 -42.81
C THR C 378 -30.92 -12.77 -43.55
N SER C 379 -31.53 -11.66 -43.94
CA SER C 379 -32.93 -11.40 -43.65
C SER C 379 -33.88 -11.62 -44.85
N GLY C 380 -33.65 -10.99 -46.01
CA GLY C 380 -32.57 -10.06 -46.28
C GLY C 380 -33.06 -8.69 -46.70
N LEU C 381 -33.83 -8.04 -45.82
CA LEU C 381 -34.36 -6.72 -46.12
C LEU C 381 -33.26 -5.66 -46.10
N GLU C 382 -32.30 -5.78 -45.18
CA GLU C 382 -31.21 -4.82 -45.01
C GLU C 382 -31.77 -3.41 -44.75
N GLN C 383 -32.67 -3.33 -43.77
CA GLN C 383 -33.31 -2.07 -43.38
C GLN C 383 -33.04 -1.85 -41.89
N LYS C 384 -32.06 -1.00 -41.58
CA LYS C 384 -31.66 -0.73 -40.22
C LYS C 384 -31.68 0.78 -39.98
N THR C 385 -32.56 1.23 -39.08
CA THR C 385 -32.65 2.64 -38.71
C THR C 385 -31.88 2.85 -37.41
N VAL C 386 -30.67 3.36 -37.53
CA VAL C 386 -29.79 3.55 -36.38
C VAL C 386 -30.24 4.77 -35.59
N VAL C 387 -30.46 4.59 -34.29
CA VAL C 387 -30.85 5.68 -33.41
C VAL C 387 -29.58 6.29 -32.83
N VAL C 388 -29.39 7.59 -33.04
CA VAL C 388 -28.23 8.32 -32.54
C VAL C 388 -28.71 9.33 -31.51
N THR C 389 -27.99 9.42 -30.40
CA THR C 389 -28.33 10.35 -29.33
C THR C 389 -27.18 11.32 -29.09
N THR C 390 -27.54 12.55 -28.72
CA THR C 390 -26.56 13.60 -28.46
C THR C 390 -27.22 14.64 -27.57
N ILE C 391 -26.43 15.63 -27.15
CA ILE C 391 -26.87 16.68 -26.24
C ILE C 391 -26.79 18.02 -26.96
N LEU C 392 -27.79 18.87 -26.71
CA LEU C 392 -27.82 20.22 -27.27
C LEU C 392 -26.81 21.10 -26.55
N GLU C 393 -25.65 21.30 -27.17
CA GLU C 393 -24.63 22.19 -26.62
C GLU C 393 -23.78 22.74 -27.76
N SER C 394 -23.65 24.06 -27.82
CA SER C 394 -22.87 24.70 -28.86
C SER C 394 -21.38 24.43 -28.67
N PRO C 395 -20.64 24.27 -29.79
CA PRO C 395 -21.16 24.27 -31.15
C PRO C 395 -21.34 22.87 -31.71
N TYR C 396 -21.38 21.87 -30.83
CA TYR C 396 -21.45 20.48 -31.28
C TYR C 396 -22.81 20.17 -31.90
N VAL C 397 -23.89 20.49 -31.19
CA VAL C 397 -25.25 20.29 -31.67
C VAL C 397 -26.07 21.51 -31.28
N MET C 398 -26.62 22.21 -32.28
CA MET C 398 -27.40 23.42 -32.07
C MET C 398 -28.71 23.32 -32.84
N MET C 399 -29.54 24.35 -32.71
CA MET C 399 -30.79 24.46 -33.44
C MET C 399 -30.78 25.72 -34.28
N LYS C 400 -31.31 25.61 -35.50
CA LYS C 400 -31.29 26.72 -36.43
C LYS C 400 -32.27 27.82 -36.02
N LYS C 401 -32.05 29.02 -36.55
CA LYS C 401 -32.91 30.15 -36.24
C LYS C 401 -34.32 29.97 -36.76
N ASN C 402 -34.51 29.12 -37.78
CA ASN C 402 -35.84 28.81 -38.29
C ASN C 402 -36.15 27.34 -38.06
N HIS C 403 -35.93 26.86 -36.84
CA HIS C 403 -36.15 25.45 -36.52
C HIS C 403 -37.61 25.06 -36.57
N GLU C 404 -38.53 26.03 -36.49
CA GLU C 404 -39.95 25.71 -36.53
C GLU C 404 -40.44 25.44 -37.95
N MET C 405 -39.73 25.92 -38.97
CA MET C 405 -40.10 25.70 -40.36
C MET C 405 -39.37 24.54 -40.99
N LEU C 406 -38.63 23.75 -40.21
CA LEU C 406 -37.89 22.60 -40.71
C LEU C 406 -38.35 21.35 -39.98
N GLU C 407 -37.88 20.20 -40.46
CA GLU C 407 -38.30 18.92 -39.92
C GLU C 407 -37.26 17.86 -40.26
N GLY C 408 -37.14 16.87 -39.37
CA GLY C 408 -36.22 15.76 -39.59
C GLY C 408 -34.85 15.96 -38.98
N ASN C 409 -33.82 15.49 -39.68
CA ASN C 409 -32.44 15.66 -39.20
C ASN C 409 -31.90 17.05 -39.47
N GLU C 410 -32.49 17.78 -40.42
CA GLU C 410 -32.01 19.12 -40.74
C GLU C 410 -32.37 20.15 -39.69
N ARG C 411 -33.15 19.78 -38.68
CA ARG C 411 -33.49 20.72 -37.61
C ARG C 411 -32.27 21.14 -36.80
N TYR C 412 -31.22 20.33 -36.79
CA TYR C 412 -30.04 20.58 -35.97
C TYR C 412 -28.83 20.81 -36.86
N GLU C 413 -27.84 21.51 -36.30
CA GLU C 413 -26.61 21.79 -37.01
C GLU C 413 -25.48 21.95 -36.00
N GLY C 414 -24.29 21.54 -36.39
CA GLY C 414 -23.13 21.66 -35.52
C GLY C 414 -22.03 20.71 -35.95
N TYR C 415 -21.03 20.59 -35.06
CA TYR C 415 -19.89 19.74 -35.35
C TYR C 415 -20.29 18.27 -35.41
N CYS C 416 -21.00 17.79 -34.38
CA CYS C 416 -21.38 16.38 -34.36
C CYS C 416 -22.39 16.04 -35.45
N VAL C 417 -23.20 17.02 -35.86
CA VAL C 417 -24.16 16.77 -36.93
C VAL C 417 -23.44 16.43 -38.22
N ASP C 418 -22.43 17.23 -38.59
CA ASP C 418 -21.61 16.88 -39.74
C ASP C 418 -20.80 15.62 -39.49
N LEU C 419 -20.44 15.36 -38.24
CA LEU C 419 -19.75 14.11 -37.91
C LEU C 419 -20.67 12.91 -38.04
N ALA C 420 -21.97 13.10 -37.76
CA ALA C 420 -22.92 12.00 -37.91
C ALA C 420 -23.02 11.56 -39.37
N ALA C 421 -22.97 12.51 -40.30
CA ALA C 421 -23.02 12.15 -41.71
C ALA C 421 -21.72 11.50 -42.16
N GLU C 422 -20.58 12.06 -41.76
CA GLU C 422 -19.29 11.49 -42.17
C GLU C 422 -19.10 10.10 -41.60
N ILE C 423 -19.67 9.81 -40.44
CA ILE C 423 -19.63 8.45 -39.91
C ILE C 423 -20.58 7.56 -40.68
N ALA C 424 -21.77 8.07 -41.01
CA ALA C 424 -22.75 7.28 -41.76
C ALA C 424 -22.35 7.12 -43.23
N LYS C 425 -21.41 7.94 -43.72
CA LYS C 425 -20.97 7.79 -45.11
C LYS C 425 -19.96 6.67 -45.26
N HIS C 426 -19.11 6.47 -44.26
CA HIS C 426 -18.11 5.40 -44.28
C HIS C 426 -18.62 4.11 -43.66
N CYS C 427 -19.88 4.05 -43.25
CA CYS C 427 -20.46 2.84 -42.68
C CYS C 427 -21.76 2.48 -43.37
N GLY C 428 -22.51 3.48 -43.81
CA GLY C 428 -23.73 3.26 -44.54
C GLY C 428 -24.88 2.78 -43.69
N PHE C 429 -25.51 3.70 -42.95
CA PHE C 429 -26.69 3.36 -42.16
C PHE C 429 -27.58 4.59 -42.08
N LYS C 430 -28.88 4.36 -42.23
CA LYS C 430 -29.88 5.43 -42.13
C LYS C 430 -30.02 5.81 -40.66
N TYR C 431 -29.32 6.88 -40.26
CA TYR C 431 -29.31 7.31 -38.87
C TYR C 431 -30.43 8.32 -38.61
N LYS C 432 -30.73 8.51 -37.33
CA LYS C 432 -31.75 9.45 -36.89
C LYS C 432 -31.21 10.23 -35.70
N LEU C 433 -31.18 11.55 -35.81
CA LEU C 433 -30.65 12.40 -34.75
C LEU C 433 -31.70 12.59 -33.67
N THR C 434 -31.40 12.12 -32.46
CA THR C 434 -32.29 12.26 -31.32
C THR C 434 -31.55 12.96 -30.19
N ILE C 435 -32.30 13.74 -29.42
CA ILE C 435 -31.75 14.47 -28.28
C ILE C 435 -31.99 13.66 -27.02
N VAL C 436 -30.97 13.57 -26.16
CA VAL C 436 -31.10 12.85 -24.91
C VAL C 436 -32.14 13.54 -24.03
N GLY C 437 -32.97 12.74 -23.35
CA GLY C 437 -34.08 13.27 -22.59
C GLY C 437 -33.69 14.06 -21.35
N ASP C 438 -32.47 13.86 -20.84
CA ASP C 438 -32.07 14.53 -19.61
C ASP C 438 -30.76 15.29 -19.76
N GLY C 439 -29.88 14.82 -20.63
CA GLY C 439 -28.59 15.44 -20.79
C GLY C 439 -27.54 14.87 -19.86
N LYS C 440 -26.71 15.74 -19.27
CA LYS C 440 -25.72 15.37 -18.27
C LYS C 440 -24.67 14.40 -18.82
N TYR C 441 -24.56 14.28 -20.15
CA TYR C 441 -23.59 13.40 -20.78
C TYR C 441 -23.80 12.03 -20.14
N GLY C 442 -22.75 11.51 -19.51
CA GLY C 442 -22.83 10.20 -18.88
C GLY C 442 -22.33 10.12 -17.45
N ALA C 443 -23.22 9.75 -16.53
CA ALA C 443 -22.87 9.60 -15.12
C ALA C 443 -23.65 8.42 -14.55
N ARG C 444 -23.14 7.89 -13.45
CA ARG C 444 -23.77 6.77 -12.74
C ARG C 444 -24.02 7.18 -11.30
N ASP C 445 -25.26 7.00 -10.85
CA ASP C 445 -25.62 7.38 -9.49
C ASP C 445 -24.91 6.50 -8.48
N ALA C 446 -24.69 7.06 -7.29
CA ALA C 446 -24.00 6.32 -6.23
C ALA C 446 -24.90 5.29 -5.57
N ASP C 447 -26.15 5.65 -5.30
CA ASP C 447 -27.08 4.75 -4.62
C ASP C 447 -27.70 3.75 -5.60
N THR C 448 -28.61 4.24 -6.45
CA THR C 448 -29.33 3.36 -7.35
C THR C 448 -28.43 2.74 -8.42
N LYS C 449 -27.28 3.36 -8.70
CA LYS C 449 -26.34 2.88 -9.72
C LYS C 449 -27.02 2.76 -11.08
N ILE C 450 -27.82 3.76 -11.42
CA ILE C 450 -28.52 3.83 -12.71
C ILE C 450 -27.82 4.86 -13.58
N TRP C 451 -27.44 4.45 -14.79
CA TRP C 451 -26.81 5.36 -15.73
C TRP C 451 -27.83 6.29 -16.37
N ASN C 452 -27.47 7.55 -16.49
CA ASN C 452 -28.32 8.55 -17.11
C ASN C 452 -27.61 9.15 -18.32
N GLY C 453 -28.36 9.94 -19.08
CA GLY C 453 -27.79 10.63 -20.21
C GLY C 453 -27.60 9.74 -21.42
N MET C 454 -26.68 10.17 -22.28
CA MET C 454 -26.43 9.44 -23.52
C MET C 454 -25.84 8.06 -23.26
N VAL C 455 -24.99 7.95 -22.24
CA VAL C 455 -24.44 6.63 -21.89
C VAL C 455 -25.55 5.71 -21.40
N GLY C 456 -26.56 6.26 -20.73
CA GLY C 456 -27.66 5.44 -20.26
C GLY C 456 -28.50 4.87 -21.39
N GLU C 457 -28.80 5.71 -22.40
CA GLU C 457 -29.62 5.27 -23.52
C GLU C 457 -28.90 4.26 -24.42
N LEU C 458 -27.62 4.00 -24.19
CA LEU C 458 -26.88 2.96 -24.90
C LEU C 458 -26.87 1.62 -24.18
N VAL C 459 -26.65 1.62 -22.86
CA VAL C 459 -26.67 0.38 -22.10
C VAL C 459 -28.08 -0.21 -22.03
N TYR C 460 -29.10 0.66 -22.09
CA TYR C 460 -30.48 0.24 -21.98
C TYR C 460 -31.17 0.05 -23.33
N GLY C 461 -30.40 0.10 -24.42
CA GLY C 461 -30.94 -0.16 -25.74
C GLY C 461 -31.81 0.92 -26.34
N LYS C 462 -32.01 2.03 -25.64
CA LYS C 462 -32.81 3.13 -26.18
C LYS C 462 -32.10 3.92 -27.27
N ALA C 463 -30.83 3.61 -27.53
CA ALA C 463 -30.09 4.24 -28.62
C ALA C 463 -29.02 3.27 -29.10
N ASP C 464 -28.71 3.34 -30.39
CA ASP C 464 -27.73 2.45 -30.99
C ASP C 464 -26.31 3.01 -30.96
N ILE C 465 -26.16 4.32 -30.81
CA ILE C 465 -24.85 4.96 -30.81
C ILE C 465 -25.02 6.37 -30.26
N ALA C 466 -23.94 6.96 -29.76
CA ALA C 466 -23.94 8.30 -29.20
C ALA C 466 -22.76 9.07 -29.77
N ILE C 467 -23.04 10.05 -30.63
CA ILE C 467 -22.02 10.91 -31.21
C ILE C 467 -22.18 12.28 -30.57
N ALA C 468 -21.22 12.64 -29.71
CA ALA C 468 -21.29 13.87 -28.93
C ALA C 468 -19.94 14.13 -28.29
N PRO C 469 -19.68 15.34 -27.78
CA PRO C 469 -18.42 15.56 -27.04
C PRO C 469 -18.39 14.82 -25.73
N LEU C 470 -18.41 13.49 -25.78
CA LEU C 470 -18.47 12.67 -24.59
C LEU C 470 -17.05 12.42 -24.07
N THR C 471 -16.78 12.86 -22.84
CA THR C 471 -15.46 12.73 -22.25
C THR C 471 -15.11 11.25 -22.08
N ILE C 472 -13.99 10.84 -22.66
CA ILE C 472 -13.54 9.45 -22.57
C ILE C 472 -12.95 9.26 -21.17
N THR C 473 -13.76 8.73 -20.25
CA THR C 473 -13.33 8.44 -18.89
C THR C 473 -13.32 6.94 -18.66
N LEU C 474 -12.68 6.53 -17.56
CA LEU C 474 -12.59 5.11 -17.24
C LEU C 474 -13.94 4.55 -16.82
N VAL C 475 -14.71 5.31 -16.03
CA VAL C 475 -15.99 4.81 -15.54
C VAL C 475 -16.96 4.57 -16.69
N ARG C 476 -16.82 5.33 -17.78
CA ARG C 476 -17.70 5.13 -18.93
C ARG C 476 -17.17 4.04 -19.85
N GLU C 477 -15.86 3.81 -19.86
CA GLU C 477 -15.28 2.76 -20.68
C GLU C 477 -15.71 1.38 -20.24
N GLU C 478 -16.17 1.23 -18.98
CA GLU C 478 -16.55 -0.07 -18.45
C GLU C 478 -17.94 -0.52 -18.89
N VAL C 479 -18.74 0.36 -19.49
CA VAL C 479 -20.12 0.02 -19.83
C VAL C 479 -20.36 0.12 -21.33
N ILE C 480 -19.61 0.98 -22.01
CA ILE C 480 -19.75 1.18 -23.45
C ILE C 480 -18.37 1.14 -24.09
N ASP C 481 -18.37 1.03 -25.42
CA ASP C 481 -17.14 0.98 -26.20
C ASP C 481 -16.86 2.37 -26.78
N PHE C 482 -15.80 2.99 -26.29
CA PHE C 482 -15.40 4.31 -26.78
C PHE C 482 -14.50 4.16 -28.00
N SER C 483 -14.80 4.93 -29.04
CA SER C 483 -13.93 4.98 -30.21
C SER C 483 -12.69 5.80 -29.90
N LYS C 484 -11.75 5.80 -30.85
CA LYS C 484 -10.55 6.61 -30.69
C LYS C 484 -10.91 8.09 -30.60
N PRO C 485 -10.10 8.88 -29.91
CA PRO C 485 -10.46 10.31 -29.70
C PRO C 485 -10.42 11.07 -31.02
N PHE C 486 -11.56 11.63 -31.38
CA PHE C 486 -11.64 12.49 -32.57
C PHE C 486 -11.29 13.93 -32.27
N MET C 487 -10.91 14.26 -31.04
CA MET C 487 -10.63 15.65 -30.68
C MET C 487 -9.91 15.65 -29.34
N SER C 488 -8.61 15.92 -29.38
CA SER C 488 -7.82 16.03 -28.16
C SER C 488 -8.07 17.38 -27.49
N LEU C 489 -8.14 17.36 -26.17
CA LEU C 489 -8.38 18.57 -25.40
C LEU C 489 -7.74 18.43 -24.02
N GLY C 490 -7.98 19.41 -23.17
CA GLY C 490 -7.43 19.42 -21.83
C GLY C 490 -7.77 20.72 -21.15
N ILE C 491 -7.43 20.79 -19.87
CA ILE C 491 -7.72 21.97 -19.06
C ILE C 491 -6.80 23.11 -19.48
N SER C 492 -7.40 24.27 -19.79
CA SER C 492 -6.67 25.44 -20.22
C SER C 492 -7.13 26.65 -19.42
N ILE C 493 -6.54 27.80 -19.72
CA ILE C 493 -6.80 29.04 -18.99
C ILE C 493 -7.49 30.03 -19.92
N MET C 494 -8.34 30.87 -19.33
CA MET C 494 -9.07 31.90 -20.06
C MET C 494 -8.99 33.22 -19.29
N ILE C 495 -8.57 34.28 -19.97
CA ILE C 495 -8.45 35.61 -19.38
C ILE C 495 -9.08 36.62 -20.33
N LYS C 496 -9.00 37.89 -19.94
CA LYS C 496 -9.57 38.97 -20.72
C LYS C 496 -8.58 39.41 -21.81
N LYS C 497 -9.02 40.34 -22.65
CA LYS C 497 -8.18 40.86 -23.72
C LYS C 497 -7.23 41.91 -23.16
N PRO C 498 -5.91 41.68 -23.20
CA PRO C 498 -4.98 42.63 -22.58
C PRO C 498 -4.68 43.85 -23.43
N GLN C 499 -3.51 44.46 -23.19
CA GLN C 499 -2.97 45.57 -23.97
C GLN C 499 -3.81 46.83 -23.89
N LYS C 500 -4.70 46.95 -22.90
CA LYS C 500 -5.56 48.12 -22.78
C LYS C 500 -4.86 49.20 -21.95
N SER C 501 -3.87 49.83 -22.58
CA SER C 501 -3.04 50.84 -21.92
C SER C 501 -2.04 51.51 -22.88
N LYS C 502 -1.78 52.82 -22.75
CA LYS C 502 -2.49 53.78 -21.90
C LYS C 502 -2.19 55.24 -22.30
N PRO C 503 -2.16 55.56 -23.60
CA PRO C 503 -1.58 56.83 -24.04
C PRO C 503 -2.55 58.00 -23.82
N GLY C 504 -2.09 59.19 -24.19
CA GLY C 504 -2.88 60.40 -24.07
C GLY C 504 -2.06 61.62 -23.70
N VAL C 505 -2.71 62.78 -23.62
CA VAL C 505 -2.02 63.99 -23.21
C VAL C 505 -2.00 64.14 -21.69
N PHE C 506 -2.98 63.58 -20.98
CA PHE C 506 -2.88 63.46 -19.54
C PHE C 506 -1.79 62.49 -19.14
N SER C 507 -1.40 61.59 -20.05
CA SER C 507 -0.21 60.77 -19.88
C SER C 507 1.08 61.51 -20.19
N PHE C 508 1.00 62.80 -20.51
CA PHE C 508 2.18 63.63 -20.72
C PHE C 508 2.47 64.43 -19.43
N LEU C 509 2.09 63.86 -18.29
CA LEU C 509 2.42 64.41 -16.98
C LEU C 509 2.55 63.35 -15.87
N ASP C 510 3.44 62.38 -16.09
CA ASP C 510 3.52 61.24 -15.19
C ASP C 510 4.74 61.11 -14.28
N PRO C 511 5.94 60.82 -14.80
CA PRO C 511 7.07 60.60 -13.89
C PRO C 511 7.47 61.79 -13.02
N LEU C 512 7.15 63.00 -13.45
CA LEU C 512 7.06 64.15 -12.57
C LEU C 512 5.59 64.31 -12.17
N ALA C 513 5.36 64.54 -10.89
CA ALA C 513 4.01 64.54 -10.36
C ALA C 513 3.13 65.60 -11.00
N TYR C 514 1.82 65.40 -10.89
CA TYR C 514 0.85 66.42 -11.27
C TYR C 514 1.12 67.73 -10.54
N GLU C 515 1.78 67.67 -9.38
CA GLU C 515 2.15 68.86 -8.61
C GLU C 515 3.56 69.35 -8.86
N ILE C 516 4.38 68.61 -9.62
CA ILE C 516 5.74 69.04 -9.92
C ILE C 516 5.80 69.83 -11.22
N TRP C 517 5.05 69.40 -12.24
CA TRP C 517 4.99 70.16 -13.48
C TRP C 517 4.48 71.57 -13.26
N MET C 518 3.58 71.75 -12.30
CA MET C 518 3.13 73.07 -11.88
C MET C 518 4.03 73.69 -10.82
N CYS C 519 5.08 72.98 -10.41
CA CYS C 519 6.04 73.52 -9.43
C CYS C 519 7.34 73.97 -10.08
N ILE C 520 7.72 73.37 -11.21
CA ILE C 520 8.93 73.81 -11.91
C ILE C 520 8.73 75.19 -12.52
N VAL C 521 7.50 75.54 -12.89
CA VAL C 521 7.23 76.84 -13.49
C VAL C 521 7.38 77.97 -12.47
N PHE C 522 7.23 77.67 -11.18
CA PHE C 522 7.44 78.69 -10.16
C PHE C 522 8.92 79.07 -10.05
N ALA C 523 9.83 78.12 -10.28
CA ALA C 523 11.25 78.41 -10.25
C ALA C 523 11.74 79.08 -11.52
N TYR C 524 11.05 78.89 -12.64
CA TYR C 524 11.45 79.54 -13.89
C TYR C 524 11.22 81.04 -13.81
N ILE C 525 10.02 81.46 -13.42
CA ILE C 525 9.73 82.89 -13.29
C ILE C 525 10.40 83.48 -12.07
N GLY C 526 10.80 82.65 -11.10
CA GLY C 526 11.49 83.14 -9.92
C GLY C 526 12.95 83.49 -10.16
N VAL C 527 13.56 82.90 -11.17
CA VAL C 527 14.95 83.21 -11.50
C VAL C 527 15.04 84.34 -12.52
N SER C 528 14.10 84.40 -13.46
CA SER C 528 14.07 85.48 -14.43
C SER C 528 13.78 86.83 -13.77
N VAL C 529 13.17 86.84 -12.59
CA VAL C 529 12.95 88.08 -11.86
C VAL C 529 14.15 88.48 -11.00
N VAL C 530 15.04 87.53 -10.68
CA VAL C 530 16.25 87.88 -9.96
C VAL C 530 17.27 88.51 -10.90
N LEU C 531 17.38 87.99 -12.12
CA LEU C 531 18.20 88.65 -13.15
C LEU C 531 17.70 90.05 -13.44
N PHE C 532 16.41 90.33 -13.19
CA PHE C 532 15.89 91.68 -13.28
C PHE C 532 16.43 92.57 -12.17
N LEU C 533 16.88 91.99 -11.06
CA LEU C 533 17.33 92.75 -9.90
C LEU C 533 18.84 92.73 -9.70
N VAL C 534 19.56 91.79 -10.32
CA VAL C 534 21.01 91.74 -10.18
C VAL C 534 21.75 92.48 -11.28
N SER C 535 21.07 92.85 -12.35
CA SER C 535 21.72 93.56 -13.46
C SER C 535 21.37 95.05 -13.42
N ILE C 545 12.31 95.99 -20.73
CA ILE C 545 11.94 94.72 -20.12
C ILE C 545 11.78 93.65 -21.21
N PHE C 546 11.59 94.09 -22.45
CA PHE C 546 11.42 93.14 -23.55
C PHE C 546 12.74 92.48 -23.92
N ASN C 547 13.86 93.17 -23.69
CA ASN C 547 15.18 92.60 -23.98
C ASN C 547 15.81 91.93 -22.77
N SER C 548 15.41 92.31 -21.55
CA SER C 548 15.92 91.63 -20.36
C SER C 548 15.35 90.22 -20.24
N LEU C 549 14.05 90.06 -20.52
CA LEU C 549 13.47 88.73 -20.57
C LEU C 549 14.04 87.92 -21.73
N TRP C 550 14.48 88.59 -22.80
CA TRP C 550 15.17 87.90 -23.88
C TRP C 550 16.55 87.42 -23.45
N PHE C 551 17.20 88.14 -22.54
CA PHE C 551 18.50 87.71 -22.03
C PHE C 551 18.34 86.62 -20.98
N SER C 552 17.37 86.75 -20.07
CA SER C 552 17.16 85.73 -19.06
C SER C 552 16.91 84.27 -19.42
N LEU C 553 16.06 84.01 -20.41
CA LEU C 553 16.03 82.65 -20.99
C LEU C 553 17.02 82.30 -22.24
N GLY C 554 17.64 83.40 -22.65
CA GLY C 554 18.84 83.32 -23.47
C GLY C 554 19.84 82.76 -22.48
N ALA C 555 19.69 83.08 -21.20
CA ALA C 555 20.49 82.46 -20.14
C ALA C 555 19.81 81.25 -19.53
N PHE C 556 18.51 81.08 -19.78
CA PHE C 556 17.81 79.91 -19.25
C PHE C 556 18.15 78.57 -19.87
N MET C 557 18.14 78.50 -21.21
CA MET C 557 18.51 77.25 -21.86
C MET C 557 20.03 76.98 -21.93
N GLN C 558 20.81 78.06 -21.79
CA GLN C 558 22.26 77.96 -21.70
C GLN C 558 22.53 77.79 -20.20
N GLN C 559 22.02 76.68 -19.67
CA GLN C 559 22.15 76.35 -18.25
C GLN C 559 21.60 77.59 -17.57
N GLY C 560 22.42 78.24 -16.74
CA GLY C 560 21.99 79.43 -16.04
C GLY C 560 22.41 80.80 -16.54
N SER C 567 28.22 89.50 -13.55
CA SER C 567 28.28 90.07 -12.21
C SER C 567 28.34 88.95 -11.19
N LEU C 568 28.95 89.24 -10.03
CA LEU C 568 29.02 88.26 -8.96
C LEU C 568 27.64 87.93 -8.41
N SER C 569 26.76 88.93 -8.34
CA SER C 569 25.39 88.66 -7.92
C SER C 569 24.63 87.88 -8.97
N GLY C 570 24.89 88.14 -10.25
CA GLY C 570 24.21 87.42 -11.31
C GLY C 570 24.81 86.07 -11.65
N ARG C 571 26.09 85.87 -11.33
CA ARG C 571 26.72 84.57 -11.60
C ARG C 571 26.18 83.50 -10.67
N ILE C 572 25.97 83.82 -9.40
CA ILE C 572 25.45 82.85 -8.45
C ILE C 572 23.99 82.53 -8.72
N VAL C 573 23.29 83.36 -9.50
CA VAL C 573 21.94 83.02 -9.92
C VAL C 573 21.96 81.82 -10.84
N GLY C 574 22.77 81.89 -11.89
CA GLY C 574 22.88 80.80 -12.84
C GLY C 574 23.62 79.59 -12.31
N GLY C 575 24.50 79.78 -11.31
CA GLY C 575 25.21 78.65 -10.75
C GLY C 575 24.33 77.77 -9.89
N VAL C 576 23.40 78.37 -9.15
CA VAL C 576 22.49 77.60 -8.31
C VAL C 576 21.31 77.08 -9.12
N TRP C 577 20.82 77.87 -10.07
CA TRP C 577 19.76 77.41 -10.96
C TRP C 577 20.21 76.24 -11.81
N TRP C 578 21.51 76.18 -12.13
CA TRP C 578 22.03 75.07 -12.95
C TRP C 578 21.98 73.75 -12.18
N PHE C 579 22.22 73.79 -10.87
CA PHE C 579 22.14 72.57 -10.06
C PHE C 579 20.71 72.16 -9.78
N PHE C 580 19.80 73.12 -9.67
CA PHE C 580 18.39 72.79 -9.43
C PHE C 580 17.79 72.06 -10.62
N THR C 581 17.92 72.65 -11.81
CA THR C 581 17.40 71.99 -13.02
C THR C 581 18.16 70.71 -13.34
N LEU C 582 19.37 70.53 -12.80
CA LEU C 582 20.13 69.32 -13.05
C LEU C 582 19.49 68.12 -12.36
N ILE C 583 18.93 68.32 -11.17
CA ILE C 583 18.35 67.21 -10.42
C ILE C 583 17.00 66.82 -11.00
N ILE C 584 16.20 67.80 -11.44
CA ILE C 584 14.88 67.49 -11.97
C ILE C 584 15.00 66.70 -13.26
N ILE C 585 15.84 67.16 -14.19
CA ILE C 585 16.03 66.41 -15.43
C ILE C 585 16.68 65.06 -15.16
N SER C 586 17.39 64.91 -14.04
CA SER C 586 17.91 63.61 -13.64
C SER C 586 16.84 62.79 -12.93
N SER C 587 15.99 63.44 -12.13
CA SER C 587 14.90 62.74 -11.49
C SER C 587 13.77 62.43 -12.47
N TYR C 588 13.77 63.06 -13.64
CA TYR C 588 12.80 62.71 -14.67
C TYR C 588 13.26 61.51 -15.47
N THR C 589 14.53 61.49 -15.88
CA THR C 589 15.05 60.38 -16.66
C THR C 589 15.16 59.10 -15.82
N ALA C 590 15.38 59.25 -14.51
CA ALA C 590 15.49 58.06 -13.65
C ALA C 590 14.11 57.45 -13.40
N ASN C 591 13.10 58.27 -13.13
CA ASN C 591 11.76 57.74 -12.87
C ASN C 591 11.11 57.21 -14.15
N LEU C 592 11.45 57.81 -15.30
CA LEU C 592 10.88 57.33 -16.56
C LEU C 592 11.42 55.94 -16.90
N ALA C 593 12.71 55.70 -16.63
CA ALA C 593 13.29 54.39 -16.91
C ALA C 593 12.77 53.33 -15.94
N ALA C 594 12.35 53.73 -14.73
CA ALA C 594 11.83 52.78 -13.77
C ALA C 594 10.51 52.18 -14.24
N PHE C 595 9.66 52.98 -14.86
CA PHE C 595 8.43 52.44 -15.45
C PHE C 595 8.74 51.52 -16.63
N LEU C 596 9.64 51.94 -17.51
CA LEU C 596 9.96 51.15 -18.69
C LEU C 596 10.60 49.82 -18.31
N THR C 597 11.33 49.78 -17.19
CA THR C 597 11.82 48.50 -16.68
C THR C 597 10.68 47.69 -16.09
N VAL C 598 9.77 48.34 -15.36
CA VAL C 598 8.62 47.65 -14.80
C VAL C 598 7.66 47.24 -15.92
N GLU C 599 7.61 48.04 -16.97
CA GLU C 599 6.81 47.70 -18.14
C GLU C 599 7.70 46.96 -19.14
N ARG C 600 8.60 46.14 -18.60
CA ARG C 600 9.58 45.44 -19.43
C ARG C 600 9.36 43.93 -19.46
N MET C 601 9.52 43.27 -18.31
CA MET C 601 9.47 41.81 -18.28
C MET C 601 8.17 41.46 -19.01
N VAL C 602 7.08 42.10 -18.62
CA VAL C 602 6.65 42.03 -17.27
C VAL C 602 5.67 40.83 -17.14
N SER C 603 5.31 40.29 -18.30
CA SER C 603 4.47 39.10 -18.36
C SER C 603 3.03 39.42 -18.77
N PRO C 604 2.65 38.99 -20.04
CA PRO C 604 1.25 39.26 -20.36
C PRO C 604 0.41 37.98 -20.21
N ILE C 605 0.74 36.96 -21.00
CA ILE C 605 0.06 35.68 -20.92
C ILE C 605 1.06 34.60 -20.49
N GLU C 606 1.44 34.65 -19.21
CA GLU C 606 2.45 33.74 -18.69
C GLU C 606 1.95 32.31 -18.81
N SER C 607 2.45 31.40 -17.97
CA SER C 607 2.06 30.00 -17.98
C SER C 607 1.16 29.56 -16.83
N ALA C 608 0.87 28.25 -16.80
CA ALA C 608 -0.01 27.72 -15.76
C ALA C 608 0.66 27.67 -14.41
N GLU C 609 1.98 27.48 -14.37
CA GLU C 609 2.69 27.42 -13.09
C GLU C 609 2.75 28.80 -12.43
N ASP C 610 3.12 29.82 -13.22
CA ASP C 610 3.23 31.17 -12.66
C ASP C 610 1.87 31.77 -12.32
N LEU C 611 0.79 31.19 -12.84
CA LEU C 611 -0.54 31.63 -12.43
C LEU C 611 -0.79 31.36 -10.95
N SER C 612 -0.13 30.33 -10.40
CA SER C 612 -0.28 29.98 -8.99
C SER C 612 0.72 30.70 -8.09
N LYS C 613 1.72 31.38 -8.66
CA LYS C 613 2.73 32.04 -7.85
C LYS C 613 2.28 33.39 -7.32
N GLN C 614 1.25 34.00 -7.91
CA GLN C 614 0.74 35.29 -7.48
C GLN C 614 -0.73 35.17 -7.11
N THR C 615 -1.17 36.01 -6.18
CA THR C 615 -2.55 36.03 -5.73
C THR C 615 -3.28 37.32 -6.09
N GLU C 616 -2.65 38.20 -6.87
CA GLU C 616 -3.33 39.42 -7.32
C GLU C 616 -4.48 39.08 -8.26
N ILE C 617 -4.24 38.21 -9.23
CA ILE C 617 -5.25 37.76 -10.17
C ILE C 617 -5.71 36.38 -9.70
N ALA C 618 -6.93 36.32 -9.16
CA ALA C 618 -7.44 35.07 -8.64
C ALA C 618 -7.79 34.11 -9.78
N TYR C 619 -8.00 32.85 -9.43
CA TYR C 619 -8.35 31.83 -10.41
C TYR C 619 -9.14 30.73 -9.72
N GLY C 620 -10.03 30.10 -10.49
CA GLY C 620 -10.85 29.03 -9.96
C GLY C 620 -11.41 28.18 -11.07
N THR C 621 -12.13 27.12 -10.68
CA THR C 621 -12.74 26.22 -11.64
C THR C 621 -14.23 26.09 -11.36
N LEU C 622 -14.87 25.10 -11.99
CA LEU C 622 -16.28 24.84 -11.71
C LEU C 622 -16.43 24.15 -10.36
N ASP C 623 -17.57 24.40 -9.70
CA ASP C 623 -17.78 23.87 -8.36
C ASP C 623 -17.89 22.35 -8.35
N SER C 624 -18.28 21.74 -9.46
CA SER C 624 -18.41 20.29 -9.55
C SER C 624 -18.18 19.85 -10.98
N GLY C 625 -17.15 19.04 -11.20
CA GLY C 625 -16.86 18.57 -12.54
C GLY C 625 -15.51 17.88 -12.58
N SER C 626 -15.19 17.37 -13.77
CA SER C 626 -13.92 16.69 -13.98
C SER C 626 -12.73 17.64 -13.81
N THR C 627 -12.96 18.95 -13.91
CA THR C 627 -11.86 19.90 -13.78
C THR C 627 -11.42 20.03 -12.33
N LYS C 628 -12.40 20.16 -11.42
CA LYS C 628 -12.06 20.32 -10.01
C LYS C 628 -11.45 19.05 -9.43
N GLU C 629 -11.99 17.88 -9.81
CA GLU C 629 -11.45 16.62 -9.33
C GLU C 629 -10.03 16.36 -9.84
N PHE C 630 -9.63 17.03 -10.92
CA PHE C 630 -8.27 16.86 -11.42
C PHE C 630 -7.24 17.40 -10.43
N PHE C 631 -7.45 18.62 -9.95
CA PHE C 631 -6.51 19.22 -9.00
C PHE C 631 -6.57 18.56 -7.63
N ARG C 632 -7.68 17.89 -7.29
CA ARG C 632 -7.84 17.28 -5.98
C ARG C 632 -6.81 16.19 -5.75
N ARG C 633 -6.89 15.10 -6.51
CA ARG C 633 -5.98 13.97 -6.38
C ARG C 633 -4.73 14.13 -7.23
N SER C 634 -4.41 15.34 -7.67
CA SER C 634 -3.21 15.57 -8.45
C SER C 634 -2.00 15.53 -7.54
N LYS C 635 -1.15 14.52 -7.70
CA LYS C 635 0.07 14.38 -6.94
C LYS C 635 1.22 15.20 -7.51
N ILE C 636 0.94 16.10 -8.44
CA ILE C 636 1.96 16.96 -9.04
C ILE C 636 2.14 18.19 -8.15
N ALA C 637 3.40 18.60 -7.97
CA ALA C 637 3.69 19.71 -7.07
C ALA C 637 3.10 21.01 -7.58
N VAL C 638 3.11 21.23 -8.89
CA VAL C 638 2.61 22.48 -9.44
C VAL C 638 1.09 22.56 -9.30
N PHE C 639 0.39 21.45 -9.54
CA PHE C 639 -1.06 21.46 -9.47
C PHE C 639 -1.57 21.35 -8.04
N ASP C 640 -0.83 20.68 -7.15
CA ASP C 640 -1.25 20.61 -5.76
C ASP C 640 -1.20 21.97 -5.09
N LYS C 641 -0.25 22.82 -5.49
CA LYS C 641 -0.23 24.20 -4.99
C LYS C 641 -1.45 24.96 -5.46
N MET C 642 -1.91 24.71 -6.69
CA MET C 642 -3.10 25.36 -7.20
C MET C 642 -4.35 24.87 -6.48
N TRP C 643 -4.37 23.59 -6.08
CA TRP C 643 -5.55 23.07 -5.37
C TRP C 643 -5.63 23.59 -3.95
N THR C 644 -4.48 23.67 -3.26
CA THR C 644 -4.47 24.18 -1.89
C THR C 644 -4.86 25.65 -1.81
N TYR C 645 -4.66 26.40 -2.91
CA TYR C 645 -5.09 27.79 -2.93
C TYR C 645 -6.60 27.90 -3.09
N MET C 646 -7.15 27.26 -4.11
CA MET C 646 -8.59 27.39 -4.39
C MET C 646 -9.43 26.75 -3.30
N ARG C 647 -8.86 25.79 -2.57
CA ARG C 647 -9.61 25.12 -1.51
C ARG C 647 -9.86 26.06 -0.33
N SER C 648 -8.94 26.99 -0.07
CA SER C 648 -9.06 27.93 1.04
C SER C 648 -9.09 29.37 0.55
N ALA C 649 -9.56 29.59 -0.67
CA ALA C 649 -9.62 30.92 -1.26
C ALA C 649 -10.93 31.59 -0.87
N GLU C 650 -10.84 32.73 -0.20
CA GLU C 650 -12.02 33.50 0.18
C GLU C 650 -11.97 34.89 -0.43
N PRO C 651 -13.07 35.33 -1.08
CA PRO C 651 -14.35 34.62 -1.20
C PRO C 651 -14.31 33.43 -2.16
N SER C 652 -15.45 32.75 -2.30
CA SER C 652 -15.51 31.52 -3.08
C SER C 652 -15.13 31.79 -4.54
N VAL C 653 -14.04 31.15 -4.99
CA VAL C 653 -13.57 31.30 -6.36
C VAL C 653 -14.27 30.36 -7.32
N PHE C 654 -15.17 29.50 -6.83
CA PHE C 654 -15.89 28.58 -7.68
C PHE C 654 -17.22 29.18 -8.11
N VAL C 655 -17.70 28.76 -9.27
CA VAL C 655 -18.93 29.28 -9.85
C VAL C 655 -19.97 28.17 -9.92
N ARG C 656 -21.23 28.58 -10.08
CA ARG C 656 -22.33 27.61 -10.13
C ARG C 656 -22.32 26.84 -11.44
N THR C 657 -22.45 27.54 -12.56
CA THR C 657 -22.45 26.94 -13.89
C THR C 657 -21.30 27.49 -14.72
N THR C 658 -21.14 26.91 -15.91
CA THR C 658 -20.09 27.37 -16.81
C THR C 658 -20.39 28.76 -17.36
N ALA C 659 -21.67 29.10 -17.53
CA ALA C 659 -22.01 30.43 -18.03
C ALA C 659 -21.63 31.52 -17.04
N GLU C 660 -21.64 31.22 -15.74
CA GLU C 660 -21.25 32.21 -14.75
C GLU C 660 -19.74 32.42 -14.72
N GLY C 661 -18.98 31.37 -15.00
CA GLY C 661 -17.53 31.49 -14.99
C GLY C 661 -17.01 32.39 -16.11
N VAL C 662 -17.62 32.30 -17.28
CA VAL C 662 -17.23 33.16 -18.40
C VAL C 662 -17.63 34.60 -18.11
N ALA C 663 -18.80 34.81 -17.52
CA ALA C 663 -19.26 36.15 -17.21
C ALA C 663 -18.46 36.79 -16.08
N ARG C 664 -17.81 36.00 -15.23
CA ARG C 664 -17.03 36.55 -14.14
C ARG C 664 -15.69 37.11 -14.61
N VAL C 665 -15.10 36.50 -15.65
CA VAL C 665 -13.84 37.01 -16.18
C VAL C 665 -14.06 38.31 -16.94
N ARG C 666 -15.22 38.46 -17.58
CA ARG C 666 -15.50 39.67 -18.36
C ARG C 666 -15.76 40.88 -17.49
N LYS C 667 -16.10 40.69 -16.22
CA LYS C 667 -16.43 41.79 -15.32
C LYS C 667 -15.40 41.95 -14.19
N SER C 668 -14.25 41.31 -14.30
CA SER C 668 -13.22 41.37 -13.26
C SER C 668 -12.06 42.28 -13.63
N LYS C 669 -12.16 43.01 -14.74
CA LYS C 669 -11.11 43.92 -15.19
C LYS C 669 -9.77 43.21 -15.37
N GLY C 670 -9.81 41.92 -15.74
CA GLY C 670 -8.60 41.15 -15.89
C GLY C 670 -7.97 40.69 -14.60
N LYS C 671 -8.73 40.66 -13.51
CA LYS C 671 -8.22 40.25 -12.20
C LYS C 671 -8.78 38.89 -11.78
N TYR C 672 -9.23 38.08 -12.73
CA TYR C 672 -9.77 36.76 -12.42
C TYR C 672 -9.67 35.88 -13.66
N ALA C 673 -9.29 34.63 -13.47
CA ALA C 673 -9.16 33.67 -14.55
C ALA C 673 -10.06 32.47 -14.29
N TYR C 674 -10.33 31.72 -15.35
CA TYR C 674 -11.19 30.54 -15.28
C TYR C 674 -10.52 29.38 -15.99
N LEU C 675 -10.58 28.20 -15.39
CA LEU C 675 -9.98 26.99 -15.93
C LEU C 675 -11.08 26.07 -16.45
N LEU C 676 -10.96 25.65 -17.71
CA LEU C 676 -11.92 24.77 -18.34
C LEU C 676 -11.23 24.03 -19.47
N GLU C 677 -11.98 23.12 -20.11
CA GLU C 677 -11.43 22.35 -21.21
C GLU C 677 -11.08 23.25 -22.39
N SER C 678 -10.14 22.79 -23.22
CA SER C 678 -9.65 23.61 -24.32
C SER C 678 -10.69 23.77 -25.41
N THR C 679 -11.51 22.74 -25.65
CA THR C 679 -12.54 22.83 -26.69
C THR C 679 -13.55 23.93 -26.38
N MET C 680 -14.01 24.00 -25.14
CA MET C 680 -14.94 25.05 -24.76
C MET C 680 -14.23 26.40 -24.63
N ASN C 681 -12.95 26.39 -24.28
CA ASN C 681 -12.20 27.65 -24.17
C ASN C 681 -11.91 28.22 -25.56
N GLU C 682 -11.55 27.37 -26.51
CA GLU C 682 -11.30 27.83 -27.87
C GLU C 682 -12.57 28.33 -28.56
N TYR C 683 -13.75 27.94 -28.07
CA TYR C 683 -14.99 28.36 -28.71
C TYR C 683 -15.44 29.72 -28.19
N ILE C 684 -15.22 30.00 -26.90
CA ILE C 684 -15.60 31.30 -26.36
C ILE C 684 -14.69 32.39 -26.90
N GLU C 685 -13.44 32.07 -27.23
CA GLU C 685 -12.54 33.04 -27.82
C GLU C 685 -13.03 33.54 -29.17
N GLN C 686 -13.85 32.75 -29.88
CA GLN C 686 -14.33 33.09 -31.21
C GLN C 686 -15.81 33.50 -31.20
N ARG C 687 -16.28 34.05 -30.09
CA ARG C 687 -17.65 34.53 -29.98
C ARG C 687 -17.67 35.90 -29.32
N LYS C 688 -18.62 36.73 -29.74
CA LYS C 688 -18.73 38.10 -29.23
C LYS C 688 -18.94 38.11 -27.72
N PRO C 689 -18.40 39.14 -27.03
CA PRO C 689 -17.69 40.29 -27.61
C PRO C 689 -16.19 40.09 -27.79
N CYS C 690 -15.77 38.86 -28.05
CA CYS C 690 -14.36 38.53 -28.34
C CYS C 690 -13.44 39.02 -27.23
N ASP C 691 -13.86 38.83 -25.98
CA ASP C 691 -13.11 39.31 -24.82
C ASP C 691 -12.42 38.18 -24.06
N THR C 692 -12.31 37.00 -24.65
CA THR C 692 -11.65 35.87 -24.02
C THR C 692 -10.54 35.36 -24.94
N MET C 693 -9.58 34.66 -24.33
CA MET C 693 -8.43 34.16 -25.07
C MET C 693 -7.83 32.97 -24.33
N LYS C 694 -7.57 31.88 -25.06
CA LYS C 694 -6.90 30.73 -24.50
C LYS C 694 -5.40 31.00 -24.44
N VAL C 695 -4.84 30.95 -23.23
CA VAL C 695 -3.43 31.21 -23.01
C VAL C 695 -2.77 29.94 -22.49
N GLY C 696 -1.58 29.63 -23.01
CA GLY C 696 -0.85 28.47 -22.60
C GLY C 696 -1.45 27.17 -23.09
N GLY C 697 -0.68 26.08 -22.99
CA GLY C 697 -1.14 24.78 -23.42
C GLY C 697 -2.12 24.17 -22.44
N ASN C 698 -2.45 22.91 -22.69
CA ASN C 698 -3.37 22.19 -21.83
C ASN C 698 -2.65 21.61 -20.63
N LEU C 699 -3.43 21.27 -19.60
CA LEU C 699 -2.86 20.74 -18.37
C LEU C 699 -2.83 19.21 -18.35
N ASP C 700 -3.81 18.56 -18.96
CA ASP C 700 -3.88 17.11 -19.01
C ASP C 700 -4.19 16.66 -20.43
N SER C 701 -4.17 15.34 -20.63
CA SER C 701 -4.43 14.75 -21.94
C SER C 701 -5.72 13.94 -21.85
N LYS C 702 -6.74 14.38 -22.60
CA LYS C 702 -8.02 13.69 -22.66
C LYS C 702 -8.52 13.75 -24.10
N GLY C 703 -9.74 13.27 -24.31
CA GLY C 703 -10.32 13.27 -25.64
C GLY C 703 -11.78 12.89 -25.60
N TYR C 704 -12.49 13.29 -26.65
CA TYR C 704 -13.88 12.91 -26.84
C TYR C 704 -13.96 11.68 -27.73
N GLY C 705 -15.00 10.88 -27.53
CA GLY C 705 -15.15 9.64 -28.28
C GLY C 705 -16.61 9.36 -28.62
N ILE C 706 -16.78 8.51 -29.61
CA ILE C 706 -18.09 8.02 -30.01
C ILE C 706 -18.39 6.76 -29.22
N ALA C 707 -19.49 6.76 -28.49
CA ALA C 707 -19.85 5.65 -27.60
C ALA C 707 -20.81 4.71 -28.30
N THR C 708 -20.51 3.42 -28.26
CA THR C 708 -21.35 2.36 -28.78
C THR C 708 -21.58 1.31 -27.70
N PRO C 709 -22.73 0.64 -27.70
CA PRO C 709 -22.94 -0.45 -26.74
C PRO C 709 -21.92 -1.56 -26.96
N LYS C 710 -21.60 -2.26 -25.88
CA LYS C 710 -20.65 -3.36 -25.96
C LYS C 710 -21.23 -4.51 -26.77
N GLY C 711 -20.40 -5.08 -27.64
CA GLY C 711 -20.84 -6.16 -28.52
C GLY C 711 -21.71 -5.71 -29.66
N SER C 712 -21.88 -4.40 -29.86
CA SER C 712 -22.72 -3.91 -30.95
C SER C 712 -22.01 -4.07 -32.29
N SER C 713 -22.80 -4.28 -33.34
CA SER C 713 -22.24 -4.36 -34.69
C SER C 713 -21.61 -3.05 -35.11
N LEU C 714 -22.07 -1.93 -34.53
CA LEU C 714 -21.54 -0.62 -34.85
C LEU C 714 -20.20 -0.34 -34.16
N GLY C 715 -19.76 -1.21 -33.27
CA GLY C 715 -18.56 -0.97 -32.48
C GLY C 715 -17.29 -0.75 -33.28
N THR C 716 -16.77 -1.82 -33.87
CA THR C 716 -15.49 -1.76 -34.57
C THR C 716 -15.54 -0.92 -35.84
N PRO C 717 -16.57 -1.06 -36.69
CA PRO C 717 -16.58 -0.23 -37.91
C PRO C 717 -16.58 1.27 -37.65
N VAL C 718 -17.29 1.74 -36.62
CA VAL C 718 -17.27 3.16 -36.30
C VAL C 718 -15.89 3.56 -35.78
N ASN C 719 -15.27 2.71 -34.97
CA ASN C 719 -13.91 3.00 -34.49
C ASN C 719 -12.93 3.08 -35.65
N LEU C 720 -13.04 2.17 -36.62
CA LEU C 720 -12.19 2.25 -37.81
C LEU C 720 -12.49 3.51 -38.61
N ALA C 721 -13.73 3.98 -38.58
CA ALA C 721 -14.11 5.16 -39.36
C ALA C 721 -13.53 6.43 -38.77
N VAL C 722 -13.41 6.52 -37.44
CA VAL C 722 -12.92 7.73 -36.82
C VAL C 722 -11.46 7.96 -37.19
N LEU C 723 -10.65 6.89 -37.18
CA LEU C 723 -9.25 7.03 -37.58
C LEU C 723 -9.11 7.43 -39.03
N LYS C 724 -10.01 6.93 -39.90
CA LYS C 724 -9.99 7.30 -41.30
C LYS C 724 -10.26 8.79 -41.48
N LEU C 725 -11.09 9.37 -40.63
CA LEU C 725 -11.41 10.79 -40.74
C LEU C 725 -10.30 11.67 -40.17
N SER C 726 -9.53 11.16 -39.21
CA SER C 726 -8.47 11.97 -38.63
C SER C 726 -7.28 12.09 -39.58
N GLU C 727 -6.95 11.01 -40.27
CA GLU C 727 -5.79 11.02 -41.17
C GLU C 727 -6.11 11.73 -42.48
N GLN C 728 -7.34 11.62 -42.98
CA GLN C 728 -7.75 12.36 -44.16
C GLN C 728 -7.96 13.84 -43.88
N GLY C 729 -7.72 14.29 -42.65
CA GLY C 729 -7.91 15.69 -42.30
C GLY C 729 -9.35 16.12 -42.15
N VAL C 730 -10.29 15.18 -42.15
CA VAL C 730 -11.71 15.54 -42.05
C VAL C 730 -12.04 16.04 -40.66
N LEU C 731 -11.51 15.39 -39.63
CA LEU C 731 -11.77 15.82 -38.26
C LEU C 731 -11.18 17.19 -37.98
N ASP C 732 -9.97 17.44 -38.48
CA ASP C 732 -9.37 18.77 -38.32
C ASP C 732 -10.08 19.80 -39.19
N LYS C 733 -10.65 19.37 -40.31
CA LYS C 733 -11.40 20.30 -41.15
C LYS C 733 -12.72 20.67 -40.51
N LEU C 734 -13.43 19.68 -39.94
CA LEU C 734 -14.67 19.97 -39.24
C LEU C 734 -14.42 20.75 -37.96
N LYS C 735 -13.25 20.54 -37.33
CA LYS C 735 -12.90 21.32 -36.14
C LYS C 735 -12.72 22.79 -36.49
N ASN C 736 -12.11 23.07 -37.65
CA ASN C 736 -11.90 24.45 -38.09
C ASN C 736 -13.18 25.08 -38.66
N LYS C 737 -14.21 24.28 -38.92
CA LYS C 737 -15.42 24.81 -39.54
C LYS C 737 -16.31 25.52 -38.51
N TRP C 738 -16.65 24.85 -37.42
CA TRP C 738 -17.57 25.38 -36.43
C TRP C 738 -16.87 26.13 -35.30
N TRP C 739 -15.56 26.36 -35.41
CA TRP C 739 -14.81 27.09 -34.40
C TRP C 739 -14.26 28.42 -34.90
N TYR C 740 -13.67 28.43 -36.09
CA TYR C 740 -13.04 29.64 -36.63
C TYR C 740 -13.77 30.20 -37.84
N ASP C 741 -14.28 29.34 -38.74
CA ASP C 741 -14.98 29.82 -39.92
C ASP C 741 -16.30 30.49 -39.55
N LYS C 742 -17.20 29.75 -38.92
CA LYS C 742 -18.49 30.29 -38.49
C LYS C 742 -18.39 31.00 -37.14
N GLY C 743 -17.22 31.49 -36.77
CA GLY C 743 -17.05 32.22 -35.51
C GLY C 743 -17.20 33.72 -35.72
N GLU C 744 -17.81 34.37 -34.72
CA GLU C 744 -18.08 35.80 -34.77
C GLU C 744 -16.85 36.66 -34.55
N CYS C 745 -15.68 36.05 -34.30
CA CYS C 745 -14.44 36.78 -34.09
C CYS C 745 -13.31 36.17 -34.91
N GLY C 746 -13.57 35.99 -36.21
CA GLY C 746 -12.56 35.42 -37.09
C GLY C 746 -11.33 36.27 -37.26
N ALA C 747 -11.44 37.59 -37.06
CA ALA C 747 -10.33 38.50 -37.18
C ALA C 747 -9.65 38.81 -35.86
N LYS C 748 -10.14 38.25 -34.75
CA LYS C 748 -9.57 38.49 -33.43
C LYS C 748 -8.56 37.43 -33.03
N ASP C 749 -8.20 36.52 -33.94
CA ASP C 749 -7.23 35.48 -33.67
C ASP C 749 -5.95 35.57 -34.48
N SER C 750 -6.03 36.08 -35.72
CA SER C 750 -4.84 36.20 -36.56
C SER C 750 -4.05 37.48 -36.31
N GLY C 751 -4.66 38.49 -35.72
CA GLY C 751 -3.98 39.75 -35.49
C GLY C 751 -3.77 40.07 -34.02
N SER C 752 -4.32 39.23 -33.15
CA SER C 752 -4.19 39.46 -31.71
C SER C 752 -2.81 39.13 -31.17
N LYS C 753 -1.91 38.60 -32.01
CA LYS C 753 -0.56 38.25 -31.59
C LYS C 753 0.50 38.88 -32.49
N GLU C 754 0.14 39.94 -33.22
CA GLU C 754 1.07 40.63 -34.12
C GLU C 754 1.25 42.06 -33.62
N LYS C 755 2.43 42.35 -33.06
CA LYS C 755 2.73 43.68 -32.55
C LYS C 755 4.24 43.80 -32.36
N THR C 756 4.76 44.99 -32.63
CA THR C 756 6.18 45.26 -32.48
C THR C 756 6.48 45.81 -31.08
N SER C 757 7.77 45.91 -30.76
CA SER C 757 8.22 46.38 -29.46
C SER C 757 9.30 47.44 -29.66
N ALA C 758 9.04 48.65 -29.18
CA ALA C 758 9.98 49.76 -29.27
C ALA C 758 8.99 50.76 -28.66
N LEU C 759 9.43 52.00 -28.47
CA LEU C 759 8.55 53.10 -28.11
C LEU C 759 7.32 53.56 -28.88
N SER C 760 6.21 53.67 -28.18
CA SER C 760 4.95 54.04 -28.81
C SER C 760 5.02 55.46 -29.34
N LEU C 761 4.76 55.61 -30.65
CA LEU C 761 4.67 56.95 -31.23
C LEU C 761 3.52 57.75 -30.64
N SER C 762 2.53 57.08 -30.05
CA SER C 762 1.34 57.77 -29.56
C SER C 762 1.66 58.76 -28.46
N ASN C 763 2.55 58.39 -27.53
CA ASN C 763 2.90 59.28 -26.43
C ASN C 763 3.94 60.32 -26.81
N VAL C 764 4.80 60.03 -27.79
CA VAL C 764 5.77 61.02 -28.24
C VAL C 764 5.09 62.25 -28.84
N ALA C 765 3.87 62.10 -29.36
CA ALA C 765 3.13 63.26 -29.86
C ALA C 765 2.86 64.29 -28.76
N GLY C 766 2.80 63.84 -27.51
CA GLY C 766 2.65 64.77 -26.40
C GLY C 766 3.76 65.79 -26.32
N VAL C 767 4.95 65.42 -26.80
CA VAL C 767 6.06 66.38 -26.85
C VAL C 767 5.94 67.27 -28.08
N PHE C 768 5.33 66.77 -29.16
CA PHE C 768 5.22 67.56 -30.37
C PHE C 768 4.06 68.55 -30.31
N TYR C 769 2.97 68.20 -29.60
CA TYR C 769 1.85 69.13 -29.49
C TYR C 769 2.18 70.34 -28.62
N ILE C 770 3.16 70.22 -27.72
CA ILE C 770 3.56 71.34 -26.89
C ILE C 770 4.62 72.21 -27.55
N LEU C 771 5.29 71.72 -28.59
CA LEU C 771 6.29 72.50 -29.32
C LEU C 771 5.65 73.32 -30.43
N VAL C 772 4.78 72.70 -31.23
CA VAL C 772 4.08 73.44 -32.28
C VAL C 772 3.20 74.52 -31.67
N GLY C 773 2.62 74.25 -30.50
CA GLY C 773 1.89 75.28 -29.78
C GLY C 773 2.78 76.42 -29.31
N GLY C 774 4.09 76.19 -29.23
CA GLY C 774 5.02 77.25 -28.89
C GLY C 774 5.55 77.96 -30.11
N LEU C 775 5.64 77.24 -31.24
CA LEU C 775 6.04 77.88 -32.48
C LEU C 775 4.98 78.85 -32.97
N GLY C 776 3.70 78.48 -32.83
CA GLY C 776 2.64 79.41 -33.16
C GLY C 776 2.57 80.60 -32.23
N LEU C 777 2.89 80.38 -30.95
CA LEU C 777 2.97 81.49 -30.00
C LEU C 777 4.14 82.41 -30.31
N ALA C 778 5.23 81.86 -30.84
CA ALA C 778 6.39 82.67 -31.20
C ALA C 778 6.16 83.52 -32.43
N MET C 779 5.23 83.12 -33.31
CA MET C 779 4.93 83.91 -34.50
C MET C 779 3.92 85.02 -34.20
N LEU C 780 3.13 84.90 -33.13
CA LEU C 780 2.22 85.98 -32.76
C LEU C 780 2.98 87.14 -32.12
N VAL C 781 4.05 86.84 -31.36
CA VAL C 781 4.86 87.89 -30.77
C VAL C 781 5.76 88.54 -31.81
N ALA C 782 6.14 87.79 -32.85
CA ALA C 782 6.99 88.35 -33.90
C ALA C 782 6.24 89.37 -34.75
N LEU C 783 4.90 89.36 -34.74
CA LEU C 783 4.12 90.31 -35.52
C LEU C 783 3.79 91.56 -34.72
N ILE C 784 3.61 91.46 -33.41
CA ILE C 784 3.37 92.64 -32.58
C ILE C 784 4.65 93.45 -32.37
N GLU C 785 5.82 92.85 -32.62
CA GLU C 785 7.08 93.58 -32.55
C GLU C 785 7.45 94.25 -33.86
N PHE C 786 6.87 93.81 -34.98
CA PHE C 786 7.11 94.43 -36.27
C PHE C 786 6.15 95.57 -36.57
N CYS C 787 4.95 95.54 -35.98
CA CYS C 787 3.98 96.61 -36.19
C CYS C 787 4.32 97.86 -35.37
N TYR C 788 4.94 97.68 -34.20
CA TYR C 788 5.32 98.82 -33.39
C TYR C 788 6.65 99.42 -33.86
N ASN D 1 -63.02 -49.51 21.55
CA ASN D 1 -62.80 -48.26 20.85
C ASN D 1 -61.52 -48.32 20.03
N SER D 2 -61.33 -49.42 19.31
CA SER D 2 -60.16 -49.58 18.46
C SER D 2 -60.21 -48.63 17.27
N ILE D 3 -59.74 -47.40 17.48
CA ILE D 3 -59.71 -46.40 16.41
C ILE D 3 -58.59 -46.76 15.44
N GLN D 4 -58.98 -47.31 14.29
CA GLN D 4 -58.00 -47.77 13.31
C GLN D 4 -57.38 -46.59 12.60
N ILE D 5 -56.04 -46.49 12.64
CA ILE D 5 -55.31 -45.45 11.93
C ILE D 5 -54.24 -46.11 11.07
N GLY D 6 -53.75 -45.36 10.09
CA GLY D 6 -52.73 -45.83 9.19
C GLY D 6 -51.35 -45.32 9.57
N GLY D 7 -50.33 -46.09 9.19
CA GLY D 7 -48.96 -45.71 9.49
C GLY D 7 -48.00 -46.06 8.37
N LEU D 8 -47.52 -45.03 7.65
CA LEU D 8 -46.58 -45.19 6.55
C LEU D 8 -45.23 -44.63 6.97
N PHE D 9 -44.25 -45.52 7.17
CA PHE D 9 -42.94 -45.08 7.59
C PHE D 9 -41.88 -45.54 6.58
N PRO D 10 -40.93 -44.68 6.24
CA PRO D 10 -39.86 -45.08 5.33
C PRO D 10 -39.02 -46.21 5.92
N ARG D 11 -38.23 -46.84 5.05
CA ARG D 11 -37.40 -47.98 5.46
C ARG D 11 -36.38 -47.56 6.51
N GLY D 12 -35.63 -46.49 6.24
CA GLY D 12 -34.57 -46.04 7.10
C GLY D 12 -34.98 -45.10 8.21
N ALA D 13 -36.28 -44.93 8.46
CA ALA D 13 -36.75 -44.04 9.52
C ALA D 13 -36.93 -44.86 10.79
N ASP D 14 -35.85 -44.99 11.56
CA ASP D 14 -35.87 -45.72 12.82
C ASP D 14 -36.30 -44.85 13.99
N GLN D 15 -35.61 -43.72 14.19
CA GLN D 15 -35.96 -42.84 15.30
C GLN D 15 -37.32 -42.20 15.11
N GLU D 16 -37.73 -41.97 13.85
CA GLU D 16 -39.05 -41.41 13.59
C GLU D 16 -40.15 -42.38 14.04
N TYR D 17 -39.93 -43.68 13.87
CA TYR D 17 -40.90 -44.67 14.31
C TYR D 17 -40.82 -44.93 15.81
N SER D 18 -39.64 -44.73 16.40
CA SER D 18 -39.49 -44.92 17.84
C SER D 18 -40.28 -43.87 18.61
N ALA D 19 -40.17 -42.60 18.20
CA ALA D 19 -40.93 -41.54 18.84
C ALA D 19 -42.44 -41.69 18.61
N PHE D 20 -42.84 -42.38 17.53
CA PHE D 20 -44.26 -42.63 17.31
C PHE D 20 -44.83 -43.54 18.39
N ARG D 21 -44.06 -44.55 18.82
CA ARG D 21 -44.52 -45.45 19.85
C ARG D 21 -44.47 -44.82 21.23
N VAL D 22 -43.58 -43.85 21.45
CA VAL D 22 -43.53 -43.15 22.73
C VAL D 22 -44.77 -42.28 22.90
N GLY D 23 -45.25 -41.67 21.81
CA GLY D 23 -46.48 -40.90 21.88
C GLY D 23 -47.70 -41.78 22.06
N MET D 24 -47.63 -43.03 21.57
CA MET D 24 -48.76 -43.93 21.72
C MET D 24 -48.98 -44.34 23.17
N VAL D 25 -47.93 -44.29 23.98
CA VAL D 25 -48.02 -44.64 25.39
C VAL D 25 -48.23 -43.43 26.27
N GLN D 26 -47.53 -42.33 25.97
CA GLN D 26 -47.67 -41.11 26.77
C GLN D 26 -49.04 -40.46 26.61
N PHE D 27 -49.74 -40.75 25.51
CA PHE D 27 -51.03 -40.12 25.23
C PHE D 27 -52.15 -41.15 25.08
N SER D 28 -51.99 -42.32 25.69
CA SER D 28 -53.03 -43.34 25.68
C SER D 28 -53.99 -43.11 26.85
N THR D 29 -55.27 -43.38 26.61
CA THR D 29 -56.29 -43.15 27.62
C THR D 29 -57.24 -44.34 27.65
N SER D 30 -58.07 -44.38 28.69
CA SER D 30 -59.07 -45.44 28.88
C SER D 30 -60.37 -45.13 28.15
N GLU D 31 -60.49 -43.97 27.50
CA GLU D 31 -61.68 -43.68 26.72
C GLU D 31 -61.66 -44.37 25.37
N PHE D 32 -60.50 -44.34 24.70
CA PHE D 32 -60.37 -44.98 23.40
C PHE D 32 -58.91 -45.38 23.21
N ARG D 33 -58.67 -46.21 22.19
CA ARG D 33 -57.35 -46.72 21.87
C ARG D 33 -57.09 -46.55 20.39
N LEU D 34 -55.90 -46.06 20.05
CA LEU D 34 -55.47 -45.97 18.66
C LEU D 34 -54.74 -47.26 18.29
N THR D 35 -55.19 -47.90 17.21
CA THR D 35 -54.59 -49.15 16.73
C THR D 35 -53.85 -48.88 15.43
N PRO D 36 -52.56 -48.56 15.48
CA PRO D 36 -51.83 -48.25 14.24
C PRO D 36 -51.60 -49.49 13.39
N HIS D 37 -51.71 -49.31 12.08
CA HIS D 37 -51.40 -50.35 11.10
C HIS D 37 -50.19 -49.86 10.31
N ILE D 38 -49.02 -50.41 10.63
CA ILE D 38 -47.76 -49.93 10.08
C ILE D 38 -47.45 -50.64 8.78
N ASP D 39 -46.95 -49.89 7.80
CA ASP D 39 -46.52 -50.43 6.49
C ASP D 39 -45.19 -49.77 6.13
N ASN D 40 -44.10 -50.43 6.49
CA ASN D 40 -42.78 -49.95 6.10
C ASN D 40 -42.61 -50.07 4.58
N LEU D 41 -42.34 -48.94 3.93
CA LEU D 41 -42.26 -48.91 2.48
C LEU D 41 -41.23 -47.88 2.05
N GLU D 42 -40.82 -47.98 0.78
CA GLU D 42 -39.94 -46.98 0.21
C GLU D 42 -40.74 -45.72 -0.09
N VAL D 43 -40.34 -44.61 0.54
CA VAL D 43 -41.12 -43.38 0.46
C VAL D 43 -40.98 -42.70 -0.90
N ALA D 44 -39.89 -42.97 -1.63
CA ALA D 44 -39.68 -42.31 -2.91
C ALA D 44 -40.55 -42.89 -4.01
N ASN D 45 -40.74 -44.22 -4.01
CA ASN D 45 -41.56 -44.87 -5.02
C ASN D 45 -43.03 -44.53 -4.79
N SER D 46 -43.64 -43.82 -5.74
CA SER D 46 -45.03 -43.41 -5.57
C SER D 46 -46.02 -44.53 -5.81
N PHE D 47 -45.62 -45.60 -6.51
CA PHE D 47 -46.49 -46.75 -6.64
C PHE D 47 -46.65 -47.47 -5.31
N ALA D 48 -45.57 -47.61 -4.56
CA ALA D 48 -45.66 -48.25 -3.25
C ALA D 48 -46.52 -47.43 -2.30
N VAL D 49 -46.46 -46.10 -2.41
CA VAL D 49 -47.29 -45.26 -1.56
C VAL D 49 -48.76 -45.38 -1.94
N THR D 50 -49.04 -45.50 -3.24
CA THR D 50 -50.41 -45.66 -3.68
C THR D 50 -50.99 -47.00 -3.24
N ASN D 51 -50.18 -48.07 -3.32
CA ASN D 51 -50.67 -49.38 -2.89
C ASN D 51 -50.78 -49.46 -1.38
N ALA D 52 -49.93 -48.76 -0.64
CA ALA D 52 -49.99 -48.77 0.81
C ALA D 52 -51.13 -47.89 1.34
N PHE D 53 -51.45 -46.80 0.64
CA PHE D 53 -52.57 -45.96 1.05
C PHE D 53 -53.89 -46.70 0.86
N CYS D 54 -54.07 -47.35 -0.28
CA CYS D 54 -55.26 -48.15 -0.52
C CYS D 54 -55.35 -49.35 0.41
N SER D 55 -54.22 -49.83 0.93
CA SER D 55 -54.25 -50.88 1.94
C SER D 55 -54.86 -50.38 3.24
N GLN D 56 -54.58 -49.12 3.59
CA GLN D 56 -55.20 -48.53 4.78
C GLN D 56 -56.65 -48.16 4.53
N PHE D 57 -56.98 -47.71 3.31
CA PHE D 57 -58.35 -47.32 3.00
C PHE D 57 -59.28 -48.53 3.00
N SER D 58 -58.80 -49.67 2.49
CA SER D 58 -59.63 -50.88 2.48
C SER D 58 -59.89 -51.40 3.88
N ARG D 59 -58.95 -51.22 4.80
CA ARG D 59 -59.12 -51.64 6.18
C ARG D 59 -59.97 -50.67 6.99
N GLY D 60 -60.43 -49.58 6.39
CA GLY D 60 -61.31 -48.65 7.06
C GLY D 60 -60.66 -47.84 8.15
N VAL D 61 -59.49 -47.26 7.86
CA VAL D 61 -58.83 -46.40 8.84
C VAL D 61 -59.55 -45.07 8.94
N TYR D 62 -59.41 -44.42 10.09
CA TYR D 62 -59.99 -43.10 10.29
C TYR D 62 -59.00 -41.97 10.05
N ALA D 63 -57.71 -42.26 10.07
CA ALA D 63 -56.67 -41.28 9.76
C ALA D 63 -55.42 -42.04 9.37
N ILE D 64 -54.47 -41.32 8.77
CA ILE D 64 -53.22 -41.91 8.32
C ILE D 64 -52.07 -40.97 8.66
N PHE D 65 -51.05 -41.49 9.34
CA PHE D 65 -49.83 -40.76 9.63
C PHE D 65 -48.70 -41.34 8.78
N GLY D 66 -47.99 -40.47 8.08
CA GLY D 66 -46.92 -40.93 7.23
C GLY D 66 -46.01 -39.80 6.80
N PHE D 67 -45.17 -40.12 5.81
CA PHE D 67 -44.21 -39.18 5.23
C PHE D 67 -44.40 -39.18 3.72
N TYR D 68 -43.66 -38.30 3.04
CA TYR D 68 -43.64 -38.28 1.58
C TYR D 68 -42.36 -37.61 1.11
N ASP D 69 -41.99 -37.94 -0.12
CA ASP D 69 -40.87 -37.32 -0.81
C ASP D 69 -41.40 -36.30 -1.82
N LYS D 70 -40.47 -35.58 -2.46
CA LYS D 70 -40.86 -34.64 -3.50
C LYS D 70 -41.57 -35.33 -4.65
N LYS D 71 -41.29 -36.62 -4.85
CA LYS D 71 -41.95 -37.37 -5.92
C LYS D 71 -43.32 -37.86 -5.50
N SER D 72 -43.48 -38.28 -4.25
CA SER D 72 -44.72 -38.89 -3.78
C SER D 72 -45.60 -37.94 -2.99
N VAL D 73 -45.24 -36.65 -2.91
CA VAL D 73 -46.05 -35.72 -2.14
C VAL D 73 -47.38 -35.46 -2.83
N ASN D 74 -47.37 -35.34 -4.17
CA ASN D 74 -48.60 -35.04 -4.88
C ASN D 74 -49.55 -36.21 -4.90
N THR D 75 -49.03 -37.44 -4.75
CA THR D 75 -49.90 -38.61 -4.73
C THR D 75 -50.73 -38.64 -3.45
N ILE D 76 -50.15 -38.20 -2.33
CA ILE D 76 -50.85 -38.22 -1.05
C ILE D 76 -51.90 -37.10 -1.02
N THR D 77 -51.53 -35.90 -1.45
CA THR D 77 -52.42 -34.75 -1.31
C THR D 77 -53.67 -34.89 -2.16
N SER D 78 -53.58 -35.57 -3.31
CA SER D 78 -54.75 -35.69 -4.18
C SER D 78 -55.63 -36.86 -3.77
N PHE D 79 -55.03 -37.95 -3.29
CA PHE D 79 -55.82 -39.08 -2.80
C PHE D 79 -56.58 -38.69 -1.54
N CYS D 80 -55.98 -37.85 -0.69
CA CYS D 80 -56.66 -37.40 0.52
C CYS D 80 -57.74 -36.37 0.21
N GLY D 81 -57.64 -35.65 -0.91
CA GLY D 81 -58.66 -34.66 -1.25
C GLY D 81 -59.91 -35.24 -1.84
N THR D 82 -59.85 -36.47 -2.37
CA THR D 82 -61.00 -37.11 -3.00
C THR D 82 -61.73 -38.05 -2.05
N LEU D 83 -61.00 -38.92 -1.35
CA LEU D 83 -61.61 -39.88 -0.43
C LEU D 83 -61.90 -39.29 0.94
N HIS D 84 -61.59 -38.00 1.16
CA HIS D 84 -61.83 -37.33 2.43
C HIS D 84 -61.16 -38.04 3.59
N VAL D 85 -59.92 -38.48 3.38
CA VAL D 85 -59.12 -39.15 4.40
C VAL D 85 -58.08 -38.17 4.92
N SER D 86 -57.98 -38.05 6.24
CA SER D 86 -57.04 -37.14 6.84
C SER D 86 -55.63 -37.74 6.84
N PHE D 87 -54.63 -36.86 6.71
CA PHE D 87 -53.23 -37.28 6.64
C PHE D 87 -52.40 -36.34 7.47
N ILE D 88 -51.71 -36.87 8.47
CA ILE D 88 -50.81 -36.11 9.32
C ILE D 88 -49.38 -36.46 8.94
N THR D 89 -48.53 -35.45 8.75
CA THR D 89 -47.17 -35.70 8.31
C THR D 89 -46.21 -34.68 8.88
N PRO D 90 -44.99 -35.10 9.24
CA PRO D 90 -43.95 -34.14 9.65
C PRO D 90 -43.02 -33.71 8.52
N SER D 91 -43.28 -34.12 7.28
CA SER D 91 -42.42 -33.75 6.17
C SER D 91 -42.61 -32.28 5.82
N PHE D 92 -41.93 -31.85 4.74
CA PHE D 92 -41.95 -30.45 4.36
C PHE D 92 -43.35 -30.01 3.97
N PRO D 93 -43.71 -28.75 4.20
CA PRO D 93 -45.05 -28.27 3.85
C PRO D 93 -45.27 -28.31 2.35
N THR D 94 -46.52 -28.57 1.97
CA THR D 94 -46.88 -28.65 0.56
C THR D 94 -46.74 -27.28 -0.09
N ASP D 95 -46.32 -27.28 -1.36
CA ASP D 95 -46.13 -26.04 -2.11
C ASP D 95 -47.51 -25.55 -2.59
N GLY D 96 -48.23 -24.94 -1.67
CA GLY D 96 -49.56 -24.43 -1.95
C GLY D 96 -50.54 -24.66 -0.82
N THR D 97 -51.83 -24.77 -1.15
CA THR D 97 -52.89 -25.00 -0.17
C THR D 97 -53.62 -26.28 -0.58
N HIS D 98 -53.36 -27.37 0.14
CA HIS D 98 -53.95 -28.66 -0.14
C HIS D 98 -54.79 -29.11 1.04
N PRO D 99 -56.02 -29.56 0.83
CA PRO D 99 -56.88 -29.95 1.94
C PRO D 99 -56.58 -31.36 2.43
N PHE D 100 -57.11 -31.66 3.62
CA PHE D 100 -56.96 -32.97 4.25
C PHE D 100 -55.48 -33.34 4.44
N VAL D 101 -54.66 -32.34 4.76
CA VAL D 101 -53.25 -32.53 5.03
C VAL D 101 -52.89 -31.76 6.29
N ILE D 102 -52.30 -32.45 7.26
CA ILE D 102 -51.91 -31.86 8.53
C ILE D 102 -50.39 -31.86 8.57
N GLN D 103 -49.78 -30.74 8.21
CA GLN D 103 -48.32 -30.61 8.14
C GLN D 103 -47.80 -30.20 9.51
N MET D 104 -47.13 -31.13 10.19
CA MET D 104 -46.55 -30.82 11.49
C MET D 104 -45.33 -29.91 11.39
N ARG D 105 -44.68 -29.87 10.24
CA ARG D 105 -43.47 -29.08 10.08
C ARG D 105 -43.84 -27.63 9.77
N PRO D 106 -43.34 -26.66 10.54
CA PRO D 106 -43.62 -25.26 10.24
C PRO D 106 -42.90 -24.79 8.98
N ASP D 107 -43.30 -23.62 8.50
CA ASP D 107 -42.74 -23.05 7.28
C ASP D 107 -41.43 -22.36 7.62
N LEU D 108 -40.34 -22.84 7.01
CA LEU D 108 -39.00 -22.30 7.27
C LEU D 108 -38.65 -21.14 6.36
N LYS D 109 -39.38 -20.95 5.25
CA LYS D 109 -39.04 -19.89 4.30
C LYS D 109 -39.00 -18.52 4.97
N GLY D 110 -40.02 -18.23 5.79
CA GLY D 110 -40.05 -16.94 6.47
C GLY D 110 -38.93 -16.78 7.49
N ALA D 111 -38.50 -17.89 8.10
CA ALA D 111 -37.42 -17.80 9.08
C ALA D 111 -36.09 -17.55 8.40
N LEU D 112 -35.85 -18.19 7.25
CA LEU D 112 -34.57 -18.03 6.56
C LEU D 112 -34.43 -16.63 5.97
N LEU D 113 -35.49 -16.11 5.35
CA LEU D 113 -35.44 -14.77 4.78
C LEU D 113 -35.23 -13.70 5.84
N SER D 114 -35.61 -13.98 7.09
CA SER D 114 -35.38 -13.02 8.17
C SER D 114 -33.98 -13.13 8.77
N LEU D 115 -33.34 -14.30 8.65
CA LEU D 115 -31.98 -14.45 9.17
C LEU D 115 -30.96 -13.85 8.21
N ILE D 116 -31.17 -14.02 6.90
CA ILE D 116 -30.30 -13.37 5.92
C ILE D 116 -30.34 -11.85 6.09
N GLU D 117 -31.53 -11.31 6.36
CA GLU D 117 -31.68 -9.88 6.58
C GLU D 117 -31.01 -9.45 7.88
N TYR D 118 -30.92 -10.35 8.86
CA TYR D 118 -30.28 -10.00 10.12
C TYR D 118 -28.78 -9.78 9.95
N TYR D 119 -28.09 -10.73 9.31
CA TYR D 119 -26.67 -10.59 9.07
C TYR D 119 -26.33 -9.56 8.01
N GLN D 120 -27.34 -8.98 7.35
CA GLN D 120 -27.14 -8.01 6.28
C GLN D 120 -26.28 -8.60 5.15
N TRP D 121 -26.76 -9.72 4.61
CA TRP D 121 -26.10 -10.39 3.51
C TRP D 121 -26.61 -9.83 2.18
N ASP D 122 -25.68 -9.39 1.33
CA ASP D 122 -26.00 -8.93 -0.01
C ASP D 122 -25.50 -9.87 -1.10
N LYS D 123 -24.51 -10.71 -0.81
CA LYS D 123 -23.98 -11.66 -1.78
C LYS D 123 -23.59 -12.93 -1.04
N PHE D 124 -24.24 -14.03 -1.39
CA PHE D 124 -24.00 -15.29 -0.70
C PHE D 124 -24.34 -16.44 -1.64
N ALA D 125 -23.78 -17.61 -1.33
CA ALA D 125 -24.07 -18.83 -2.05
C ALA D 125 -25.25 -19.54 -1.41
N TYR D 126 -26.02 -20.27 -2.23
CA TYR D 126 -27.20 -20.99 -1.76
C TYR D 126 -27.19 -22.38 -2.39
N LEU D 127 -26.44 -23.30 -1.77
CA LEU D 127 -26.56 -24.69 -2.16
C LEU D 127 -27.95 -25.20 -1.84
N TYR D 128 -28.38 -26.23 -2.57
CA TYR D 128 -29.71 -26.77 -2.31
C TYR D 128 -29.77 -28.20 -2.85
N ASP D 129 -30.59 -29.01 -2.19
CA ASP D 129 -30.82 -30.40 -2.56
C ASP D 129 -32.26 -30.56 -3.02
N SER D 130 -32.44 -31.18 -4.19
CA SER D 130 -33.77 -31.36 -4.76
C SER D 130 -34.49 -32.53 -4.08
N ASP D 131 -34.54 -32.52 -2.75
CA ASP D 131 -35.23 -33.55 -1.99
C ASP D 131 -36.48 -33.01 -1.31
N ARG D 132 -36.34 -31.98 -0.47
CA ARG D 132 -37.47 -31.36 0.20
C ARG D 132 -38.15 -30.30 -0.65
N GLY D 133 -37.94 -30.33 -1.97
CA GLY D 133 -38.50 -29.32 -2.85
C GLY D 133 -37.77 -27.99 -2.91
N LEU D 134 -37.82 -27.34 -4.07
CA LEU D 134 -37.21 -26.02 -4.24
C LEU D 134 -38.01 -24.79 -3.73
N SER D 135 -38.89 -25.05 -2.77
CA SER D 135 -39.69 -23.97 -2.20
C SER D 135 -38.92 -22.88 -1.46
N THR D 136 -37.97 -23.26 -0.62
CA THR D 136 -37.12 -22.26 0.03
C THR D 136 -36.19 -21.59 -0.98
N LEU D 137 -35.81 -22.29 -2.04
CA LEU D 137 -34.98 -21.69 -3.08
C LEU D 137 -35.75 -20.62 -3.85
N GLN D 138 -37.02 -20.88 -4.14
CA GLN D 138 -37.84 -19.87 -4.82
C GLN D 138 -38.10 -18.67 -3.91
N ALA D 139 -38.12 -18.88 -2.59
CA ALA D 139 -38.35 -17.77 -1.68
C ALA D 139 -37.16 -16.82 -1.62
N VAL D 140 -35.94 -17.37 -1.64
CA VAL D 140 -34.76 -16.51 -1.63
C VAL D 140 -34.45 -15.94 -3.01
N LEU D 141 -34.97 -16.55 -4.08
CA LEU D 141 -34.78 -16.00 -5.42
C LEU D 141 -35.79 -14.91 -5.72
N ASP D 142 -37.03 -15.07 -5.25
CA ASP D 142 -38.02 -13.99 -5.40
C ASP D 142 -37.63 -12.76 -4.60
N SER D 143 -37.00 -12.96 -3.43
CA SER D 143 -36.50 -11.84 -2.64
C SER D 143 -35.11 -11.39 -3.07
N ALA D 144 -34.44 -12.15 -3.94
CA ALA D 144 -33.14 -11.73 -4.44
C ALA D 144 -33.23 -10.45 -5.26
N ALA D 145 -34.33 -10.25 -5.97
CA ALA D 145 -34.53 -9.03 -6.72
C ALA D 145 -35.05 -7.90 -5.82
N GLU D 146 -35.89 -8.25 -4.85
CA GLU D 146 -36.51 -7.23 -4.01
C GLU D 146 -35.48 -6.52 -3.13
N LYS D 147 -34.63 -7.30 -2.45
CA LYS D 147 -33.62 -6.75 -1.56
C LYS D 147 -32.24 -6.68 -2.21
N LYS D 148 -32.16 -6.93 -3.52
CA LYS D 148 -30.90 -6.89 -4.27
C LYS D 148 -29.86 -7.82 -3.66
N TRP D 149 -30.02 -9.12 -3.88
CA TRP D 149 -29.06 -10.13 -3.46
C TRP D 149 -28.44 -10.79 -4.68
N GLN D 150 -27.14 -11.05 -4.62
CA GLN D 150 -26.45 -11.81 -5.67
C GLN D 150 -26.28 -13.24 -5.15
N VAL D 151 -27.34 -14.02 -5.30
CA VAL D 151 -27.38 -15.39 -4.81
C VAL D 151 -26.71 -16.31 -5.82
N THR D 152 -25.83 -17.17 -5.34
CA THR D 152 -25.13 -18.15 -6.18
C THR D 152 -25.69 -19.53 -5.85
N ALA D 153 -26.81 -19.86 -6.49
CA ALA D 153 -27.49 -21.11 -6.22
C ALA D 153 -26.84 -22.26 -6.98
N ILE D 154 -26.52 -23.34 -6.27
CA ILE D 154 -25.88 -24.52 -6.83
C ILE D 154 -26.69 -25.74 -6.45
N ASN D 155 -27.11 -26.52 -7.45
CA ASN D 155 -27.86 -27.75 -7.21
C ASN D 155 -26.87 -28.83 -6.78
N VAL D 156 -26.79 -29.06 -5.47
CA VAL D 156 -25.87 -30.05 -4.92
C VAL D 156 -26.49 -31.45 -4.81
N GLY D 157 -27.78 -31.58 -5.14
CA GLY D 157 -28.48 -32.84 -4.97
C GLY D 157 -28.03 -33.95 -5.90
N ASN D 158 -28.12 -33.72 -7.21
CA ASN D 158 -27.82 -34.76 -8.19
C ASN D 158 -26.34 -35.10 -8.20
N ILE D 159 -25.88 -35.83 -7.18
CA ILE D 159 -24.50 -36.28 -7.10
C ILE D 159 -24.48 -37.73 -6.63
N ASN D 160 -23.53 -38.50 -7.15
CA ASN D 160 -23.36 -39.89 -6.76
C ASN D 160 -22.33 -40.00 -5.65
N ASN D 161 -22.22 -41.21 -5.10
CA ASN D 161 -21.38 -41.44 -3.93
C ASN D 161 -19.93 -41.79 -4.27
N ASP D 162 -19.66 -42.26 -5.49
CA ASP D 162 -18.28 -42.58 -5.85
C ASP D 162 -17.51 -41.33 -6.25
N LYS D 163 -18.11 -40.48 -7.09
CA LYS D 163 -17.51 -39.20 -7.47
C LYS D 163 -17.94 -38.07 -6.55
N LYS D 164 -18.14 -38.36 -5.25
CA LYS D 164 -18.59 -37.33 -4.32
C LYS D 164 -17.45 -36.39 -3.96
N ASP D 165 -16.26 -36.93 -3.72
CA ASP D 165 -15.13 -36.09 -3.32
C ASP D 165 -14.63 -35.24 -4.48
N GLU D 166 -14.81 -35.70 -5.72
CA GLU D 166 -14.34 -34.94 -6.87
C GLU D 166 -15.28 -33.79 -7.21
N THR D 167 -16.59 -34.03 -7.12
CA THR D 167 -17.56 -32.97 -7.41
C THR D 167 -17.68 -31.97 -6.26
N TYR D 168 -17.30 -32.35 -5.04
CA TYR D 168 -17.38 -31.42 -3.92
C TYR D 168 -16.23 -30.42 -3.93
N ARG D 169 -15.00 -30.90 -4.13
CA ARG D 169 -13.88 -29.98 -4.23
C ARG D 169 -13.99 -29.10 -5.47
N SER D 170 -14.56 -29.62 -6.55
CA SER D 170 -14.83 -28.80 -7.72
C SER D 170 -15.96 -27.81 -7.49
N LEU D 171 -16.84 -28.09 -6.51
CA LEU D 171 -17.92 -27.16 -6.19
C LEU D 171 -17.40 -25.94 -5.44
N PHE D 172 -16.41 -26.14 -4.55
CA PHE D 172 -15.83 -25.02 -3.82
C PHE D 172 -14.75 -24.30 -4.59
N GLN D 173 -14.14 -24.95 -5.59
CA GLN D 173 -13.30 -24.24 -6.54
C GLN D 173 -14.13 -23.40 -7.50
N ASP D 174 -15.42 -23.69 -7.62
CA ASP D 174 -16.34 -22.80 -8.33
C ASP D 174 -16.81 -21.67 -7.42
N LEU D 175 -17.04 -21.97 -6.13
CA LEU D 175 -17.40 -20.95 -5.16
C LEU D 175 -16.25 -20.01 -4.84
N GLU D 176 -15.03 -20.38 -5.21
CA GLU D 176 -13.88 -19.51 -5.01
C GLU D 176 -13.75 -18.48 -6.13
N LEU D 177 -14.46 -18.65 -7.25
CA LEU D 177 -14.45 -17.64 -8.30
C LEU D 177 -15.04 -16.32 -7.78
N LYS D 178 -16.09 -16.41 -6.97
CA LYS D 178 -16.70 -15.24 -6.36
C LYS D 178 -16.09 -14.88 -5.01
N LYS D 179 -15.11 -15.66 -4.54
CA LYS D 179 -14.54 -15.51 -3.20
C LYS D 179 -15.64 -15.53 -2.15
N GLU D 180 -16.55 -16.50 -2.29
CA GLU D 180 -17.73 -16.56 -1.45
C GLU D 180 -17.35 -16.97 -0.04
N ARG D 181 -17.72 -16.13 0.94
CA ARG D 181 -17.50 -16.40 2.35
C ARG D 181 -18.78 -16.63 3.12
N ARG D 182 -19.93 -16.61 2.45
CA ARG D 182 -21.23 -16.76 3.08
C ARG D 182 -22.04 -17.78 2.30
N VAL D 183 -22.30 -18.94 2.89
CA VAL D 183 -22.96 -20.04 2.21
C VAL D 183 -24.17 -20.49 3.01
N ILE D 184 -25.27 -20.74 2.33
CA ILE D 184 -26.46 -21.36 2.91
C ILE D 184 -26.57 -22.77 2.37
N LEU D 185 -26.77 -23.74 3.26
CA LEU D 185 -26.75 -25.14 2.87
C LEU D 185 -28.12 -25.63 2.39
N ASP D 186 -29.14 -25.51 3.23
CA ASP D 186 -30.52 -25.89 2.89
C ASP D 186 -30.58 -27.31 2.30
N CYS D 187 -30.12 -28.26 3.11
CA CYS D 187 -30.12 -29.66 2.70
C CYS D 187 -30.58 -30.52 3.85
N GLU D 188 -30.81 -31.80 3.54
CA GLU D 188 -31.18 -32.77 4.57
C GLU D 188 -30.05 -32.92 5.57
N ARG D 189 -30.40 -33.25 6.81
CA ARG D 189 -29.39 -33.38 7.87
C ARG D 189 -28.37 -34.45 7.53
N ASP D 190 -28.76 -35.45 6.74
CA ASP D 190 -27.79 -36.45 6.29
C ASP D 190 -26.81 -35.84 5.29
N LYS D 191 -27.27 -34.90 4.46
CA LYS D 191 -26.41 -34.26 3.48
C LYS D 191 -25.60 -33.11 4.06
N VAL D 192 -26.01 -32.57 5.21
CA VAL D 192 -25.25 -31.48 5.83
C VAL D 192 -23.92 -32.00 6.36
N ASN D 193 -23.95 -33.10 7.10
CA ASN D 193 -22.71 -33.66 7.64
C ASN D 193 -21.75 -34.07 6.53
N ASP D 194 -22.28 -34.52 5.39
CA ASP D 194 -21.42 -34.81 4.25
C ASP D 194 -20.77 -33.55 3.72
N ILE D 195 -21.50 -32.44 3.71
CA ILE D 195 -20.93 -31.17 3.28
C ILE D 195 -19.97 -30.63 4.32
N VAL D 196 -20.36 -30.72 5.60
CA VAL D 196 -19.51 -30.21 6.68
C VAL D 196 -18.15 -30.91 6.67
N ASP D 197 -18.14 -32.23 6.51
CA ASP D 197 -16.88 -32.97 6.52
C ASP D 197 -15.98 -32.53 5.39
N GLN D 198 -16.53 -32.38 4.17
CA GLN D 198 -15.72 -31.92 3.06
C GLN D 198 -15.27 -30.48 3.24
N VAL D 199 -16.03 -29.67 3.97
CA VAL D 199 -15.60 -28.31 4.25
C VAL D 199 -14.36 -28.31 5.13
N ILE D 200 -14.32 -29.20 6.12
CA ILE D 200 -13.18 -29.28 7.01
C ILE D 200 -11.95 -29.81 6.28
N THR D 201 -12.15 -30.75 5.35
CA THR D 201 -11.02 -31.36 4.65
C THR D 201 -10.30 -30.34 3.77
N ILE D 202 -11.05 -29.46 3.10
CA ILE D 202 -10.42 -28.44 2.27
C ILE D 202 -9.99 -27.23 3.07
N GLY D 203 -10.49 -27.08 4.30
CA GLY D 203 -10.08 -25.98 5.15
C GLY D 203 -10.89 -24.71 5.01
N LYS D 204 -12.14 -24.81 4.58
CA LYS D 204 -13.01 -23.63 4.43
C LYS D 204 -13.89 -23.44 5.66
N HIS D 205 -13.28 -23.49 6.85
CA HIS D 205 -14.02 -23.27 8.08
C HIS D 205 -13.22 -22.45 9.08
N VAL D 206 -12.24 -21.68 8.62
CA VAL D 206 -11.41 -20.87 9.52
C VAL D 206 -12.05 -19.50 9.71
N LYS D 207 -11.33 -18.58 10.36
CA LYS D 207 -11.82 -17.23 10.58
C LYS D 207 -12.03 -16.51 9.27
N GLY D 208 -13.29 -16.36 8.85
CA GLY D 208 -13.60 -15.68 7.61
C GLY D 208 -14.87 -16.17 6.95
N TYR D 209 -15.18 -17.46 7.12
CA TYR D 209 -16.35 -18.04 6.53
C TYR D 209 -17.53 -17.93 7.50
N HIS D 210 -18.74 -18.12 6.96
CA HIS D 210 -19.96 -18.04 7.75
C HIS D 210 -21.01 -18.86 7.02
N TYR D 211 -21.56 -19.87 7.69
CA TYR D 211 -22.51 -20.78 7.09
C TYR D 211 -23.86 -20.64 7.80
N ILE D 212 -24.91 -21.04 7.10
CA ILE D 212 -26.27 -21.07 7.64
C ILE D 212 -26.91 -22.40 7.27
N ILE D 213 -27.21 -23.21 8.27
CA ILE D 213 -27.85 -24.51 8.06
C ILE D 213 -29.35 -24.27 8.04
N ALA D 214 -29.94 -24.39 6.85
CA ALA D 214 -31.35 -24.06 6.65
C ALA D 214 -32.20 -25.31 6.83
N ASN D 215 -32.36 -25.71 8.09
CA ASN D 215 -33.27 -26.79 8.45
C ASN D 215 -33.61 -26.64 9.93
N LEU D 216 -34.70 -27.30 10.34
CA LEU D 216 -35.20 -27.18 11.70
C LEU D 216 -34.42 -28.03 12.71
N GLY D 217 -33.31 -28.63 12.30
CA GLY D 217 -32.53 -29.45 13.21
C GLY D 217 -31.07 -29.05 13.26
N PHE D 218 -30.78 -27.92 13.92
CA PHE D 218 -29.40 -27.45 14.01
C PHE D 218 -28.59 -28.33 14.96
N THR D 219 -29.06 -28.51 16.19
CA THR D 219 -28.37 -29.32 17.17
C THR D 219 -28.54 -30.82 16.95
N ASP D 220 -29.43 -31.23 16.04
CA ASP D 220 -29.65 -32.65 15.81
C ASP D 220 -28.43 -33.31 15.15
N GLY D 221 -27.69 -32.57 14.32
CA GLY D 221 -26.49 -33.11 13.72
C GLY D 221 -25.26 -32.83 14.56
N ASP D 222 -24.13 -33.38 14.11
CA ASP D 222 -22.86 -33.18 14.80
C ASP D 222 -22.31 -31.79 14.47
N LEU D 223 -22.09 -30.98 15.50
CA LEU D 223 -21.61 -29.62 15.33
C LEU D 223 -20.25 -29.37 15.97
N LEU D 224 -19.76 -30.27 16.82
CA LEU D 224 -18.51 -30.03 17.54
C LEU D 224 -17.29 -30.07 16.63
N LYS D 225 -17.43 -30.55 15.39
CA LYS D 225 -16.26 -30.64 14.51
C LYS D 225 -15.89 -29.27 13.94
N ILE D 226 -16.89 -28.50 13.50
CA ILE D 226 -16.67 -27.13 13.06
C ILE D 226 -16.83 -26.13 14.21
N GLN D 227 -16.86 -26.62 15.46
CA GLN D 227 -17.05 -25.73 16.61
C GLN D 227 -15.82 -24.88 16.92
N PHE D 228 -14.62 -25.39 16.61
CA PHE D 228 -13.37 -24.73 16.96
C PHE D 228 -12.60 -24.26 15.73
N GLY D 229 -13.19 -24.34 14.54
CA GLY D 229 -12.50 -23.90 13.34
C GLY D 229 -12.31 -22.40 13.25
N GLY D 230 -13.28 -21.62 13.74
CA GLY D 230 -13.24 -20.17 13.69
C GLY D 230 -14.35 -19.54 12.89
N ALA D 231 -14.94 -20.27 11.94
CA ALA D 231 -16.01 -19.73 11.12
C ALA D 231 -17.32 -19.74 11.90
N GLU D 232 -18.12 -18.69 11.70
CA GLU D 232 -19.42 -18.61 12.34
C GLU D 232 -20.42 -19.51 11.62
N VAL D 233 -21.20 -20.26 12.40
CA VAL D 233 -22.21 -21.16 11.87
C VAL D 233 -23.55 -20.81 12.53
N SER D 234 -24.60 -20.73 11.71
CA SER D 234 -25.93 -20.43 12.20
C SER D 234 -26.86 -21.58 11.83
N GLY D 235 -28.08 -21.52 12.35
CA GLY D 235 -29.06 -22.55 12.07
C GLY D 235 -30.36 -22.27 12.77
N PHE D 236 -31.28 -23.23 12.66
CA PHE D 236 -32.61 -23.13 13.24
C PHE D 236 -32.89 -24.35 14.09
N GLN D 237 -33.64 -24.14 15.18
CA GLN D 237 -33.99 -25.22 16.10
C GLN D 237 -35.46 -25.10 16.47
N ILE D 238 -36.20 -26.19 16.30
CA ILE D 238 -37.62 -26.23 16.67
C ILE D 238 -37.85 -26.94 18.00
N VAL D 239 -36.96 -27.85 18.40
CA VAL D 239 -37.10 -28.57 19.66
C VAL D 239 -36.29 -27.81 20.71
N ASP D 240 -36.98 -26.98 21.50
CA ASP D 240 -36.33 -26.18 22.52
C ASP D 240 -36.07 -27.05 23.74
N TYR D 241 -34.79 -27.41 23.95
CA TYR D 241 -34.44 -28.27 25.08
C TYR D 241 -34.47 -27.54 26.42
N ASP D 242 -34.71 -26.23 26.42
CA ASP D 242 -34.80 -25.48 27.67
C ASP D 242 -36.21 -25.41 28.22
N ASP D 243 -37.21 -25.88 27.47
CA ASP D 243 -38.57 -25.94 27.99
C ASP D 243 -38.71 -27.09 28.98
N SER D 244 -39.55 -26.88 29.99
CA SER D 244 -39.77 -27.93 30.99
C SER D 244 -40.51 -29.12 30.39
N LEU D 245 -41.32 -28.89 29.36
CA LEU D 245 -42.04 -29.99 28.73
C LEU D 245 -41.08 -30.93 28.01
N VAL D 246 -40.06 -30.37 27.36
CA VAL D 246 -39.08 -31.20 26.68
C VAL D 246 -38.10 -31.82 27.68
N SER D 247 -37.78 -31.09 28.76
CA SER D 247 -36.88 -31.63 29.77
C SER D 247 -37.47 -32.85 30.44
N LYS D 248 -38.77 -32.82 30.76
CA LYS D 248 -39.44 -34.00 31.28
C LYS D 248 -39.48 -35.12 30.25
N PHE D 249 -39.44 -34.77 28.96
CA PHE D 249 -39.42 -35.78 27.91
C PHE D 249 -38.02 -36.36 27.72
N ILE D 250 -36.99 -35.52 27.86
CA ILE D 250 -35.62 -35.98 27.68
C ILE D 250 -35.18 -36.84 28.86
N GLU D 251 -35.63 -36.49 30.08
CA GLU D 251 -35.28 -37.28 31.25
C GLU D 251 -35.79 -38.72 31.12
N ARG D 252 -36.85 -38.94 30.34
CA ARG D 252 -37.32 -40.28 30.06
C ARG D 252 -36.77 -40.82 28.75
N TRP D 253 -36.49 -39.94 27.78
CA TRP D 253 -35.93 -40.39 26.51
C TRP D 253 -34.49 -40.86 26.67
N SER D 254 -33.71 -40.16 27.49
CA SER D 254 -32.30 -40.51 27.69
C SER D 254 -32.11 -41.81 28.46
N THR D 255 -33.14 -42.34 29.09
CA THR D 255 -33.04 -43.54 29.90
C THR D 255 -33.61 -44.78 29.23
N LEU D 256 -34.15 -44.66 28.02
CA LEU D 256 -34.69 -45.81 27.33
C LEU D 256 -33.57 -46.71 26.79
N GLU D 257 -33.86 -48.00 26.72
CA GLU D 257 -32.91 -48.94 26.16
C GLU D 257 -32.86 -48.79 24.64
N GLU D 258 -31.67 -48.99 24.09
CA GLU D 258 -31.45 -48.79 22.65
C GLU D 258 -31.77 -50.04 21.83
N LYS D 259 -31.92 -51.20 22.46
CA LYS D 259 -32.27 -52.40 21.70
C LYS D 259 -33.73 -52.38 21.26
N GLU D 260 -34.61 -51.79 22.08
CA GLU D 260 -36.03 -51.73 21.73
C GLU D 260 -36.33 -50.56 20.82
N TYR D 261 -35.92 -49.35 21.22
CA TYR D 261 -36.13 -48.15 20.43
C TYR D 261 -34.81 -47.73 19.80
N PRO D 262 -34.57 -48.00 18.52
CA PRO D 262 -33.28 -47.64 17.92
C PRO D 262 -33.13 -46.13 17.81
N GLY D 263 -31.92 -45.65 18.12
CA GLY D 263 -31.62 -44.24 18.07
C GLY D 263 -32.41 -43.41 19.06
N ALA D 264 -32.49 -43.88 20.30
CA ALA D 264 -33.25 -43.20 21.34
C ALA D 264 -32.56 -43.03 22.68
N HIS D 265 -31.36 -43.59 22.86
CA HIS D 265 -30.65 -43.53 24.14
C HIS D 265 -29.69 -42.33 24.19
N THR D 266 -30.12 -41.18 23.66
CA THR D 266 -29.32 -39.97 23.66
C THR D 266 -30.16 -38.88 24.32
N ALA D 267 -29.52 -37.76 24.60
CA ALA D 267 -30.17 -36.61 25.21
C ALA D 267 -30.82 -35.67 24.19
N THR D 268 -30.63 -35.93 22.89
CA THR D 268 -31.18 -35.09 21.84
C THR D 268 -32.09 -35.91 20.94
N ILE D 269 -33.05 -35.23 20.32
CA ILE D 269 -34.02 -35.86 19.44
C ILE D 269 -34.13 -35.04 18.15
N LYS D 270 -34.22 -35.73 17.02
CA LYS D 270 -34.31 -35.06 15.74
C LYS D 270 -35.64 -34.30 15.63
N TYR D 271 -35.65 -33.28 14.77
CA TYR D 271 -36.87 -32.50 14.58
C TYR D 271 -37.92 -33.29 13.83
N THR D 272 -37.52 -34.23 12.98
CA THR D 272 -38.49 -35.11 12.34
C THR D 272 -39.11 -36.07 13.34
N SER D 273 -38.35 -36.47 14.36
CA SER D 273 -38.87 -37.39 15.37
C SER D 273 -39.70 -36.67 16.42
N ALA D 274 -39.28 -35.47 16.82
CA ALA D 274 -40.05 -34.71 17.80
C ALA D 274 -41.41 -34.30 17.24
N LEU D 275 -41.48 -34.05 15.93
CA LEU D 275 -42.78 -33.73 15.32
C LEU D 275 -43.66 -34.96 15.23
N THR D 276 -43.06 -36.15 15.13
CA THR D 276 -43.84 -37.38 15.16
C THR D 276 -44.47 -37.59 16.54
N TYR D 277 -43.70 -37.34 17.61
CA TYR D 277 -44.23 -37.43 18.96
C TYR D 277 -45.34 -36.42 19.19
N ASP D 278 -45.16 -35.20 18.68
CA ASP D 278 -46.21 -34.18 18.80
C ASP D 278 -47.38 -34.47 17.87
N ALA D 279 -47.19 -35.26 16.82
CA ALA D 279 -48.29 -35.60 15.93
C ALA D 279 -49.29 -36.54 16.60
N VAL D 280 -48.81 -37.42 17.47
CA VAL D 280 -49.71 -38.32 18.18
C VAL D 280 -50.59 -37.55 19.15
N GLN D 281 -50.03 -36.51 19.78
CA GLN D 281 -50.82 -35.68 20.69
C GLN D 281 -51.93 -34.94 19.95
N VAL D 282 -51.70 -34.59 18.69
CA VAL D 282 -52.74 -33.94 17.90
C VAL D 282 -53.82 -34.93 17.50
N MET D 283 -53.42 -36.14 17.09
CA MET D 283 -54.40 -37.15 16.71
C MET D 283 -55.22 -37.61 17.91
N THR D 284 -54.59 -37.70 19.08
CA THR D 284 -55.31 -38.15 20.27
C THR D 284 -56.33 -37.09 20.72
N GLU D 285 -55.91 -35.83 20.76
CA GLU D 285 -56.83 -34.76 21.13
C GLU D 285 -57.91 -34.53 20.08
N ALA D 286 -57.71 -35.03 18.85
CA ALA D 286 -58.71 -34.86 17.81
C ALA D 286 -59.87 -35.84 18.00
N PHE D 287 -59.58 -37.14 18.10
CA PHE D 287 -60.63 -38.11 18.35
C PHE D 287 -61.27 -37.91 19.71
N ARG D 288 -60.53 -37.33 20.66
CA ARG D 288 -61.10 -37.06 21.98
C ARG D 288 -62.14 -35.95 21.91
N ASN D 289 -61.88 -34.91 21.11
CA ASN D 289 -62.85 -33.83 20.95
C ASN D 289 -64.05 -34.27 20.12
N LEU D 290 -63.91 -35.33 19.32
CA LEU D 290 -65.05 -35.85 18.58
C LEU D 290 -66.04 -36.55 19.50
N ARG D 291 -65.55 -37.18 20.57
CA ARG D 291 -66.43 -37.80 21.55
C ARG D 291 -67.11 -36.78 22.46
N LYS D 292 -66.55 -35.58 22.57
CA LYS D 292 -67.13 -34.53 23.40
C LYS D 292 -68.17 -33.70 22.66
N GLN D 293 -68.07 -33.61 21.33
CA GLN D 293 -69.03 -32.88 20.52
C GLN D 293 -70.15 -33.76 20.00
N ARG D 294 -70.21 -35.03 20.43
CA ARG D 294 -71.20 -36.00 19.97
C ARG D 294 -71.18 -36.11 18.45
N ILE D 295 -70.07 -36.65 17.94
CA ILE D 295 -69.86 -36.87 16.52
C ILE D 295 -69.41 -38.32 16.35
N GLU D 296 -70.30 -39.17 15.86
CA GLU D 296 -69.97 -40.56 15.60
C GLU D 296 -69.14 -40.66 14.32
N ILE D 297 -68.03 -41.39 14.39
CA ILE D 297 -67.13 -41.54 13.26
C ILE D 297 -66.93 -42.99 12.86
N SER D 298 -67.65 -43.93 13.48
CA SER D 298 -67.54 -45.33 13.11
C SER D 298 -68.05 -45.54 11.68
N ARG D 299 -67.18 -46.05 10.82
CA ARG D 299 -67.56 -46.25 9.43
C ARG D 299 -68.68 -47.28 9.34
N ARG D 300 -69.63 -47.03 8.43
CA ARG D 300 -70.82 -47.88 8.35
C ARG D 300 -70.47 -49.26 7.79
N GLY D 301 -69.68 -49.30 6.71
CA GLY D 301 -69.33 -50.57 6.11
C GLY D 301 -67.93 -50.58 5.52
N ASN D 302 -67.67 -51.54 4.63
CA ASN D 302 -66.37 -51.61 3.99
C ASN D 302 -66.19 -50.44 3.02
N ALA D 303 -65.00 -49.84 3.07
CA ALA D 303 -64.67 -48.79 2.11
C ALA D 303 -64.53 -49.34 0.70
N GLY D 304 -64.35 -50.65 0.55
CA GLY D 304 -64.19 -51.23 -0.76
C GLY D 304 -62.87 -50.81 -1.40
N ASP D 305 -62.85 -50.92 -2.72
CA ASP D 305 -61.67 -50.53 -3.47
C ASP D 305 -61.54 -49.01 -3.51
N CYS D 306 -60.33 -48.52 -3.27
CA CYS D 306 -60.09 -47.08 -3.34
C CYS D 306 -60.42 -46.54 -4.73
N LEU D 307 -60.29 -47.38 -5.77
CA LEU D 307 -60.54 -46.95 -7.13
C LEU D 307 -62.02 -47.14 -7.46
N ALA D 308 -62.88 -46.92 -6.49
CA ALA D 308 -64.31 -47.10 -6.70
C ALA D 308 -64.82 -46.08 -7.72
N ASN D 309 -65.69 -46.54 -8.60
CA ASN D 309 -66.27 -45.67 -9.62
C ASN D 309 -67.80 -45.75 -9.58
N PRO D 310 -68.47 -44.64 -9.24
CA PRO D 310 -67.88 -43.34 -8.89
C PRO D 310 -67.20 -43.33 -7.52
N ALA D 311 -66.19 -42.47 -7.36
CA ALA D 311 -65.46 -42.38 -6.10
C ALA D 311 -66.38 -41.85 -5.01
N VAL D 312 -66.70 -42.70 -4.04
CA VAL D 312 -67.61 -42.35 -2.96
C VAL D 312 -66.78 -41.95 -1.75
N PRO D 313 -66.85 -40.69 -1.30
CA PRO D 313 -66.15 -40.31 -0.07
C PRO D 313 -67.07 -40.35 1.14
N TRP D 314 -66.60 -40.95 2.24
CA TRP D 314 -67.40 -41.02 3.44
C TRP D 314 -67.64 -39.63 4.01
N GLY D 315 -68.85 -39.40 4.52
CA GLY D 315 -69.21 -38.07 4.99
C GLY D 315 -68.52 -37.68 6.28
N GLN D 316 -68.32 -38.65 7.18
CA GLN D 316 -67.71 -38.34 8.48
C GLN D 316 -66.24 -37.98 8.37
N GLY D 317 -65.62 -38.15 7.20
CA GLY D 317 -64.25 -37.72 7.04
C GLY D 317 -64.07 -36.23 7.12
N VAL D 318 -65.12 -35.46 6.77
CA VAL D 318 -65.05 -34.02 6.89
C VAL D 318 -64.97 -33.60 8.36
N GLU D 319 -65.67 -34.33 9.24
CA GLU D 319 -65.62 -34.02 10.66
C GLU D 319 -64.25 -34.31 11.25
N ILE D 320 -63.54 -35.31 10.72
CA ILE D 320 -62.22 -35.66 11.24
C ILE D 320 -61.21 -34.58 10.87
N GLU D 321 -61.33 -34.00 9.68
CA GLU D 321 -60.45 -32.91 9.28
C GLU D 321 -60.69 -31.67 10.13
N ARG D 322 -61.96 -31.38 10.45
CA ARG D 322 -62.28 -30.21 11.25
C ARG D 322 -61.74 -30.35 12.67
N ALA D 323 -61.81 -31.55 13.23
CA ALA D 323 -61.32 -31.76 14.59
C ALA D 323 -59.80 -31.68 14.64
N LEU D 324 -59.12 -32.17 13.60
CA LEU D 324 -57.66 -32.14 13.59
C LEU D 324 -57.13 -30.71 13.53
N LYS D 325 -57.71 -29.88 12.67
CA LYS D 325 -57.21 -28.52 12.46
C LYS D 325 -57.60 -27.57 13.60
N GLN D 326 -58.50 -27.97 14.48
CA GLN D 326 -58.86 -27.17 15.65
C GLN D 326 -58.09 -27.56 16.89
N VAL D 327 -57.18 -28.54 16.79
CA VAL D 327 -56.37 -28.93 17.93
C VAL D 327 -55.33 -27.83 18.22
N GLN D 328 -55.14 -27.53 19.51
CA GLN D 328 -54.15 -26.55 19.95
C GLN D 328 -53.58 -27.04 21.28
N VAL D 329 -52.48 -27.78 21.21
CA VAL D 329 -51.83 -28.32 22.40
C VAL D 329 -50.39 -27.82 22.46
N GLU D 330 -49.67 -28.21 23.50
CA GLU D 330 -48.27 -27.86 23.69
C GLU D 330 -47.43 -29.12 23.61
N GLY D 331 -46.41 -29.11 22.76
CA GLY D 331 -45.56 -30.27 22.59
C GLY D 331 -44.08 -29.94 22.53
N LEU D 332 -43.31 -30.79 21.85
CA LEU D 332 -41.87 -30.56 21.74
C LEU D 332 -41.55 -29.40 20.81
N SER D 333 -42.43 -29.12 19.84
CA SER D 333 -42.24 -28.02 18.90
C SER D 333 -42.87 -26.72 19.39
N GLY D 334 -42.98 -26.54 20.71
CA GLY D 334 -43.60 -25.34 21.23
C GLY D 334 -45.12 -25.37 21.07
N ASN D 335 -45.69 -24.18 20.88
CA ASN D 335 -47.12 -24.08 20.64
C ASN D 335 -47.46 -24.64 19.28
N ILE D 336 -48.46 -25.51 19.23
CA ILE D 336 -48.88 -26.18 18.00
C ILE D 336 -50.30 -25.73 17.68
N LYS D 337 -50.48 -25.20 16.47
CA LYS D 337 -51.79 -24.73 16.03
C LYS D 337 -51.80 -24.68 14.52
N PHE D 338 -52.95 -25.01 13.93
CA PHE D 338 -53.09 -25.08 12.48
C PHE D 338 -54.14 -24.09 12.00
N ASP D 339 -54.09 -23.79 10.70
CA ASP D 339 -55.07 -22.97 10.03
C ASP D 339 -56.01 -23.87 9.22
N GLN D 340 -56.72 -23.29 8.25
CA GLN D 340 -57.68 -24.07 7.47
C GLN D 340 -57.00 -25.02 6.49
N ASN D 341 -55.76 -24.74 6.09
CA ASN D 341 -55.05 -25.56 5.11
C ASN D 341 -54.21 -26.65 5.76
N GLY D 342 -53.89 -26.53 7.04
CA GLY D 342 -53.01 -27.46 7.72
C GLY D 342 -51.63 -26.94 8.02
N LYS D 343 -51.33 -25.68 7.66
CA LYS D 343 -50.03 -25.11 7.94
C LYS D 343 -49.89 -24.79 9.43
N ARG D 344 -48.67 -24.95 9.94
CA ARG D 344 -48.39 -24.56 11.31
C ARG D 344 -48.47 -23.05 11.46
N ILE D 345 -49.21 -22.59 12.47
CA ILE D 345 -49.34 -21.17 12.75
C ILE D 345 -49.06 -20.94 14.23
N ASN D 346 -48.74 -19.68 14.55
CA ASN D 346 -48.41 -19.26 15.91
C ASN D 346 -47.26 -20.09 16.49
N TYR D 347 -46.35 -20.54 15.63
CA TYR D 347 -45.22 -21.35 16.06
C TYR D 347 -44.02 -20.45 16.38
N THR D 348 -42.98 -21.06 16.94
CA THR D 348 -41.77 -20.36 17.33
C THR D 348 -40.58 -21.16 16.85
N ILE D 349 -39.71 -20.52 16.07
CA ILE D 349 -38.48 -21.12 15.56
C ILE D 349 -37.31 -20.39 16.19
N ASN D 350 -36.53 -21.09 17.01
CA ASN D 350 -35.36 -20.50 17.64
C ASN D 350 -34.19 -20.48 16.66
N ILE D 351 -33.41 -19.39 16.71
CA ILE D 351 -32.25 -19.20 15.85
C ILE D 351 -31.00 -19.42 16.69
N MET D 352 -30.13 -20.32 16.24
CA MET D 352 -28.96 -20.73 17.00
C MET D 352 -27.68 -20.33 16.27
N GLU D 353 -26.68 -19.91 17.03
CA GLU D 353 -25.33 -19.66 16.53
C GLU D 353 -24.36 -20.61 17.21
N LEU D 354 -23.27 -20.93 16.51
CA LEU D 354 -22.25 -21.85 17.00
C LEU D 354 -21.03 -21.05 17.45
N LYS D 355 -20.67 -21.17 18.72
CA LYS D 355 -19.51 -20.47 19.26
C LYS D 355 -18.55 -21.53 19.81
N THR D 356 -17.71 -21.14 20.77
CA THR D 356 -16.79 -22.07 21.41
C THR D 356 -17.40 -23.03 22.42
N ASN D 357 -18.40 -22.56 23.19
CA ASN D 357 -19.04 -23.39 24.19
C ASN D 357 -20.10 -24.31 23.60
N GLY D 358 -20.43 -24.17 22.32
CA GLY D 358 -21.44 -25.00 21.70
C GLY D 358 -22.60 -24.19 21.17
N PRO D 359 -23.69 -24.85 20.82
CA PRO D 359 -24.87 -24.13 20.34
C PRO D 359 -25.42 -23.19 21.40
N ARG D 360 -25.96 -22.07 20.95
CA ARG D 360 -26.35 -20.99 21.84
C ARG D 360 -27.49 -20.21 21.23
N LYS D 361 -28.64 -20.19 21.91
CA LYS D 361 -29.81 -19.49 21.39
C LYS D 361 -29.55 -17.99 21.35
N ILE D 362 -29.79 -17.38 20.19
CA ILE D 362 -29.62 -15.95 20.01
C ILE D 362 -30.93 -15.23 19.74
N GLY D 363 -32.02 -15.96 19.49
CA GLY D 363 -33.31 -15.35 19.26
C GLY D 363 -34.29 -16.37 18.72
N TYR D 364 -35.53 -15.94 18.60
CA TYR D 364 -36.60 -16.77 18.07
C TYR D 364 -37.36 -16.01 17.00
N TRP D 365 -37.96 -16.76 16.07
CA TRP D 365 -38.68 -16.20 14.95
C TRP D 365 -40.17 -16.52 15.06
N SER D 366 -40.99 -15.60 14.55
CA SER D 366 -42.43 -15.77 14.57
C SER D 366 -43.03 -15.08 13.35
N GLU D 367 -44.28 -15.43 13.05
CA GLU D 367 -44.96 -14.84 11.90
C GLU D 367 -45.54 -13.47 12.22
N VAL D 368 -45.96 -13.24 13.47
CA VAL D 368 -46.49 -11.94 13.85
C VAL D 368 -45.36 -10.90 13.90
N ASP D 369 -44.39 -11.11 14.79
CA ASP D 369 -43.17 -10.32 14.81
C ASP D 369 -42.04 -11.19 14.29
N LYS D 370 -41.39 -10.74 13.21
CA LYS D 370 -40.42 -11.55 12.48
C LYS D 370 -39.15 -12.00 13.18
N MET D 371 -38.25 -11.06 13.48
CA MET D 371 -36.95 -11.36 14.04
C MET D 371 -36.98 -10.73 15.43
N VAL D 372 -36.88 -11.57 16.47
CA VAL D 372 -36.88 -11.12 17.85
C VAL D 372 -35.53 -11.42 18.48
N LEU D 373 -34.75 -10.38 18.72
CA LEU D 373 -33.42 -10.54 19.28
C LEU D 373 -33.45 -10.87 20.77
N THR D 374 -32.36 -11.48 21.24
CA THR D 374 -32.17 -11.78 22.66
C THR D 374 -30.92 -11.02 23.09
N GLU D 375 -31.12 -9.93 23.84
CA GLU D 375 -30.02 -9.09 24.27
C GLU D 375 -29.16 -9.79 25.32
N ASP D 376 -28.47 -10.86 24.92
CA ASP D 376 -27.60 -11.62 25.81
C ASP D 376 -26.15 -11.65 25.32
N ASP D 377 -25.75 -10.68 24.52
CA ASP D 377 -24.40 -10.60 23.97
C ASP D 377 -23.61 -9.54 24.72
N THR D 378 -22.38 -9.87 25.10
CA THR D 378 -21.53 -8.95 25.83
C THR D 378 -20.90 -7.93 24.87
N SER D 379 -20.27 -6.91 25.45
CA SER D 379 -19.60 -5.87 24.68
C SER D 379 -18.16 -6.29 24.42
N GLY D 380 -17.84 -6.60 23.17
CA GLY D 380 -16.53 -7.10 22.82
C GLY D 380 -15.44 -6.05 22.80
N LEU D 381 -15.69 -4.94 22.10
CA LEU D 381 -14.70 -3.89 21.99
C LEU D 381 -14.42 -3.26 23.35
N GLU D 382 -13.15 -3.06 23.67
CA GLU D 382 -12.73 -2.55 24.97
C GLU D 382 -12.38 -1.07 24.84
N GLN D 383 -13.20 -0.21 25.44
CA GLN D 383 -12.93 1.22 25.52
C GLN D 383 -13.05 1.64 26.99
N LYS D 384 -11.96 1.99 27.69
CA LYS D 384 -10.58 2.19 27.22
C LYS D 384 -10.48 3.28 26.15
N THR D 385 -10.84 4.50 26.55
CA THR D 385 -10.67 5.69 25.72
C THR D 385 -9.76 6.66 26.47
N VAL D 386 -8.64 7.02 25.85
CA VAL D 386 -7.64 7.83 26.52
C VAL D 386 -8.12 9.27 26.61
N VAL D 387 -8.01 9.85 27.80
CA VAL D 387 -8.39 11.25 28.04
C VAL D 387 -7.20 12.14 27.73
N VAL D 388 -7.42 13.13 26.87
CA VAL D 388 -6.38 14.06 26.44
C VAL D 388 -6.78 15.46 26.87
N THR D 389 -5.81 16.22 27.38
CA THR D 389 -6.03 17.58 27.82
C THR D 389 -5.10 18.54 27.08
N THR D 390 -5.61 19.74 26.81
CA THR D 390 -4.85 20.76 26.10
C THR D 390 -5.39 22.13 26.49
N ILE D 391 -4.81 23.17 25.90
CA ILE D 391 -5.20 24.55 26.16
C ILE D 391 -5.60 25.20 24.85
N LEU D 392 -6.67 26.01 24.89
CA LEU D 392 -7.12 26.78 23.74
C LEU D 392 -6.12 27.90 23.47
N GLU D 393 -5.22 27.69 22.52
CA GLU D 393 -4.22 28.70 22.15
C GLU D 393 -3.85 28.50 20.69
N SER D 394 -4.04 29.56 19.89
CA SER D 394 -3.77 29.50 18.47
C SER D 394 -2.27 29.39 18.18
N PRO D 395 -1.90 28.65 17.13
CA PRO D 395 -2.79 27.87 16.27
C PRO D 395 -2.86 26.40 16.68
N TYR D 396 -2.47 26.11 17.92
CA TYR D 396 -2.37 24.72 18.35
C TYR D 396 -3.75 24.09 18.52
N VAL D 397 -4.64 24.74 19.26
CA VAL D 397 -6.01 24.26 19.46
C VAL D 397 -6.94 25.45 19.34
N MET D 398 -7.80 25.46 18.33
CA MET D 398 -8.74 26.55 18.09
C MET D 398 -10.13 25.98 17.85
N MET D 399 -11.14 26.77 18.21
CA MET D 399 -12.53 26.41 17.95
C MET D 399 -12.94 26.89 16.58
N LYS D 400 -13.69 26.04 15.86
CA LYS D 400 -14.08 26.35 14.50
C LYS D 400 -15.06 27.51 14.47
N LYS D 401 -15.21 28.10 13.27
CA LYS D 401 -16.12 29.22 13.09
C LYS D 401 -17.58 28.81 13.25
N ASN D 402 -17.89 27.52 13.08
CA ASN D 402 -19.24 27.02 13.32
C ASN D 402 -19.22 25.96 14.41
N HIS D 403 -18.60 26.30 15.55
CA HIS D 403 -18.47 25.33 16.63
C HIS D 403 -19.79 25.03 17.32
N GLU D 404 -20.82 25.86 17.13
CA GLU D 404 -22.12 25.60 17.73
C GLU D 404 -22.91 24.57 16.95
N MET D 405 -22.66 24.44 15.65
CA MET D 405 -23.33 23.44 14.82
C MET D 405 -22.60 22.11 14.77
N LEU D 406 -21.55 21.95 15.56
CA LEU D 406 -20.77 20.72 15.59
C LEU D 406 -20.76 20.14 17.00
N GLU D 407 -20.17 18.95 17.12
CA GLU D 407 -20.15 18.23 18.38
C GLU D 407 -19.05 17.18 18.35
N GLY D 408 -18.48 16.90 19.52
CA GLY D 408 -17.44 15.91 19.65
C GLY D 408 -16.04 16.46 19.50
N ASN D 409 -15.16 15.69 18.88
CA ASN D 409 -13.79 16.14 18.65
C ASN D 409 -13.67 17.10 17.48
N GLU D 410 -14.67 17.14 16.60
CA GLU D 410 -14.66 18.04 15.46
C GLU D 410 -14.99 19.48 15.84
N ARG D 411 -15.20 19.78 17.12
CA ARG D 411 -15.44 21.15 17.55
C ARG D 411 -14.17 21.98 17.50
N TYR D 412 -13.01 21.34 17.64
CA TYR D 412 -11.73 22.03 17.71
C TYR D 412 -10.88 21.68 16.50
N GLU D 413 -9.96 22.58 16.16
CA GLU D 413 -9.03 22.38 15.06
C GLU D 413 -7.73 23.10 15.37
N GLY D 414 -6.63 22.56 14.85
CA GLY D 414 -5.34 23.16 15.05
C GLY D 414 -4.23 22.16 14.82
N TYR D 415 -3.02 22.56 15.23
CA TYR D 415 -1.85 21.70 15.04
C TYR D 415 -1.92 20.48 15.95
N CYS D 416 -2.20 20.69 17.24
CA CYS D 416 -2.27 19.57 18.18
C CYS D 416 -3.47 18.67 17.91
N VAL D 417 -4.53 19.19 17.29
CA VAL D 417 -5.68 18.37 16.97
C VAL D 417 -5.32 17.34 15.91
N ASP D 418 -4.60 17.75 14.87
CA ASP D 418 -4.11 16.80 13.88
C ASP D 418 -3.02 15.90 14.46
N LEU D 419 -2.29 16.38 15.47
CA LEU D 419 -1.27 15.56 16.09
C LEU D 419 -1.88 14.47 16.97
N ALA D 420 -3.05 14.74 17.56
CA ALA D 420 -3.71 13.74 18.40
C ALA D 420 -4.15 12.53 17.58
N ALA D 421 -4.54 12.75 16.32
CA ALA D 421 -4.96 11.64 15.48
C ALA D 421 -3.77 10.82 14.98
N GLU D 422 -2.67 11.48 14.64
CA GLU D 422 -1.48 10.76 14.19
C GLU D 422 -0.86 9.94 15.30
N ILE D 423 -0.94 10.41 16.54
CA ILE D 423 -0.44 9.62 17.67
C ILE D 423 -1.34 8.42 17.92
N ALA D 424 -2.66 8.61 17.81
CA ALA D 424 -3.59 7.50 18.01
C ALA D 424 -3.58 6.52 16.85
N LYS D 425 -3.08 6.92 15.68
CA LYS D 425 -3.05 6.01 14.54
C LYS D 425 -1.90 5.02 14.65
N HIS D 426 -0.76 5.45 15.18
CA HIS D 426 0.40 4.58 15.34
C HIS D 426 0.43 3.87 16.69
N CYS D 427 -0.51 4.17 17.59
CA CYS D 427 -0.64 3.46 18.85
C CYS D 427 -1.92 2.63 18.96
N GLY D 428 -3.00 3.08 18.33
CA GLY D 428 -4.23 2.31 18.30
C GLY D 428 -5.10 2.45 19.54
N PHE D 429 -5.63 3.64 19.77
CA PHE D 429 -6.55 3.85 20.88
C PHE D 429 -7.50 4.98 20.53
N LYS D 430 -8.63 5.01 21.23
CA LYS D 430 -9.61 6.08 21.08
C LYS D 430 -9.31 7.20 22.08
N TYR D 431 -9.45 8.44 21.62
CA TYR D 431 -9.10 9.60 22.43
C TYR D 431 -10.28 10.55 22.52
N LYS D 432 -10.24 11.42 23.52
CA LYS D 432 -11.24 12.46 23.72
C LYS D 432 -10.53 13.76 24.03
N LEU D 433 -10.90 14.82 23.31
CA LEU D 433 -10.27 16.12 23.47
C LEU D 433 -10.98 16.90 24.56
N THR D 434 -10.24 17.23 25.62
CA THR D 434 -10.77 17.98 26.75
C THR D 434 -9.95 19.24 26.98
N ILE D 435 -10.60 20.32 27.39
CA ILE D 435 -9.96 21.59 27.67
C ILE D 435 -9.65 21.67 29.16
N VAL D 436 -8.46 22.15 29.50
CA VAL D 436 -8.06 22.25 30.89
C VAL D 436 -8.96 23.25 31.62
N GLY D 437 -9.28 22.94 32.87
CA GLY D 437 -10.21 23.73 33.64
C GLY D 437 -9.74 25.14 33.96
N ASP D 438 -8.61 25.26 34.68
CA ASP D 438 -8.14 26.57 35.10
C ASP D 438 -7.63 27.39 33.92
N GLY D 439 -6.97 26.75 32.97
CA GLY D 439 -6.49 27.44 31.79
C GLY D 439 -4.99 27.62 31.72
N LYS D 440 -4.39 28.04 32.84
CA LYS D 440 -2.96 28.27 32.91
C LYS D 440 -2.26 26.96 33.27
N TYR D 441 -1.34 26.53 32.42
CA TYR D 441 -0.69 25.23 32.52
C TYR D 441 0.73 25.35 33.04
N GLY D 442 1.26 24.22 33.51
CA GLY D 442 2.65 24.11 33.91
C GLY D 442 3.09 25.09 34.97
N ALA D 443 2.42 25.06 36.12
CA ALA D 443 2.76 25.95 37.23
C ALA D 443 2.59 25.19 38.54
N ARG D 444 3.42 25.54 39.52
CA ARG D 444 3.39 24.93 40.85
C ARG D 444 3.42 26.03 41.89
N ASP D 445 2.43 26.03 42.79
CA ASP D 445 2.34 27.06 43.81
C ASP D 445 3.51 26.96 44.78
N ALA D 446 3.80 28.09 45.43
CA ALA D 446 4.90 28.16 46.38
C ALA D 446 4.50 27.72 47.78
N ASP D 447 3.29 28.08 48.22
CA ASP D 447 2.84 27.71 49.56
C ASP D 447 2.27 26.29 49.59
N THR D 448 1.32 26.00 48.71
CA THR D 448 0.65 24.70 48.71
C THR D 448 1.36 23.65 47.88
N LYS D 449 2.19 24.07 46.92
CA LYS D 449 2.92 23.15 46.03
C LYS D 449 1.96 22.21 45.31
N ILE D 450 0.85 22.76 44.82
CA ILE D 450 -0.16 22.00 44.08
C ILE D 450 -0.01 22.32 42.60
N TRP D 451 0.14 21.28 41.79
CA TRP D 451 0.23 21.47 40.34
C TRP D 451 -1.13 21.82 39.77
N ASN D 452 -1.14 22.74 38.81
CA ASN D 452 -2.36 23.15 38.12
C ASN D 452 -2.15 23.00 36.62
N GLY D 453 -3.21 23.28 35.86
CA GLY D 453 -3.11 23.23 34.42
C GLY D 453 -3.11 21.79 33.89
N MET D 454 -2.36 21.59 32.81
CA MET D 454 -2.32 20.29 32.16
C MET D 454 -1.39 19.33 32.89
N VAL D 455 -0.30 19.83 33.48
CA VAL D 455 0.62 18.96 34.21
C VAL D 455 -0.05 18.41 35.47
N GLY D 456 -0.94 19.20 36.08
CA GLY D 456 -1.62 18.72 37.28
C GLY D 456 -2.63 17.63 37.00
N GLU D 457 -3.31 17.71 35.85
CA GLU D 457 -4.33 16.72 35.51
C GLU D 457 -3.73 15.36 35.14
N LEU D 458 -2.41 15.26 35.02
CA LEU D 458 -1.74 13.99 34.75
C LEU D 458 -1.23 13.32 36.03
N VAL D 459 -0.67 14.09 36.95
CA VAL D 459 -0.19 13.52 38.22
C VAL D 459 -1.38 13.13 39.10
N TYR D 460 -2.51 13.82 38.95
CA TYR D 460 -3.69 13.58 39.78
C TYR D 460 -4.70 12.65 39.13
N GLY D 461 -4.34 12.03 38.00
CA GLY D 461 -5.19 11.05 37.36
C GLY D 461 -6.38 11.60 36.58
N LYS D 462 -6.56 12.92 36.55
CA LYS D 462 -7.68 13.50 35.81
C LYS D 462 -7.47 13.47 34.30
N ALA D 463 -6.33 12.97 33.83
CA ALA D 463 -6.08 12.84 32.40
C ALA D 463 -5.00 11.78 32.20
N ASP D 464 -5.05 11.14 31.03
CA ASP D 464 -4.09 10.08 30.70
C ASP D 464 -2.90 10.57 29.90
N ILE D 465 -3.04 11.66 29.15
CA ILE D 465 -1.96 12.19 28.32
C ILE D 465 -2.28 13.65 28.03
N ALA D 466 -1.24 14.42 27.71
CA ALA D 466 -1.37 15.84 27.41
C ALA D 466 -0.57 16.16 26.16
N ILE D 467 -1.26 16.56 25.10
CA ILE D 467 -0.65 16.93 23.83
C ILE D 467 -0.92 18.41 23.60
N ALA D 468 0.11 19.23 23.78
CA ALA D 468 -0.03 20.68 23.71
C ALA D 468 1.37 21.29 23.66
N PRO D 469 1.50 22.56 23.24
CA PRO D 469 2.80 23.22 23.30
C PRO D 469 3.29 23.39 24.73
N LEU D 470 3.78 22.30 25.32
CA LEU D 470 4.23 22.29 26.71
C LEU D 470 5.75 22.38 26.73
N THR D 471 6.28 23.42 27.37
CA THR D 471 7.72 23.62 27.40
C THR D 471 8.39 22.52 28.23
N ILE D 472 9.40 21.88 27.66
CA ILE D 472 10.12 20.80 28.31
C ILE D 472 11.12 21.44 29.28
N THR D 473 10.81 21.41 30.57
CA THR D 473 11.68 21.95 31.60
C THR D 473 12.06 20.84 32.57
N LEU D 474 13.04 21.15 33.44
CA LEU D 474 13.49 20.16 34.40
C LEU D 474 12.46 19.94 35.51
N VAL D 475 11.80 21.01 35.96
CA VAL D 475 10.85 20.90 37.06
C VAL D 475 9.66 20.04 36.65
N ARG D 476 9.34 20.00 35.36
CA ARG D 476 8.23 19.18 34.87
C ARG D 476 8.66 17.75 34.59
N GLU D 477 9.94 17.53 34.27
CA GLU D 477 10.42 16.18 33.98
C GLU D 477 10.45 15.30 35.24
N GLU D 478 10.49 15.90 36.42
CA GLU D 478 10.59 15.14 37.66
C GLU D 478 9.25 14.54 38.10
N VAL D 479 8.15 14.90 37.44
CA VAL D 479 6.83 14.44 37.88
C VAL D 479 6.17 13.75 36.69
N ILE D 480 6.42 14.27 35.49
CA ILE D 480 6.00 13.66 34.24
C ILE D 480 6.99 13.04 33.31
N ASP D 481 6.53 12.26 32.34
CA ASP D 481 7.40 11.58 31.39
C ASP D 481 7.16 12.41 30.14
N PHE D 482 8.18 13.14 29.70
CA PHE D 482 8.10 13.94 28.49
C PHE D 482 8.68 13.14 27.33
N SER D 483 8.02 13.22 26.18
CA SER D 483 8.52 12.58 24.98
C SER D 483 9.61 13.43 24.31
N LYS D 484 10.11 12.95 23.19
CA LYS D 484 11.11 13.70 22.45
C LYS D 484 10.49 14.95 21.84
N PRO D 485 11.27 16.02 21.65
CA PRO D 485 10.70 17.27 21.16
C PRO D 485 10.20 17.15 19.73
N PHE D 486 8.93 17.49 19.52
CA PHE D 486 8.32 17.47 18.19
C PHE D 486 8.39 18.83 17.51
N MET D 487 8.95 19.85 18.16
CA MET D 487 9.04 21.18 17.57
C MET D 487 10.09 21.97 18.33
N SER D 488 11.24 22.21 17.70
CA SER D 488 12.29 23.00 18.32
C SER D 488 11.97 24.48 18.14
N LEU D 489 12.38 25.28 19.13
CA LEU D 489 12.14 26.71 19.11
C LEU D 489 13.16 27.40 20.00
N GLY D 490 12.96 28.71 20.18
CA GLY D 490 13.87 29.50 20.99
C GLY D 490 13.43 30.95 20.95
N ILE D 491 14.11 31.76 21.75
CA ILE D 491 13.77 33.17 21.84
C ILE D 491 14.24 33.89 20.58
N SER D 492 13.34 34.61 19.94
CA SER D 492 13.62 35.34 18.71
C SER D 492 13.16 36.79 18.86
N ILE D 493 13.36 37.56 17.80
CA ILE D 493 13.05 38.99 17.79
C ILE D 493 11.89 39.23 16.83
N MET D 494 11.03 40.19 17.20
CA MET D 494 9.89 40.58 16.37
C MET D 494 9.88 42.09 16.23
N ILE D 495 9.87 42.57 14.98
CA ILE D 495 9.80 43.98 14.67
C ILE D 495 8.73 44.20 13.62
N LYS D 496 8.48 45.46 13.29
CA LYS D 496 7.52 45.82 12.25
C LYS D 496 8.22 45.84 10.89
N LYS D 497 7.47 45.45 9.86
CA LYS D 497 7.99 45.45 8.50
C LYS D 497 8.31 46.88 8.08
N PRO D 498 9.58 47.24 7.95
CA PRO D 498 9.93 48.64 7.64
C PRO D 498 9.58 49.00 6.21
N GLN D 499 8.55 49.83 6.04
CA GLN D 499 8.14 50.28 4.71
C GLN D 499 9.30 51.00 4.03
N LYS D 500 9.59 52.23 4.49
CA LYS D 500 10.71 53.02 4.01
C LYS D 500 10.65 53.18 2.48
N SER D 501 9.73 53.97 1.92
CA SER D 501 8.71 54.82 2.59
C SER D 501 9.29 55.83 3.59
N LYS D 502 10.48 56.32 3.30
CA LYS D 502 11.14 57.31 4.14
C LYS D 502 11.24 58.67 3.44
N PRO D 503 10.11 59.34 3.18
CA PRO D 503 10.16 60.59 2.43
C PRO D 503 10.73 61.72 3.28
N GLY D 504 11.04 62.83 2.62
CA GLY D 504 11.60 63.98 3.29
C GLY D 504 12.77 64.59 2.57
N VAL D 505 13.74 65.11 3.34
CA VAL D 505 14.90 65.77 2.76
C VAL D 505 16.17 65.19 3.38
N PHE D 506 16.02 64.36 4.41
CA PHE D 506 17.18 63.65 4.94
C PHE D 506 17.68 62.60 3.95
N SER D 507 16.85 62.19 3.01
CA SER D 507 17.31 61.34 1.91
C SER D 507 18.09 62.13 0.86
N PHE D 508 18.04 63.46 0.90
CA PHE D 508 18.62 64.27 -0.16
C PHE D 508 20.11 64.02 -0.43
N LEU D 509 20.73 63.19 0.40
CA LEU D 509 22.01 62.59 0.34
C LEU D 509 22.45 61.12 -0.15
N ASP D 510 21.50 60.59 -0.92
CA ASP D 510 21.46 59.18 -1.25
C ASP D 510 22.03 58.61 -2.55
N PRO D 511 21.63 59.10 -3.73
CA PRO D 511 22.14 58.48 -4.98
C PRO D 511 23.65 58.53 -5.08
N LEU D 512 24.25 59.67 -4.75
CA LEU D 512 25.71 59.71 -4.58
C LEU D 512 25.52 59.31 -3.14
N ALA D 513 26.58 59.40 -2.34
CA ALA D 513 26.51 59.20 -0.88
C ALA D 513 26.67 60.31 0.14
N TYR D 514 26.97 59.93 1.38
CA TYR D 514 27.36 60.89 2.40
C TYR D 514 28.67 61.59 2.03
N GLU D 515 29.43 61.04 1.08
CA GLU D 515 30.78 61.48 0.78
C GLU D 515 30.90 62.21 -0.54
N ILE D 516 30.25 61.73 -1.61
CA ILE D 516 30.44 62.36 -2.91
C ILE D 516 29.76 63.72 -2.97
N TRP D 517 28.60 63.86 -2.31
CA TRP D 517 27.97 65.17 -2.23
C TRP D 517 28.87 66.20 -1.56
N MET D 518 29.69 65.76 -0.61
CA MET D 518 30.69 66.62 0.01
C MET D 518 32.03 66.57 -0.71
N CYS D 519 32.14 65.80 -1.78
CA CYS D 519 33.36 65.74 -2.58
C CYS D 519 33.25 66.49 -3.90
N ILE D 520 32.03 66.63 -4.43
CA ILE D 520 31.84 67.42 -5.65
C ILE D 520 32.13 68.90 -5.38
N VAL D 521 31.87 69.37 -4.15
CA VAL D 521 32.13 70.77 -3.83
C VAL D 521 33.62 71.07 -3.79
N PHE D 522 34.48 70.05 -3.61
CA PHE D 522 35.91 70.29 -3.64
C PHE D 522 36.41 70.54 -5.06
N ALA D 523 35.79 69.91 -6.06
CA ALA D 523 36.16 70.17 -7.44
C ALA D 523 35.54 71.47 -7.96
N TYR D 524 34.42 71.89 -7.39
CA TYR D 524 33.82 73.18 -7.74
C TYR D 524 34.78 74.32 -7.42
N ILE D 525 35.16 74.45 -6.15
CA ILE D 525 36.10 75.49 -5.77
C ILE D 525 37.51 75.20 -6.29
N GLY D 526 37.78 73.96 -6.71
CA GLY D 526 39.08 73.64 -7.25
C GLY D 526 39.25 74.06 -8.70
N VAL D 527 38.16 74.16 -9.45
CA VAL D 527 38.23 74.60 -10.84
C VAL D 527 38.02 76.11 -10.95
N SER D 528 37.15 76.68 -10.12
CA SER D 528 36.96 78.12 -10.12
C SER D 528 38.20 78.87 -9.66
N VAL D 529 39.13 78.19 -8.99
CA VAL D 529 40.38 78.81 -8.59
C VAL D 529 41.47 78.69 -9.66
N VAL D 530 41.31 77.73 -10.59
CA VAL D 530 42.27 77.63 -11.69
C VAL D 530 41.97 78.67 -12.76
N LEU D 531 40.69 78.97 -13.00
CA LEU D 531 40.33 80.08 -13.87
C LEU D 531 40.85 81.40 -13.33
N PHE D 532 41.10 81.49 -12.02
CA PHE D 532 41.74 82.67 -11.45
C PHE D 532 43.18 82.78 -11.88
N LEU D 533 43.84 81.65 -12.16
CA LEU D 533 45.26 81.63 -12.46
C LEU D 533 45.57 81.52 -13.96
N VAL D 534 44.62 81.07 -14.78
CA VAL D 534 44.86 80.93 -16.21
C VAL D 534 44.47 82.18 -17.00
N SER D 535 43.73 83.10 -16.40
CA SER D 535 43.31 84.31 -17.09
C SER D 535 44.14 85.51 -16.65
N ILE D 545 39.77 90.41 -7.42
CA ILE D 545 39.43 89.11 -6.86
C ILE D 545 37.91 88.95 -6.76
N PHE D 546 37.22 90.05 -6.47
CA PHE D 546 35.77 90.01 -6.35
C PHE D 546 35.11 89.85 -7.73
N ASN D 547 35.77 90.29 -8.79
CA ASN D 547 35.24 90.14 -10.13
C ASN D 547 35.77 88.91 -10.85
N SER D 548 36.91 88.38 -10.42
CA SER D 548 37.42 87.14 -11.02
C SER D 548 36.62 85.93 -10.57
N LEU D 549 36.27 85.88 -9.28
CA LEU D 549 35.34 84.86 -8.82
C LEU D 549 33.96 85.07 -9.42
N TRP D 550 33.62 86.31 -9.77
CA TRP D 550 32.38 86.57 -10.50
C TRP D 550 32.42 85.95 -11.89
N PHE D 551 33.57 85.97 -12.55
CA PHE D 551 33.71 85.37 -13.87
C PHE D 551 33.79 83.86 -13.78
N SER D 552 34.62 83.33 -12.87
CA SER D 552 34.77 81.89 -12.75
C SER D 552 33.46 81.14 -12.48
N LEU D 553 32.59 81.73 -11.66
CA LEU D 553 31.27 81.15 -11.46
C LEU D 553 30.32 81.50 -12.61
N GLY D 554 30.57 82.63 -13.28
CA GLY D 554 29.86 82.91 -14.52
C GLY D 554 30.32 81.94 -15.58
N ALA D 555 31.57 81.51 -15.52
CA ALA D 555 32.07 80.46 -16.39
C ALA D 555 31.82 79.06 -15.83
N PHE D 556 31.39 78.96 -14.57
CA PHE D 556 31.08 77.66 -13.98
C PHE D 556 29.69 77.18 -14.37
N MET D 557 28.70 78.07 -14.31
CA MET D 557 27.35 77.69 -14.73
C MET D 557 27.30 77.36 -16.21
N GLN D 558 28.09 78.08 -17.02
CA GLN D 558 28.20 77.81 -18.45
C GLN D 558 29.29 76.77 -18.68
N GLN D 559 28.96 75.52 -18.32
CA GLN D 559 29.87 74.39 -18.44
C GLN D 559 31.09 74.93 -17.71
N GLY D 560 32.26 74.87 -18.35
CA GLY D 560 33.49 75.34 -17.74
C GLY D 560 34.14 76.64 -18.18
N ILE D 563 34.04 82.19 -19.73
CA ILE D 563 33.69 83.38 -20.50
C ILE D 563 34.97 84.05 -21.00
N SER D 564 35.09 84.17 -22.32
CA SER D 564 36.27 84.71 -22.98
C SER D 564 37.56 84.03 -22.51
N PRO D 565 37.72 82.73 -22.77
CA PRO D 565 38.98 82.05 -22.41
C PRO D 565 39.93 81.96 -23.60
N ARG D 566 40.72 83.00 -23.82
CA ARG D 566 41.58 83.04 -25.00
C ARG D 566 42.83 82.18 -24.84
N SER D 567 43.34 82.05 -23.61
CA SER D 567 44.56 81.29 -23.39
C SER D 567 44.31 79.80 -23.55
N LEU D 568 45.32 79.09 -24.04
CA LEU D 568 45.23 77.64 -24.19
C LEU D 568 45.15 76.95 -22.83
N SER D 569 45.74 77.55 -21.79
CA SER D 569 45.69 76.95 -20.46
C SER D 569 44.28 76.95 -19.90
N GLY D 570 43.47 77.97 -20.23
CA GLY D 570 42.12 78.04 -19.72
C GLY D 570 41.11 77.23 -20.50
N ARG D 571 41.43 76.83 -21.72
CA ARG D 571 40.49 76.05 -22.51
C ARG D 571 40.42 74.60 -22.03
N ILE D 572 41.57 74.04 -21.63
CA ILE D 572 41.59 72.67 -21.15
C ILE D 572 41.03 72.55 -19.74
N VAL D 573 40.90 73.67 -19.01
CA VAL D 573 40.29 73.62 -17.69
C VAL D 573 38.79 73.37 -17.80
N GLY D 574 38.12 74.13 -18.67
CA GLY D 574 36.70 73.94 -18.91
C GLY D 574 36.36 72.71 -19.71
N GLY D 575 37.35 72.06 -20.32
CA GLY D 575 37.12 70.85 -21.09
C GLY D 575 37.15 69.60 -20.24
N VAL D 576 38.12 69.51 -19.34
CA VAL D 576 38.21 68.35 -18.45
C VAL D 576 37.13 68.43 -17.37
N TRP D 577 36.85 69.63 -16.87
CA TRP D 577 35.72 69.79 -15.95
C TRP D 577 34.40 69.44 -16.62
N TRP D 578 34.29 69.69 -17.93
CA TRP D 578 33.07 69.36 -18.67
C TRP D 578 32.86 67.84 -18.73
N PHE D 579 33.95 67.08 -18.79
CA PHE D 579 33.84 65.62 -18.77
C PHE D 579 33.72 65.08 -17.36
N PHE D 580 34.29 65.78 -16.38
CA PHE D 580 34.18 65.35 -14.99
C PHE D 580 32.73 65.42 -14.51
N THR D 581 32.08 66.56 -14.70
CA THR D 581 30.67 66.68 -14.31
C THR D 581 29.76 65.83 -15.18
N LEU D 582 30.24 65.37 -16.33
CA LEU D 582 29.43 64.51 -17.19
C LEU D 582 29.24 63.13 -16.56
N ILE D 583 30.27 62.61 -15.91
CA ILE D 583 30.20 61.27 -15.33
C ILE D 583 29.36 61.28 -14.06
N ILE D 584 29.47 62.34 -13.26
CA ILE D 584 28.71 62.40 -12.00
C ILE D 584 27.22 62.48 -12.28
N ILE D 585 26.82 63.34 -13.22
CA ILE D 585 25.40 63.46 -13.55
C ILE D 585 24.91 62.19 -14.23
N SER D 586 25.81 61.45 -14.90
CA SER D 586 25.43 60.15 -15.46
C SER D 586 25.32 59.10 -14.37
N SER D 587 26.26 59.09 -13.42
CA SER D 587 26.20 58.15 -12.32
C SER D 587 25.08 58.50 -11.35
N TYR D 588 24.75 59.79 -11.22
CA TYR D 588 23.62 60.18 -10.38
C TYR D 588 22.32 59.70 -10.97
N THR D 589 22.10 59.93 -12.27
CA THR D 589 20.89 59.44 -12.92
C THR D 589 20.81 57.92 -12.87
N ALA D 590 21.95 57.24 -12.87
CA ALA D 590 21.96 55.78 -12.84
C ALA D 590 21.42 55.25 -11.51
N ASN D 591 22.08 55.62 -10.40
CA ASN D 591 21.69 55.08 -9.11
C ASN D 591 20.35 55.64 -8.63
N LEU D 592 19.97 56.83 -9.09
CA LEU D 592 18.67 57.37 -8.73
C LEU D 592 17.54 56.52 -9.26
N ALA D 593 17.75 55.84 -10.39
CA ALA D 593 16.76 54.91 -10.90
C ALA D 593 16.69 53.63 -10.07
N ALA D 594 17.75 53.30 -9.33
CA ALA D 594 17.79 52.04 -8.60
C ALA D 594 16.70 51.97 -7.53
N PHE D 595 16.43 53.09 -6.85
CA PHE D 595 15.40 53.08 -5.82
C PHE D 595 14.01 52.90 -6.43
N LEU D 596 13.73 53.60 -7.52
CA LEU D 596 12.40 53.54 -8.12
C LEU D 596 12.20 52.30 -8.98
N THR D 597 13.26 51.57 -9.32
CA THR D 597 13.12 50.31 -10.04
C THR D 597 12.83 49.16 -9.09
N VAL D 598 13.61 49.06 -8.00
CA VAL D 598 13.51 47.95 -7.07
C VAL D 598 13.38 48.50 -5.65
N GLU D 599 12.39 47.98 -4.91
CA GLU D 599 12.24 48.33 -3.51
C GLU D 599 13.27 47.58 -2.68
N ARG D 600 14.03 48.29 -1.85
CA ARG D 600 15.22 47.69 -1.24
C ARG D 600 14.97 46.51 -0.28
N MET D 601 14.12 46.70 0.71
CA MET D 601 13.70 48.05 1.10
C MET D 601 13.44 48.21 2.59
N VAL D 602 14.43 47.95 3.45
CA VAL D 602 15.66 47.23 3.15
C VAL D 602 16.20 46.56 4.42
N SER D 603 16.70 47.41 5.31
CA SER D 603 17.34 47.05 6.57
C SER D 603 16.24 46.74 7.57
N PRO D 604 16.55 46.41 8.91
CA PRO D 604 17.96 46.49 9.30
C PRO D 604 18.49 45.15 9.83
N ILE D 605 19.80 44.98 9.90
CA ILE D 605 20.31 43.64 10.22
C ILE D 605 19.31 42.97 11.16
N GLU D 606 19.49 41.67 11.40
CA GLU D 606 18.52 40.88 12.13
C GLU D 606 19.08 40.23 13.39
N SER D 607 20.38 40.35 13.64
CA SER D 607 20.98 39.65 14.76
C SER D 607 20.53 40.26 16.09
N ALA D 608 20.80 39.53 17.17
CA ALA D 608 20.42 39.98 18.50
C ALA D 608 21.46 40.92 19.10
N GLU D 609 22.74 40.70 18.80
CA GLU D 609 23.78 41.58 19.34
C GLU D 609 23.68 42.98 18.75
N ASP D 610 23.24 43.10 17.49
CA ASP D 610 23.01 44.42 16.91
C ASP D 610 21.93 45.39 17.38
N LEU D 611 20.82 44.89 17.92
CA LEU D 611 19.88 45.80 18.59
C LEU D 611 20.04 46.14 20.17
N SER D 612 21.09 45.47 20.64
CA SER D 612 21.59 45.66 21.99
C SER D 612 22.61 46.79 21.85
N LYS D 613 23.18 46.97 20.66
CA LYS D 613 24.20 48.00 20.45
C LYS D 613 23.60 49.38 20.24
N GLN D 614 22.28 49.51 20.20
CA GLN D 614 21.62 50.80 20.00
C GLN D 614 20.48 50.95 21.00
N THR D 615 20.18 52.19 21.34
CA THR D 615 19.08 52.51 22.25
C THR D 615 17.96 53.30 21.57
N GLU D 616 18.04 53.49 20.26
CA GLU D 616 16.96 54.18 19.55
C GLU D 616 15.69 53.34 19.56
N ILE D 617 15.80 52.06 19.24
CA ILE D 617 14.67 51.15 19.20
C ILE D 617 14.74 50.29 20.46
N ALA D 618 13.78 50.49 21.37
CA ALA D 618 13.78 49.77 22.63
C ALA D 618 13.36 48.32 22.41
N TYR D 619 13.48 47.52 23.47
CA TYR D 619 13.12 46.12 23.41
C TYR D 619 12.86 45.61 24.82
N GLY D 620 11.97 44.62 24.93
CA GLY D 620 11.63 44.05 26.21
C GLY D 620 10.98 42.70 26.04
N THR D 621 10.77 42.01 27.16
CA THR D 621 10.17 40.69 27.19
C THR D 621 8.90 40.72 28.05
N LEU D 622 8.38 39.54 28.33
CA LEU D 622 7.22 39.43 29.22
C LEU D 622 7.64 39.66 30.67
N ASP D 623 6.71 40.18 31.46
CA ASP D 623 7.04 40.53 32.85
C ASP D 623 7.32 39.30 33.69
N SER D 624 6.77 38.14 33.32
CA SER D 624 6.97 36.91 34.07
C SER D 624 6.88 35.74 33.12
N GLY D 625 7.96 34.96 33.02
CA GLY D 625 7.97 33.80 32.13
C GLY D 625 9.38 33.28 31.98
N SER D 626 9.47 32.22 31.16
CA SER D 626 10.76 31.59 30.89
C SER D 626 11.69 32.50 30.09
N THR D 627 11.14 33.49 29.39
CA THR D 627 11.97 34.38 28.58
C THR D 627 12.76 35.34 29.45
N LYS D 628 12.11 35.95 30.44
CA LYS D 628 12.80 36.92 31.29
C LYS D 628 13.84 36.24 32.17
N GLU D 629 13.52 35.05 32.70
CA GLU D 629 14.47 34.33 33.54
C GLU D 629 15.68 33.85 32.76
N PHE D 630 15.58 33.77 31.42
CA PHE D 630 16.73 33.36 30.62
C PHE D 630 17.84 34.40 30.70
N PHE D 631 17.49 35.69 30.53
CA PHE D 631 18.48 36.74 30.56
C PHE D 631 18.99 37.04 31.97
N ARG D 632 18.22 36.66 33.00
CA ARG D 632 18.62 36.96 34.37
C ARG D 632 19.91 36.24 34.75
N ARG D 633 19.86 34.91 34.77
CA ARG D 633 21.01 34.10 35.14
C ARG D 633 21.91 33.77 33.95
N SER D 634 21.76 34.49 32.83
CA SER D 634 22.59 34.24 31.66
C SER D 634 24.00 34.79 31.91
N LYS D 635 24.99 33.90 31.89
CA LYS D 635 26.38 34.28 32.06
C LYS D 635 27.10 34.46 30.73
N ILE D 636 26.36 34.88 29.70
CA ILE D 636 26.93 35.20 28.39
C ILE D 636 27.03 36.71 28.28
N ALA D 637 28.13 37.19 27.68
CA ALA D 637 28.39 38.62 27.61
C ALA D 637 27.34 39.35 26.78
N VAL D 638 26.89 38.74 25.69
CA VAL D 638 25.93 39.40 24.81
C VAL D 638 24.56 39.50 25.49
N PHE D 639 24.18 38.46 26.23
CA PHE D 639 22.86 38.45 26.85
C PHE D 639 22.83 39.18 28.18
N ASP D 640 23.96 39.20 28.91
CA ASP D 640 23.99 39.95 30.17
C ASP D 640 23.87 41.45 29.93
N LYS D 641 24.39 41.93 28.82
CA LYS D 641 24.22 43.35 28.48
C LYS D 641 22.76 43.67 28.18
N MET D 642 22.02 42.72 27.60
CA MET D 642 20.61 42.94 27.34
C MET D 642 19.79 42.91 28.63
N TRP D 643 20.21 42.11 29.62
CA TRP D 643 19.47 42.03 30.88
C TRP D 643 19.68 43.28 31.72
N THR D 644 20.91 43.79 31.78
CA THR D 644 21.19 45.01 32.54
C THR D 644 20.48 46.23 31.95
N TYR D 645 20.15 46.20 30.66
CA TYR D 645 19.41 47.30 30.07
C TYR D 645 17.94 47.24 30.48
N MET D 646 17.28 46.11 30.24
CA MET D 646 15.86 45.97 30.55
C MET D 646 15.58 46.05 32.04
N ARG D 647 16.57 45.78 32.89
CA ARG D 647 16.37 45.84 34.33
C ARG D 647 16.25 47.29 34.82
N SER D 648 16.87 48.23 34.11
CA SER D 648 16.86 49.64 34.49
C SER D 648 16.42 50.51 33.33
N ALA D 649 15.45 50.03 32.55
CA ALA D 649 14.94 50.74 31.39
C ALA D 649 13.65 51.45 31.77
N GLU D 650 13.62 52.76 31.57
CA GLU D 650 12.43 53.56 31.86
C GLU D 650 11.95 54.27 30.59
N PRO D 651 10.64 54.19 30.29
CA PRO D 651 9.60 53.53 31.09
C PRO D 651 9.65 52.00 31.02
N SER D 652 8.72 51.34 31.72
CA SER D 652 8.72 49.89 31.83
C SER D 652 8.62 49.26 30.45
N VAL D 653 9.68 48.54 30.05
CA VAL D 653 9.70 47.84 28.76
C VAL D 653 9.02 46.49 28.81
N PHE D 654 8.54 46.06 29.99
CA PHE D 654 7.87 44.79 30.13
C PHE D 654 6.36 44.97 29.97
N VAL D 655 5.71 43.93 29.47
CA VAL D 655 4.26 43.96 29.23
C VAL D 655 3.58 42.97 30.17
N ARG D 656 2.27 43.16 30.34
CA ARG D 656 1.50 42.30 31.23
C ARG D 656 1.32 40.91 30.63
N THR D 657 0.69 40.83 29.46
CA THR D 657 0.46 39.58 28.77
C THR D 657 1.16 39.59 27.41
N THR D 658 1.12 38.44 26.74
CA THR D 658 1.74 38.34 25.42
C THR D 658 0.97 39.15 24.39
N ALA D 659 -0.36 39.28 24.56
CA ALA D 659 -1.15 40.06 23.62
C ALA D 659 -0.81 41.54 23.67
N GLU D 660 -0.34 42.03 24.82
CA GLU D 660 0.06 43.43 24.92
C GLU D 660 1.43 43.68 24.31
N GLY D 661 2.29 42.66 24.25
CA GLY D 661 3.60 42.83 23.66
C GLY D 661 3.54 42.97 22.15
N VAL D 662 2.65 42.21 21.51
CA VAL D 662 2.50 42.31 20.06
C VAL D 662 1.86 43.63 19.67
N ALA D 663 0.89 44.08 20.46
CA ALA D 663 0.21 45.34 20.16
C ALA D 663 1.11 46.56 20.39
N ARG D 664 2.14 46.43 21.22
CA ARG D 664 3.04 47.55 21.48
C ARG D 664 4.00 47.77 20.32
N VAL D 665 4.41 46.71 19.63
CA VAL D 665 5.31 46.87 18.50
C VAL D 665 4.58 47.49 17.32
N ARG D 666 3.29 47.19 17.16
CA ARG D 666 2.53 47.72 16.03
C ARG D 666 2.24 49.21 16.16
N LYS D 667 2.26 49.76 17.37
CA LYS D 667 1.97 51.16 17.60
C LYS D 667 3.20 51.97 17.98
N SER D 668 4.40 51.43 17.76
CA SER D 668 5.64 52.08 18.14
C SER D 668 6.38 52.67 16.93
N LYS D 669 5.78 52.60 15.74
CA LYS D 669 6.38 53.12 14.52
C LYS D 669 7.76 52.52 14.25
N GLY D 670 7.95 51.26 14.66
CA GLY D 670 9.23 50.62 14.48
C GLY D 670 10.29 51.06 15.46
N LYS D 671 9.89 51.51 16.65
CA LYS D 671 10.84 51.96 17.68
C LYS D 671 10.76 51.10 18.94
N TYR D 672 10.25 49.88 18.82
CA TYR D 672 10.16 48.97 19.96
C TYR D 672 10.13 47.54 19.45
N ALA D 673 10.87 46.66 20.11
CA ALA D 673 10.95 45.25 19.76
C ALA D 673 10.45 44.40 20.91
N TYR D 674 10.08 43.16 20.60
CA TYR D 674 9.56 42.21 21.58
C TYR D 674 10.26 40.87 21.38
N LEU D 675 10.69 40.27 22.49
CA LEU D 675 11.38 38.99 22.46
C LEU D 675 10.44 37.90 22.97
N LEU D 676 10.29 36.84 22.19
CA LEU D 676 9.41 35.74 22.54
C LEU D 676 9.89 34.48 21.82
N GLU D 677 9.20 33.37 22.08
CA GLU D 677 9.55 32.11 21.44
C GLU D 677 9.34 32.18 19.94
N SER D 678 10.11 31.37 19.20
CA SER D 678 10.05 31.42 17.74
C SER D 678 8.73 30.87 17.21
N THR D 679 8.14 29.89 17.89
CA THR D 679 6.88 29.33 17.42
C THR D 679 5.77 30.37 17.44
N MET D 680 5.67 31.16 18.51
CA MET D 680 4.68 32.21 18.58
C MET D 680 5.06 33.39 17.68
N ASN D 681 6.36 33.60 17.46
CA ASN D 681 6.79 34.70 16.61
C ASN D 681 6.53 34.40 15.14
N GLU D 682 6.80 33.16 14.71
CA GLU D 682 6.55 32.78 13.33
C GLU D 682 5.07 32.76 12.98
N TYR D 683 4.19 32.57 13.98
CA TYR D 683 2.76 32.53 13.71
C TYR D 683 2.17 33.92 13.52
N ILE D 684 2.66 34.90 14.30
CA ILE D 684 2.16 36.26 14.16
C ILE D 684 2.61 36.87 12.83
N GLU D 685 3.77 36.43 12.31
CA GLU D 685 4.24 36.94 11.04
C GLU D 685 3.32 36.54 9.89
N GLN D 686 2.63 35.41 10.02
CA GLN D 686 1.76 34.90 8.97
C GLN D 686 0.29 35.24 9.22
N ARG D 687 0.01 36.26 10.03
CA ARG D 687 -1.35 36.69 10.31
C ARG D 687 -1.45 38.19 10.08
N LYS D 688 -2.65 38.63 9.70
CA LYS D 688 -2.91 40.04 9.41
C LYS D 688 -2.65 40.90 10.64
N PRO D 689 -2.20 42.15 10.44
CA PRO D 689 -2.01 42.84 9.15
C PRO D 689 -0.69 42.51 8.45
N CYS D 690 -0.03 41.42 8.86
CA CYS D 690 1.19 40.94 8.21
C CYS D 690 2.29 42.01 8.24
N ASP D 691 2.54 42.55 9.43
CA ASP D 691 3.60 43.53 9.63
C ASP D 691 4.72 43.05 10.53
N THR D 692 4.49 42.07 11.39
CA THR D 692 5.55 41.49 12.20
C THR D 692 6.40 40.55 11.35
N MET D 693 7.67 40.41 11.75
CA MET D 693 8.61 39.60 10.99
C MET D 693 9.68 39.07 11.93
N LYS D 694 9.87 37.75 11.92
CA LYS D 694 10.94 37.14 12.69
C LYS D 694 12.29 37.48 12.06
N VAL D 695 13.15 38.16 12.82
CA VAL D 695 14.45 38.59 12.34
C VAL D 695 15.52 37.88 13.14
N GLY D 696 16.43 37.21 12.44
CA GLY D 696 17.54 36.53 13.07
C GLY D 696 17.16 35.16 13.62
N GLY D 697 18.19 34.43 14.05
CA GLY D 697 17.99 33.11 14.62
C GLY D 697 17.52 33.18 16.06
N ASN D 698 17.41 31.99 16.66
CA ASN D 698 16.97 31.89 18.04
C ASN D 698 18.15 32.08 19.00
N LEU D 699 17.82 32.36 20.26
CA LEU D 699 18.83 32.62 21.27
C LEU D 699 19.18 31.38 22.09
N ASP D 700 18.22 30.51 22.32
CA ASP D 700 18.42 29.31 23.14
C ASP D 700 17.83 28.10 22.43
N SER D 701 18.04 26.93 23.03
CA SER D 701 17.58 25.67 22.50
C SER D 701 16.54 25.06 23.44
N LYS D 702 15.31 24.95 22.95
CA LYS D 702 14.23 24.37 23.74
C LYS D 702 13.26 23.66 22.78
N GLY D 703 12.33 22.92 23.37
CA GLY D 703 11.36 22.19 22.56
C GLY D 703 10.13 21.83 23.36
N TYR D 704 9.03 21.63 22.64
CA TYR D 704 7.79 21.16 23.23
C TYR D 704 7.77 19.64 23.30
N GLY D 705 6.81 19.10 24.04
CA GLY D 705 6.75 17.66 24.20
C GLY D 705 5.38 17.20 24.67
N ILE D 706 5.17 15.90 24.55
CA ILE D 706 3.96 15.24 25.02
C ILE D 706 4.23 14.63 26.39
N ALA D 707 3.38 14.95 27.36
CA ALA D 707 3.58 14.54 28.74
C ALA D 707 2.68 13.35 29.07
N THR D 708 3.26 12.34 29.72
CA THR D 708 2.55 11.16 30.19
C THR D 708 2.88 10.92 31.65
N PRO D 709 1.95 10.36 32.42
CA PRO D 709 2.26 10.03 33.82
C PRO D 709 3.38 9.01 33.92
N LYS D 710 4.11 9.07 35.04
CA LYS D 710 5.22 8.14 35.24
C LYS D 710 4.71 6.73 35.43
N GLY D 711 5.38 5.77 34.79
CA GLY D 711 4.94 4.39 34.85
C GLY D 711 3.73 4.07 34.01
N SER D 712 3.27 5.01 33.19
CA SER D 712 2.10 4.77 32.36
C SER D 712 2.44 3.83 31.21
N SER D 713 1.44 3.03 30.80
CA SER D 713 1.64 2.10 29.70
C SER D 713 1.78 2.81 28.36
N LEU D 714 1.39 4.07 28.28
CA LEU D 714 1.51 4.85 27.05
C LEU D 714 2.74 5.76 27.06
N GLY D 715 3.60 5.65 28.06
CA GLY D 715 4.78 6.49 28.15
C GLY D 715 5.77 6.26 27.02
N THR D 716 6.22 5.01 26.88
CA THR D 716 7.18 4.64 25.85
C THR D 716 6.55 4.51 24.46
N PRO D 717 5.37 3.88 24.31
CA PRO D 717 4.78 3.77 22.97
C PRO D 717 4.51 5.12 22.31
N VAL D 718 4.18 6.15 23.08
CA VAL D 718 3.96 7.47 22.49
C VAL D 718 5.29 8.12 22.14
N ASN D 719 6.31 7.95 22.99
CA ASN D 719 7.62 8.49 22.69
C ASN D 719 8.19 7.89 21.41
N LEU D 720 7.98 6.60 21.20
CA LEU D 720 8.45 5.96 19.96
C LEU D 720 7.64 6.43 18.75
N ALA D 721 6.38 6.83 18.96
CA ALA D 721 5.55 7.29 17.85
C ALA D 721 5.92 8.71 17.42
N VAL D 722 6.45 9.52 18.33
CA VAL D 722 6.83 10.89 17.97
C VAL D 722 8.01 10.88 17.01
N LEU D 723 9.01 10.04 17.28
CA LEU D 723 10.16 9.96 16.38
C LEU D 723 9.78 9.40 15.02
N LYS D 724 8.77 8.52 14.98
CA LYS D 724 8.31 7.99 13.69
C LYS D 724 7.68 9.07 12.82
N LEU D 725 6.98 10.03 13.45
CA LEU D 725 6.35 11.11 12.69
C LEU D 725 7.37 12.15 12.24
N SER D 726 8.46 12.33 13.00
CA SER D 726 9.46 13.32 12.62
C SER D 726 10.27 12.85 11.42
N GLU D 727 10.58 11.56 11.35
CA GLU D 727 11.38 11.05 10.25
C GLU D 727 10.56 10.83 8.99
N GLN D 728 9.26 10.54 9.12
CA GLN D 728 8.37 10.42 7.99
C GLN D 728 7.93 11.77 7.42
N GLY D 729 8.47 12.86 7.94
CA GLY D 729 8.09 14.19 7.49
C GLY D 729 6.70 14.62 7.90
N VAL D 730 6.06 13.91 8.83
CA VAL D 730 4.70 14.26 9.23
C VAL D 730 4.69 15.49 10.12
N LEU D 731 5.66 15.60 11.03
CA LEU D 731 5.70 16.74 11.93
C LEU D 731 6.01 18.03 11.17
N ASP D 732 6.94 17.97 10.23
CA ASP D 732 7.22 19.15 9.40
C ASP D 732 6.07 19.46 8.47
N LYS D 733 5.30 18.46 8.06
CA LYS D 733 4.16 18.69 7.19
C LYS D 733 3.02 19.37 7.96
N LEU D 734 2.80 18.97 9.22
CA LEU D 734 1.78 19.63 10.03
C LEU D 734 2.24 21.01 10.46
N LYS D 735 3.53 21.21 10.68
CA LYS D 735 4.05 22.53 11.00
C LYS D 735 3.83 23.49 9.83
N ASN D 736 4.05 23.01 8.61
CA ASN D 736 3.83 23.82 7.41
C ASN D 736 2.36 24.02 7.10
N LYS D 737 1.47 23.22 7.72
CA LYS D 737 0.05 23.33 7.42
C LYS D 737 -0.59 24.50 8.17
N TRP D 738 -0.45 24.51 9.51
CA TRP D 738 -1.09 25.52 10.34
C TRP D 738 -0.20 26.72 10.63
N TRP D 739 0.72 27.04 9.73
CA TRP D 739 1.58 28.21 9.89
C TRP D 739 1.68 28.99 8.59
N TYR D 740 1.96 28.31 7.49
CA TYR D 740 2.12 28.96 6.19
C TYR D 740 1.02 28.64 5.20
N ASP D 741 0.44 27.44 5.25
CA ASP D 741 -0.63 27.09 4.32
C ASP D 741 -1.93 27.81 4.69
N LYS D 742 -2.43 27.59 5.90
CA LYS D 742 -3.65 28.23 6.38
C LYS D 742 -3.39 29.62 6.97
N GLY D 743 -2.21 30.20 6.73
CA GLY D 743 -1.91 31.53 7.22
C GLY D 743 -2.38 32.60 6.24
N GLU D 744 -3.00 33.65 6.80
CA GLU D 744 -3.49 34.76 5.98
C GLU D 744 -2.38 35.75 5.69
N CYS D 745 -1.22 35.24 5.24
CA CYS D 745 -0.07 36.09 4.97
C CYS D 745 -0.35 36.98 3.77
N GLY D 746 -0.57 38.27 4.03
CA GLY D 746 -0.73 39.25 2.98
C GLY D 746 0.54 39.97 2.57
N ALA D 747 1.61 39.78 3.34
CA ALA D 747 2.87 40.43 3.00
C ALA D 747 3.52 39.79 1.79
N LYS D 748 3.18 38.53 1.51
CA LYS D 748 3.72 37.86 0.34
C LYS D 748 3.06 38.35 -0.94
N ASP D 749 1.92 39.05 -0.82
CA ASP D 749 1.22 39.61 -1.97
C ASP D 749 1.24 41.13 -2.01
N SER D 750 1.36 41.78 -0.85
CA SER D 750 1.43 43.25 -0.82
C SER D 750 2.85 43.75 -1.08
N GLY D 751 3.86 42.96 -0.73
CA GLY D 751 5.24 43.30 -0.99
C GLY D 751 5.78 42.81 -2.32
N SER D 752 4.94 42.19 -3.15
CA SER D 752 5.35 41.66 -4.44
C SER D 752 4.43 42.22 -5.53
N LYS D 753 4.48 43.54 -5.72
CA LYS D 753 3.71 44.24 -6.73
C LYS D 753 4.66 45.10 -7.57
N GLU D 754 4.09 45.77 -8.59
CA GLU D 754 4.93 46.60 -9.45
C GLU D 754 4.19 47.76 -10.12
N LYS D 755 3.05 48.20 -9.60
CA LYS D 755 2.37 49.31 -10.19
C LYS D 755 2.82 50.72 -10.20
N THR D 756 3.10 51.24 -9.02
CA THR D 756 3.92 52.52 -8.83
C THR D 756 5.09 52.20 -8.00
N SER D 757 6.31 52.57 -8.43
CA SER D 757 6.67 53.35 -9.63
C SER D 757 5.94 54.69 -9.69
N ALA D 758 6.07 55.46 -8.60
CA ALA D 758 5.44 56.75 -8.54
C ALA D 758 6.70 57.50 -8.29
N LEU D 759 6.63 58.83 -8.26
CA LEU D 759 7.64 59.83 -8.19
C LEU D 759 7.34 61.13 -7.10
N SER D 760 7.49 60.63 -5.87
CA SER D 760 6.92 61.25 -4.67
C SER D 760 7.72 62.54 -4.66
N LEU D 761 7.01 63.66 -4.89
CA LEU D 761 7.66 64.98 -4.78
C LEU D 761 7.94 65.52 -3.32
N SER D 762 7.61 64.62 -2.38
CA SER D 762 7.84 64.88 -0.96
C SER D 762 9.32 65.18 -0.80
N ASN D 763 10.16 64.61 -1.66
CA ASN D 763 11.59 64.90 -1.64
C ASN D 763 12.13 65.72 -2.84
N VAL D 764 11.23 66.02 -3.77
CA VAL D 764 11.60 66.86 -4.90
C VAL D 764 11.64 68.27 -4.33
N ALA D 765 11.02 68.48 -3.17
CA ALA D 765 11.13 69.77 -2.49
C ALA D 765 12.54 70.05 -2.01
N GLY D 766 13.35 69.00 -1.81
CA GLY D 766 14.74 69.20 -1.46
C GLY D 766 15.55 69.91 -2.52
N VAL D 767 15.09 69.84 -3.78
CA VAL D 767 15.76 70.60 -4.84
C VAL D 767 15.29 72.04 -4.85
N PHE D 768 14.02 72.30 -4.50
CA PHE D 768 13.51 73.66 -4.50
C PHE D 768 14.01 74.45 -3.31
N TYR D 769 14.33 73.79 -2.20
CA TYR D 769 14.80 74.49 -1.01
C TYR D 769 16.25 74.93 -1.11
N ILE D 770 17.03 74.31 -2.01
CA ILE D 770 18.42 74.73 -2.22
C ILE D 770 18.54 75.78 -3.31
N LEU D 771 17.48 76.02 -4.09
CA LEU D 771 17.51 77.03 -5.14
C LEU D 771 17.09 78.40 -4.63
N VAL D 772 16.01 78.46 -3.84
CA VAL D 772 15.54 79.74 -3.30
C VAL D 772 16.60 80.37 -2.41
N GLY D 773 17.40 79.54 -1.71
CA GLY D 773 18.51 80.08 -0.96
C GLY D 773 19.55 80.75 -1.83
N GLY D 774 19.72 80.26 -3.06
CA GLY D 774 20.63 80.92 -3.99
C GLY D 774 20.06 82.22 -4.54
N LEU D 775 18.74 82.31 -4.62
CA LEU D 775 18.12 83.57 -5.06
C LEU D 775 18.18 84.60 -3.94
N GLY D 776 18.04 84.17 -2.69
CA GLY D 776 18.22 85.09 -1.58
C GLY D 776 19.67 85.51 -1.40
N LEU D 777 20.60 84.58 -1.63
CA LEU D 777 22.01 84.94 -1.63
C LEU D 777 22.34 85.88 -2.77
N ALA D 778 21.59 85.81 -3.87
CA ALA D 778 21.83 86.71 -5.00
C ALA D 778 21.36 88.13 -4.69
N MET D 779 20.32 88.27 -3.87
CA MET D 779 19.83 89.59 -3.51
C MET D 779 20.71 90.31 -2.50
N LEU D 780 21.55 89.56 -1.76
CA LEU D 780 22.50 90.21 -0.87
C LEU D 780 23.71 90.73 -1.63
N VAL D 781 24.15 90.01 -2.66
CA VAL D 781 25.26 90.49 -3.48
C VAL D 781 24.80 91.59 -4.42
N ALA D 782 23.51 91.59 -4.79
CA ALA D 782 22.98 92.66 -5.64
C ALA D 782 22.93 94.01 -4.94
N LEU D 783 22.86 94.01 -3.60
CA LEU D 783 22.85 95.25 -2.84
C LEU D 783 24.24 95.77 -2.54
N ILE D 784 25.23 94.89 -2.38
CA ILE D 784 26.61 95.34 -2.19
C ILE D 784 27.24 95.78 -3.50
N GLU D 785 26.67 95.37 -4.64
CA GLU D 785 27.12 95.86 -5.94
C GLU D 785 26.44 97.16 -6.34
N PHE D 786 25.22 97.40 -5.85
CA PHE D 786 24.53 98.66 -6.09
C PHE D 786 25.05 99.79 -5.22
N CYS D 787 25.85 99.48 -4.19
CA CYS D 787 26.43 100.49 -3.32
C CYS D 787 27.92 100.69 -3.57
N TYR D 788 28.62 99.65 -4.00
CA TYR D 788 30.05 99.76 -4.29
C TYR D 788 30.29 99.97 -5.79
#